data_6XCN
#
_entry.id   6XCN
#
_cell.length_a   1.00
_cell.length_b   1.00
_cell.length_c   1.00
_cell.angle_alpha   90.00
_cell.angle_beta   90.00
_cell.angle_gamma   90.00
#
_symmetry.space_group_name_H-M   'P 1'
#
loop_
_entity.id
_entity.type
_entity.pdbx_description
1 polymer 'Spike glycoprotein'
2 polymer 'C105 Fab Heavy Chain'
3 polymer 'C105 Fab Light Chain'
4 branched 2-acetamido-2-deoxy-beta-D-glucopyranose-(1-4)-2-acetamido-2-deoxy-beta-D-glucopyranose
5 branched beta-D-mannopyranose-(1-4)-2-acetamido-2-deoxy-beta-D-glucopyranose-(1-4)-2-acetamido-2-deoxy-beta-D-glucopyranose
6 branched 2-acetamido-2-deoxy-beta-D-glucopyranose-(1-4)-[alpha-L-fucopyranose-(1-6)]2-acetamido-2-deoxy-beta-D-glucopyranose
7 non-polymer 2-acetamido-2-deoxy-beta-D-glucopyranose
#
loop_
_entity_poly.entity_id
_entity_poly.type
_entity_poly.pdbx_seq_one_letter_code
_entity_poly.pdbx_strand_id
1 'polypeptide(L)'
;MFVFLVLLPLVSSQCVNLTTRTQLPPAYTNSFTRGVYYPDKVFRSSVLHSTQDLFLPFFSNVTWFHAIHVSGTNGTKRFD
NPVLPFNDGVYFASTEKSNIIRGWIFGTTLDSKTQSLLIVNNATNVVIKVCEFQFCNDPFLGVYYHKNNKSWMESEFRVY
SSANNCTFEYVSQPFLMDLEGKQGNFKNLREFVFKNIDGYFKIYSKHTPINLVRDLPQGFSALEPLVDLPIGINITRFQT
LLALHRSYLTPGDSSSGWTAGAAAYYVGYLQPRTFLLKYNENGTITDAVDCALDPLSETKCTLKSFTVEKGIYQTSNFRV
QPTESIVRFPNITNLCPFGEVFNATRFASVYAWNRKRISNCVADYSVLYNSASFSTFKCYGVSPTKLNDLCFTNVYADSF
VIRGDEVRQIAPGQTGKIADYNYKLPDDFTGCVIAWNSNNLDSKVGGNYNYLYRLFRKSNLKPFERDISTEIYQAGSTPC
NGVEGFNCYFPLQSYGFQPTNGVGYQPYRVVVLSFELLHAPATVCGPKKSTNLVKNKCVNFNFNGLTGTGVLTESNKKFL
PFQQFGRDIADTTDAVRDPQTLEILDITPCSFGGVSVITPGTNTSNEVAVLYQDVNCTEVPVAIHADQLTPTWRVYSTGS
NVFQTRAGCLIGAEHVNNSYECDIPIGAGICASYQTQTNSPRRARSVASQSIIAYTMSLGAENSVAYSNNSIAIPTNFTI
SVTTEILPVSMTKTSVDCTMYICGDSTECSNLLLQYGSFCTQLNRALTGIAVEQDKNTQEVFAQVKQIYKTPPIKDFGGF
NFSQILPDPSKPSKRSFIEDLLFNKVTLADAGFIKQYGDCLGDIAARDLICAQKFNGLTVLPPLLTDEMIAQYTSALLAG
TITSGWTFGAGAALQIPFAMQMAYRFNGIGVTQNVLYENQKLIANQFNSAIGKIQDSLSSTASALGKLQDVVNQNAQALN
TLVKQLSSNFGAISSVLNDILSRLDPPEAEVQIDRLITGRLQSLQTYVTQQLIRAAEIRASANLAATKMSECVLGQSKRV
DFCGKGYHLMSFPQSAPHGVVFLHVTYVPAQEKNFTTAPAICHDGKAHFPREGVFVSNGTHWFVTQRNFYEPQIITTDNT
FVSGNCDVVIGIVNNTVYDPLQPELDSFKEELDKYFKNHTSPDVDLGDISGINASVVNIQKEIDRLNEVAKNLNESLIDL
QELGKYEQYIKWPSGRLVPRGSPGSGYIPEAPRDGQAYVRKDGEWVLLSTFLGHHHHHH
;
A,C,E
2 'polypeptide(L)'
;QVQLVESGGGLIQPGGSLRLSCAASGFTVSSNYMSWVRQAPGKGLEWVSVIYSGGSTYYADSVKGRFTISRDNSKNTLYL
QMNSLRAEDTAVYYCARGEGWELPYDYWGQGTLVTVSSASTKGPSVFPLAPSSKSTSGGTAALGCLVKDYFPEPVTVSWN
SGALTSGVHTFPAVLQSS(UNK)LYSLSSVVTVPSSSLGTQTYICNVNHKPSNTKVDKRVEPKSCDKTHHHHHH
;
B,F,H
3 'polypeptide(L)'
;QSALTQPPSASGSPGQSVTISCTGTSSDVGGYKYVSWYQQHPGKAPKLMIYEVSKRPSGVPDRFSGSKSGNTASLTVSGL
QAEDEADYYCSSYEGSNNFVVFGGGTKLTVLGQPKAAPSVTLFPPSSEELQANKATLVCLISDFYPGAVTVAWKADSSPV
KAGVETTTPSKQSNNKYAASSYLSLTPEQWKSHRSYSCQVTHEGSTVEKTVAPTECS
;
D,G,L
#
loop_
_chem_comp.id
_chem_comp.type
_chem_comp.name
_chem_comp.formula
BMA D-saccharide, beta linking beta-D-mannopyranose 'C6 H12 O6'
FUC L-saccharide, alpha linking alpha-L-fucopyranose 'C6 H12 O5'
NAG D-saccharide, beta linking 2-acetamido-2-deoxy-beta-D-glucopyranose 'C8 H15 N O6'
#
# COMPACT_ATOMS: atom_id res chain seq x y z
N ALA A 27 46.31 29.18 17.20
CA ALA A 27 47.19 28.07 16.82
C ALA A 27 46.38 26.90 16.30
N TYR A 28 46.91 26.21 15.29
CA TYR A 28 46.18 25.12 14.66
C TYR A 28 47.18 24.05 14.24
N THR A 29 46.66 22.90 13.83
CA THR A 29 47.50 21.79 13.37
C THR A 29 46.65 20.91 12.45
N ASN A 30 47.27 19.88 11.90
CA ASN A 30 46.71 19.07 10.83
C ASN A 30 46.51 17.64 11.30
N SER A 31 45.26 17.27 11.56
CA SER A 31 44.92 15.92 12.05
C SER A 31 45.07 14.97 10.89
N PHE A 32 46.27 14.42 10.72
CA PHE A 32 46.60 13.66 9.53
C PHE A 32 45.65 12.50 9.30
N THR A 33 45.66 11.54 10.20
CA THR A 33 45.03 10.27 9.95
C THR A 33 44.26 9.76 11.15
N ARG A 34 44.31 10.49 12.26
CA ARG A 34 43.75 10.00 13.51
C ARG A 34 42.28 10.36 13.62
N GLY A 35 41.61 9.71 14.56
CA GLY A 35 40.22 10.01 14.80
C GLY A 35 39.29 8.93 14.32
N VAL A 36 39.70 7.68 14.45
CA VAL A 36 38.93 6.53 13.99
C VAL A 36 38.68 5.61 15.18
N TYR A 37 37.42 5.23 15.34
CA TYR A 37 37.02 4.42 16.47
C TYR A 37 36.02 3.36 16.02
N TYR A 38 36.13 2.19 16.59
CA TYR A 38 35.22 1.11 16.25
C TYR A 38 33.79 1.54 16.49
N PRO A 39 33.02 1.86 15.46
CA PRO A 39 31.73 2.48 15.71
C PRO A 39 30.73 1.59 16.40
N ASP A 40 30.99 0.29 16.45
CA ASP A 40 30.08 -0.63 17.10
C ASP A 40 30.90 -1.76 17.70
N LYS A 41 30.22 -2.81 18.12
CA LYS A 41 30.85 -3.86 18.90
C LYS A 41 31.16 -5.11 18.11
N VAL A 42 30.79 -5.17 16.83
CA VAL A 42 30.94 -6.42 16.09
C VAL A 42 32.41 -6.67 15.78
N PHE A 43 32.68 -7.89 15.37
CA PHE A 43 34.02 -8.33 14.98
C PHE A 43 33.96 -8.77 13.54
N ARG A 44 34.80 -8.16 12.71
CA ARG A 44 34.83 -8.46 11.30
C ARG A 44 36.25 -8.82 10.91
N SER A 45 36.39 -9.74 9.98
CA SER A 45 37.70 -10.26 9.59
C SER A 45 37.96 -9.93 8.13
N SER A 46 39.05 -9.21 7.88
CA SER A 46 39.58 -8.95 6.54
C SER A 46 38.57 -8.32 5.60
N VAL A 47 37.47 -7.79 6.10
CA VAL A 47 36.45 -7.21 5.25
C VAL A 47 36.54 -5.70 5.32
N LEU A 48 36.28 -5.05 4.20
CA LEU A 48 36.24 -3.59 4.13
C LEU A 48 34.80 -3.16 4.41
N HIS A 49 34.56 -2.74 5.64
CA HIS A 49 33.25 -2.27 6.04
C HIS A 49 33.11 -0.80 5.74
N SER A 50 31.88 -0.37 5.51
CA SER A 50 31.59 1.02 5.21
C SER A 50 30.41 1.46 6.06
N THR A 51 30.70 2.24 7.09
CA THR A 51 29.70 2.67 8.06
C THR A 51 29.66 4.19 8.09
N GLN A 52 28.46 4.75 8.26
CA GLN A 52 28.30 6.19 8.34
C GLN A 52 28.00 6.59 9.78
N ASP A 53 28.90 7.34 10.39
CA ASP A 53 28.69 7.83 11.73
C ASP A 53 29.50 9.12 11.90
N LEU A 54 29.65 9.54 13.14
CA LEU A 54 30.36 10.78 13.45
C LEU A 54 31.84 10.46 13.58
N PHE A 55 32.62 10.90 12.61
CA PHE A 55 34.05 10.70 12.62
C PHE A 55 34.75 12.04 12.53
N LEU A 56 36.04 12.04 12.84
CA LEU A 56 36.85 13.24 12.66
C LEU A 56 37.31 13.31 11.21
N PRO A 57 36.85 14.27 10.42
CA PRO A 57 37.28 14.34 9.03
C PRO A 57 38.79 14.37 8.92
N PHE A 58 39.31 13.65 7.94
CA PHE A 58 40.74 13.51 7.82
C PHE A 58 41.39 14.83 7.45
N PHE A 59 42.66 14.97 7.81
CA PHE A 59 43.42 16.17 7.48
C PHE A 59 42.71 17.43 7.92
N SER A 60 42.05 17.39 9.08
CA SER A 60 41.26 18.54 9.52
C SER A 60 42.10 19.50 10.36
N ASN A 61 41.41 20.43 11.02
CA ASN A 61 42.07 21.45 11.83
C ASN A 61 41.81 21.16 13.30
N VAL A 62 42.86 20.77 14.02
CA VAL A 62 42.79 20.60 15.46
C VAL A 62 43.41 21.84 16.09
N THR A 63 42.82 22.30 17.18
CA THR A 63 43.27 23.52 17.82
C THR A 63 44.36 23.23 18.84
N TRP A 64 45.61 23.54 18.50
CA TRP A 64 46.73 23.31 19.40
C TRP A 64 46.57 24.16 20.65
N PHE A 65 46.64 23.53 21.82
CA PHE A 65 46.41 24.23 23.08
C PHE A 65 47.59 24.10 24.02
N HIS A 66 47.60 24.96 25.04
CA HIS A 66 48.45 24.80 26.21
C HIS A 66 48.06 25.82 27.28
N ASN A 81 43.03 24.97 28.03
CA ASN A 81 42.77 25.68 29.28
C ASN A 81 41.35 26.24 29.37
N PRO A 82 40.88 26.97 28.34
CA PRO A 82 39.55 27.59 28.45
C PRO A 82 38.42 26.68 28.05
N VAL A 83 37.18 27.20 28.06
CA VAL A 83 36.06 26.41 27.63
C VAL A 83 36.08 26.26 26.12
N LEU A 84 35.36 25.27 25.61
CA LEU A 84 35.23 25.01 24.19
C LEU A 84 33.85 24.44 23.94
N PRO A 85 33.31 24.63 22.75
CA PRO A 85 32.01 24.04 22.39
C PRO A 85 32.13 22.53 22.16
N PHE A 86 30.96 21.91 22.03
CA PHE A 86 30.81 20.46 21.96
C PHE A 86 29.81 20.11 20.86
N ASN A 87 30.01 20.69 19.68
CA ASN A 87 29.00 20.67 18.61
C ASN A 87 28.34 19.30 18.45
N ASP A 88 29.12 18.29 18.12
CA ASP A 88 28.59 16.93 18.07
C ASP A 88 29.57 15.87 18.55
N GLY A 89 30.74 16.26 19.04
CA GLY A 89 31.74 15.30 19.44
C GLY A 89 33.07 15.99 19.60
N VAL A 90 34.06 15.22 20.03
CA VAL A 90 35.37 15.77 20.33
C VAL A 90 36.41 14.75 19.96
N TYR A 91 37.60 15.22 19.60
CA TYR A 91 38.77 14.37 19.45
C TYR A 91 39.85 14.82 20.42
N PHE A 92 39.49 14.97 21.67
CA PHE A 92 40.47 15.38 22.66
C PHE A 92 41.65 14.41 22.65
N ALA A 93 42.85 14.97 22.58
CA ALA A 93 44.06 14.17 22.55
C ALA A 93 45.00 14.75 23.59
N SER A 94 46.25 14.30 23.59
CA SER A 94 47.29 14.89 24.43
C SER A 94 48.61 14.25 24.07
N THR A 95 49.67 15.04 24.18
CA THR A 95 51.04 14.56 24.04
C THR A 95 51.73 14.97 25.33
N GLU A 96 51.58 14.14 26.34
CA GLU A 96 51.95 14.54 27.69
C GLU A 96 53.29 13.96 28.09
N LYS A 97 53.85 14.51 29.16
CA LYS A 97 55.10 14.08 29.74
C LYS A 97 54.97 13.66 31.19
N SER A 98 54.31 14.46 32.02
CA SER A 98 54.16 14.20 33.44
C SER A 98 52.70 14.23 33.87
N ASN A 99 51.83 13.73 33.01
CA ASN A 99 50.39 13.64 33.28
C ASN A 99 49.79 14.99 33.64
N ILE A 100 50.25 16.08 33.03
CA ILE A 100 49.74 17.39 33.38
C ILE A 100 48.24 17.44 33.19
N ILE A 101 47.74 16.80 32.15
CA ILE A 101 46.31 16.75 31.87
C ILE A 101 45.73 15.71 32.81
N ARG A 102 44.81 16.13 33.67
CA ARG A 102 44.20 15.18 34.59
C ARG A 102 42.81 14.76 34.12
N GLY A 103 41.94 15.72 33.86
CA GLY A 103 40.58 15.33 33.57
C GLY A 103 39.83 16.37 32.79
N TRP A 104 38.54 16.11 32.64
CA TRP A 104 37.63 16.89 31.83
C TRP A 104 36.57 17.52 32.71
N ILE A 105 35.76 18.40 32.11
CA ILE A 105 34.57 18.95 32.75
C ILE A 105 33.57 19.21 31.65
N PHE A 106 32.32 18.81 31.88
CA PHE A 106 31.30 18.89 30.84
C PHE A 106 30.13 19.68 31.39
N GLY A 107 29.01 19.67 30.68
CA GLY A 107 27.78 20.23 31.15
C GLY A 107 27.28 21.34 30.25
N THR A 108 26.01 21.66 30.42
CA THR A 108 25.37 22.71 29.63
C THR A 108 25.62 24.09 30.21
N THR A 109 25.18 24.34 31.43
CA THR A 109 25.34 25.63 32.07
C THR A 109 26.66 25.78 32.79
N LEU A 110 27.47 24.73 32.83
CA LEU A 110 28.82 24.78 33.37
C LEU A 110 28.86 25.16 34.84
N ASP A 111 27.71 25.20 35.51
CA ASP A 111 27.68 25.45 36.95
C ASP A 111 26.35 24.92 37.50
N SER A 112 25.99 25.36 38.70
CA SER A 112 24.79 24.88 39.35
C SER A 112 23.56 25.18 38.50
N LYS A 113 22.44 24.60 38.93
CA LYS A 113 21.14 24.62 38.27
C LYS A 113 21.09 23.68 37.07
N THR A 114 22.17 22.94 36.81
CA THR A 114 22.19 21.95 35.73
C THR A 114 23.32 20.96 36.00
N GLN A 115 23.00 19.68 35.88
CA GLN A 115 24.00 18.64 36.08
C GLN A 115 25.16 18.84 35.11
N SER A 116 26.33 18.35 35.49
CA SER A 116 27.53 18.61 34.73
C SER A 116 28.53 17.49 35.00
N LEU A 117 28.73 16.62 34.01
CA LEU A 117 29.68 15.52 34.13
C LEU A 117 31.06 16.02 34.54
N LEU A 118 31.86 15.15 35.14
CA LEU A 118 33.20 15.50 35.58
C LEU A 118 34.04 14.21 35.66
N ILE A 119 34.98 14.08 34.73
CA ILE A 119 35.93 12.99 34.76
C ILE A 119 37.24 13.53 35.28
N VAL A 120 37.81 12.88 36.28
CA VAL A 120 38.98 13.42 36.97
C VAL A 120 39.88 12.27 37.39
N ASN A 121 41.17 12.47 37.27
CA ASN A 121 42.16 11.54 37.81
C ASN A 121 42.98 12.32 38.82
N ASN A 122 42.62 12.22 40.10
CA ASN A 122 43.40 12.85 41.14
C ASN A 122 44.41 11.89 41.75
N ALA A 123 45.22 11.25 40.89
CA ALA A 123 46.26 10.35 41.33
C ALA A 123 45.74 9.22 42.22
N THR A 124 44.41 9.03 42.25
CA THR A 124 43.82 7.86 42.89
C THR A 124 43.04 7.00 41.92
N ASN A 125 42.08 7.59 41.21
CA ASN A 125 41.19 6.84 40.34
C ASN A 125 40.34 7.83 39.55
N VAL A 126 39.63 7.30 38.56
CA VAL A 126 38.91 8.15 37.61
C VAL A 126 37.53 8.41 38.21
N VAL A 127 37.46 9.42 39.07
CA VAL A 127 36.27 9.66 39.89
C VAL A 127 35.26 10.38 38.99
N ILE A 128 34.39 9.59 38.38
CA ILE A 128 33.33 10.16 37.57
C ILE A 128 32.18 10.61 38.47
N LYS A 129 31.66 11.81 38.22
CA LYS A 129 30.47 12.29 38.90
C LYS A 129 29.59 13.01 37.91
N VAL A 130 28.32 13.17 38.29
CA VAL A 130 27.37 13.95 37.51
C VAL A 130 26.70 14.95 38.45
N CYS A 131 27.42 15.38 39.47
CA CYS A 131 26.84 16.29 40.45
C CYS A 131 26.79 17.70 39.88
N GLU A 132 25.66 18.39 40.04
CA GLU A 132 25.45 19.71 39.44
C GLU A 132 26.34 20.71 40.15
N PHE A 133 27.64 20.61 39.87
CA PHE A 133 28.68 21.32 40.59
C PHE A 133 28.56 22.84 40.58
N GLN A 134 29.32 23.46 41.48
CA GLN A 134 29.72 24.85 41.39
C GLN A 134 31.18 24.90 40.99
N PHE A 135 31.44 25.27 39.75
CA PHE A 135 32.74 25.05 39.13
C PHE A 135 33.69 26.22 39.38
N CYS A 136 34.97 25.96 39.18
CA CYS A 136 36.02 26.96 39.29
C CYS A 136 36.56 27.31 37.91
N ASN A 137 36.76 28.60 37.68
CA ASN A 137 37.28 29.10 36.42
C ASN A 137 38.79 28.89 36.28
N ASP A 138 39.40 28.12 37.19
CA ASP A 138 40.81 27.78 37.09
C ASP A 138 41.12 26.59 37.98
N PRO A 139 40.61 25.41 37.67
CA PRO A 139 40.79 24.26 38.55
C PRO A 139 42.07 23.50 38.24
N PHE A 140 42.40 22.58 39.14
CA PHE A 140 43.49 21.62 38.96
C PHE A 140 43.48 20.59 40.07
N ASN A 164 26.64 18.13 44.77
CA ASN A 164 25.32 18.69 45.00
C ASN A 164 24.26 18.00 44.14
N ASN A 165 23.51 17.08 44.75
CA ASN A 165 22.45 16.33 44.06
C ASN A 165 23.02 15.54 42.88
N CYS A 166 23.83 14.54 43.21
CA CYS A 166 24.45 13.66 42.24
C CYS A 166 23.47 12.63 41.70
N THR A 167 23.82 12.01 40.57
CA THR A 167 22.99 11.00 39.93
C THR A 167 23.84 9.86 39.32
N PHE A 168 25.09 9.76 39.76
CA PHE A 168 26.04 8.77 39.27
C PHE A 168 27.32 8.95 40.07
N GLU A 169 28.13 7.92 40.09
CA GLU A 169 29.49 8.01 40.62
C GLU A 169 30.26 6.78 40.16
N TYR A 170 31.57 6.81 40.37
CA TYR A 170 32.46 5.68 40.16
C TYR A 170 33.82 6.07 40.72
N VAL A 171 34.52 5.09 41.27
CA VAL A 171 35.90 5.25 41.69
C VAL A 171 36.64 3.95 41.43
N SER A 172 37.74 4.02 40.70
CA SER A 172 38.57 2.84 40.50
C SER A 172 39.49 2.63 41.69
N PHE A 186 57.97 14.07 25.54
CA PHE A 186 56.62 13.58 25.29
C PHE A 186 56.61 12.14 24.80
N LYS A 187 55.99 11.27 25.58
CA LYS A 187 55.92 9.86 25.23
C LYS A 187 54.56 9.23 25.43
N ASN A 188 53.53 9.99 25.78
CA ASN A 188 52.19 9.47 25.91
C ASN A 188 51.25 10.22 24.98
N LEU A 189 50.48 9.47 24.18
CA LEU A 189 49.41 10.01 23.36
C LEU A 189 48.11 9.43 23.89
N ARG A 190 47.35 10.25 24.59
CA ARG A 190 46.09 9.81 25.15
C ARG A 190 44.93 10.36 24.32
N GLU A 191 44.63 9.63 23.25
CA GLU A 191 43.53 10.06 22.41
C GLU A 191 42.20 9.70 23.07
N PHE A 192 41.20 10.53 22.83
CA PHE A 192 39.90 10.30 23.43
C PHE A 192 38.84 10.78 22.45
N VAL A 193 37.68 10.14 22.50
CA VAL A 193 36.54 10.60 21.74
C VAL A 193 35.29 10.49 22.59
N PHE A 194 34.49 11.53 22.58
CA PHE A 194 33.31 11.63 23.43
C PHE A 194 32.13 11.98 22.54
N LYS A 195 30.98 11.40 22.83
CA LYS A 195 29.79 11.74 22.06
C LYS A 195 28.56 11.20 22.75
N ASN A 196 27.40 11.74 22.36
CA ASN A 196 26.13 11.21 22.86
C ASN A 196 25.22 10.80 21.71
N TYR A 200 23.01 8.40 25.09
CA TYR A 200 23.80 8.85 26.22
C TYR A 200 25.29 8.89 25.90
N PHE A 201 26.11 8.93 26.95
CA PHE A 201 27.50 9.34 26.84
C PHE A 201 28.42 8.16 26.58
N LYS A 202 29.28 8.29 25.58
CA LYS A 202 30.24 7.25 25.25
C LYS A 202 31.64 7.81 25.26
N ILE A 203 32.63 6.93 25.45
CA ILE A 203 34.02 7.30 25.46
C ILE A 203 34.83 6.24 24.73
N TYR A 204 35.79 6.69 23.94
CA TYR A 204 36.75 5.80 23.32
C TYR A 204 38.14 6.35 23.57
N SER A 205 39.12 5.47 23.66
CA SER A 205 40.46 5.92 24.02
C SER A 205 41.50 5.02 23.38
N LYS A 206 42.76 5.43 23.51
CA LYS A 206 43.91 4.63 23.11
C LYS A 206 45.16 5.33 23.62
N HIS A 207 46.02 4.56 24.25
CA HIS A 207 47.15 5.10 25.01
C HIS A 207 48.43 4.55 24.39
N THR A 208 48.94 5.24 23.39
CA THR A 208 50.06 4.72 22.63
C THR A 208 51.37 5.42 23.01
N PRO A 209 52.46 4.67 23.11
CA PRO A 209 53.76 5.28 23.33
C PRO A 209 54.26 6.01 22.10
N ILE A 210 54.84 7.19 22.34
CA ILE A 210 55.29 8.06 21.27
C ILE A 210 56.62 8.72 21.64
N ASN A 211 57.12 9.58 20.77
CA ASN A 211 58.39 10.27 21.00
C ASN A 211 58.49 11.54 20.17
N ASP A 215 53.08 19.37 16.39
CA ASP A 215 53.75 18.09 16.55
C ASP A 215 52.77 17.03 17.00
N LEU A 216 51.84 16.68 16.11
CA LEU A 216 50.91 15.59 16.35
C LEU A 216 51.33 14.41 15.50
N PRO A 217 51.79 13.30 16.09
CA PRO A 217 52.47 12.27 15.29
C PRO A 217 51.55 11.69 14.24
N GLN A 218 52.04 11.63 13.01
CA GLN A 218 51.30 10.99 11.93
C GLN A 218 51.20 9.50 12.22
N GLY A 219 50.51 8.80 11.33
CA GLY A 219 50.31 7.39 11.52
C GLY A 219 48.86 7.09 11.86
N PHE A 220 48.62 5.83 12.18
CA PHE A 220 47.26 5.34 12.32
C PHE A 220 47.10 4.53 13.59
N SER A 221 45.98 4.76 14.28
CA SER A 221 45.66 4.01 15.48
C SER A 221 44.18 4.09 15.80
N ALA A 222 43.50 2.96 15.84
CA ALA A 222 42.09 2.95 16.16
C ALA A 222 41.88 3.22 17.64
N LEU A 223 40.62 3.39 18.03
CA LEU A 223 40.26 3.68 19.42
C LEU A 223 39.28 2.64 19.91
N GLU A 224 39.64 1.92 20.96
CA GLU A 224 38.75 0.94 21.56
C GLU A 224 37.74 1.64 22.43
N PRO A 225 36.48 1.22 22.45
CA PRO A 225 35.51 1.82 23.37
C PRO A 225 35.73 1.29 24.78
N LEU A 226 36.32 2.11 25.64
CA LEU A 226 36.67 1.63 26.96
C LEU A 226 35.57 1.87 27.98
N VAL A 227 34.70 2.85 27.78
CA VAL A 227 33.62 3.13 28.73
C VAL A 227 32.35 3.47 27.98
N ASP A 228 31.23 3.14 28.58
CA ASP A 228 29.94 3.70 28.23
C ASP A 228 29.25 4.16 29.50
N LEU A 229 28.60 5.31 29.45
CA LEU A 229 28.00 5.92 30.63
C LEU A 229 26.56 6.27 30.35
N PRO A 230 25.60 5.72 31.09
CA PRO A 230 24.17 5.99 30.87
C PRO A 230 23.66 7.15 31.72
N ILE A 231 24.12 8.36 31.40
CA ILE A 231 23.85 9.51 32.26
C ILE A 231 22.83 10.47 31.69
N GLY A 232 22.48 10.33 30.41
CA GLY A 232 21.40 11.13 29.84
C GLY A 232 21.54 12.63 29.99
N ILE A 233 22.71 13.09 30.41
CA ILE A 233 22.93 14.52 30.62
C ILE A 233 22.88 15.22 29.27
N ASN A 234 22.50 16.49 29.29
CA ASN A 234 22.57 17.33 28.10
C ASN A 234 23.82 18.20 28.15
N ILE A 235 24.72 18.03 27.19
CA ILE A 235 26.00 18.74 27.19
C ILE A 235 26.09 19.58 25.93
N THR A 236 26.69 20.77 26.04
CA THR A 236 26.95 21.59 24.88
C THR A 236 28.32 22.26 24.99
N ARG A 237 28.98 22.11 26.13
CA ARG A 237 30.26 22.76 26.31
C ARG A 237 31.11 21.90 27.24
N PHE A 238 32.40 22.19 27.28
CA PHE A 238 33.29 21.42 28.13
C PHE A 238 34.57 22.22 28.35
N GLN A 239 35.47 21.67 29.16
CA GLN A 239 36.69 22.33 29.57
C GLN A 239 37.75 21.26 29.78
N THR A 240 38.82 21.60 30.49
CA THR A 240 39.92 20.67 30.67
C THR A 240 40.65 20.97 31.97
N LEU A 241 41.14 19.93 32.64
CA LEU A 241 41.94 20.13 33.82
C LEU A 241 43.42 20.18 33.46
N LEU A 242 44.21 20.71 34.38
CA LEU A 242 45.65 20.74 34.22
C LEU A 242 46.35 20.82 35.58
N ALA A 263 52.91 20.38 28.22
CA ALA A 263 52.00 19.42 27.60
C ALA A 263 50.93 20.14 26.79
N ALA A 264 50.36 19.43 25.82
CA ALA A 264 49.39 20.03 24.92
C ALA A 264 48.30 19.03 24.61
N TYR A 265 47.18 19.55 24.15
CA TYR A 265 46.07 18.72 23.70
C TYR A 265 45.48 19.35 22.45
N TYR A 266 44.50 18.68 21.85
CA TYR A 266 43.91 19.19 20.62
C TYR A 266 42.43 18.84 20.61
N VAL A 267 41.64 19.66 19.93
CA VAL A 267 40.19 19.53 19.93
C VAL A 267 39.71 19.43 18.50
N GLY A 268 39.41 18.24 18.05
CA GLY A 268 38.72 18.07 16.78
C GLY A 268 37.26 18.39 16.94
N TYR A 269 36.48 18.04 15.92
CA TYR A 269 35.04 18.12 16.00
C TYR A 269 34.44 17.13 15.02
N LEU A 270 33.81 16.11 15.56
CA LEU A 270 33.25 15.05 14.75
C LEU A 270 32.21 15.61 13.78
N GLN A 271 32.00 14.88 12.69
CA GLN A 271 30.98 15.23 11.71
C GLN A 271 30.36 13.93 11.21
N PRO A 272 29.13 13.99 10.74
CA PRO A 272 28.49 12.78 10.20
C PRO A 272 29.00 12.42 8.81
N ARG A 273 30.13 11.73 8.77
CA ARG A 273 30.81 11.46 7.50
C ARG A 273 31.01 9.96 7.34
N THR A 274 30.67 9.44 6.17
CA THR A 274 30.83 8.03 5.90
C THR A 274 32.30 7.71 5.72
N PHE A 275 32.77 6.65 6.37
CA PHE A 275 34.13 6.20 6.19
C PHE A 275 34.15 4.81 5.60
N LEU A 276 35.35 4.28 5.49
CA LEU A 276 35.56 2.93 4.96
C LEU A 276 36.64 2.31 5.82
N LEU A 277 36.28 1.29 6.59
CA LEU A 277 37.20 0.71 7.55
C LEU A 277 37.80 -0.56 6.97
N LYS A 278 39.07 -0.80 7.26
CA LYS A 278 39.73 -2.02 6.83
C LYS A 278 40.02 -2.86 8.05
N TYR A 279 39.07 -3.71 8.42
CA TYR A 279 39.35 -4.69 9.47
C TYR A 279 40.38 -5.68 8.95
N ASN A 280 41.43 -5.94 9.73
CA ASN A 280 42.39 -6.97 9.36
C ASN A 280 41.83 -8.33 9.78
N GLU A 281 42.66 -9.36 9.83
CA GLU A 281 42.14 -10.67 10.18
C GLU A 281 41.90 -10.78 11.67
N ASN A 282 42.59 -9.97 12.47
CA ASN A 282 42.42 -10.00 13.92
C ASN A 282 41.21 -9.21 14.38
N GLY A 283 40.51 -8.55 13.47
CA GLY A 283 39.44 -7.67 13.88
C GLY A 283 39.94 -6.30 14.27
N THR A 284 41.15 -5.96 13.84
CA THR A 284 41.73 -4.67 14.18
C THR A 284 41.69 -3.73 12.99
N ILE A 285 41.08 -2.56 13.17
CA ILE A 285 41.08 -1.57 12.10
C ILE A 285 42.51 -1.17 11.81
N THR A 286 42.93 -1.33 10.57
CA THR A 286 44.28 -0.93 10.19
C THR A 286 44.33 0.27 9.28
N ASP A 287 43.20 0.67 8.70
CA ASP A 287 43.23 1.75 7.72
C ASP A 287 41.82 2.17 7.40
N ALA A 288 41.67 3.45 7.06
CA ALA A 288 40.36 3.98 6.74
C ALA A 288 40.47 4.93 5.56
N VAL A 289 39.31 5.23 4.96
CA VAL A 289 39.24 6.06 3.76
C VAL A 289 38.12 7.06 3.95
N ASP A 290 38.44 8.33 4.00
CA ASP A 290 37.43 9.36 4.11
C ASP A 290 36.63 9.37 2.82
N CYS A 291 35.37 8.99 2.90
CA CYS A 291 34.56 8.78 1.70
C CYS A 291 34.12 10.10 1.08
N ALA A 292 34.64 11.21 1.55
CA ALA A 292 34.35 12.47 0.88
C ALA A 292 35.56 13.37 0.79
N LEU A 293 36.75 12.86 1.02
CA LEU A 293 37.93 13.71 1.09
C LEU A 293 38.29 14.30 -0.26
N ASP A 294 38.47 13.46 -1.27
CA ASP A 294 38.84 13.92 -2.60
C ASP A 294 38.40 12.87 -3.60
N PRO A 295 38.28 13.24 -4.87
CA PRO A 295 37.77 12.28 -5.86
C PRO A 295 38.37 10.90 -5.78
N LEU A 296 39.70 10.79 -5.62
CA LEU A 296 40.28 9.46 -5.47
C LEU A 296 39.57 8.71 -4.36
N SER A 297 39.27 9.38 -3.26
CA SER A 297 38.68 8.68 -2.14
C SER A 297 37.23 8.33 -2.40
N GLU A 298 36.46 9.21 -3.05
CA GLU A 298 35.10 8.82 -3.39
C GLU A 298 35.11 7.58 -4.28
N THR A 299 36.11 7.48 -5.14
CA THR A 299 36.25 6.29 -5.96
C THR A 299 36.54 5.06 -5.13
N LYS A 300 37.55 5.15 -4.27
CA LYS A 300 37.88 4.03 -3.38
C LYS A 300 36.67 3.61 -2.58
N CYS A 301 35.79 4.56 -2.29
CA CYS A 301 34.65 4.27 -1.44
C CYS A 301 33.52 3.60 -2.21
N THR A 302 33.29 4.03 -3.44
CA THR A 302 32.26 3.37 -4.24
C THR A 302 32.70 2.01 -4.72
N LEU A 303 33.99 1.79 -4.91
CA LEU A 303 34.48 0.48 -5.30
C LEU A 303 34.60 -0.48 -4.14
N LYS A 304 34.42 -0.03 -2.91
CA LYS A 304 34.64 -0.85 -1.73
C LYS A 304 36.03 -1.47 -1.77
N SER A 305 37.01 -0.70 -2.22
CA SER A 305 38.35 -1.23 -2.30
C SER A 305 39.36 -0.20 -1.87
N PHE A 306 40.53 -0.68 -1.48
CA PHE A 306 41.65 0.16 -1.15
C PHE A 306 42.60 0.32 -2.31
N THR A 307 42.25 -0.25 -3.46
CA THR A 307 43.05 -0.05 -4.66
C THR A 307 42.08 -0.10 -5.83
N VAL A 308 42.28 0.75 -6.81
CA VAL A 308 41.44 0.77 -7.98
C VAL A 308 42.31 0.66 -9.23
N GLU A 309 42.06 -0.38 -10.01
CA GLU A 309 42.78 -0.53 -11.26
C GLU A 309 42.39 0.58 -12.20
N LYS A 310 43.30 0.90 -13.12
CA LYS A 310 43.09 1.97 -14.07
C LYS A 310 41.73 1.88 -14.73
N GLY A 311 41.08 3.02 -14.88
CA GLY A 311 39.78 3.03 -15.54
C GLY A 311 39.11 4.37 -15.40
N ILE A 312 37.80 4.37 -15.57
CA ILE A 312 36.98 5.55 -15.33
C ILE A 312 35.72 5.17 -14.59
N TYR A 313 35.63 5.58 -13.34
CA TYR A 313 34.52 5.21 -12.49
C TYR A 313 33.64 6.41 -12.24
N GLN A 314 32.36 6.17 -12.03
CA GLN A 314 31.40 7.22 -11.74
C GLN A 314 31.09 7.24 -10.26
N THR A 315 31.20 8.41 -9.64
CA THR A 315 31.01 8.51 -8.20
C THR A 315 29.78 9.32 -7.80
N SER A 316 29.67 10.56 -8.23
CA SER A 316 28.62 11.40 -7.66
C SER A 316 27.88 12.18 -8.72
N ASN A 317 27.03 13.11 -8.28
CA ASN A 317 26.13 13.82 -9.18
C ASN A 317 26.27 15.32 -8.94
N PHE A 318 27.05 15.98 -9.77
CA PHE A 318 27.11 17.41 -9.71
C PHE A 318 25.73 17.97 -10.00
N ARG A 319 25.26 18.87 -9.15
CA ARG A 319 23.96 19.49 -9.37
C ARG A 319 23.98 20.88 -8.75
N VAL A 320 23.84 21.90 -9.58
CA VAL A 320 23.85 23.27 -9.09
C VAL A 320 22.70 23.46 -8.11
N GLN A 321 22.88 24.37 -7.16
CA GLN A 321 21.64 24.55 -6.43
C GLN A 321 21.00 25.89 -6.76
N PRO A 322 19.68 25.99 -6.70
CA PRO A 322 19.03 27.26 -7.07
C PRO A 322 19.44 28.37 -6.12
N THR A 323 20.12 29.37 -6.66
CA THR A 323 20.78 30.35 -5.81
C THR A 323 19.78 31.25 -5.10
N GLU A 324 18.77 31.74 -5.80
CA GLU A 324 17.84 32.69 -5.21
C GLU A 324 16.47 32.52 -5.83
N SER A 325 15.45 32.64 -5.01
CA SER A 325 14.08 32.45 -5.50
C SER A 325 13.53 33.76 -6.05
N ILE A 326 12.52 33.62 -6.90
CA ILE A 326 11.93 34.75 -7.60
C ILE A 326 10.44 34.50 -7.71
N VAL A 327 9.67 35.59 -7.72
CA VAL A 327 8.21 35.51 -7.78
C VAL A 327 7.71 36.61 -8.70
N ARG A 328 6.79 36.26 -9.60
CA ARG A 328 6.28 37.20 -10.59
C ARG A 328 4.78 37.04 -10.75
N PHE A 329 4.07 38.17 -10.74
CA PHE A 329 2.62 38.24 -10.82
C PHE A 329 2.24 39.45 -11.64
N PRO A 330 1.03 39.47 -12.20
CA PRO A 330 0.66 40.56 -13.10
C PRO A 330 0.72 41.92 -12.42
N ASN A 331 0.65 42.98 -13.22
CA ASN A 331 0.66 44.33 -12.71
C ASN A 331 -0.42 44.51 -11.65
N ILE A 332 -0.03 44.95 -10.47
CA ILE A 332 -1.02 45.09 -9.40
C ILE A 332 -1.86 46.32 -9.71
N THR A 333 -2.98 46.10 -10.38
CA THR A 333 -3.88 47.19 -10.72
C THR A 333 -5.27 46.81 -10.25
N ASN A 334 -6.28 47.59 -10.62
CA ASN A 334 -7.66 47.31 -10.25
C ASN A 334 -7.84 47.31 -8.74
N LEU A 335 -7.26 48.31 -8.08
CA LEU A 335 -7.35 48.39 -6.63
C LEU A 335 -8.79 48.53 -6.18
N CYS A 336 -9.08 48.01 -4.99
CA CYS A 336 -10.44 48.04 -4.50
C CYS A 336 -10.76 49.43 -3.96
N PRO A 337 -11.93 49.99 -4.28
CA PRO A 337 -12.24 51.37 -3.88
C PRO A 337 -12.59 51.50 -2.40
N PHE A 338 -11.65 51.12 -1.54
CA PHE A 338 -11.82 51.40 -0.13
C PHE A 338 -11.68 52.88 0.19
N GLY A 339 -11.03 53.64 -0.68
CA GLY A 339 -11.00 55.08 -0.50
C GLY A 339 -12.38 55.69 -0.61
N GLU A 340 -13.22 55.13 -1.47
CA GLU A 340 -14.56 55.66 -1.63
C GLU A 340 -15.37 55.51 -0.35
N VAL A 341 -15.21 54.39 0.35
CA VAL A 341 -15.97 54.16 1.57
C VAL A 341 -15.33 54.86 2.76
N PHE A 342 -14.00 54.93 2.80
CA PHE A 342 -13.36 55.59 3.94
C PHE A 342 -13.26 57.09 3.73
N ASN A 343 -12.84 57.52 2.55
CA ASN A 343 -12.77 58.94 2.25
C ASN A 343 -14.08 59.48 1.72
N ALA A 344 -15.19 58.85 2.05
CA ALA A 344 -16.50 59.40 1.71
C ALA A 344 -16.77 60.64 2.54
N THR A 345 -17.07 61.75 1.86
CA THR A 345 -17.45 62.96 2.57
C THR A 345 -18.85 62.83 3.15
N ARG A 346 -19.73 62.07 2.51
CA ARG A 346 -21.14 61.99 2.88
C ARG A 346 -21.43 60.59 3.40
N PHE A 347 -21.48 60.45 4.72
CA PHE A 347 -21.78 59.18 5.35
C PHE A 347 -23.28 58.96 5.53
N ALA A 348 -23.61 57.80 6.08
CA ALA A 348 -24.98 57.43 6.40
C ALA A 348 -25.14 57.31 7.92
N SER A 349 -26.37 57.45 8.40
CA SER A 349 -26.64 57.44 9.82
C SER A 349 -26.57 56.02 10.38
N VAL A 350 -27.07 55.85 11.60
CA VAL A 350 -27.00 54.55 12.27
C VAL A 350 -28.28 53.75 12.12
N TYR A 351 -29.46 54.37 12.23
CA TYR A 351 -30.70 53.63 11.97
C TYR A 351 -30.79 53.16 10.53
N ALA A 352 -30.01 53.77 9.64
CA ALA A 352 -29.97 53.35 8.25
C ALA A 352 -28.57 52.85 7.93
N TRP A 353 -28.04 52.00 8.79
CA TRP A 353 -26.70 51.47 8.62
C TRP A 353 -26.53 50.85 7.24
N ASN A 354 -25.40 51.14 6.62
CA ASN A 354 -25.16 50.85 5.22
C ASN A 354 -24.63 49.41 5.06
N ARG A 355 -24.49 49.02 3.80
CA ARG A 355 -23.84 47.76 3.44
C ARG A 355 -23.53 47.85 1.96
N LYS A 356 -22.32 47.42 1.59
CA LYS A 356 -21.86 47.58 0.22
C LYS A 356 -21.08 46.33 -0.17
N ARG A 357 -21.69 45.50 -1.01
CA ARG A 357 -20.96 44.40 -1.62
C ARG A 357 -19.96 44.99 -2.61
N ILE A 358 -18.75 44.45 -2.62
CA ILE A 358 -17.69 44.91 -3.50
C ILE A 358 -17.10 43.69 -4.19
N SER A 359 -16.90 43.77 -5.50
CA SER A 359 -16.46 42.63 -6.30
C SER A 359 -15.25 43.04 -7.14
N ASN A 360 -14.62 42.03 -7.74
CA ASN A 360 -13.56 42.23 -8.72
C ASN A 360 -12.49 43.18 -8.20
N CYS A 361 -12.01 42.94 -6.99
CA CYS A 361 -11.03 43.79 -6.38
C CYS A 361 -9.73 43.06 -6.12
N VAL A 362 -8.65 43.82 -6.11
CA VAL A 362 -7.52 43.54 -5.26
C VAL A 362 -7.66 44.44 -4.05
N ALA A 363 -7.84 43.84 -2.88
CA ALA A 363 -8.22 44.55 -1.68
C ALA A 363 -7.01 44.64 -0.76
N ASP A 364 -6.20 45.67 -0.95
CA ASP A 364 -5.01 45.88 -0.14
C ASP A 364 -5.41 46.40 1.24
N TYR A 365 -5.52 45.48 2.21
CA TYR A 365 -5.90 45.90 3.55
C TYR A 365 -4.76 46.61 4.26
N SER A 366 -3.51 46.37 3.82
CA SER A 366 -2.37 46.90 4.56
C SER A 366 -2.13 48.37 4.28
N VAL A 367 -2.73 48.95 3.23
CA VAL A 367 -2.56 50.38 3.00
C VAL A 367 -3.37 51.18 3.99
N LEU A 368 -4.56 50.70 4.37
CA LEU A 368 -5.34 51.35 5.40
C LEU A 368 -4.95 50.90 6.79
N TYR A 369 -4.60 49.63 6.98
CA TYR A 369 -4.18 49.18 8.30
C TYR A 369 -2.91 49.90 8.74
N ASN A 370 -1.99 50.12 7.82
CA ASN A 370 -0.79 50.90 8.09
C ASN A 370 -0.97 52.35 7.64
N SER A 371 -2.00 52.98 8.20
CA SER A 371 -2.23 54.41 8.02
C SER A 371 -2.35 55.16 9.33
N ALA A 372 -2.58 54.47 10.45
CA ALA A 372 -2.61 55.06 11.78
C ALA A 372 -3.67 56.14 11.91
N SER A 373 -4.57 56.22 10.94
CA SER A 373 -5.70 57.12 11.05
C SER A 373 -6.90 56.49 11.75
N PHE A 374 -6.69 55.43 12.53
CA PHE A 374 -7.79 54.68 13.12
C PHE A 374 -7.70 54.73 14.64
N SER A 375 -8.85 54.95 15.28
CA SER A 375 -8.92 54.83 16.73
C SER A 375 -8.84 53.37 17.15
N THR A 376 -9.50 52.47 16.43
CA THR A 376 -9.34 51.06 16.72
C THR A 376 -9.58 50.24 15.46
N PHE A 377 -8.76 49.20 15.31
CA PHE A 377 -8.80 48.28 14.18
C PHE A 377 -8.95 46.90 14.79
N LYS A 378 -10.18 46.51 15.06
CA LYS A 378 -10.44 45.32 15.87
C LYS A 378 -10.88 44.21 14.94
N CYS A 379 -10.04 43.18 14.80
CA CYS A 379 -10.33 42.08 13.90
C CYS A 379 -10.80 40.85 14.66
N TYR A 380 -11.76 40.15 14.08
CA TYR A 380 -12.38 38.99 14.70
C TYR A 380 -12.49 37.90 13.65
N GLY A 381 -12.05 36.70 14.01
CA GLY A 381 -11.97 35.61 13.06
C GLY A 381 -10.63 35.60 12.38
N VAL A 382 -10.16 36.79 11.97
CA VAL A 382 -8.92 36.94 11.23
C VAL A 382 -8.01 37.90 12.01
N SER A 383 -6.76 37.94 11.59
CA SER A 383 -5.63 38.71 12.09
C SER A 383 -5.59 40.10 11.49
N PRO A 384 -5.05 41.08 12.21
CA PRO A 384 -4.88 42.41 11.59
C PRO A 384 -3.97 42.38 10.38
N THR A 385 -2.79 41.81 10.51
CA THR A 385 -1.96 41.46 9.37
C THR A 385 -2.43 40.11 8.83
N LYS A 386 -1.62 39.47 7.98
CA LYS A 386 -1.91 38.13 7.50
C LYS A 386 -3.23 38.09 6.74
N LEU A 387 -3.58 39.21 6.11
CA LEU A 387 -4.84 39.33 5.41
C LEU A 387 -4.68 39.28 3.89
N ASN A 388 -3.74 40.04 3.34
CA ASN A 388 -3.59 40.11 1.89
C ASN A 388 -3.30 38.75 1.29
N ASP A 389 -3.00 37.75 2.10
CA ASP A 389 -2.91 36.37 1.67
C ASP A 389 -4.24 35.64 1.81
N LEU A 390 -5.34 36.39 1.90
CA LEU A 390 -6.67 35.81 1.91
C LEU A 390 -7.46 36.27 0.70
N CYS A 391 -8.22 35.34 0.13
CA CYS A 391 -9.02 35.60 -1.06
C CYS A 391 -10.46 35.29 -0.68
N PHE A 392 -11.30 36.32 -0.56
CA PHE A 392 -12.69 36.13 -0.18
C PHE A 392 -13.61 36.28 -1.38
N THR A 393 -14.86 35.85 -1.20
CA THR A 393 -15.85 36.04 -2.25
C THR A 393 -16.23 37.51 -2.35
N ASN A 394 -16.74 38.08 -1.26
CA ASN A 394 -17.07 39.49 -1.24
C ASN A 394 -16.90 40.04 0.17
N VAL A 395 -16.78 41.36 0.24
CA VAL A 395 -16.64 42.08 1.50
C VAL A 395 -17.82 43.02 1.62
N TYR A 396 -18.17 43.34 2.86
CA TYR A 396 -19.32 44.20 3.15
C TYR A 396 -18.85 45.38 3.97
N ALA A 397 -18.91 46.56 3.37
CA ALA A 397 -18.40 47.79 3.95
C ALA A 397 -19.59 48.59 4.48
N ASP A 398 -19.89 48.42 5.77
CA ASP A 398 -20.87 49.27 6.42
C ASP A 398 -20.17 50.53 6.91
N SER A 399 -20.85 51.66 6.82
CA SER A 399 -20.25 52.97 7.08
C SER A 399 -21.26 53.85 7.82
N PHE A 400 -20.93 54.24 9.05
CA PHE A 400 -21.79 55.16 9.79
C PHE A 400 -20.97 55.89 10.84
N VAL A 401 -21.67 56.62 11.70
CA VAL A 401 -21.05 57.49 12.70
C VAL A 401 -21.68 57.21 14.05
N ILE A 402 -20.84 56.96 15.05
CA ILE A 402 -21.34 56.66 16.39
C ILE A 402 -20.55 57.49 17.40
N ARG A 403 -20.91 57.39 18.67
CA ARG A 403 -20.22 58.18 19.68
C ARG A 403 -19.04 57.39 20.24
N GLY A 404 -18.46 57.90 21.33
CA GLY A 404 -17.29 57.27 21.91
C GLY A 404 -17.57 55.86 22.39
N ASP A 405 -18.47 55.72 23.35
CA ASP A 405 -18.69 54.43 23.98
C ASP A 405 -19.34 53.44 23.02
N GLU A 406 -20.10 53.94 22.05
CA GLU A 406 -20.74 53.08 21.08
C GLU A 406 -19.74 52.28 20.27
N VAL A 407 -18.53 52.79 20.08
CA VAL A 407 -17.51 52.01 19.40
C VAL A 407 -17.21 50.75 20.19
N ARG A 408 -17.01 50.89 21.49
CA ARG A 408 -16.87 49.71 22.33
C ARG A 408 -18.10 48.82 22.24
N GLN A 409 -19.29 49.42 22.12
CA GLN A 409 -20.49 48.61 21.89
C GLN A 409 -20.32 47.71 20.67
N ILE A 410 -19.77 48.26 19.59
CA ILE A 410 -19.61 47.51 18.34
C ILE A 410 -18.54 46.44 18.55
N ALA A 411 -18.99 45.19 18.66
CA ALA A 411 -18.14 44.03 18.86
C ALA A 411 -19.00 42.79 18.69
N PRO A 412 -18.43 41.60 18.48
CA PRO A 412 -19.26 40.43 18.22
C PRO A 412 -20.18 40.13 19.39
N GLY A 413 -21.46 39.93 19.09
CA GLY A 413 -22.43 39.54 20.09
C GLY A 413 -22.51 40.46 21.29
N GLN A 414 -22.72 41.75 21.06
CA GLN A 414 -22.82 42.70 22.15
C GLN A 414 -24.26 43.15 22.35
N THR A 415 -24.50 43.79 23.49
CA THR A 415 -25.82 44.27 23.87
C THR A 415 -25.70 45.73 24.26
N GLY A 416 -26.42 46.59 23.55
CA GLY A 416 -26.33 48.01 23.77
C GLY A 416 -27.19 48.73 22.78
N LYS A 417 -27.52 50.00 23.07
CA LYS A 417 -28.53 50.72 22.29
C LYS A 417 -28.36 50.53 20.79
N ILE A 418 -27.20 50.88 20.27
CA ILE A 418 -26.95 50.70 18.85
C ILE A 418 -26.96 49.22 18.49
N ALA A 419 -26.16 48.42 19.21
CA ALA A 419 -26.04 46.99 18.92
C ALA A 419 -27.37 46.25 19.05
N ASP A 420 -28.30 46.74 19.84
CA ASP A 420 -29.58 46.08 20.02
C ASP A 420 -30.66 46.61 19.11
N TYR A 421 -30.57 47.86 18.65
CA TYR A 421 -31.64 48.41 17.84
C TYR A 421 -31.18 49.09 16.58
N ASN A 422 -29.88 49.17 16.31
CA ASN A 422 -29.42 49.80 15.08
C ASN A 422 -28.56 48.90 14.22
N TYR A 423 -27.64 48.15 14.80
CA TYR A 423 -26.73 47.33 13.99
C TYR A 423 -26.20 46.18 14.86
N LYS A 424 -26.77 44.99 14.65
CA LYS A 424 -26.44 43.84 15.49
C LYS A 424 -25.42 42.96 14.79
N LEU A 425 -24.21 42.95 15.33
CA LEU A 425 -23.20 41.99 14.89
C LEU A 425 -23.53 40.60 15.42
N PRO A 426 -23.13 39.55 14.72
CA PRO A 426 -23.28 38.20 15.26
C PRO A 426 -22.23 37.94 16.33
N ASP A 427 -22.24 36.70 16.82
CA ASP A 427 -21.19 36.24 17.72
C ASP A 427 -19.99 35.69 16.97
N ASP A 428 -20.20 35.23 15.73
CA ASP A 428 -19.15 34.72 14.87
C ASP A 428 -18.79 35.68 13.74
N PHE A 429 -18.77 36.97 14.04
CA PHE A 429 -18.46 37.97 13.02
C PHE A 429 -17.00 37.83 12.57
N THR A 430 -16.80 37.62 11.28
CA THR A 430 -15.48 37.48 10.69
C THR A 430 -15.18 38.74 9.91
N GLY A 431 -14.44 39.65 10.52
CA GLY A 431 -14.15 40.92 9.88
C GLY A 431 -13.50 41.87 10.86
N CYS A 432 -13.33 43.11 10.42
CA CYS A 432 -12.55 44.08 11.19
C CYS A 432 -13.29 45.40 11.30
N VAL A 433 -13.50 45.86 12.53
CA VAL A 433 -14.15 47.15 12.76
C VAL A 433 -13.09 48.25 12.76
N ILE A 434 -13.42 49.37 12.11
CA ILE A 434 -12.48 50.46 11.88
C ILE A 434 -13.13 51.69 12.51
N ALA A 435 -12.54 52.21 13.57
CA ALA A 435 -13.07 53.40 14.21
C ALA A 435 -12.02 54.51 14.19
N TRP A 436 -12.47 55.72 13.86
CA TRP A 436 -11.58 56.86 13.81
C TRP A 436 -12.39 58.13 14.07
N ASN A 437 -11.80 59.04 14.85
CA ASN A 437 -12.51 60.23 15.29
C ASN A 437 -12.75 61.18 14.13
N SER A 438 -13.82 61.97 14.22
CA SER A 438 -14.16 62.95 13.21
C SER A 438 -14.56 64.29 13.83
N ASN A 439 -14.12 64.54 15.07
CA ASN A 439 -14.46 65.79 15.74
C ASN A 439 -13.86 67.00 15.04
N ASN A 440 -12.74 66.82 14.35
CA ASN A 440 -12.13 67.92 13.61
C ASN A 440 -12.73 68.10 12.23
N LEU A 441 -13.62 67.19 11.83
CA LEU A 441 -14.30 67.28 10.55
C LEU A 441 -15.81 67.45 10.72
N ASP A 442 -16.47 66.54 11.43
CA ASP A 442 -17.92 66.50 11.47
C ASP A 442 -18.53 67.39 12.55
N SER A 443 -17.85 67.55 13.69
CA SER A 443 -18.38 68.41 14.74
C SER A 443 -18.56 69.83 14.23
N LYS A 444 -19.50 70.54 14.81
CA LYS A 444 -19.75 71.91 14.40
C LYS A 444 -20.39 72.69 15.54
N VAL A 445 -20.17 74.00 15.53
CA VAL A 445 -20.75 74.87 16.53
C VAL A 445 -22.28 74.82 16.49
N GLY A 446 -22.87 74.79 17.67
CA GLY A 446 -24.32 74.77 17.80
C GLY A 446 -24.89 73.37 17.75
N GLY A 447 -24.08 72.41 17.29
CA GLY A 447 -24.52 71.05 17.16
C GLY A 447 -24.63 70.62 15.71
N ASN A 448 -24.41 69.34 15.46
CA ASN A 448 -24.58 68.73 14.14
C ASN A 448 -25.70 67.70 14.31
N TYR A 449 -26.94 68.15 14.09
CA TYR A 449 -28.13 67.36 14.40
C TYR A 449 -28.57 66.46 13.27
N ASN A 450 -27.67 66.07 12.38
CA ASN A 450 -28.09 65.30 11.22
C ASN A 450 -28.15 63.79 11.48
N TYR A 451 -27.45 63.29 12.48
CA TYR A 451 -27.37 61.86 12.72
C TYR A 451 -28.41 61.44 13.73
N LEU A 452 -29.13 60.38 13.43
CA LEU A 452 -30.20 59.89 14.28
C LEU A 452 -29.94 58.44 14.66
N TYR A 453 -30.19 58.10 15.92
CA TYR A 453 -30.14 56.73 16.38
C TYR A 453 -31.51 56.30 16.86
N ARG A 454 -31.77 55.00 16.81
CA ARG A 454 -33.07 54.47 17.21
C ARG A 454 -33.19 54.55 18.71
N LEU A 455 -34.17 55.33 19.19
CA LEU A 455 -34.35 55.49 20.63
C LEU A 455 -34.72 54.17 21.30
N PHE A 456 -35.87 53.63 20.95
CA PHE A 456 -36.38 52.42 21.58
C PHE A 456 -37.09 51.56 20.54
N ARG A 457 -37.03 50.26 20.78
CA ARG A 457 -37.77 49.30 19.98
C ARG A 457 -37.99 48.06 20.83
N LYS A 458 -38.92 47.22 20.37
CA LYS A 458 -39.39 46.12 21.21
C LYS A 458 -38.38 44.99 21.30
N SER A 459 -37.47 44.89 20.33
CA SER A 459 -36.67 43.69 20.22
C SER A 459 -35.29 43.98 19.65
N ASN A 460 -34.37 43.05 19.91
CA ASN A 460 -33.05 43.08 19.32
C ASN A 460 -33.11 42.57 17.87
N LEU A 461 -32.09 42.91 17.11
CA LEU A 461 -32.05 42.60 15.69
C LEU A 461 -31.40 41.24 15.47
N LYS A 462 -31.66 40.67 14.30
CA LYS A 462 -30.92 39.51 13.84
C LYS A 462 -29.49 39.93 13.56
N PRO A 463 -28.55 38.98 13.54
CA PRO A 463 -27.19 39.31 13.12
C PRO A 463 -27.20 39.97 11.75
N PHE A 464 -26.69 41.21 11.70
CA PHE A 464 -26.60 42.00 10.47
C PHE A 464 -27.96 42.40 9.94
N GLU A 465 -29.01 42.34 10.77
CA GLU A 465 -30.33 42.73 10.31
C GLU A 465 -30.40 44.22 10.07
N ARG A 466 -31.18 44.63 9.06
CA ARG A 466 -31.36 46.04 8.73
C ARG A 466 -32.78 46.43 9.09
N ASP A 467 -32.91 47.15 10.22
CA ASP A 467 -34.20 47.69 10.64
C ASP A 467 -34.26 49.16 10.25
N ILE A 468 -35.19 49.49 9.35
CA ILE A 468 -35.34 50.85 8.85
C ILE A 468 -36.70 51.44 9.17
N SER A 469 -37.67 50.60 9.54
CA SER A 469 -39.04 51.05 9.75
C SER A 469 -39.10 52.24 10.70
N THR A 470 -39.76 53.31 10.27
CA THR A 470 -39.88 54.54 11.03
C THR A 470 -41.27 54.64 11.68
N GLU A 471 -41.87 53.50 11.98
CA GLU A 471 -43.15 53.48 12.66
C GLU A 471 -43.00 54.07 14.06
N ILE A 472 -43.83 55.07 14.36
CA ILE A 472 -43.79 55.71 15.67
C ILE A 472 -43.84 54.67 16.78
N TYR A 473 -42.92 54.80 17.74
CA TYR A 473 -42.78 53.81 18.79
C TYR A 473 -44.10 53.66 19.54
N GLN A 474 -44.67 52.46 19.46
CA GLN A 474 -45.95 52.17 20.09
C GLN A 474 -45.73 51.67 21.50
N ALA A 475 -46.51 52.20 22.44
CA ALA A 475 -46.47 51.75 23.83
C ALA A 475 -47.71 52.31 24.52
N GLY A 476 -47.86 51.95 25.79
CA GLY A 476 -49.04 52.35 26.56
C GLY A 476 -50.11 51.26 26.53
N SER A 477 -51.28 51.60 26.00
CA SER A 477 -52.36 50.62 25.86
CA SER A 477 -52.36 50.62 25.86
C SER A 477 -53.11 50.73 24.54
N THR A 478 -52.78 51.68 23.69
CA THR A 478 -53.50 51.86 22.44
C THR A 478 -52.52 52.08 21.31
N PRO A 479 -52.85 51.63 20.10
CA PRO A 479 -52.11 52.07 18.91
C PRO A 479 -52.22 53.59 18.78
N CYS A 480 -51.06 54.26 18.84
CA CYS A 480 -51.04 55.70 19.01
C CYS A 480 -51.74 56.41 17.86
N ASN A 481 -51.61 55.88 16.64
CA ASN A 481 -52.16 56.50 15.44
C ASN A 481 -51.56 57.90 15.25
N GLY A 482 -50.25 57.98 15.41
CA GLY A 482 -49.54 59.22 15.11
C GLY A 482 -49.52 60.34 16.15
N VAL A 483 -50.46 60.33 17.08
CA VAL A 483 -50.55 61.42 18.04
C VAL A 483 -49.44 61.38 19.07
N GLU A 484 -48.77 60.23 19.22
CA GLU A 484 -47.79 60.02 20.29
C GLU A 484 -48.42 60.29 21.66
N GLY A 485 -49.38 59.45 22.01
CA GLY A 485 -50.02 59.55 23.30
C GLY A 485 -49.09 59.17 24.43
N PHE A 486 -49.69 58.94 25.59
CA PHE A 486 -48.94 58.55 26.78
C PHE A 486 -48.12 57.31 26.52
N ASN A 487 -46.90 57.27 27.06
CA ASN A 487 -45.93 56.20 26.92
C ASN A 487 -45.48 56.01 25.47
N CYS A 488 -45.95 56.85 24.55
CA CYS A 488 -45.76 56.65 23.12
C CYS A 488 -44.89 57.78 22.59
N TYR A 489 -43.73 57.42 22.02
CA TYR A 489 -42.75 58.42 21.67
C TYR A 489 -42.21 58.13 20.27
N PHE A 490 -41.29 58.98 19.83
CA PHE A 490 -40.65 58.80 18.54
C PHE A 490 -39.51 57.81 18.67
N PRO A 491 -39.26 57.01 17.63
CA PRO A 491 -38.17 56.03 17.71
C PRO A 491 -36.78 56.60 17.45
N LEU A 492 -36.66 57.76 16.79
CA LEU A 492 -35.37 58.27 16.39
C LEU A 492 -35.02 59.53 17.16
N GLN A 493 -33.75 59.66 17.52
CA GLN A 493 -33.23 60.80 18.26
C GLN A 493 -31.96 61.30 17.62
N SER A 494 -31.88 62.62 17.43
CA SER A 494 -30.72 63.24 16.82
C SER A 494 -29.58 63.33 17.80
N TYR A 495 -28.40 63.68 17.29
CA TYR A 495 -27.20 63.76 18.11
C TYR A 495 -26.88 65.21 18.48
N GLY A 496 -26.72 66.06 17.47
CA GLY A 496 -26.38 67.45 17.71
C GLY A 496 -24.94 67.62 18.17
N PHE A 497 -24.00 67.26 17.30
CA PHE A 497 -22.59 67.29 17.64
C PHE A 497 -22.06 68.71 17.83
N GLN A 498 -21.83 69.08 19.09
CA GLN A 498 -21.20 70.34 19.48
C GLN A 498 -19.69 70.14 19.48
N PRO A 499 -18.89 71.09 18.97
CA PRO A 499 -17.46 70.83 18.82
C PRO A 499 -16.72 70.70 20.12
N THR A 500 -17.19 71.35 21.19
CA THR A 500 -16.51 71.32 22.47
C THR A 500 -16.93 70.10 23.29
N ASN A 501 -17.81 69.28 22.76
CA ASN A 501 -18.20 68.05 23.44
C ASN A 501 -16.96 67.19 23.71
N GLY A 502 -17.03 66.42 24.78
CA GLY A 502 -15.99 65.46 25.06
C GLY A 502 -16.05 64.28 24.10
N VAL A 503 -15.02 63.43 24.19
CA VAL A 503 -14.91 62.27 23.33
C VAL A 503 -16.18 61.44 23.36
N GLY A 504 -16.86 61.40 24.52
CA GLY A 504 -18.08 60.64 24.64
C GLY A 504 -19.16 61.07 23.68
N TYR A 505 -19.25 62.37 23.40
CA TYR A 505 -20.20 62.89 22.42
C TYR A 505 -19.53 63.19 21.09
N GLN A 506 -18.30 62.76 20.89
CA GLN A 506 -17.69 63.20 19.64
C GLN A 506 -18.05 62.27 18.49
N PRO A 507 -18.20 62.81 17.30
CA PRO A 507 -18.53 61.97 16.13
C PRO A 507 -17.35 61.10 15.74
N TYR A 508 -17.45 59.83 16.09
CA TYR A 508 -16.47 58.81 15.73
C TYR A 508 -17.01 58.10 14.49
N ARG A 509 -16.37 58.33 13.35
CA ARG A 509 -16.79 57.62 12.15
C ARG A 509 -16.26 56.20 12.18
N VAL A 510 -17.13 55.25 11.89
CA VAL A 510 -16.83 53.83 11.96
C VAL A 510 -17.24 53.17 10.65
N VAL A 511 -16.44 52.18 10.26
CA VAL A 511 -16.71 51.36 9.08
C VAL A 511 -16.39 49.93 9.47
N VAL A 512 -17.36 49.04 9.30
CA VAL A 512 -17.16 47.63 9.64
C VAL A 512 -17.14 46.81 8.37
N LEU A 513 -16.13 45.96 8.25
CA LEU A 513 -15.96 45.07 7.11
C LEU A 513 -16.17 43.64 7.58
N SER A 514 -16.96 42.90 6.80
CA SER A 514 -17.15 41.48 6.99
C SER A 514 -16.67 40.75 5.75
N PHE A 515 -16.28 39.49 5.94
CA PHE A 515 -15.70 38.68 4.89
C PHE A 515 -16.59 37.48 4.64
N GLU A 516 -17.24 37.47 3.48
CA GLU A 516 -18.20 36.44 3.12
C GLU A 516 -17.54 35.42 2.20
N LEU A 517 -17.79 34.15 2.49
CA LEU A 517 -17.19 33.06 1.70
C LEU A 517 -18.27 32.06 1.35
N LEU A 518 -18.58 31.95 0.06
CA LEU A 518 -19.56 30.99 -0.42
C LEU A 518 -18.86 29.76 -0.99
N ALA A 520 -18.21 29.10 -4.73
CA ALA A 520 -18.17 30.31 -5.54
C ALA A 520 -16.74 30.81 -5.70
N PRO A 521 -16.45 31.45 -6.83
CA PRO A 521 -15.09 31.94 -7.09
C PRO A 521 -14.77 33.21 -6.31
N ALA A 522 -13.59 33.20 -5.71
CA ALA A 522 -13.13 34.34 -4.91
C ALA A 522 -12.71 35.47 -5.83
N THR A 523 -13.53 36.51 -5.92
CA THR A 523 -13.28 37.62 -6.84
C THR A 523 -12.58 38.80 -6.19
N VAL A 524 -12.37 38.77 -4.88
CA VAL A 524 -11.65 39.83 -4.18
C VAL A 524 -10.57 39.19 -3.32
N CYS A 525 -9.33 39.66 -3.48
CA CYS A 525 -8.21 39.07 -2.79
C CYS A 525 -7.06 40.06 -2.73
N GLY A 526 -6.29 39.98 -1.66
CA GLY A 526 -5.21 40.91 -1.42
C GLY A 526 -4.13 40.80 -2.49
N PRO A 527 -3.34 41.85 -2.64
CA PRO A 527 -2.32 41.84 -3.70
C PRO A 527 -1.26 40.80 -3.47
N LYS A 528 -0.38 40.62 -4.45
CA LYS A 528 0.76 39.74 -4.34
C LYS A 528 1.99 40.47 -4.84
N LYS A 529 3.06 40.40 -4.07
CA LYS A 529 4.30 41.06 -4.47
C LYS A 529 4.86 40.41 -5.74
N SER A 530 5.86 41.06 -6.32
CA SER A 530 6.53 40.52 -7.50
C SER A 530 7.97 41.01 -7.46
N THR A 531 8.90 40.13 -7.08
CA THR A 531 10.29 40.50 -6.95
C THR A 531 10.87 40.86 -8.31
N ASN A 532 12.06 41.45 -8.30
CA ASN A 532 12.73 41.75 -9.56
C ASN A 532 12.98 40.47 -10.35
N LEU A 533 13.23 40.63 -11.64
CA LEU A 533 13.45 39.52 -12.54
C LEU A 533 14.95 39.30 -12.73
N VAL A 534 15.41 38.08 -12.47
CA VAL A 534 16.82 37.73 -12.58
C VAL A 534 16.96 36.67 -13.66
N LYS A 535 18.03 36.78 -14.44
CA LYS A 535 18.25 35.88 -15.56
C LYS A 535 19.61 35.21 -15.45
N ASN A 536 19.73 34.07 -16.12
CA ASN A 536 21.02 33.40 -16.28
C ASN A 536 21.58 32.93 -14.95
N LYS A 537 20.69 32.49 -14.06
CA LYS A 537 21.09 31.90 -12.80
C LYS A 537 20.08 30.83 -12.45
N CYS A 538 20.57 29.71 -11.95
CA CYS A 538 19.64 28.67 -11.51
C CYS A 538 18.85 29.26 -10.35
N VAL A 539 17.62 29.64 -10.62
CA VAL A 539 16.75 30.26 -9.64
C VAL A 539 15.57 29.34 -9.41
N ASN A 540 14.88 29.55 -8.31
CA ASN A 540 13.71 28.77 -7.97
C ASN A 540 12.49 29.65 -8.23
N PHE A 541 12.09 29.73 -9.49
CA PHE A 541 11.03 30.65 -9.87
C PHE A 541 9.67 30.14 -9.41
N ASN A 542 8.76 31.09 -9.25
CA ASN A 542 7.33 30.84 -9.08
C ASN A 542 6.61 31.93 -9.85
N PHE A 543 6.32 31.65 -11.12
CA PHE A 543 5.48 32.56 -11.87
C PHE A 543 4.03 32.36 -11.46
N ASN A 544 3.18 33.29 -11.90
CA ASN A 544 1.89 33.55 -11.25
C ASN A 544 1.19 32.27 -10.81
N GLY A 545 1.13 31.29 -11.69
CA GLY A 545 0.51 30.05 -11.28
C GLY A 545 1.51 28.96 -11.00
N LEU A 546 2.49 28.80 -11.88
CA LEU A 546 3.34 27.62 -11.85
C LEU A 546 4.68 27.93 -11.21
N THR A 547 5.31 26.89 -10.69
CA THR A 547 6.56 26.99 -9.95
C THR A 547 7.64 26.25 -10.71
N GLY A 548 8.82 26.15 -10.10
CA GLY A 548 9.88 25.31 -10.60
C GLY A 548 11.20 26.03 -10.66
N THR A 549 12.26 25.25 -10.83
CA THR A 549 13.62 25.77 -10.82
C THR A 549 14.19 25.73 -12.23
N GLY A 550 14.87 26.80 -12.61
CA GLY A 550 15.37 26.88 -13.97
C GLY A 550 16.39 27.97 -14.13
N VAL A 551 16.63 28.33 -15.39
CA VAL A 551 17.57 29.38 -15.74
C VAL A 551 16.88 30.25 -16.78
N LEU A 552 16.27 31.34 -16.33
CA LEU A 552 15.40 32.14 -17.17
C LEU A 552 16.25 32.90 -18.17
N THR A 553 15.93 32.79 -19.45
CA THR A 553 16.70 33.43 -20.50
C THR A 553 15.79 34.09 -21.52
N GLU A 554 16.17 35.28 -21.97
CA GLU A 554 15.40 35.98 -22.97
C GLU A 554 15.30 35.14 -24.23
N SER A 555 14.09 34.80 -24.63
CA SER A 555 13.87 33.90 -25.75
C SER A 555 13.54 34.68 -27.01
N ASN A 556 13.20 33.94 -28.06
CA ASN A 556 12.70 34.53 -29.30
C ASN A 556 11.40 33.87 -29.75
N LYS A 557 10.75 33.13 -28.86
CA LYS A 557 9.48 32.50 -29.20
C LYS A 557 8.37 33.54 -29.18
N LYS A 558 7.39 33.37 -30.05
CA LYS A 558 6.29 34.31 -30.17
C LYS A 558 4.99 33.64 -29.75
N PHE A 559 4.61 33.87 -28.49
CA PHE A 559 3.36 33.32 -28.00
C PHE A 559 2.18 33.95 -28.74
N LEU A 560 1.07 33.41 -28.51
CA LEU A 560 -0.07 34.20 -28.94
C LEU A 560 -0.47 35.17 -27.84
N PRO A 561 -1.15 36.25 -28.19
CA PRO A 561 -1.49 37.28 -27.20
C PRO A 561 -2.08 36.76 -25.90
N PHE A 562 -2.73 35.60 -25.94
CA PHE A 562 -3.42 35.10 -24.77
C PHE A 562 -2.73 33.93 -24.11
N GLN A 563 -1.76 33.30 -24.77
CA GLN A 563 -1.11 32.15 -24.18
C GLN A 563 -0.16 32.59 -23.07
N GLN A 564 0.13 31.66 -22.17
CA GLN A 564 1.00 31.99 -21.05
C GLN A 564 2.20 31.07 -20.96
N PHE A 565 2.02 29.78 -21.18
CA PHE A 565 3.08 28.82 -21.02
C PHE A 565 3.66 28.44 -22.37
N GLY A 566 4.64 27.56 -22.32
CA GLY A 566 5.02 26.79 -23.49
C GLY A 566 5.43 25.41 -23.01
N ARG A 567 5.14 24.41 -23.83
CA ARG A 567 5.46 23.06 -23.38
C ARG A 567 6.28 22.35 -24.43
N ASP A 568 6.92 21.28 -23.99
CA ASP A 568 7.78 20.47 -24.82
C ASP A 568 6.99 19.27 -25.32
N ILE A 569 7.61 18.50 -26.21
CA ILE A 569 6.91 17.37 -26.80
C ILE A 569 6.49 16.36 -25.74
N ALA A 570 7.12 16.40 -24.57
CA ALA A 570 6.79 15.49 -23.49
C ALA A 570 6.02 16.18 -22.37
N ASP A 571 5.41 17.33 -22.65
CA ASP A 571 4.60 18.05 -21.69
C ASP A 571 5.43 18.45 -20.47
N THR A 572 6.44 19.27 -20.71
CA THR A 572 7.26 19.88 -19.69
C THR A 572 7.34 21.36 -19.96
N THR A 573 7.32 22.17 -18.91
CA THR A 573 7.35 23.61 -19.08
C THR A 573 8.64 24.05 -19.74
N ASP A 574 8.53 24.91 -20.74
CA ASP A 574 9.68 25.34 -21.51
C ASP A 574 9.71 26.83 -21.80
N ALA A 575 8.61 27.55 -21.63
CA ALA A 575 8.62 28.97 -21.91
C ALA A 575 7.51 29.61 -21.13
N VAL A 576 7.82 30.74 -20.51
CA VAL A 576 6.87 31.43 -19.67
C VAL A 576 6.84 32.89 -20.06
N ARG A 577 5.65 33.45 -20.19
CA ARG A 577 5.48 34.85 -20.52
C ARG A 577 5.57 35.65 -19.23
N ASP A 578 6.44 36.64 -19.21
CA ASP A 578 6.64 37.44 -18.01
C ASP A 578 5.37 38.24 -17.73
N PRO A 579 4.58 37.87 -16.72
CA PRO A 579 3.25 38.47 -16.55
C PRO A 579 3.28 39.95 -16.24
N GLN A 580 4.45 40.56 -16.07
CA GLN A 580 4.52 42.00 -15.87
C GLN A 580 4.87 42.70 -17.19
N THR A 581 6.00 42.35 -17.78
CA THR A 581 6.40 42.86 -19.08
C THR A 581 6.36 41.70 -20.06
N LEU A 582 5.55 41.85 -21.10
CA LEU A 582 5.24 40.71 -21.94
C LEU A 582 6.43 40.31 -22.80
N GLU A 583 7.48 39.82 -22.16
CA GLU A 583 8.64 39.27 -22.85
C GLU A 583 8.74 37.80 -22.50
N ILE A 584 8.88 36.95 -23.51
CA ILE A 584 8.74 35.52 -23.35
C ILE A 584 10.09 34.93 -22.98
N LEU A 585 10.19 34.35 -21.79
CA LEU A 585 11.45 33.78 -21.33
C LEU A 585 11.46 32.28 -21.50
N ASP A 586 12.65 31.73 -21.68
CA ASP A 586 12.85 30.29 -21.74
C ASP A 586 13.03 29.72 -20.35
N ILE A 587 13.19 28.41 -20.27
CA ILE A 587 13.46 27.74 -19.01
C ILE A 587 14.40 26.58 -19.26
N THR A 588 15.64 26.73 -18.84
CA THR A 588 16.62 25.69 -18.99
C THR A 588 16.93 25.11 -17.63
N PRO A 589 16.66 23.84 -17.39
CA PRO A 589 16.93 23.26 -16.08
C PRO A 589 18.41 23.38 -15.77
N CYS A 590 18.72 23.97 -14.64
CA CYS A 590 20.11 24.29 -14.35
C CYS A 590 20.93 23.01 -14.24
N SER A 591 22.18 23.10 -14.68
CA SER A 591 22.94 21.93 -15.09
C SER A 591 23.13 20.94 -13.96
N PHE A 592 22.87 19.68 -14.26
CA PHE A 592 23.25 18.58 -13.40
C PHE A 592 24.04 17.60 -14.24
N GLY A 593 24.48 16.52 -13.64
CA GLY A 593 25.16 15.47 -14.36
C GLY A 593 26.17 14.69 -13.57
N GLY A 594 26.52 13.51 -14.07
CA GLY A 594 27.41 12.64 -13.35
C GLY A 594 28.82 13.20 -13.23
N VAL A 595 29.55 12.62 -12.30
CA VAL A 595 30.93 13.00 -12.03
C VAL A 595 31.76 11.73 -12.08
N SER A 596 32.67 11.66 -13.03
CA SER A 596 33.49 10.47 -13.17
C SER A 596 34.91 10.81 -12.74
N VAL A 597 35.66 9.80 -12.32
CA VAL A 597 36.99 10.00 -11.76
C VAL A 597 37.98 9.20 -12.56
N ILE A 598 38.54 9.80 -13.60
CA ILE A 598 39.57 9.18 -14.40
C ILE A 598 40.76 8.95 -13.51
N THR A 599 41.32 7.73 -13.55
CA THR A 599 42.47 7.43 -12.75
C THR A 599 43.34 6.33 -13.32
N PRO A 600 44.64 6.53 -13.39
CA PRO A 600 45.53 5.39 -13.51
C PRO A 600 45.40 4.59 -12.25
N GLY A 601 45.75 3.31 -12.32
CA GLY A 601 45.63 2.47 -11.15
C GLY A 601 46.37 3.06 -9.97
N THR A 602 45.80 2.97 -8.77
CA THR A 602 46.54 3.39 -7.60
C THR A 602 47.88 2.69 -7.46
N ASN A 603 48.05 1.55 -8.11
CA ASN A 603 49.37 0.95 -8.16
C ASN A 603 50.34 1.80 -8.95
N THR A 604 49.86 2.84 -9.62
CA THR A 604 50.77 3.72 -10.33
C THR A 604 50.94 5.06 -9.62
N SER A 605 49.83 5.73 -9.32
CA SER A 605 49.93 7.03 -8.68
C SER A 605 48.60 7.37 -8.02
N ASN A 606 48.67 8.26 -7.05
CA ASN A 606 47.49 8.74 -6.35
C ASN A 606 46.87 9.94 -7.04
N GLU A 607 47.22 10.19 -8.28
CA GLU A 607 46.72 11.34 -9.01
C GLU A 607 45.54 10.92 -9.87
N VAL A 608 44.57 11.81 -9.99
CA VAL A 608 43.34 11.54 -10.73
C VAL A 608 43.00 12.76 -11.57
N ALA A 609 41.88 12.66 -12.29
CA ALA A 609 41.35 13.81 -13.02
C ALA A 609 39.86 13.62 -13.13
N VAL A 610 39.12 14.62 -12.83
CA VAL A 610 37.68 14.49 -12.73
C VAL A 610 37.07 14.86 -14.06
N LEU A 611 35.89 14.32 -14.34
CA LEU A 611 35.16 14.62 -15.56
C LEU A 611 33.71 14.88 -15.17
N TYR A 612 33.30 16.13 -15.26
CA TYR A 612 31.90 16.45 -15.08
C TYR A 612 31.17 16.27 -16.39
N GLN A 613 30.09 15.50 -16.39
CA GLN A 613 29.42 15.15 -17.63
C GLN A 613 28.46 16.24 -18.03
N ASP A 614 28.58 16.71 -19.26
CA ASP A 614 27.62 17.64 -19.85
C ASP A 614 27.48 18.94 -19.08
N VAL A 615 28.56 19.72 -18.98
CA VAL A 615 28.50 21.07 -18.47
C VAL A 615 29.37 21.95 -19.36
N ASN A 616 29.06 23.24 -19.39
CA ASN A 616 29.86 24.14 -20.22
C ASN A 616 31.21 24.42 -19.60
N CYS A 617 31.53 23.72 -18.51
CA CYS A 617 32.87 23.82 -17.91
C CYS A 617 33.11 25.23 -17.39
N THR A 618 32.05 26.00 -17.23
CA THR A 618 32.12 27.23 -16.47
C THR A 618 31.21 27.20 -15.26
N GLU A 619 30.61 26.05 -14.96
CA GLU A 619 29.73 25.92 -13.82
C GLU A 619 30.33 25.09 -12.70
N VAL A 620 31.56 24.65 -12.85
CA VAL A 620 32.20 23.87 -11.81
C VAL A 620 32.64 24.79 -10.68
N ASN A 641 45.07 22.83 -18.07
CA ASN A 641 44.66 22.21 -16.81
C ASN A 641 43.16 21.93 -16.79
N VAL A 642 42.40 22.67 -17.60
CA VAL A 642 40.96 22.52 -17.65
C VAL A 642 40.57 22.39 -19.12
N PHE A 643 40.27 21.17 -19.54
CA PHE A 643 39.91 20.88 -20.91
C PHE A 643 38.39 20.81 -21.02
N GLN A 644 37.86 21.21 -22.15
CA GLN A 644 36.43 21.10 -22.40
C GLN A 644 36.21 20.18 -23.60
N THR A 645 35.61 19.02 -23.37
CA THR A 645 35.43 18.02 -24.41
C THR A 645 34.00 18.03 -24.88
N ARG A 646 33.74 17.29 -25.95
CA ARG A 646 32.38 17.06 -26.37
C ARG A 646 31.63 16.15 -25.41
N ALA A 647 32.30 15.62 -24.41
CA ALA A 647 31.64 14.83 -23.38
C ALA A 647 31.30 15.62 -22.13
N GLY A 648 32.18 16.53 -21.73
CA GLY A 648 31.94 17.33 -20.56
C GLY A 648 33.09 18.25 -20.27
N CYS A 649 33.39 18.46 -19.00
CA CYS A 649 34.44 19.38 -18.59
C CYS A 649 35.51 18.58 -17.88
N LEU A 650 36.58 18.26 -18.58
CA LEU A 650 37.66 17.49 -17.99
C LEU A 650 38.52 18.42 -17.14
N ILE A 651 38.79 18.01 -15.91
CA ILE A 651 39.51 18.83 -14.96
C ILE A 651 40.69 18.04 -14.44
N GLY A 652 41.89 18.54 -14.68
CA GLY A 652 43.08 17.89 -14.19
C GLY A 652 43.84 17.08 -15.20
N ALA A 653 43.70 17.36 -16.48
CA ALA A 653 44.43 16.64 -17.50
C ALA A 653 44.77 17.58 -18.64
N GLU A 654 46.02 17.52 -19.10
CA GLU A 654 46.46 18.35 -20.21
C GLU A 654 45.87 17.83 -21.52
N HIS A 655 45.64 18.73 -22.45
CA HIS A 655 45.10 18.34 -23.75
C HIS A 655 46.21 18.39 -24.77
N VAL A 656 46.68 17.22 -25.17
CA VAL A 656 47.84 17.11 -26.02
C VAL A 656 47.39 17.11 -27.47
N ASN A 657 48.29 17.51 -28.35
CA ASN A 657 48.08 17.40 -29.79
C ASN A 657 48.46 16.04 -30.34
N ASN A 658 48.99 15.14 -29.51
CA ASN A 658 49.46 13.85 -29.99
C ASN A 658 48.28 12.92 -30.21
N SER A 659 48.56 11.63 -30.39
CA SER A 659 47.51 10.64 -30.56
C SER A 659 48.04 9.26 -30.28
N TYR A 660 47.55 8.60 -29.25
CA TYR A 660 47.99 7.25 -28.93
C TYR A 660 46.76 6.36 -28.84
N GLU A 661 47.00 5.06 -28.72
CA GLU A 661 45.91 4.12 -28.58
C GLU A 661 45.09 4.46 -27.34
N CYS A 662 43.79 4.18 -27.41
CA CYS A 662 42.90 4.56 -26.32
C CYS A 662 43.19 3.73 -25.10
N ASP A 663 43.62 4.39 -24.02
CA ASP A 663 43.93 3.72 -22.77
C ASP A 663 42.72 3.73 -21.83
N ILE A 664 42.21 4.91 -21.52
CA ILE A 664 41.00 5.03 -20.72
C ILE A 664 39.97 5.78 -21.54
N PRO A 665 38.83 5.17 -21.87
CA PRO A 665 37.86 5.84 -22.73
C PRO A 665 37.19 6.96 -21.96
N ILE A 666 36.81 8.01 -22.68
CA ILE A 666 36.11 9.13 -22.08
C ILE A 666 34.79 9.35 -22.79
N GLY A 667 34.85 9.59 -24.08
CA GLY A 667 33.67 9.88 -24.85
C GLY A 667 34.02 10.76 -26.03
N ALA A 668 33.17 10.71 -27.04
CA ALA A 668 33.32 11.54 -28.21
C ALA A 668 34.68 11.39 -28.86
N GLY A 669 35.39 10.33 -28.55
CA GLY A 669 36.66 10.08 -29.18
C GLY A 669 37.87 10.49 -28.35
N ILE A 670 37.67 11.08 -27.21
CA ILE A 670 38.77 11.50 -26.34
C ILE A 670 39.15 10.34 -25.45
N CYS A 671 40.44 10.12 -25.26
CA CYS A 671 40.91 9.09 -24.36
C CYS A 671 42.04 9.65 -23.52
N ALA A 672 42.04 9.31 -22.23
CA ALA A 672 43.02 9.82 -21.30
C ALA A 672 43.95 8.71 -20.84
N SER A 673 45.17 9.08 -20.47
CA SER A 673 46.17 8.12 -20.03
C SER A 673 47.25 8.82 -19.24
N TYR A 674 47.93 8.07 -18.41
CA TYR A 674 48.93 8.59 -17.49
C TYR A 674 50.32 8.43 -18.10
N GLN A 675 50.91 9.53 -18.53
CA GLN A 675 52.20 9.47 -19.21
C GLN A 675 53.03 10.69 -18.88
N THR A 676 54.29 10.64 -19.29
CA THR A 676 55.20 11.76 -19.09
C THR A 676 54.79 12.94 -19.96
N SER A 689 57.00 13.79 -12.53
CA SER A 689 57.19 14.49 -13.79
C SER A 689 56.10 14.15 -14.79
N GLN A 690 55.50 12.98 -14.61
CA GLN A 690 54.41 12.55 -15.48
C GLN A 690 53.09 13.11 -14.95
N SER A 691 52.05 12.95 -15.75
CA SER A 691 50.74 13.50 -15.42
C SER A 691 49.70 12.68 -16.18
N ILE A 692 48.50 13.22 -16.27
CA ILE A 692 47.39 12.60 -16.98
C ILE A 692 47.07 13.46 -18.19
N ILE A 693 47.14 12.88 -19.37
CA ILE A 693 46.89 13.58 -20.61
C ILE A 693 45.61 13.06 -21.24
N ALA A 694 44.97 13.90 -22.02
CA ALA A 694 43.72 13.56 -22.70
C ALA A 694 43.87 13.93 -24.16
N TYR A 695 43.89 12.93 -25.03
CA TYR A 695 44.14 13.14 -26.44
C TYR A 695 42.95 12.66 -27.23
N THR A 696 43.04 12.79 -28.56
CA THR A 696 42.03 12.27 -29.46
C THR A 696 42.55 10.98 -30.06
N MET A 697 42.00 9.86 -29.61
CA MET A 697 42.61 8.55 -29.84
C MET A 697 42.88 8.34 -31.31
N SER A 698 43.97 7.64 -31.59
CA SER A 698 44.30 7.30 -32.96
C SER A 698 43.90 5.86 -33.22
N LEU A 699 43.53 5.60 -34.46
CA LEU A 699 42.98 4.32 -34.86
C LEU A 699 44.03 3.35 -35.36
N GLY A 700 45.28 3.76 -35.46
CA GLY A 700 46.34 2.88 -35.91
C GLY A 700 47.25 3.61 -36.87
N ALA A 701 48.43 3.05 -37.08
CA ALA A 701 49.40 3.62 -37.99
C ALA A 701 48.86 3.53 -39.41
N GLU A 702 48.62 4.67 -40.04
CA GLU A 702 48.16 4.65 -41.42
C GLU A 702 49.19 3.99 -42.31
N ASN A 703 48.73 3.51 -43.46
CA ASN A 703 49.55 2.67 -44.30
C ASN A 703 48.99 2.68 -45.70
N SER A 704 49.86 2.95 -46.67
CA SER A 704 49.47 3.04 -48.07
C SER A 704 50.10 1.86 -48.79
N VAL A 705 49.27 0.90 -49.20
CA VAL A 705 49.80 -0.26 -49.90
C VAL A 705 50.21 0.13 -51.30
N ALA A 706 51.39 -0.31 -51.69
CA ALA A 706 51.94 0.03 -53.00
C ALA A 706 51.16 -0.74 -54.05
N TYR A 707 49.96 -0.27 -54.31
CA TYR A 707 49.10 -0.87 -55.32
C TYR A 707 49.55 -0.43 -56.69
N SER A 708 49.35 -1.29 -57.67
CA SER A 708 49.59 -0.93 -59.05
C SER A 708 48.60 -1.71 -59.90
N ASN A 709 48.86 -1.77 -61.19
CA ASN A 709 48.10 -2.67 -62.03
C ASN A 709 48.91 -3.88 -62.42
N ASN A 710 50.17 -3.96 -62.01
CA ASN A 710 50.95 -5.15 -62.32
C ASN A 710 51.89 -5.56 -61.21
N SER A 711 51.61 -5.21 -59.96
CA SER A 711 52.51 -5.53 -58.86
C SER A 711 51.77 -6.38 -57.86
N ILE A 712 52.32 -7.54 -57.54
CA ILE A 712 51.74 -8.45 -56.57
C ILE A 712 52.78 -8.76 -55.52
N ALA A 713 52.34 -8.87 -54.28
CA ALA A 713 53.25 -9.18 -53.18
C ALA A 713 52.95 -10.56 -52.65
N ILE A 714 53.97 -11.40 -52.67
CA ILE A 714 53.82 -12.80 -52.31
C ILE A 714 54.70 -13.09 -51.11
N PRO A 715 54.22 -13.83 -50.12
CA PRO A 715 55.09 -14.17 -48.99
C PRO A 715 56.10 -15.22 -49.39
N THR A 716 57.13 -15.34 -48.57
CA THR A 716 58.18 -16.32 -48.79
C THR A 716 58.33 -17.17 -47.54
N ASN A 717 57.96 -16.62 -46.41
CA ASN A 717 58.06 -17.30 -45.14
C ASN A 717 56.74 -17.26 -44.41
N PHE A 718 56.64 -18.00 -43.32
CA PHE A 718 55.39 -18.07 -42.57
C PHE A 718 55.69 -18.17 -41.10
N THR A 719 54.72 -17.82 -40.29
CA THR A 719 54.82 -17.98 -38.85
C THR A 719 53.56 -18.60 -38.32
N ILE A 720 53.71 -19.53 -37.38
CA ILE A 720 52.59 -20.29 -36.84
C ILE A 720 52.22 -19.69 -35.50
N SER A 721 51.33 -18.72 -35.51
CA SER A 721 50.93 -18.16 -34.23
C SER A 721 49.97 -19.10 -33.54
N VAL A 722 49.81 -18.92 -32.24
CA VAL A 722 48.87 -19.71 -31.45
C VAL A 722 48.10 -18.80 -30.54
N THR A 723 46.91 -18.41 -30.93
CA THR A 723 46.13 -17.46 -30.15
C THR A 723 45.19 -18.22 -29.22
N THR A 724 44.55 -17.51 -28.31
CA THR A 724 43.69 -18.11 -27.31
C THR A 724 42.33 -17.44 -27.41
N GLU A 725 41.27 -18.19 -27.13
CA GLU A 725 39.94 -17.60 -27.16
C GLU A 725 39.13 -18.19 -26.00
N ILE A 726 38.64 -17.35 -25.13
CA ILE A 726 38.05 -17.79 -23.89
C ILE A 726 36.56 -17.54 -23.93
N LEU A 727 35.76 -18.53 -23.56
CA LEU A 727 34.34 -18.34 -23.61
C LEU A 727 33.68 -18.86 -22.34
N PRO A 728 32.78 -18.10 -21.74
CA PRO A 728 32.00 -18.63 -20.63
C PRO A 728 31.00 -19.63 -21.14
N VAL A 729 30.73 -20.64 -20.33
CA VAL A 729 29.79 -21.69 -20.71
C VAL A 729 28.69 -21.90 -19.69
N SER A 730 28.87 -21.60 -18.42
CA SER A 730 27.81 -21.90 -17.47
C SER A 730 27.89 -20.99 -16.26
N MET A 731 26.74 -20.59 -15.77
CA MET A 731 26.64 -19.86 -14.51
C MET A 731 26.73 -20.86 -13.37
N THR A 732 26.42 -20.43 -12.15
CA THR A 732 26.33 -21.35 -11.02
C THR A 732 24.89 -21.69 -10.76
N LYS A 733 24.58 -22.97 -10.71
CA LYS A 733 23.20 -23.41 -10.58
C LYS A 733 22.71 -23.01 -9.21
N THR A 734 21.98 -21.91 -9.14
CA THR A 734 21.46 -21.39 -7.88
C THR A 734 19.97 -21.60 -7.78
N SER A 735 19.51 -21.94 -6.58
CA SER A 735 18.08 -22.03 -6.33
C SER A 735 17.77 -21.26 -5.07
N VAL A 736 16.58 -20.67 -5.04
CA VAL A 736 16.17 -19.76 -3.98
C VAL A 736 14.76 -20.11 -3.58
N ASP A 737 14.62 -20.72 -2.42
CA ASP A 737 13.29 -21.01 -1.86
C ASP A 737 12.62 -19.68 -1.58
N CYS A 738 11.50 -19.40 -2.26
CA CYS A 738 10.84 -18.12 -2.05
C CYS A 738 10.45 -17.96 -0.59
N THR A 739 9.83 -18.99 -0.02
CA THR A 739 9.21 -18.86 1.29
C THR A 739 10.25 -18.58 2.36
N MET A 740 11.20 -19.50 2.52
CA MET A 740 12.22 -19.27 3.55
C MET A 740 12.94 -17.95 3.33
N TYR A 741 12.92 -17.42 2.12
CA TYR A 741 13.50 -16.10 1.92
C TYR A 741 12.59 -15.01 2.46
N ILE A 742 11.38 -14.92 1.91
CA ILE A 742 10.49 -13.82 2.23
C ILE A 742 10.05 -13.89 3.68
N CYS A 743 9.64 -15.07 4.13
CA CYS A 743 8.99 -15.22 5.42
C CYS A 743 9.69 -16.25 6.29
N GLY A 744 11.00 -16.13 6.43
CA GLY A 744 11.76 -17.12 7.16
C GLY A 744 11.25 -17.40 8.56
N ASP A 745 10.68 -18.60 8.74
CA ASP A 745 10.28 -19.10 10.06
C ASP A 745 9.26 -18.19 10.73
N SER A 746 8.19 -17.86 10.02
CA SER A 746 7.09 -17.07 10.57
C SER A 746 5.80 -17.57 9.93
N THR A 747 5.07 -18.41 10.66
CA THR A 747 3.87 -19.01 10.10
C THR A 747 2.88 -17.93 9.66
N GLU A 748 2.71 -16.89 10.47
CA GLU A 748 1.84 -15.80 10.09
C GLU A 748 2.27 -15.23 8.75
N CYS A 749 3.58 -15.05 8.56
CA CYS A 749 4.07 -14.48 7.32
C CYS A 749 3.77 -15.38 6.14
N SER A 750 3.98 -16.68 6.30
CA SER A 750 3.69 -17.60 5.20
C SER A 750 2.22 -17.56 4.84
N ASN A 751 1.35 -17.55 5.84
CA ASN A 751 -0.07 -17.55 5.57
C ASN A 751 -0.50 -16.25 4.92
N LEU A 752 0.17 -15.15 5.26
CA LEU A 752 -0.08 -13.91 4.52
C LEU A 752 0.37 -14.06 3.08
N LEU A 753 1.57 -14.60 2.87
CA LEU A 753 2.11 -14.69 1.52
C LEU A 753 1.21 -15.51 0.62
N LEU A 754 0.60 -16.56 1.17
CA LEU A 754 -0.30 -17.38 0.37
C LEU A 754 -1.36 -16.54 -0.34
N GLN A 755 -1.66 -15.35 0.16
CA GLN A 755 -2.63 -14.50 -0.49
C GLN A 755 -2.14 -13.93 -1.81
N TYR A 756 -0.83 -13.90 -2.05
CA TYR A 756 -0.32 -13.37 -3.30
C TYR A 756 -0.34 -14.41 -4.41
N GLY A 757 -0.72 -15.63 -4.12
CA GLY A 757 -0.89 -16.60 -5.17
C GLY A 757 0.35 -17.41 -5.48
N SER A 758 0.62 -17.59 -6.77
CA SER A 758 1.58 -18.56 -7.23
C SER A 758 2.93 -17.95 -7.56
N PHE A 759 3.27 -16.81 -6.96
CA PHE A 759 4.56 -16.19 -7.28
C PHE A 759 5.72 -17.11 -6.91
N CYS A 760 5.69 -17.71 -5.73
CA CYS A 760 6.74 -18.66 -5.41
C CYS A 760 6.85 -19.76 -6.43
N THR A 761 5.74 -20.40 -6.78
CA THR A 761 5.85 -21.48 -7.76
C THR A 761 6.49 -20.99 -9.04
N GLN A 762 6.14 -19.77 -9.45
CA GLN A 762 6.67 -19.23 -10.69
C GLN A 762 8.17 -19.00 -10.60
N LEU A 763 8.62 -18.34 -9.54
CA LEU A 763 10.04 -18.04 -9.41
C LEU A 763 10.85 -19.31 -9.26
N ASN A 764 10.35 -20.26 -8.46
CA ASN A 764 11.08 -21.52 -8.33
C ASN A 764 11.19 -22.22 -9.67
N ARG A 765 10.12 -22.22 -10.45
CA ARG A 765 10.20 -22.89 -11.74
C ARG A 765 11.19 -22.19 -12.65
N ALA A 766 11.23 -20.86 -12.62
CA ALA A 766 12.19 -20.15 -13.46
C ALA A 766 13.62 -20.50 -13.08
N LEU A 767 13.93 -20.42 -11.79
CA LEU A 767 15.30 -20.70 -11.38
C LEU A 767 15.67 -22.15 -11.62
N THR A 768 14.71 -23.07 -11.56
CA THR A 768 15.05 -24.43 -11.93
C THR A 768 15.29 -24.56 -13.42
N GLY A 769 14.52 -23.83 -14.23
CA GLY A 769 14.78 -23.83 -15.66
C GLY A 769 16.20 -23.41 -15.97
N ILE A 770 16.66 -22.34 -15.32
CA ILE A 770 18.04 -21.89 -15.50
C ILE A 770 19.01 -22.96 -15.02
N ALA A 771 18.76 -23.51 -13.83
CA ALA A 771 19.68 -24.46 -13.25
C ALA A 771 19.82 -25.71 -14.08
N VAL A 772 18.82 -26.08 -14.86
CA VAL A 772 18.98 -27.23 -15.74
C VAL A 772 19.62 -26.82 -17.05
N GLU A 773 19.26 -25.65 -17.57
CA GLU A 773 19.89 -25.18 -18.78
C GLU A 773 21.40 -25.11 -18.64
N GLN A 774 21.91 -24.90 -17.43
CA GLN A 774 23.36 -24.88 -17.26
C GLN A 774 23.99 -26.23 -17.61
N ASP A 775 23.47 -27.30 -17.03
CA ASP A 775 24.00 -28.62 -17.34
C ASP A 775 23.80 -28.94 -18.81
N LYS A 776 22.71 -28.48 -19.40
CA LYS A 776 22.55 -28.69 -20.83
C LYS A 776 23.65 -27.98 -21.60
N ASN A 777 24.02 -26.78 -21.16
CA ASN A 777 25.08 -26.04 -21.84
C ASN A 777 26.38 -26.81 -21.82
N THR A 778 26.80 -27.22 -20.63
CA THR A 778 28.05 -27.94 -20.54
C THR A 778 28.00 -29.22 -21.36
N GLN A 779 26.86 -29.89 -21.34
CA GLN A 779 26.70 -31.10 -22.14
C GLN A 779 26.92 -30.81 -23.61
N GLU A 780 26.35 -29.73 -24.12
CA GLU A 780 26.46 -29.44 -25.54
C GLU A 780 27.87 -28.99 -25.90
N VAL A 781 28.53 -28.26 -25.01
CA VAL A 781 29.85 -27.75 -25.35
C VAL A 781 30.86 -28.88 -25.37
N PHE A 782 30.92 -29.67 -24.30
CA PHE A 782 32.01 -30.62 -24.18
C PHE A 782 31.66 -32.01 -24.69
N ALA A 783 30.52 -32.55 -24.30
CA ALA A 783 30.24 -33.93 -24.63
C ALA A 783 29.90 -34.12 -26.09
N GLN A 784 30.85 -33.87 -26.97
CA GLN A 784 30.63 -34.05 -28.39
C GLN A 784 31.31 -35.28 -28.93
N VAL A 785 32.10 -35.98 -28.13
CA VAL A 785 32.84 -37.14 -28.57
C VAL A 785 32.10 -38.38 -28.08
N LYS A 786 32.00 -39.39 -28.94
CA LYS A 786 31.23 -40.57 -28.59
C LYS A 786 32.00 -41.46 -27.62
N GLN A 787 33.29 -41.62 -27.84
CA GLN A 787 34.15 -42.45 -27.01
C GLN A 787 35.06 -41.54 -26.20
N ILE A 788 36.01 -42.14 -25.49
CA ILE A 788 36.99 -41.39 -24.72
C ILE A 788 38.36 -41.81 -25.21
N TYR A 789 38.90 -41.09 -26.19
CA TYR A 789 40.15 -41.49 -26.77
C TYR A 789 41.28 -41.29 -25.79
N LYS A 790 42.44 -41.84 -26.13
CA LYS A 790 43.62 -41.71 -25.29
C LYS A 790 44.84 -41.70 -26.19
N THR A 791 45.74 -40.76 -25.94
CA THR A 791 46.96 -40.72 -26.71
C THR A 791 47.73 -42.01 -26.50
N PRO A 792 48.52 -42.45 -27.47
CA PRO A 792 49.41 -43.57 -27.24
C PRO A 792 50.49 -43.15 -26.26
N PRO A 793 51.07 -44.09 -25.52
CA PRO A 793 52.09 -43.71 -24.55
C PRO A 793 53.29 -43.04 -25.18
N ILE A 794 53.77 -43.56 -26.30
CA ILE A 794 54.90 -42.96 -27.00
C ILE A 794 54.46 -41.62 -27.58
N LYS A 795 55.41 -40.80 -28.00
CA LYS A 795 55.11 -39.42 -28.39
C LYS A 795 55.79 -39.09 -29.71
N ASP A 796 55.63 -39.95 -30.72
CA ASP A 796 56.21 -39.69 -32.03
C ASP A 796 55.25 -38.84 -32.84
N PHE A 797 55.37 -37.53 -32.70
CA PHE A 797 54.47 -36.61 -33.40
C PHE A 797 55.23 -35.72 -34.35
N GLY A 798 56.11 -36.30 -35.15
CA GLY A 798 56.81 -35.52 -36.15
C GLY A 798 57.63 -34.39 -35.61
N GLY A 799 57.72 -34.25 -34.29
CA GLY A 799 58.50 -33.19 -33.70
C GLY A 799 57.71 -32.14 -32.96
N PHE A 800 56.40 -32.30 -32.84
CA PHE A 800 55.60 -31.35 -32.11
C PHE A 800 55.50 -31.83 -30.67
N ASN A 801 55.24 -30.91 -29.76
CA ASN A 801 55.32 -31.20 -28.33
C ASN A 801 54.04 -30.72 -27.65
N PHE A 802 53.19 -31.67 -27.28
CA PHE A 802 51.92 -31.36 -26.67
C PHE A 802 51.90 -31.59 -25.16
N SER A 803 53.07 -31.65 -24.53
CA SER A 803 53.08 -31.96 -23.11
C SER A 803 52.48 -30.86 -22.26
N GLN A 804 52.39 -29.65 -22.79
CA GLN A 804 51.79 -28.58 -22.00
C GLN A 804 50.28 -28.59 -22.03
N ILE A 805 49.67 -29.41 -22.87
CA ILE A 805 48.22 -29.50 -22.93
C ILE A 805 47.69 -30.90 -22.71
N LEU A 806 48.45 -31.93 -22.98
CA LEU A 806 47.98 -33.26 -22.66
C LEU A 806 48.00 -33.47 -21.14
N PRO A 807 47.12 -34.31 -20.62
CA PRO A 807 47.09 -34.49 -19.17
C PRO A 807 48.37 -35.15 -18.68
N ASP A 808 48.64 -34.99 -17.40
CA ASP A 808 49.67 -35.76 -16.72
C ASP A 808 49.08 -36.33 -15.44
N PRO A 809 49.37 -37.58 -15.10
CA PRO A 809 48.68 -38.24 -13.99
C PRO A 809 49.11 -37.76 -12.62
N SER A 810 50.02 -36.79 -12.53
CA SER A 810 50.66 -36.45 -11.27
C SER A 810 49.86 -35.45 -10.45
N LYS A 811 48.55 -35.35 -10.67
CA LYS A 811 47.75 -34.42 -9.88
C LYS A 811 46.45 -35.06 -9.41
N SER A 813 43.17 -34.77 -9.52
CA SER A 813 42.91 -33.78 -10.55
C SER A 813 43.70 -34.10 -11.80
N LYS A 814 43.24 -35.06 -12.58
CA LYS A 814 44.05 -35.50 -13.71
C LYS A 814 43.97 -34.50 -14.85
N ARG A 815 44.35 -33.26 -14.58
CA ARG A 815 44.31 -32.19 -15.57
C ARG A 815 45.69 -31.99 -16.17
N SER A 816 45.77 -31.05 -17.10
CA SER A 816 47.03 -30.74 -17.75
C SER A 816 47.56 -29.40 -17.25
N PHE A 817 48.71 -29.03 -17.79
CA PHE A 817 49.43 -27.88 -17.25
C PHE A 817 48.64 -26.60 -17.47
N ILE A 818 48.28 -26.31 -18.71
CA ILE A 818 47.60 -25.07 -18.98
C ILE A 818 46.22 -25.07 -18.35
N GLU A 819 45.59 -26.23 -18.23
CA GLU A 819 44.35 -26.29 -17.47
C GLU A 819 44.58 -25.87 -16.03
N ASP A 820 45.73 -26.21 -15.46
CA ASP A 820 46.05 -25.78 -14.10
C ASP A 820 46.21 -24.27 -14.05
N LEU A 821 47.05 -23.71 -14.93
CA LEU A 821 47.21 -22.27 -14.97
C LEU A 821 45.86 -21.59 -15.06
N LEU A 822 44.93 -22.17 -15.80
CA LEU A 822 43.61 -21.57 -15.92
C LEU A 822 42.84 -21.71 -14.63
N PHE A 823 42.92 -22.85 -13.97
CA PHE A 823 42.14 -23.04 -12.76
C PHE A 823 42.65 -22.20 -11.61
N ASN A 824 43.90 -21.77 -11.66
CA ASN A 824 44.40 -20.93 -10.58
C ASN A 824 44.18 -19.44 -10.84
N LYS A 825 44.06 -19.04 -12.09
CA LYS A 825 43.85 -17.62 -12.37
C LYS A 825 42.41 -17.17 -12.14
N VAL A 826 41.53 -18.04 -11.69
CA VAL A 826 40.15 -17.66 -11.41
C VAL A 826 39.89 -17.92 -9.94
N THR A 827 39.39 -16.89 -9.25
CA THR A 827 39.22 -16.93 -7.80
C THR A 827 37.88 -16.32 -7.40
N LYS A 854 23.78 -17.44 2.76
CA LYS A 854 23.69 -18.89 2.81
C LYS A 854 22.59 -19.28 3.78
N PHE A 855 21.92 -18.27 4.30
CA PHE A 855 21.00 -18.49 5.40
C PHE A 855 19.55 -18.50 4.98
N ASN A 856 19.25 -18.25 3.71
CA ASN A 856 17.89 -17.91 3.37
C ASN A 856 17.41 -18.66 2.13
N GLY A 857 17.61 -19.97 2.09
CA GLY A 857 17.22 -20.73 0.94
C GLY A 857 18.15 -20.60 -0.24
N LEU A 858 19.22 -19.84 -0.10
CA LEU A 858 20.16 -19.65 -1.20
C LEU A 858 21.00 -20.92 -1.35
N THR A 859 20.39 -21.95 -1.89
CA THR A 859 21.15 -23.15 -2.13
C THR A 859 21.86 -23.02 -3.45
N VAL A 860 23.06 -23.60 -3.54
CA VAL A 860 23.85 -23.58 -4.75
C VAL A 860 24.03 -25.03 -5.18
N LEU A 861 23.24 -25.46 -6.14
CA LEU A 861 23.32 -26.84 -6.60
C LEU A 861 24.68 -27.09 -7.22
N PRO A 862 25.12 -28.33 -7.26
CA PRO A 862 26.39 -28.65 -7.87
C PRO A 862 26.21 -28.95 -9.35
N PRO A 863 27.21 -28.67 -10.18
CA PRO A 863 27.08 -28.94 -11.60
C PRO A 863 27.15 -30.43 -11.85
N LEU A 864 26.36 -30.89 -12.83
CA LEU A 864 26.26 -32.33 -13.04
C LEU A 864 27.59 -32.93 -13.47
N LEU A 865 28.38 -32.20 -14.23
CA LEU A 865 29.68 -32.70 -14.67
C LEU A 865 30.77 -32.10 -13.79
N THR A 866 31.44 -32.95 -13.03
CA THR A 866 32.45 -32.39 -12.15
C THR A 866 33.76 -32.21 -12.91
N ASP A 867 34.58 -31.30 -12.41
CA ASP A 867 35.73 -30.82 -13.15
C ASP A 867 36.61 -31.93 -13.67
N GLU A 868 36.69 -33.05 -12.96
CA GLU A 868 37.46 -34.16 -13.49
C GLU A 868 36.85 -34.69 -14.77
N MET A 869 35.52 -34.74 -14.84
CA MET A 869 34.90 -35.29 -16.03
C MET A 869 35.01 -34.32 -17.19
N ILE A 870 34.95 -33.02 -16.91
CA ILE A 870 35.23 -32.04 -17.94
C ILE A 870 36.64 -32.23 -18.46
N ALA A 871 37.60 -32.41 -17.55
CA ALA A 871 38.96 -32.61 -18.00
C ALA A 871 39.07 -33.86 -18.85
N GLN A 872 38.31 -34.89 -18.52
CA GLN A 872 38.39 -36.10 -19.33
C GLN A 872 37.83 -35.88 -20.72
N TYR A 873 36.69 -35.20 -20.83
CA TYR A 873 36.17 -34.83 -22.14
C TYR A 873 37.21 -34.07 -22.96
N THR A 874 37.82 -33.04 -22.38
CA THR A 874 38.72 -32.27 -23.20
C THR A 874 39.96 -33.05 -23.54
N SER A 875 40.44 -33.91 -22.65
CA SER A 875 41.53 -34.79 -23.04
C SER A 875 41.12 -35.73 -24.15
N ALA A 876 39.87 -36.16 -24.16
CA ALA A 876 39.42 -37.02 -25.24
C ALA A 876 39.43 -36.29 -26.57
N LEU A 877 38.86 -35.09 -26.61
CA LEU A 877 38.86 -34.32 -27.85
C LEU A 877 40.29 -34.05 -28.31
N LEU A 878 41.16 -33.74 -27.37
CA LEU A 878 42.53 -33.42 -27.74
C LEU A 878 43.25 -34.65 -28.28
N ALA A 879 43.07 -35.80 -27.66
CA ALA A 879 43.69 -37.01 -28.17
C ALA A 879 43.14 -37.39 -29.53
N GLY A 880 41.85 -37.19 -29.73
CA GLY A 880 41.29 -37.46 -31.04
C GLY A 880 41.86 -36.58 -32.12
N THR A 881 41.94 -35.28 -31.86
CA THR A 881 42.50 -34.37 -32.86
C THR A 881 43.96 -34.68 -33.12
N ILE A 882 44.69 -35.09 -32.09
CA ILE A 882 46.11 -35.35 -32.27
C ILE A 882 46.34 -36.60 -33.09
N THR A 883 45.63 -37.67 -32.79
CA THR A 883 45.92 -38.95 -33.39
C THR A 883 45.10 -39.27 -34.63
N SER A 884 44.02 -38.54 -34.90
CA SER A 884 43.11 -38.95 -35.95
C SER A 884 42.62 -37.82 -36.83
N GLY A 885 43.12 -36.62 -36.67
CA GLY A 885 42.67 -35.55 -37.53
C GLY A 885 41.24 -35.18 -37.20
N TRP A 886 40.49 -34.81 -38.22
CA TRP A 886 39.09 -34.50 -38.03
C TRP A 886 38.20 -35.71 -38.08
N THR A 887 38.69 -36.83 -38.61
CA THR A 887 37.81 -37.95 -38.91
C THR A 887 37.05 -38.42 -37.69
N PHE A 888 37.58 -38.20 -36.49
CA PHE A 888 36.86 -38.67 -35.33
C PHE A 888 35.60 -37.90 -35.07
N GLY A 889 35.34 -36.85 -35.82
CA GLY A 889 34.12 -36.11 -35.64
C GLY A 889 33.12 -36.47 -36.71
N ALA A 890 33.57 -37.19 -37.73
CA ALA A 890 32.71 -37.61 -38.81
C ALA A 890 32.29 -39.06 -38.70
N GLY A 891 32.88 -39.82 -37.78
CA GLY A 891 32.56 -41.22 -37.69
C GLY A 891 33.54 -41.98 -36.83
N ALA A 892 34.06 -43.07 -37.35
CA ALA A 892 35.05 -43.83 -36.63
C ALA A 892 36.40 -43.15 -36.73
N ALA A 893 37.11 -43.04 -35.62
CA ALA A 893 38.39 -42.38 -35.63
C ALA A 893 39.40 -43.20 -36.42
N LEU A 894 40.09 -42.57 -37.36
CA LEU A 894 41.10 -43.25 -38.16
C LEU A 894 42.44 -42.60 -37.90
N GLN A 895 43.38 -43.37 -37.36
CA GLN A 895 44.67 -42.81 -37.02
C GLN A 895 45.44 -42.44 -38.28
N ILE A 896 46.34 -41.49 -38.14
CA ILE A 896 47.12 -40.99 -39.27
C ILE A 896 48.29 -40.19 -38.74
N PRO A 897 49.50 -40.43 -39.22
CA PRO A 897 50.68 -39.80 -38.65
C PRO A 897 50.53 -38.29 -38.62
N PHE A 898 50.92 -37.69 -37.51
CA PHE A 898 50.63 -36.27 -37.33
C PHE A 898 51.22 -35.42 -38.43
N ALA A 899 52.43 -35.73 -38.87
CA ALA A 899 53.02 -34.94 -39.94
C ALA A 899 52.10 -34.93 -41.15
N MET A 900 51.54 -36.08 -41.50
CA MET A 900 50.63 -36.08 -42.63
C MET A 900 49.37 -35.31 -42.33
N GLN A 901 48.94 -35.31 -41.07
CA GLN A 901 47.73 -34.54 -40.80
C GLN A 901 47.98 -33.07 -41.00
N MET A 902 49.12 -32.57 -40.55
CA MET A 902 49.41 -31.17 -40.84
C MET A 902 49.58 -30.95 -42.33
N ALA A 903 50.03 -31.97 -43.06
CA ALA A 903 50.06 -31.81 -44.50
C ALA A 903 48.67 -31.56 -45.03
N TYR A 904 47.70 -32.32 -44.57
CA TYR A 904 46.34 -32.08 -45.03
C TYR A 904 45.85 -30.72 -44.59
N ARG A 905 46.13 -30.35 -43.35
CA ARG A 905 45.66 -29.06 -42.88
C ARG A 905 46.22 -27.94 -43.71
N PHE A 906 47.51 -28.00 -44.05
CA PHE A 906 48.06 -27.02 -44.96
C PHE A 906 47.30 -27.05 -46.26
N ASN A 907 47.35 -28.20 -46.94
CA ASN A 907 46.77 -28.32 -48.26
C ASN A 907 45.34 -27.83 -48.28
N GLY A 908 44.74 -27.73 -47.10
CA GLY A 908 43.41 -27.17 -47.01
C GLY A 908 43.35 -25.67 -47.17
N ILE A 909 44.43 -24.96 -46.91
CA ILE A 909 44.41 -23.51 -47.01
C ILE A 909 45.15 -23.03 -48.25
N GLY A 910 45.35 -23.90 -49.23
CA GLY A 910 45.99 -23.49 -50.45
C GLY A 910 47.49 -23.35 -50.33
N VAL A 911 48.14 -24.29 -49.67
CA VAL A 911 49.59 -24.33 -49.59
C VAL A 911 49.98 -25.78 -49.77
N THR A 912 50.64 -26.09 -50.89
CA THR A 912 50.92 -27.47 -51.20
C THR A 912 51.73 -28.13 -50.11
N GLN A 913 51.69 -29.47 -50.09
CA GLN A 913 52.23 -30.20 -48.96
C GLN A 913 53.73 -30.04 -48.84
N ASN A 914 54.43 -29.96 -49.96
CA ASN A 914 55.88 -29.93 -49.87
C ASN A 914 56.36 -28.76 -49.05
N VAL A 915 55.57 -27.70 -48.94
CA VAL A 915 55.92 -26.60 -48.06
C VAL A 915 56.03 -27.10 -46.63
N LEU A 916 55.11 -27.97 -46.21
CA LEU A 916 55.22 -28.50 -44.86
C LEU A 916 56.35 -29.52 -44.77
N TYR A 917 56.38 -30.49 -45.66
CA TYR A 917 57.34 -31.56 -45.49
C TYR A 917 58.77 -31.05 -45.54
N GLU A 918 59.04 -30.03 -46.34
CA GLU A 918 60.39 -29.50 -46.38
C GLU A 918 60.71 -28.68 -45.14
N ASN A 919 59.71 -28.18 -44.45
CA ASN A 919 59.94 -27.30 -43.31
C ASN A 919 59.41 -27.89 -42.02
N GLN A 920 59.40 -29.22 -41.92
CA GLN A 920 58.77 -29.84 -40.77
C GLN A 920 59.42 -29.42 -39.47
N LYS A 921 60.75 -29.39 -39.43
CA LYS A 921 61.41 -29.07 -38.19
C LYS A 921 61.19 -27.61 -37.82
N LEU A 922 61.22 -26.71 -38.81
CA LEU A 922 60.98 -25.31 -38.51
C LEU A 922 59.57 -25.10 -37.99
N ILE A 923 58.59 -25.75 -38.60
CA ILE A 923 57.23 -25.60 -38.12
C ILE A 923 57.09 -26.17 -36.72
N ALA A 924 57.73 -27.31 -36.47
CA ALA A 924 57.68 -27.87 -35.13
C ALA A 924 58.22 -26.88 -34.11
N ASN A 925 59.37 -26.29 -34.39
CA ASN A 925 59.96 -25.37 -33.43
C ASN A 925 59.06 -24.17 -33.21
N GLN A 926 58.47 -23.64 -34.28
CA GLN A 926 57.61 -22.49 -34.12
C GLN A 926 56.38 -22.83 -33.29
N PHE A 927 55.80 -24.00 -33.52
CA PHE A 927 54.61 -24.37 -32.78
C PHE A 927 54.94 -24.60 -31.31
N ASN A 928 56.04 -25.29 -31.00
CA ASN A 928 56.41 -25.48 -29.61
C ASN A 928 56.67 -24.14 -28.93
N SER A 929 57.45 -23.27 -29.56
CA SER A 929 57.74 -21.99 -28.93
C SER A 929 56.46 -21.18 -28.72
N ALA A 930 55.51 -21.29 -29.65
CA ALA A 930 54.27 -20.54 -29.48
C ALA A 930 53.48 -21.07 -28.31
N ILE A 931 53.39 -22.39 -28.15
CA ILE A 931 52.75 -22.94 -26.97
C ILE A 931 53.43 -22.40 -25.72
N GLY A 932 54.75 -22.34 -25.73
CA GLY A 932 55.45 -21.82 -24.57
C GLY A 932 55.09 -20.38 -24.26
N LYS A 933 54.98 -19.56 -25.31
CA LYS A 933 54.60 -18.17 -25.08
C LYS A 933 53.20 -18.09 -24.50
N ILE A 934 52.30 -18.98 -24.92
CA ILE A 934 50.96 -18.99 -24.31
C ILE A 934 51.07 -19.31 -22.83
N GLN A 935 51.88 -20.30 -22.51
CA GLN A 935 52.09 -20.68 -21.11
C GLN A 935 52.51 -19.47 -20.30
N ASP A 936 53.50 -18.74 -20.80
CA ASP A 936 54.00 -17.57 -20.08
C ASP A 936 52.94 -16.48 -19.99
N SER A 937 52.29 -16.17 -21.11
CA SER A 937 51.29 -15.11 -21.13
C SER A 937 50.21 -15.37 -20.08
N LEU A 938 49.78 -16.62 -19.97
CA LEU A 938 48.79 -16.93 -18.95
C LEU A 938 49.40 -16.84 -17.55
N SER A 939 50.60 -17.38 -17.38
CA SER A 939 51.20 -17.46 -16.06
C SER A 939 51.50 -16.10 -15.45
N SER A 940 51.75 -15.09 -16.27
CA SER A 940 52.17 -13.79 -15.76
C SER A 940 51.00 -12.83 -15.57
N THR A 941 50.30 -12.50 -16.64
CA THR A 941 49.14 -11.63 -16.55
C THR A 941 47.87 -12.46 -16.48
N ALA A 942 46.87 -11.93 -15.78
CA ALA A 942 45.62 -12.63 -15.56
C ALA A 942 44.41 -11.92 -16.15
N SER A 943 44.60 -10.71 -16.68
CA SER A 943 43.47 -9.99 -17.29
C SER A 943 43.07 -10.56 -18.63
N ALA A 944 43.65 -11.68 -19.04
CA ALA A 944 43.18 -12.38 -20.23
C ALA A 944 41.90 -13.16 -19.93
N LEU A 945 41.75 -13.64 -18.71
CA LEU A 945 40.57 -14.38 -18.29
C LEU A 945 39.49 -13.48 -17.74
N GLY A 946 39.43 -12.25 -18.20
CA GLY A 946 38.40 -11.35 -17.72
C GLY A 946 37.01 -11.85 -18.00
N LYS A 947 36.83 -12.63 -19.07
CA LYS A 947 35.48 -12.99 -19.45
C LYS A 947 34.82 -13.91 -18.43
N LEU A 948 35.52 -14.94 -17.96
CA LEU A 948 34.93 -15.82 -16.97
C LEU A 948 34.80 -15.14 -15.62
N GLN A 949 35.84 -14.43 -15.22
CA GLN A 949 35.80 -13.75 -13.94
C GLN A 949 34.67 -12.76 -13.89
N ASP A 950 34.33 -12.17 -15.02
CA ASP A 950 33.26 -11.19 -15.03
C ASP A 950 31.93 -11.85 -14.75
N VAL A 951 31.69 -13.03 -15.32
CA VAL A 951 30.47 -13.77 -15.03
C VAL A 951 30.39 -14.11 -13.56
N VAL A 952 31.48 -14.64 -13.01
CA VAL A 952 31.44 -15.03 -11.60
C VAL A 952 31.17 -13.82 -10.72
N ASN A 953 31.84 -12.70 -10.98
CA ASN A 953 31.61 -11.52 -10.16
C ASN A 953 30.20 -11.00 -10.33
N GLN A 954 29.65 -11.03 -11.54
CA GLN A 954 28.30 -10.53 -11.71
C GLN A 954 27.32 -11.34 -10.89
N ASN A 955 27.47 -12.66 -10.88
CA ASN A 955 26.54 -13.46 -10.08
C ASN A 955 26.77 -13.27 -8.59
N ALA A 956 28.03 -13.12 -8.18
CA ALA A 956 28.28 -12.88 -6.76
C ALA A 956 27.63 -11.58 -6.31
N GLN A 957 27.76 -10.52 -7.11
CA GLN A 957 27.14 -9.27 -6.73
C GLN A 957 25.63 -9.35 -6.78
N ALA A 958 25.08 -10.11 -7.71
CA ALA A 958 23.63 -10.25 -7.70
C ALA A 958 23.16 -10.91 -6.42
N LEU A 959 23.83 -11.98 -5.99
CA LEU A 959 23.46 -12.59 -4.72
C LEU A 959 23.65 -11.64 -3.56
N ASN A 960 24.73 -10.87 -3.55
CA ASN A 960 24.96 -9.99 -2.42
C ASN A 960 23.92 -8.90 -2.36
N THR A 961 23.48 -8.40 -3.51
CA THR A 961 22.40 -7.43 -3.48
C THR A 961 21.11 -8.09 -3.01
N LEU A 962 20.85 -9.31 -3.45
CA LEU A 962 19.65 -9.98 -2.99
C LEU A 962 19.64 -10.13 -1.49
N VAL A 963 20.78 -10.51 -0.91
CA VAL A 963 20.83 -10.69 0.54
C VAL A 963 20.73 -9.35 1.25
N LYS A 964 21.51 -8.36 0.84
CA LYS A 964 21.44 -7.08 1.51
C LYS A 964 20.09 -6.41 1.33
N GLN A 965 19.25 -6.89 0.43
CA GLN A 965 17.90 -6.37 0.47
C GLN A 965 17.16 -6.83 1.69
N LEU A 966 17.61 -7.88 2.38
CA LEU A 966 16.90 -8.33 3.56
C LEU A 966 16.94 -7.32 4.67
N SER A 967 17.96 -6.46 4.71
CA SER A 967 18.10 -5.50 5.78
C SER A 967 17.41 -4.18 5.47
N SER A 968 16.38 -4.16 4.65
CA SER A 968 15.70 -2.93 4.33
C SER A 968 14.25 -2.98 4.79
N ASN A 969 13.73 -1.82 5.16
CA ASN A 969 12.44 -1.71 5.82
C ASN A 969 11.29 -1.57 4.83
N PHE A 970 11.55 -1.02 3.66
CA PHE A 970 10.53 -0.78 2.65
C PHE A 970 9.40 0.08 3.17
N GLY A 971 9.66 0.89 4.19
CA GLY A 971 8.63 1.69 4.81
C GLY A 971 7.97 1.05 6.01
N ALA A 972 8.50 -0.05 6.52
CA ALA A 972 7.94 -0.69 7.68
C ALA A 972 8.67 -0.21 8.92
N ILE A 973 8.40 -0.87 10.05
CA ILE A 973 8.97 -0.45 11.32
C ILE A 973 10.40 -0.93 11.45
N SER A 974 10.58 -2.24 11.45
CA SER A 974 11.91 -2.83 11.60
C SER A 974 12.09 -3.92 10.56
N SER A 975 13.31 -4.06 10.07
CA SER A 975 13.60 -5.01 9.01
C SER A 975 13.55 -6.45 9.47
N VAL A 976 13.36 -6.71 10.75
CA VAL A 976 13.31 -8.06 11.28
C VAL A 976 11.85 -8.45 11.44
N LEU A 977 11.54 -9.70 11.10
CA LEU A 977 10.15 -10.12 11.14
C LEU A 977 9.69 -10.41 12.55
N ASN A 978 10.39 -11.31 13.26
CA ASN A 978 10.03 -11.63 14.64
C ASN A 978 9.92 -10.36 15.48
N ASP A 979 10.77 -9.38 15.19
CA ASP A 979 10.73 -8.12 15.93
C ASP A 979 9.40 -7.42 15.74
N ILE A 980 8.88 -7.40 14.51
CA ILE A 980 7.59 -6.76 14.27
C ILE A 980 6.47 -7.60 14.87
N LEU A 981 6.59 -8.92 14.81
CA LEU A 981 5.57 -9.77 15.41
C LEU A 981 5.48 -9.55 16.91
N SER A 982 6.62 -9.30 17.55
CA SER A 982 6.62 -9.06 18.99
C SER A 982 6.18 -7.64 19.33
N ARG A 983 6.80 -6.65 18.71
CA ARG A 983 6.61 -5.26 19.13
C ARG A 983 5.18 -4.80 18.95
N LEU A 984 4.41 -5.46 18.09
CA LEU A 984 3.03 -5.06 17.86
C LEU A 984 2.06 -6.22 17.99
N ASP A 985 0.82 -5.92 17.61
CA ASP A 985 -0.31 -6.82 17.54
C ASP A 985 -0.59 -7.22 16.10
N PRO A 986 -1.21 -8.37 15.89
CA PRO A 986 -1.54 -8.80 14.53
C PRO A 986 -2.34 -7.76 13.75
N PRO A 987 -3.29 -7.03 14.38
CA PRO A 987 -3.99 -5.98 13.62
C PRO A 987 -3.10 -4.89 13.03
N GLU A 988 -1.82 -4.84 13.41
CA GLU A 988 -0.88 -3.96 12.74
C GLU A 988 0.36 -4.69 12.23
N ALA A 989 0.75 -5.77 12.89
CA ALA A 989 1.78 -6.62 12.33
C ALA A 989 1.39 -7.08 10.94
N GLU A 990 0.10 -7.24 10.68
CA GLU A 990 -0.32 -7.62 9.33
C GLU A 990 0.10 -6.58 8.32
N VAL A 991 -0.14 -5.30 8.61
CA VAL A 991 0.20 -4.25 7.65
C VAL A 991 1.71 -4.13 7.50
N GLN A 992 2.43 -4.12 8.62
CA GLN A 992 3.88 -4.02 8.55
C GLN A 992 4.47 -5.17 7.75
N ILE A 993 4.05 -6.39 8.08
CA ILE A 993 4.48 -7.56 7.33
C ILE A 993 4.19 -7.37 5.86
N ASP A 994 2.92 -7.17 5.51
CA ASP A 994 2.54 -7.01 4.11
C ASP A 994 3.46 -6.04 3.38
N ARG A 995 3.87 -4.97 4.05
CA ARG A 995 4.87 -4.10 3.41
C ARG A 995 6.18 -4.85 3.19
N LEU A 996 6.66 -5.56 4.21
CA LEU A 996 7.92 -6.29 4.03
C LEU A 996 7.81 -7.34 2.94
N ILE A 997 6.68 -8.03 2.88
CA ILE A 997 6.51 -9.06 1.85
C ILE A 997 6.51 -8.42 0.48
N THR A 998 5.78 -7.34 0.30
CA THR A 998 5.80 -6.67 -0.99
C THR A 998 7.22 -6.29 -1.38
N GLY A 999 7.96 -5.72 -0.44
CA GLY A 999 9.31 -5.31 -0.75
C GLY A 999 10.21 -6.47 -1.13
N ARG A 1000 10.24 -7.51 -0.29
CA ARG A 1000 11.12 -8.63 -0.56
C ARG A 1000 10.70 -9.36 -1.82
N LEU A 1001 9.41 -9.44 -2.09
CA LEU A 1001 8.96 -10.09 -3.31
C LEU A 1001 9.42 -9.31 -4.52
N GLN A 1002 9.32 -8.00 -4.48
CA GLN A 1002 9.79 -7.22 -5.61
C GLN A 1002 11.29 -7.42 -5.82
N SER A 1003 12.04 -7.43 -4.73
CA SER A 1003 13.47 -7.65 -4.86
C SER A 1003 13.76 -9.02 -5.45
N LEU A 1004 13.00 -10.03 -5.05
CA LEU A 1004 13.23 -11.37 -5.57
C LEU A 1004 12.92 -11.45 -7.05
N GLN A 1005 11.80 -10.87 -7.48
CA GLN A 1005 11.51 -10.89 -8.90
C GLN A 1005 12.57 -10.15 -9.70
N THR A 1006 13.05 -9.03 -9.19
CA THR A 1006 14.10 -8.33 -9.91
C THR A 1006 15.33 -9.21 -10.06
N TYR A 1007 15.70 -9.91 -8.99
CA TYR A 1007 16.85 -10.79 -9.09
C TYR A 1007 16.61 -11.91 -10.10
N VAL A 1008 15.43 -12.52 -10.08
CA VAL A 1008 15.19 -13.63 -10.98
C VAL A 1008 15.15 -13.14 -12.43
N THR A 1009 14.69 -11.93 -12.66
CA THR A 1009 14.73 -11.42 -14.03
C THR A 1009 16.17 -11.15 -14.46
N GLN A 1010 16.98 -10.59 -13.58
CA GLN A 1010 18.40 -10.48 -13.90
C GLN A 1010 18.96 -11.85 -14.26
N GLN A 1011 18.59 -12.88 -13.50
CA GLN A 1011 19.16 -14.19 -13.79
C GLN A 1011 18.65 -14.73 -15.11
N LEU A 1012 17.38 -14.52 -15.43
CA LEU A 1012 16.86 -15.00 -16.69
C LEU A 1012 17.62 -14.37 -17.86
N ILE A 1013 17.82 -13.06 -17.80
CA ILE A 1013 18.51 -12.42 -18.91
C ILE A 1013 19.96 -12.86 -18.97
N ARG A 1014 20.64 -12.91 -17.83
CA ARG A 1014 22.04 -13.30 -17.88
C ARG A 1014 22.18 -14.74 -18.33
N ALA A 1015 21.22 -15.59 -18.01
CA ALA A 1015 21.31 -16.97 -18.47
C ALA A 1015 21.04 -17.07 -19.95
N ALA A 1016 20.15 -16.24 -20.50
CA ALA A 1016 20.02 -16.23 -21.95
C ALA A 1016 21.33 -15.82 -22.60
N GLU A 1017 22.02 -14.84 -22.03
CA GLU A 1017 23.28 -14.44 -22.62
C GLU A 1017 24.33 -15.53 -22.52
N ILE A 1018 24.43 -16.19 -21.37
CA ILE A 1018 25.40 -17.27 -21.25
C ILE A 1018 25.05 -18.41 -22.18
N ARG A 1019 23.76 -18.66 -22.40
CA ARG A 1019 23.42 -19.70 -23.37
C ARG A 1019 23.82 -19.27 -24.77
N ALA A 1020 23.76 -17.99 -25.06
CA ALA A 1020 24.28 -17.53 -26.35
C ALA A 1020 25.75 -17.87 -26.47
N SER A 1021 26.53 -17.55 -25.45
CA SER A 1021 27.95 -17.87 -25.54
C SER A 1021 28.21 -19.36 -25.50
N ALA A 1022 27.31 -20.13 -24.92
CA ALA A 1022 27.54 -21.58 -24.91
C ALA A 1022 27.24 -22.19 -26.26
N ASN A 1023 26.16 -21.78 -26.91
CA ASN A 1023 25.94 -22.23 -28.27
C ASN A 1023 27.08 -21.80 -29.17
N LEU A 1024 27.59 -20.59 -28.97
CA LEU A 1024 28.72 -20.16 -29.78
C LEU A 1024 29.93 -21.03 -29.52
N ALA A 1025 30.17 -21.38 -28.26
CA ALA A 1025 31.32 -22.23 -27.99
C ALA A 1025 31.12 -23.62 -28.58
N ALA A 1026 29.91 -24.13 -28.56
CA ALA A 1026 29.67 -25.43 -29.14
C ALA A 1026 29.94 -25.40 -30.63
N THR A 1027 29.45 -24.36 -31.30
CA THR A 1027 29.76 -24.21 -32.72
C THR A 1027 31.24 -24.11 -32.94
N LYS A 1028 31.93 -23.35 -32.09
CA LYS A 1028 33.34 -23.13 -32.33
C LYS A 1028 34.14 -24.40 -32.11
N MET A 1029 33.67 -25.27 -31.21
CA MET A 1029 34.37 -26.52 -31.00
C MET A 1029 34.04 -27.52 -32.09
N SER A 1030 32.81 -27.53 -32.57
CA SER A 1030 32.47 -28.50 -33.59
C SER A 1030 33.10 -28.13 -34.93
N GLU A 1031 33.22 -26.84 -35.21
CA GLU A 1031 33.79 -26.43 -36.48
C GLU A 1031 35.27 -26.15 -36.41
N CYS A 1032 35.81 -25.94 -35.24
CA CYS A 1032 37.16 -25.45 -35.11
C CYS A 1032 38.09 -26.48 -34.51
N VAL A 1033 37.58 -27.42 -33.73
CA VAL A 1033 38.39 -28.53 -33.26
C VAL A 1033 38.14 -29.76 -34.11
N LEU A 1034 36.92 -30.25 -34.11
CA LEU A 1034 36.55 -31.45 -34.85
C LEU A 1034 36.75 -31.30 -36.34
N GLY A 1035 37.23 -30.15 -36.80
CA GLY A 1035 37.52 -29.98 -38.20
C GLY A 1035 38.24 -28.67 -38.41
N GLN A 1036 38.63 -28.43 -39.64
CA GLN A 1036 39.31 -27.21 -40.02
C GLN A 1036 38.34 -26.31 -40.74
N SER A 1037 38.26 -25.06 -40.31
CA SER A 1037 37.28 -24.14 -40.85
C SER A 1037 37.90 -23.22 -41.87
N LYS A 1038 37.04 -22.65 -42.70
CA LYS A 1038 37.46 -21.64 -43.66
C LYS A 1038 36.67 -20.36 -43.46
N ARG A 1039 36.15 -20.14 -42.27
CA ARG A 1039 35.45 -18.91 -41.95
C ARG A 1039 36.46 -17.95 -41.37
N VAL A 1040 36.69 -16.82 -42.05
CA VAL A 1040 37.78 -15.95 -41.67
C VAL A 1040 37.56 -15.40 -40.29
N ASP A 1041 38.64 -15.29 -39.51
CA ASP A 1041 38.60 -14.74 -38.16
C ASP A 1041 37.64 -15.47 -37.25
N PHE A 1042 37.06 -16.57 -37.70
CA PHE A 1042 36.22 -17.33 -36.79
C PHE A 1042 37.04 -18.18 -35.86
N CYS A 1043 38.26 -18.47 -36.24
CA CYS A 1043 39.14 -19.37 -35.49
C CYS A 1043 40.50 -18.72 -35.29
N GLY A 1044 40.50 -17.48 -34.85
CA GLY A 1044 41.74 -16.80 -34.56
C GLY A 1044 42.29 -16.09 -35.77
N LYS A 1045 42.89 -14.92 -35.59
CA LYS A 1045 43.29 -14.09 -36.72
C LYS A 1045 44.30 -14.83 -37.57
N GLY A 1046 43.91 -15.17 -38.79
CA GLY A 1046 44.80 -15.80 -39.75
C GLY A 1046 44.17 -17.02 -40.38
N TYR A 1047 44.92 -17.60 -41.30
CA TYR A 1047 44.51 -18.87 -41.86
C TYR A 1047 44.50 -19.92 -40.77
N HIS A 1048 43.47 -20.75 -40.77
CA HIS A 1048 43.23 -21.67 -39.66
C HIS A 1048 43.83 -23.04 -39.94
N LEU A 1049 44.56 -23.57 -38.98
CA LEU A 1049 45.15 -24.89 -39.08
C LEU A 1049 44.45 -25.90 -38.19
N MET A 1050 44.28 -25.61 -36.92
CA MET A 1050 43.48 -26.48 -36.06
C MET A 1050 43.29 -25.77 -34.74
N SER A 1051 42.78 -26.49 -33.76
CA SER A 1051 42.66 -25.91 -32.45
C SER A 1051 42.59 -27.01 -31.41
N PHE A 1052 42.94 -26.67 -30.18
CA PHE A 1052 42.91 -27.61 -29.08
C PHE A 1052 42.14 -26.95 -27.96
N PRO A 1053 41.17 -27.63 -27.36
CA PRO A 1053 40.43 -27.01 -26.26
C PRO A 1053 41.09 -27.32 -24.94
N GLN A 1054 40.78 -26.48 -23.96
CA GLN A 1054 41.25 -26.67 -22.60
C GLN A 1054 40.12 -26.21 -21.68
N SER A 1055 39.86 -26.97 -20.63
CA SER A 1055 38.78 -26.59 -19.76
C SER A 1055 39.15 -25.36 -18.95
N ALA A 1056 38.16 -24.76 -18.31
CA ALA A 1056 38.43 -23.68 -17.38
C ALA A 1056 37.19 -23.52 -16.53
N PRO A 1057 37.32 -23.08 -15.31
CA PRO A 1057 36.16 -23.07 -14.42
C PRO A 1057 34.97 -22.34 -15.00
N HIS A 1058 33.91 -23.09 -15.32
CA HIS A 1058 32.75 -22.54 -16.00
C HIS A 1058 33.15 -21.89 -17.31
N GLY A 1059 33.69 -22.69 -18.21
CA GLY A 1059 33.98 -22.16 -19.53
C GLY A 1059 35.07 -22.95 -20.22
N VAL A 1060 35.31 -22.58 -21.47
CA VAL A 1060 36.26 -23.29 -22.29
C VAL A 1060 37.27 -22.29 -22.83
N VAL A 1061 38.43 -22.79 -23.22
CA VAL A 1061 39.53 -21.95 -23.68
C VAL A 1061 40.17 -22.65 -24.85
N PHE A 1062 40.10 -22.06 -26.03
CA PHE A 1062 40.67 -22.67 -27.22
C PHE A 1062 42.06 -22.12 -27.48
N LEU A 1063 42.87 -22.95 -28.11
CA LEU A 1063 44.17 -22.53 -28.62
C LEU A 1063 44.14 -22.66 -30.14
N HIS A 1064 43.70 -21.61 -30.83
CA HIS A 1064 43.58 -21.68 -32.26
C HIS A 1064 44.97 -21.68 -32.89
N VAL A 1065 45.47 -22.84 -33.30
CA VAL A 1065 46.73 -22.87 -34.02
C VAL A 1065 46.46 -22.44 -35.44
N THR A 1066 46.99 -21.29 -35.83
CA THR A 1066 46.75 -20.70 -37.13
C THR A 1066 48.06 -20.47 -37.87
N TYR A 1067 47.95 -20.16 -39.15
CA TYR A 1067 49.08 -20.00 -40.05
C TYR A 1067 49.05 -18.61 -40.64
N VAL A 1068 50.13 -17.86 -40.49
CA VAL A 1068 50.17 -16.44 -40.82
C VAL A 1068 51.33 -16.19 -41.78
N PRO A 1069 51.09 -15.66 -42.97
CA PRO A 1069 52.20 -15.39 -43.89
C PRO A 1069 53.08 -14.29 -43.36
N ALA A 1070 54.37 -14.38 -43.65
CA ALA A 1070 55.34 -13.65 -42.85
C ALA A 1070 56.01 -12.50 -43.58
N GLN A 1071 56.75 -12.75 -44.65
CA GLN A 1071 57.57 -11.71 -45.26
C GLN A 1071 57.53 -11.83 -46.76
N GLU A 1072 57.15 -10.75 -47.42
CA GLU A 1072 56.73 -10.79 -48.81
C GLU A 1072 57.78 -10.14 -49.69
N LYS A 1073 57.51 -10.19 -50.99
CA LYS A 1073 58.36 -9.55 -51.97
C LYS A 1073 57.53 -8.91 -53.06
N ASN A 1074 57.98 -7.76 -53.55
CA ASN A 1074 57.22 -6.99 -54.53
C ASN A 1074 57.52 -7.53 -55.92
N PHE A 1075 56.81 -8.59 -56.30
CA PHE A 1075 56.99 -9.16 -57.63
C PHE A 1075 56.12 -8.45 -58.64
N THR A 1076 56.46 -8.64 -59.91
CA THR A 1076 55.70 -8.13 -61.03
C THR A 1076 54.89 -9.25 -61.66
N THR A 1077 53.61 -8.98 -61.92
CA THR A 1077 52.71 -10.02 -62.38
C THR A 1077 52.07 -9.71 -63.71
N ALA A 1078 51.21 -10.60 -64.17
CA ALA A 1078 50.45 -10.40 -65.39
C ALA A 1078 49.38 -11.48 -65.47
N PRO A 1079 48.16 -11.12 -65.82
CA PRO A 1079 47.08 -12.11 -65.73
C PRO A 1079 47.26 -13.32 -66.62
N ALA A 1080 47.95 -13.22 -67.75
CA ALA A 1080 48.13 -14.37 -68.61
C ALA A 1080 49.35 -14.14 -69.48
N ILE A 1081 49.75 -15.16 -70.22
CA ILE A 1081 50.88 -15.02 -71.13
C ILE A 1081 50.54 -15.64 -72.48
N CYS A 1082 51.02 -15.02 -73.55
CA CYS A 1082 50.91 -15.55 -74.90
C CYS A 1082 52.19 -16.26 -75.26
N HIS A 1083 52.06 -17.45 -75.82
CA HIS A 1083 53.22 -18.11 -76.40
C HIS A 1083 53.09 -18.35 -77.88
N ASP A 1084 51.97 -18.90 -78.31
CA ASP A 1084 51.76 -19.23 -79.72
C ASP A 1084 50.46 -18.63 -80.19
N GLY A 1085 50.20 -17.40 -79.78
CA GLY A 1085 48.97 -16.73 -80.10
C GLY A 1085 47.81 -17.05 -79.19
N LYS A 1086 47.90 -18.09 -78.38
CA LYS A 1086 46.85 -18.48 -77.47
C LYS A 1086 47.18 -18.02 -76.06
N ALA A 1087 46.14 -17.69 -75.29
CA ALA A 1087 46.36 -17.21 -73.94
C ALA A 1087 46.57 -18.37 -72.99
N HIS A 1088 47.41 -18.16 -71.99
CA HIS A 1088 47.76 -19.21 -71.04
C HIS A 1088 47.47 -18.75 -69.62
N PHE A 1089 46.61 -19.41 -68.97
CA PHE A 1089 46.32 -19.00 -67.62
C PHE A 1089 46.83 -20.04 -66.63
N PRO A 1090 47.27 -19.63 -65.46
CA PRO A 1090 47.86 -20.60 -64.53
C PRO A 1090 46.78 -21.48 -63.93
N ARG A 1091 47.08 -22.77 -63.81
CA ARG A 1091 46.09 -23.69 -63.28
C ARG A 1091 45.72 -23.33 -61.86
N GLU A 1092 46.66 -23.44 -60.94
CA GLU A 1092 46.44 -23.04 -59.56
C GLU A 1092 47.72 -22.33 -59.10
N GLY A 1093 47.73 -21.04 -59.24
CA GLY A 1093 48.90 -20.24 -58.96
C GLY A 1093 48.72 -18.87 -59.52
N VAL A 1094 49.83 -18.20 -59.75
CA VAL A 1094 49.81 -16.84 -60.27
C VAL A 1094 51.14 -16.58 -60.95
N PHE A 1095 51.11 -15.80 -62.02
CA PHE A 1095 52.29 -15.53 -62.82
C PHE A 1095 53.07 -14.39 -62.19
N VAL A 1096 54.27 -14.67 -61.73
CA VAL A 1096 55.15 -13.64 -61.19
C VAL A 1096 56.39 -13.59 -62.05
N SER A 1097 57.21 -12.58 -61.80
CA SER A 1097 58.42 -12.38 -62.58
C SER A 1097 59.41 -11.56 -61.79
N ASN A 1098 60.63 -12.06 -61.65
CA ASN A 1098 61.66 -11.31 -60.95
C ASN A 1098 62.34 -10.29 -61.86
N GLY A 1099 61.64 -9.82 -62.89
CA GLY A 1099 62.17 -8.84 -63.80
C GLY A 1099 62.94 -9.42 -64.95
N THR A 1100 63.52 -10.60 -64.78
CA THR A 1100 64.31 -11.26 -65.81
C THR A 1100 63.57 -12.39 -66.50
N HIS A 1101 62.92 -13.25 -65.73
CA HIS A 1101 62.22 -14.39 -66.26
C HIS A 1101 60.81 -14.40 -65.69
N TRP A 1102 60.07 -15.46 -65.98
CA TRP A 1102 58.71 -15.58 -65.50
C TRP A 1102 58.52 -16.93 -64.85
N PHE A 1103 57.70 -16.97 -63.81
CA PHE A 1103 57.40 -18.23 -63.15
C PHE A 1103 55.95 -18.23 -62.73
N VAL A 1104 55.45 -19.40 -62.43
CA VAL A 1104 54.14 -19.54 -61.82
C VAL A 1104 54.32 -20.06 -60.42
N THR A 1105 53.67 -19.42 -59.45
CA THR A 1105 53.88 -19.78 -58.06
C THR A 1105 52.57 -19.79 -57.32
N GLN A 1106 52.46 -20.67 -56.34
CA GLN A 1106 51.25 -20.75 -55.57
C GLN A 1106 51.03 -19.44 -54.84
N ARG A 1107 49.76 -19.15 -54.54
CA ARG A 1107 49.40 -17.79 -54.16
C ARG A 1107 49.99 -17.41 -52.81
N ASN A 1108 50.23 -18.37 -51.93
CA ASN A 1108 50.54 -18.05 -50.55
C ASN A 1108 51.96 -18.38 -50.14
N PHE A 1109 52.81 -18.84 -51.05
CA PHE A 1109 54.17 -19.18 -50.64
C PHE A 1109 55.04 -19.18 -51.88
N TYR A 1110 55.92 -18.18 -51.97
CA TYR A 1110 56.72 -18.01 -53.17
C TYR A 1110 57.56 -19.24 -53.43
N GLU A 1111 57.23 -19.97 -54.48
CA GLU A 1111 57.94 -21.20 -54.83
C GLU A 1111 57.94 -21.33 -56.34
N PRO A 1112 58.79 -20.57 -57.01
CA PRO A 1112 58.66 -20.42 -58.46
C PRO A 1112 58.90 -21.72 -59.19
N GLN A 1113 58.22 -21.85 -60.32
CA GLN A 1113 58.30 -23.01 -61.18
C GLN A 1113 58.38 -22.53 -62.61
N ILE A 1114 59.06 -23.30 -63.46
CA ILE A 1114 59.04 -22.99 -64.89
C ILE A 1114 57.62 -23.12 -65.40
N ILE A 1115 57.24 -22.24 -66.31
CA ILE A 1115 55.88 -22.26 -66.84
C ILE A 1115 55.78 -23.32 -67.91
N THR A 1116 55.48 -24.55 -67.54
CA THR A 1116 55.28 -25.58 -68.54
C THR A 1116 53.88 -25.47 -69.10
N THR A 1117 53.60 -26.31 -70.08
CA THR A 1117 52.21 -26.44 -70.51
C THR A 1117 51.40 -27.33 -69.58
N ASP A 1118 51.95 -27.70 -68.44
CA ASP A 1118 51.20 -28.43 -67.43
C ASP A 1118 50.76 -27.55 -66.28
N ASN A 1119 51.58 -26.59 -65.89
CA ASN A 1119 51.19 -25.63 -64.86
C ASN A 1119 50.07 -24.72 -65.32
N THR A 1120 49.87 -24.60 -66.62
CA THR A 1120 48.89 -23.67 -67.15
C THR A 1120 47.93 -24.39 -68.08
N PHE A 1121 46.86 -23.70 -68.44
CA PHE A 1121 45.90 -24.22 -69.40
C PHE A 1121 45.55 -23.11 -70.36
N VAL A 1122 45.29 -23.47 -71.62
CA VAL A 1122 45.16 -22.46 -72.65
C VAL A 1122 43.72 -22.05 -72.80
N SER A 1123 43.51 -20.93 -73.46
CA SER A 1123 42.19 -20.46 -73.86
C SER A 1123 42.32 -19.26 -74.79
N GLY A 1124 41.30 -19.05 -75.60
CA GLY A 1124 41.18 -17.91 -76.50
C GLY A 1124 42.45 -17.64 -77.26
N ASN A 1125 42.66 -16.37 -77.59
CA ASN A 1125 43.87 -15.92 -78.24
C ASN A 1125 44.37 -14.68 -77.52
N CYS A 1126 45.41 -14.07 -78.08
CA CYS A 1126 46.04 -12.92 -77.45
C CYS A 1126 45.16 -11.68 -77.46
N ASP A 1127 44.07 -11.69 -78.21
CA ASP A 1127 43.37 -10.44 -78.51
C ASP A 1127 42.64 -9.87 -77.30
N VAL A 1128 41.95 -10.71 -76.55
CA VAL A 1128 40.86 -10.22 -75.74
C VAL A 1128 41.29 -9.89 -74.31
N VAL A 1129 42.20 -10.66 -73.72
CA VAL A 1129 42.56 -10.40 -72.34
C VAL A 1129 43.32 -9.09 -72.25
N ILE A 1130 43.27 -8.46 -71.09
CA ILE A 1130 43.90 -7.17 -70.87
C ILE A 1130 45.15 -7.34 -70.03
N GLY A 1131 46.27 -6.84 -70.52
CA GLY A 1131 47.48 -6.88 -69.73
C GLY A 1131 48.30 -8.14 -69.87
N ILE A 1132 48.03 -8.94 -70.89
CA ILE A 1132 48.82 -10.14 -71.10
C ILE A 1132 50.25 -9.75 -71.47
N VAL A 1133 51.18 -10.68 -71.30
CA VAL A 1133 52.57 -10.43 -71.62
C VAL A 1133 53.12 -11.62 -72.42
N ASN A 1134 53.89 -11.33 -73.46
CA ASN A 1134 54.51 -12.40 -74.23
C ASN A 1134 55.51 -13.15 -73.38
N ASN A 1135 55.63 -14.45 -73.66
CA ASN A 1135 56.68 -15.27 -73.07
C ASN A 1135 56.63 -16.63 -73.73
N THR A 1136 57.50 -17.52 -73.26
CA THR A 1136 57.64 -18.86 -73.83
C THR A 1136 57.22 -19.86 -72.77
N VAL A 1137 56.13 -20.57 -73.04
CA VAL A 1137 55.69 -21.64 -72.15
C VAL A 1137 56.41 -22.92 -72.57
N TYR A 1138 57.28 -23.42 -71.70
CA TYR A 1138 57.98 -24.65 -71.99
C TYR A 1138 56.99 -25.79 -72.13
N ASP A 1139 57.42 -26.85 -72.81
CA ASP A 1139 56.59 -28.02 -73.04
C ASP A 1139 57.39 -29.28 -72.75
N PRO A 1140 56.94 -30.15 -71.84
CA PRO A 1140 57.74 -31.33 -71.50
C PRO A 1140 57.85 -32.33 -72.62
N LEU A 1141 57.03 -32.23 -73.67
CA LEU A 1141 57.08 -33.24 -74.72
C LEU A 1141 58.16 -32.97 -75.74
N GLN A 1142 58.59 -31.71 -75.89
CA GLN A 1142 59.63 -31.41 -76.87
C GLN A 1142 60.92 -32.18 -76.64
N PRO A 1143 61.40 -32.40 -75.41
CA PRO A 1143 62.62 -33.21 -75.25
C PRO A 1143 62.50 -34.61 -75.82
N GLU A 1144 61.51 -35.38 -75.38
CA GLU A 1144 61.36 -36.73 -75.89
C GLU A 1144 61.06 -36.75 -77.38
N LEU A 1145 60.29 -35.78 -77.86
CA LEU A 1145 59.95 -35.75 -79.28
C LEU A 1145 61.18 -35.46 -80.13
N ASP A 1146 62.11 -34.66 -79.59
CA ASP A 1146 63.37 -34.43 -80.31
C ASP A 1146 64.24 -35.68 -80.29
N SER A 1147 64.49 -36.21 -79.10
CA SER A 1147 65.29 -37.42 -78.98
C SER A 1147 64.57 -38.62 -79.60
N ALA B 27 -35.58 22.89 -38.74
CA ALA B 27 -34.47 23.17 -39.65
C ALA B 27 -33.15 22.75 -39.02
N TYR B 28 -32.23 22.23 -39.83
CA TYR B 28 -30.97 21.73 -39.33
C TYR B 28 -29.88 22.00 -40.36
N THR B 29 -28.63 21.79 -39.96
CA THR B 29 -27.50 21.96 -40.86
C THR B 29 -26.34 21.12 -40.35
N ASN B 30 -25.23 21.13 -41.07
CA ASN B 30 -24.12 20.20 -40.88
C ASN B 30 -22.87 20.96 -40.47
N SER B 31 -22.51 20.88 -39.19
CA SER B 31 -21.35 21.58 -38.65
C SER B 31 -20.11 20.86 -39.14
N PHE B 32 -19.62 21.28 -40.31
CA PHE B 32 -18.57 20.54 -40.99
C PHE B 32 -17.34 20.34 -40.13
N THR B 33 -16.68 21.43 -39.79
CA THR B 33 -15.35 21.34 -39.23
C THR B 33 -15.16 22.31 -38.07
N ARG B 34 -16.16 23.11 -37.76
CA ARG B 34 -16.02 24.18 -36.79
C ARG B 34 -16.30 23.67 -35.39
N GLY B 35 -15.90 24.47 -34.41
CA GLY B 35 -16.18 24.12 -33.03
C GLY B 35 -14.95 23.68 -32.28
N VAL B 36 -13.81 24.30 -32.57
CA VAL B 36 -12.54 23.94 -31.96
C VAL B 36 -11.98 25.18 -31.27
N TYR B 37 -11.58 25.01 -30.02
CA TYR B 37 -11.10 26.12 -29.22
C TYR B 37 -9.91 25.67 -28.39
N TYR B 38 -8.95 26.55 -28.24
CA TYR B 38 -7.76 26.24 -27.47
C TYR B 38 -8.16 25.85 -26.06
N PRO B 39 -8.13 24.57 -25.71
CA PRO B 39 -8.72 24.17 -24.43
C PRO B 39 -8.00 24.71 -23.23
N ASP B 40 -6.79 25.21 -23.39
CA ASP B 40 -6.03 25.75 -22.27
C ASP B 40 -5.17 26.89 -22.79
N LYS B 41 -4.24 27.32 -21.96
CA LYS B 41 -3.50 28.53 -22.24
C LYS B 41 -2.09 28.30 -22.74
N VAL B 42 -1.66 27.04 -22.84
CA VAL B 42 -0.27 26.78 -23.18
C VAL B 42 -0.01 27.08 -24.65
N PHE B 43 1.26 27.15 -25.00
CA PHE B 43 1.71 27.39 -26.37
C PHE B 43 2.54 26.21 -26.80
N ARG B 44 2.14 25.58 -27.89
CA ARG B 44 2.81 24.40 -28.39
C ARG B 44 3.18 24.65 -29.85
N SER B 45 4.33 24.13 -30.25
CA SER B 45 4.85 24.37 -31.60
C SER B 45 4.93 23.05 -32.35
N SER B 46 4.25 23.00 -33.50
CA SER B 46 4.34 21.91 -34.47
C SER B 46 4.07 20.54 -33.87
N VAL B 47 3.48 20.46 -32.69
CA VAL B 47 3.23 19.18 -32.05
C VAL B 47 1.76 18.85 -32.18
N LEU B 48 1.46 17.57 -32.34
CA LEU B 48 0.09 17.08 -32.39
C LEU B 48 -0.32 16.72 -30.97
N HIS B 49 -1.05 17.61 -30.34
CA HIS B 49 -1.54 17.39 -28.99
C HIS B 49 -2.86 16.66 -29.03
N SER B 50 -3.13 15.90 -27.98
CA SER B 50 -4.36 15.13 -27.87
C SER B 50 -4.94 15.38 -26.48
N THR B 51 -6.00 16.18 -26.43
CA THR B 51 -6.63 16.58 -25.18
C THR B 51 -8.08 16.15 -25.19
N GLN B 52 -8.59 15.74 -24.03
CA GLN B 52 -9.99 15.35 -23.92
C GLN B 52 -10.75 16.42 -23.16
N ASP B 53 -11.70 17.06 -23.83
CA ASP B 53 -12.55 18.05 -23.19
C ASP B 53 -13.87 18.10 -23.95
N LEU B 54 -14.64 19.16 -23.68
CA LEU B 54 -15.94 19.32 -24.29
C LEU B 54 -15.76 20.03 -25.62
N PHE B 55 -15.96 19.31 -26.70
CA PHE B 55 -15.85 19.86 -28.04
C PHE B 55 -17.15 19.64 -28.78
N LEU B 56 -17.33 20.35 -29.88
CA LEU B 56 -18.47 20.12 -30.75
C LEU B 56 -18.15 18.97 -31.68
N PRO B 57 -18.82 17.83 -31.57
CA PRO B 57 -18.52 16.71 -32.45
C PRO B 57 -18.61 17.12 -33.91
N PHE B 58 -17.67 16.63 -34.70
CA PHE B 58 -17.59 17.06 -36.08
C PHE B 58 -18.79 16.57 -36.86
N PHE B 59 -19.10 17.28 -37.94
CA PHE B 59 -20.20 16.91 -38.83
C PHE B 59 -21.49 16.70 -38.05
N SER B 60 -21.75 17.52 -37.04
CA SER B 60 -22.92 17.32 -36.20
C SER B 60 -24.12 18.08 -36.73
N ASN B 61 -25.17 18.17 -35.91
CA ASN B 61 -26.40 18.84 -36.28
C ASN B 61 -26.53 20.15 -35.53
N VAL B 62 -26.42 21.25 -36.25
CA VAL B 62 -26.67 22.57 -35.68
C VAL B 62 -28.06 22.99 -36.09
N THR B 63 -28.78 23.64 -35.18
CA THR B 63 -30.16 24.02 -35.44
C THR B 63 -30.23 25.39 -36.10
N TRP B 64 -30.49 25.42 -37.40
CA TRP B 64 -30.60 26.68 -38.14
C TRP B 64 -31.75 27.50 -37.58
N PHE B 65 -31.49 28.75 -37.21
CA PHE B 65 -32.50 29.59 -36.60
C PHE B 65 -32.71 30.89 -37.38
N HIS B 66 -33.81 31.55 -37.07
CA HIS B 66 -34.04 32.94 -37.45
C HIS B 66 -35.30 33.47 -36.76
N ASN B 81 -34.40 32.67 -31.75
CA ASN B 81 -35.41 33.49 -31.11
C ASN B 81 -35.90 32.92 -29.77
N PRO B 82 -36.28 31.63 -29.72
CA PRO B 82 -36.83 31.10 -28.46
C PRO B 82 -35.77 30.62 -27.49
N VAL B 83 -36.20 30.06 -26.36
CA VAL B 83 -35.25 29.51 -25.41
C VAL B 83 -34.69 28.20 -25.95
N LEU B 84 -33.55 27.79 -25.41
CA LEU B 84 -32.89 26.55 -25.76
C LEU B 84 -32.19 26.00 -24.53
N PRO B 85 -32.01 24.70 -24.45
CA PRO B 85 -31.26 24.12 -23.33
C PRO B 85 -29.77 24.37 -23.45
N PHE B 86 -29.06 24.04 -22.37
CA PHE B 86 -27.65 24.33 -22.20
C PHE B 86 -26.94 23.11 -21.62
N ASN B 87 -27.18 21.95 -22.23
CA ASN B 87 -26.79 20.66 -21.67
C ASN B 87 -25.40 20.68 -21.04
N ASP B 88 -24.37 20.94 -21.84
CA ASP B 88 -23.03 21.10 -21.30
C ASP B 88 -22.22 22.16 -22.01
N GLY B 89 -22.79 22.89 -22.95
CA GLY B 89 -22.05 23.86 -23.71
C GLY B 89 -22.84 24.26 -24.93
N VAL B 90 -22.28 25.21 -25.68
CA VAL B 90 -22.97 25.78 -26.83
C VAL B 90 -21.95 26.09 -27.89
N TYR B 91 -22.37 26.04 -29.15
CA TYR B 91 -21.58 26.54 -30.26
C TYR B 91 -22.35 27.65 -30.96
N PHE B 92 -22.83 28.61 -30.20
CA PHE B 92 -23.55 29.71 -30.80
C PHE B 92 -22.70 30.38 -31.86
N ALA B 93 -23.28 30.57 -33.03
CA ALA B 93 -22.58 31.19 -34.14
C ALA B 93 -23.49 32.28 -34.70
N SER B 94 -23.12 32.84 -35.85
CA SER B 94 -23.98 33.78 -36.55
C SER B 94 -23.35 34.08 -37.89
N THR B 95 -24.21 34.32 -38.88
CA THR B 95 -23.79 34.79 -40.19
C THR B 95 -24.58 36.07 -40.41
N GLU B 96 -24.07 37.17 -39.88
CA GLU B 96 -24.85 38.39 -39.78
C GLU B 96 -24.49 39.37 -40.89
N LYS B 97 -25.35 40.35 -41.06
CA LYS B 97 -25.18 41.43 -42.02
C LYS B 97 -25.17 42.81 -41.37
N SER B 98 -26.14 43.09 -40.50
CA SER B 98 -26.28 44.39 -39.86
C SER B 98 -26.33 44.27 -38.35
N ASN B 99 -25.57 43.33 -37.80
CA ASN B 99 -25.48 43.11 -36.36
C ASN B 99 -26.83 42.84 -35.72
N ILE B 100 -27.73 42.14 -36.42
CA ILE B 100 -29.05 41.92 -35.87
C ILE B 100 -28.96 41.22 -34.53
N ILE B 101 -28.02 40.29 -34.40
CA ILE B 101 -27.81 39.58 -33.15
C ILE B 101 -27.04 40.51 -32.23
N ARG B 102 -27.64 40.84 -31.10
CA ARG B 102 -26.95 41.73 -30.17
C ARG B 102 -26.33 40.96 -29.01
N GLY B 103 -27.12 40.15 -28.32
CA GLY B 103 -26.59 39.53 -27.13
C GLY B 103 -27.32 38.27 -26.74
N TRP B 104 -26.96 37.78 -25.57
CA TRP B 104 -27.42 36.52 -25.03
C TRP B 104 -28.20 36.76 -23.76
N ILE B 105 -28.82 35.70 -23.24
CA ILE B 105 -29.46 35.71 -21.94
C ILE B 105 -29.34 34.31 -21.38
N PHE B 106 -28.95 34.20 -20.12
CA PHE B 106 -28.67 32.91 -19.53
C PHE B 106 -29.52 32.77 -18.27
N GLY B 107 -29.23 31.75 -17.47
CA GLY B 107 -29.83 31.59 -16.17
C GLY B 107 -30.62 30.30 -16.07
N THR B 108 -30.89 29.92 -14.83
CA THR B 108 -31.63 28.70 -14.54
C THR B 108 -33.14 28.91 -14.64
N THR B 109 -33.69 29.78 -13.82
CA THR B 109 -35.12 30.03 -13.80
C THR B 109 -35.54 31.09 -14.79
N LEU B 110 -34.59 31.71 -15.50
CA LEU B 110 -34.88 32.64 -16.58
C LEU B 110 -35.66 33.87 -16.13
N ASP B 111 -35.81 34.06 -14.82
CA ASP B 111 -36.47 35.26 -14.31
C ASP B 111 -36.03 35.45 -12.85
N SER B 112 -36.77 36.28 -12.12
CA SER B 112 -36.42 36.58 -10.74
C SER B 112 -36.39 35.31 -9.89
N LYS B 113 -35.90 35.48 -8.68
CA LYS B 113 -35.65 34.43 -7.68
C LYS B 113 -34.41 33.62 -8.01
N THR B 114 -33.69 33.96 -9.08
CA THR B 114 -32.45 33.29 -9.44
C THR B 114 -31.64 34.19 -10.35
N GLN B 115 -30.35 34.35 -10.03
CA GLN B 115 -29.47 35.15 -10.86
C GLN B 115 -29.45 34.63 -12.28
N SER B 116 -29.17 35.52 -13.24
CA SER B 116 -29.28 35.17 -14.65
C SER B 116 -28.34 36.07 -15.43
N LEU B 117 -27.24 35.50 -15.92
CA LEU B 117 -26.28 36.25 -16.73
C LEU B 117 -26.95 36.94 -17.90
N LEU B 118 -26.34 38.01 -18.41
CA LEU B 118 -26.87 38.76 -19.53
C LEU B 118 -25.72 39.48 -20.23
N ILE B 119 -25.39 39.01 -21.42
CA ILE B 119 -24.41 39.67 -22.26
C ILE B 119 -25.15 40.44 -23.34
N VAL B 120 -24.84 41.71 -23.50
CA VAL B 120 -25.62 42.57 -24.37
C VAL B 120 -24.69 43.59 -25.03
N ASN B 121 -24.93 43.86 -26.29
CA ASN B 121 -24.25 44.95 -26.99
C ASN B 121 -25.33 45.92 -27.45
N ASN B 122 -25.57 46.96 -26.65
CA ASN B 122 -26.52 47.98 -27.06
C ASN B 122 -25.82 49.15 -27.75
N ALA B 123 -25.02 48.84 -28.77
CA ALA B 123 -24.34 49.85 -29.57
C ALA B 123 -23.49 50.78 -28.73
N THR B 124 -23.23 50.41 -27.47
CA THR B 124 -22.26 51.12 -26.64
C THR B 124 -21.12 50.22 -26.20
N ASN B 125 -21.42 49.09 -25.58
CA ASN B 125 -20.40 48.22 -25.00
C ASN B 125 -21.08 46.95 -24.53
N VAL B 126 -20.25 45.97 -24.18
CA VAL B 126 -20.76 44.62 -23.86
C VAL B 126 -21.09 44.62 -22.37
N VAL B 127 -22.29 45.07 -22.06
CA VAL B 127 -22.67 45.32 -20.66
C VAL B 127 -23.06 43.99 -20.06
N ILE B 128 -22.08 43.35 -19.42
CA ILE B 128 -22.34 42.11 -18.73
C ILE B 128 -22.95 42.39 -17.37
N LYS B 129 -24.00 41.64 -17.02
CA LYS B 129 -24.57 41.72 -15.68
C LYS B 129 -24.94 40.32 -15.23
N VAL B 130 -25.11 40.18 -13.91
CA VAL B 130 -25.59 38.93 -13.33
C VAL B 130 -26.78 39.25 -12.42
N CYS B 131 -27.52 40.30 -12.76
CA CYS B 131 -28.62 40.71 -11.91
C CYS B 131 -29.81 39.79 -12.13
N GLU B 132 -30.44 39.35 -11.04
CA GLU B 132 -31.53 38.36 -11.11
C GLU B 132 -32.75 39.02 -11.74
N PHE B 133 -32.64 39.24 -13.05
CA PHE B 133 -33.60 40.04 -13.81
C PHE B 133 -35.04 39.56 -13.77
N GLN B 134 -35.93 40.44 -14.20
CA GLN B 134 -37.26 40.10 -14.65
C GLN B 134 -37.29 40.24 -16.17
N PHE B 135 -37.29 39.11 -16.86
CA PHE B 135 -37.00 39.05 -18.28
C PHE B 135 -38.24 39.27 -19.13
N CYS B 136 -38.01 39.61 -20.39
CA CYS B 136 -39.07 39.78 -21.38
C CYS B 136 -39.04 38.64 -22.39
N ASN B 137 -40.23 38.13 -22.71
CA ASN B 137 -40.38 37.03 -23.65
C ASN B 137 -40.22 37.48 -25.10
N ASP B 138 -39.80 38.72 -25.33
CA ASP B 138 -39.52 39.21 -26.67
C ASP B 138 -38.64 40.46 -26.60
N PRO B 139 -37.40 40.33 -26.18
CA PRO B 139 -36.56 41.52 -25.99
C PRO B 139 -35.81 41.90 -27.27
N PHE B 140 -35.20 43.08 -27.23
CA PHE B 140 -34.31 43.56 -28.27
C PHE B 140 -33.63 44.85 -27.84
N ASN B 164 -31.59 43.99 -10.31
CA ASN B 164 -32.11 43.59 -9.03
C ASN B 164 -31.15 42.65 -8.30
N ASN B 165 -30.40 43.20 -7.35
CA ASN B 165 -29.42 42.43 -6.56
C ASN B 165 -28.37 41.80 -7.47
N CYS B 166 -27.54 42.66 -8.06
CA CYS B 166 -26.47 42.25 -8.95
C CYS B 166 -25.27 41.73 -8.17
N THR B 167 -24.38 41.01 -8.86
CA THR B 167 -23.18 40.45 -8.26
C THR B 167 -21.98 40.52 -9.22
N PHE B 168 -22.07 41.35 -10.24
CA PHE B 168 -21.05 41.53 -11.26
C PHE B 168 -21.52 42.64 -12.19
N GLU B 169 -20.59 43.22 -12.90
CA GLU B 169 -20.90 44.14 -13.99
C GLU B 169 -19.64 44.33 -14.81
N TYR B 170 -19.80 44.98 -15.97
CA TYR B 170 -18.73 45.40 -16.84
C TYR B 170 -19.33 46.26 -17.93
N VAL B 171 -18.59 47.28 -18.35
CA VAL B 171 -18.95 48.07 -19.52
C VAL B 171 -17.68 48.47 -20.24
N SER B 172 -17.60 48.16 -21.52
CA SER B 172 -16.46 48.60 -22.32
C SER B 172 -16.66 50.05 -22.77
N PHE B 186 -24.15 38.66 -46.15
CA PHE B 186 -23.54 38.10 -44.95
C PHE B 186 -22.03 38.07 -45.05
N LYS B 187 -21.37 38.80 -44.16
CA LYS B 187 -19.92 38.88 -44.16
C LYS B 187 -19.29 38.77 -42.79
N ASN B 188 -20.06 38.51 -41.73
CA ASN B 188 -19.51 38.32 -40.40
C ASN B 188 -19.91 36.94 -39.87
N LEU B 189 -18.92 36.19 -39.41
CA LEU B 189 -19.14 34.93 -38.70
C LEU B 189 -18.66 35.12 -37.28
N ARG B 190 -19.60 35.25 -36.36
CA ARG B 190 -19.26 35.46 -34.96
C ARG B 190 -19.48 34.16 -34.19
N GLU B 191 -18.47 33.30 -34.24
CA GLU B 191 -18.57 32.06 -33.51
C GLU B 191 -18.33 32.30 -32.03
N PHE B 192 -19.00 31.51 -31.21
CA PHE B 192 -18.88 31.66 -29.77
C PHE B 192 -19.00 30.28 -29.14
N VAL B 193 -18.32 30.11 -28.01
CA VAL B 193 -18.48 28.90 -27.22
C VAL B 193 -18.53 29.27 -25.75
N PHE B 194 -19.49 28.69 -25.04
CA PHE B 194 -19.76 29.02 -23.65
C PHE B 194 -19.76 27.73 -22.87
N LYS B 195 -19.23 27.75 -21.66
CA LYS B 195 -19.27 26.56 -20.83
C LYS B 195 -18.86 26.90 -19.41
N ASN B 196 -19.20 26.02 -18.49
CA ASN B 196 -18.77 26.17 -17.10
C ASN B 196 -17.98 24.96 -16.62
N TYR B 200 -16.51 27.90 -13.28
CA TYR B 200 -17.31 29.05 -13.65
C TYR B 200 -17.34 29.27 -15.16
N PHE B 201 -17.73 30.48 -15.57
CA PHE B 201 -18.18 30.74 -16.93
C PHE B 201 -17.02 31.15 -17.82
N LYS B 202 -16.91 30.52 -18.99
CA LYS B 202 -15.88 30.85 -19.95
C LYS B 202 -16.51 31.18 -21.30
N ILE B 203 -15.78 31.94 -22.11
CA ILE B 203 -16.23 32.32 -23.44
C ILE B 203 -15.05 32.24 -24.40
N TYR B 204 -15.32 31.74 -25.59
CA TYR B 204 -14.34 31.75 -26.67
C TYR B 204 -15.02 32.30 -27.90
N SER B 205 -14.27 32.97 -28.76
CA SER B 205 -14.88 33.62 -29.91
C SER B 205 -13.90 33.67 -31.06
N LYS B 206 -14.39 34.09 -32.21
CA LYS B 206 -13.59 34.36 -33.40
C LYS B 206 -14.48 35.04 -34.42
N HIS B 207 -13.97 36.12 -34.99
CA HIS B 207 -14.77 37.04 -35.80
C HIS B 207 -14.15 37.07 -37.19
N THR B 208 -14.55 36.15 -38.05
CA THR B 208 -13.91 36.01 -39.34
C THR B 208 -14.76 36.59 -40.46
N PRO B 209 -14.13 37.27 -41.41
CA PRO B 209 -14.86 37.74 -42.59
C PRO B 209 -15.25 36.60 -43.51
N ILE B 210 -16.47 36.69 -44.02
CA ILE B 210 -17.04 35.63 -44.86
C ILE B 210 -17.85 36.23 -46.00
N ASN B 211 -18.46 35.38 -46.81
CA ASN B 211 -19.25 35.82 -47.95
C ASN B 211 -20.26 34.75 -48.39
N ASP B 215 -26.36 27.28 -44.95
CA ASP B 215 -25.22 28.01 -45.47
C ASP B 215 -24.27 28.38 -44.34
N LEU B 216 -23.63 27.37 -43.77
CA LEU B 216 -22.59 27.58 -42.77
C LEU B 216 -21.25 27.29 -43.40
N PRO B 217 -20.39 28.29 -43.59
CA PRO B 217 -19.21 28.11 -44.45
C PRO B 217 -18.30 27.02 -43.93
N GLN B 218 -17.94 26.09 -44.81
CA GLN B 218 -16.98 25.07 -44.47
C GLN B 218 -15.62 25.71 -44.20
N GLY B 219 -14.66 24.88 -43.84
CA GLY B 219 -13.35 25.38 -43.51
C GLY B 219 -13.07 25.27 -42.03
N PHE B 220 -11.94 25.84 -41.63
CA PHE B 220 -11.43 25.64 -40.30
C PHE B 220 -11.01 26.95 -39.66
N SER B 221 -11.36 27.13 -38.40
CA SER B 221 -10.95 28.30 -37.64
C SER B 221 -11.04 28.05 -36.15
N ALA B 222 -9.92 28.17 -35.44
CA ALA B 222 -9.91 27.99 -34.01
C ALA B 222 -10.58 29.17 -33.32
N LEU B 223 -10.77 29.04 -32.01
CA LEU B 223 -11.42 30.07 -31.21
C LEU B 223 -10.51 30.47 -30.08
N GLU B 224 -10.14 31.74 -30.02
CA GLU B 224 -9.31 32.26 -28.94
C GLU B 224 -10.18 32.48 -27.72
N PRO B 225 -9.69 32.20 -26.51
CA PRO B 225 -10.47 32.53 -25.32
C PRO B 225 -10.38 34.00 -25.00
N LEU B 226 -11.45 34.74 -25.31
CA LEU B 226 -11.37 36.18 -25.14
C LEU B 226 -11.83 36.65 -23.78
N VAL B 227 -12.66 35.89 -23.07
CA VAL B 227 -13.13 36.29 -21.75
C VAL B 227 -13.16 35.08 -20.83
N ASP B 228 -12.94 35.34 -19.55
CA ASP B 228 -13.31 34.42 -18.49
C ASP B 228 -14.06 35.20 -17.43
N LEU B 229 -15.12 34.60 -16.89
CA LEU B 229 -16.00 35.28 -15.95
C LEU B 229 -16.17 34.43 -14.70
N PRO B 230 -15.79 34.93 -13.53
CA PRO B 230 -15.91 34.16 -12.28
C PRO B 230 -17.22 34.42 -11.56
N ILE B 231 -18.33 33.94 -12.14
CA ILE B 231 -19.65 34.30 -11.65
C ILE B 231 -20.34 33.16 -10.92
N GLY B 232 -19.83 31.93 -11.03
CA GLY B 232 -20.37 30.83 -10.26
C GLY B 232 -21.86 30.59 -10.40
N ILE B 233 -22.49 31.23 -11.38
CA ILE B 233 -23.93 31.08 -11.56
C ILE B 233 -24.21 29.66 -12.02
N ASN B 234 -25.42 29.18 -11.71
CA ASN B 234 -25.88 27.90 -12.21
C ASN B 234 -26.80 28.14 -13.41
N ILE B 235 -26.43 27.62 -14.57
CA ILE B 235 -27.18 27.85 -15.81
C ILE B 235 -27.64 26.52 -16.36
N THR B 236 -28.84 26.49 -16.93
CA THR B 236 -29.32 25.30 -17.62
C THR B 236 -30.07 25.68 -18.89
N ARG B 237 -30.29 26.97 -19.11
CA ARG B 237 -31.05 27.38 -20.28
C ARG B 237 -30.53 28.74 -20.71
N PHE B 238 -30.89 29.14 -21.92
CA PHE B 238 -30.45 30.43 -22.44
C PHE B 238 -31.36 30.84 -23.59
N GLN B 239 -31.11 32.02 -24.13
CA GLN B 239 -31.94 32.63 -25.17
C GLN B 239 -31.03 33.49 -26.04
N THR B 240 -31.62 34.39 -26.81
CA THR B 240 -30.84 35.19 -27.75
C THR B 240 -31.54 36.52 -27.99
N LEU B 241 -30.76 37.58 -28.17
CA LEU B 241 -31.33 38.86 -28.53
C LEU B 241 -31.38 39.02 -30.04
N LEU B 242 -32.19 39.96 -30.49
CA LEU B 242 -32.25 40.31 -31.90
C LEU B 242 -32.75 41.74 -32.09
N ALA B 263 -30.65 37.53 -40.75
CA ALA B 263 -29.51 36.93 -40.07
C ALA B 263 -29.90 35.64 -39.38
N ALA B 264 -28.91 34.77 -39.15
CA ALA B 264 -29.18 33.47 -38.58
C ALA B 264 -28.06 33.09 -37.62
N TYR B 265 -28.36 32.15 -36.75
CA TYR B 265 -27.37 31.61 -35.83
C TYR B 265 -27.60 30.10 -35.73
N TYR B 266 -26.73 29.42 -34.99
CA TYR B 266 -26.83 27.98 -34.88
C TYR B 266 -26.40 27.57 -33.49
N VAL B 267 -26.95 26.44 -33.01
CA VAL B 267 -26.74 25.99 -31.65
C VAL B 267 -26.22 24.57 -31.68
N GLY B 268 -24.93 24.40 -31.51
CA GLY B 268 -24.37 23.09 -31.29
C GLY B 268 -24.63 22.63 -29.88
N TYR B 269 -23.96 21.56 -29.49
CA TYR B 269 -23.98 21.11 -28.11
C TYR B 269 -22.71 20.31 -27.84
N LEU B 270 -21.85 20.86 -27.02
CA LEU B 270 -20.57 20.25 -26.73
C LEU B 270 -20.78 18.87 -26.12
N GLN B 271 -19.76 18.02 -26.27
CA GLN B 271 -19.76 16.70 -25.66
C GLN B 271 -18.34 16.41 -25.20
N PRO B 272 -18.18 15.55 -24.21
CA PRO B 272 -16.84 15.19 -23.74
C PRO B 272 -16.13 14.23 -24.69
N ARG B 273 -15.52 14.77 -25.72
CA ARG B 273 -14.95 13.96 -26.79
C ARG B 273 -13.48 14.31 -26.97
N THR B 274 -12.63 13.29 -27.03
CA THR B 274 -11.21 13.51 -27.22
C THR B 274 -10.94 13.94 -28.64
N PHE B 275 -10.15 14.98 -28.81
CA PHE B 275 -9.74 15.42 -30.13
C PHE B 275 -8.24 15.28 -30.29
N LEU B 276 -7.77 15.76 -31.43
CA LEU B 276 -6.35 15.74 -31.76
C LEU B 276 -6.05 17.05 -32.44
N LEU B 277 -5.28 17.91 -31.80
CA LEU B 277 -5.05 19.24 -32.31
C LEU B 277 -3.71 19.29 -33.01
N LYS B 278 -3.63 20.06 -34.09
CA LYS B 278 -2.39 20.25 -34.81
C LYS B 278 -1.94 21.68 -34.62
N TYR B 279 -1.18 21.93 -33.57
CA TYR B 279 -0.55 23.24 -33.43
C TYR B 279 0.49 23.42 -34.53
N ASN B 280 0.45 24.54 -35.23
CA ASN B 280 1.49 24.83 -36.21
C ASN B 280 2.70 25.40 -35.48
N GLU B 281 3.62 26.02 -36.21
CA GLU B 281 4.81 26.54 -35.54
C GLU B 281 4.51 27.82 -34.79
N ASN B 282 3.47 28.54 -35.20
CA ASN B 282 3.09 29.79 -34.55
C ASN B 282 2.28 29.56 -33.28
N GLY B 283 1.95 28.32 -32.96
CA GLY B 283 1.06 28.07 -31.86
C GLY B 283 -0.39 28.20 -32.25
N THR B 284 -0.68 28.14 -33.55
CA THR B 284 -2.04 28.26 -34.03
C THR B 284 -2.61 26.92 -34.45
N ILE B 285 -3.73 26.53 -33.85
CA ILE B 285 -4.38 25.30 -34.27
C ILE B 285 -4.77 25.41 -35.73
N THR B 286 -4.29 24.48 -36.55
CA THR B 286 -4.64 24.50 -37.95
C THR B 286 -5.54 23.36 -38.37
N ASP B 287 -5.70 22.34 -37.53
CA ASP B 287 -6.44 21.17 -37.95
C ASP B 287 -6.69 20.27 -36.75
N ALA B 288 -7.80 19.56 -36.78
CA ALA B 288 -8.14 18.67 -35.68
C ALA B 288 -8.73 17.38 -36.23
N VAL B 289 -8.77 16.36 -35.38
CA VAL B 289 -9.23 15.03 -35.75
C VAL B 289 -10.17 14.53 -34.67
N ASP B 290 -11.42 14.32 -35.02
CA ASP B 290 -12.38 13.78 -34.08
C ASP B 290 -11.98 12.34 -33.77
N CYS B 291 -11.55 12.10 -32.54
CA CYS B 291 -10.97 10.81 -32.19
C CYS B 291 -12.02 9.72 -32.04
N ALA B 292 -13.26 10.00 -32.42
CA ALA B 292 -14.27 8.94 -32.43
C ALA B 292 -15.18 9.02 -33.64
N LEU B 293 -14.81 9.79 -34.66
CA LEU B 293 -15.72 10.01 -35.77
C LEU B 293 -15.92 8.75 -36.60
N ASP B 294 -14.84 8.15 -37.08
CA ASP B 294 -14.94 6.95 -37.91
C ASP B 294 -13.62 6.21 -37.80
N PRO B 295 -13.60 4.92 -38.13
CA PRO B 295 -12.39 4.14 -37.96
C PRO B 295 -11.12 4.82 -38.44
N LEU B 296 -11.14 5.43 -39.62
CA LEU B 296 -9.94 6.15 -40.05
C LEU B 296 -9.49 7.12 -38.97
N SER B 297 -10.43 7.80 -38.34
CA SER B 297 -10.04 8.80 -37.37
C SER B 297 -9.55 8.18 -36.08
N GLU B 298 -10.15 7.08 -35.63
CA GLU B 298 -9.61 6.41 -34.45
C GLU B 298 -8.17 5.98 -34.72
N THR B 299 -7.89 5.59 -35.95
CA THR B 299 -6.53 5.22 -36.31
C THR B 299 -5.60 6.43 -36.24
N LYS B 300 -5.99 7.52 -36.90
CA LYS B 300 -5.19 8.74 -36.85
C LYS B 300 -4.94 9.16 -35.42
N CYS B 301 -5.87 8.86 -34.54
CA CYS B 301 -5.77 9.32 -33.16
C CYS B 301 -4.84 8.42 -32.35
N THR B 302 -4.90 7.11 -32.57
CA THR B 302 -3.98 6.24 -31.85
C THR B 302 -2.55 6.34 -32.36
N LEU B 303 -2.38 6.68 -33.63
CA LEU B 303 -1.03 6.87 -34.17
C LEU B 303 -0.45 8.24 -33.84
N LYS B 304 -1.23 9.14 -33.27
CA LYS B 304 -0.78 10.51 -33.04
C LYS B 304 -0.27 11.12 -34.32
N SER B 305 -0.93 10.84 -35.43
CA SER B 305 -0.48 11.37 -36.69
C SER B 305 -1.65 11.81 -37.53
N PHE B 306 -1.36 12.69 -38.48
CA PHE B 306 -2.33 13.13 -39.45
C PHE B 306 -2.21 12.38 -40.74
N THR B 307 -1.33 11.39 -40.80
CA THR B 307 -1.23 10.53 -41.97
C THR B 307 -0.79 9.17 -41.45
N VAL B 308 -1.35 8.12 -42.03
CA VAL B 308 -0.98 6.78 -41.64
C VAL B 308 -0.58 5.99 -42.87
N GLU B 309 0.65 5.50 -42.87
CA GLU B 309 1.11 4.67 -43.97
C GLU B 309 0.33 3.37 -43.97
N LYS B 310 0.24 2.77 -45.16
CA LYS B 310 -0.51 1.54 -45.34
C LYS B 310 -0.15 0.51 -44.28
N GLY B 311 -1.16 -0.17 -43.77
CA GLY B 311 -0.91 -1.21 -42.79
C GLY B 311 -2.20 -1.70 -42.16
N ILE B 312 -2.07 -2.29 -41.00
CA ILE B 312 -3.22 -2.70 -40.20
C ILE B 312 -2.99 -2.36 -38.73
N TYR B 313 -3.73 -1.39 -38.24
CA TYR B 313 -3.55 -0.90 -36.89
C TYR B 313 -4.72 -1.32 -36.03
N GLN B 314 -4.47 -1.50 -34.75
CA GLN B 314 -5.50 -1.87 -33.80
C GLN B 314 -5.92 -0.65 -33.00
N THR B 315 -7.22 -0.40 -32.93
CA THR B 315 -7.71 0.80 -32.26
C THR B 315 -8.51 0.51 -31.01
N SER B 316 -9.58 -0.26 -31.11
CA SER B 316 -10.48 -0.35 -29.96
C SER B 316 -10.90 -1.78 -29.67
N ASN B 317 -11.85 -1.94 -28.75
CA ASN B 317 -12.22 -3.26 -28.25
C ASN B 317 -13.73 -3.41 -28.37
N PHE B 318 -14.18 -4.08 -29.42
CA PHE B 318 -15.58 -4.43 -29.51
C PHE B 318 -15.94 -5.32 -28.34
N ARG B 319 -17.02 -4.97 -27.65
CA ARG B 319 -17.47 -5.79 -26.52
C ARG B 319 -18.98 -5.62 -26.39
N VAL B 320 -19.72 -6.71 -26.59
CA VAL B 320 -21.17 -6.66 -26.49
C VAL B 320 -21.56 -6.22 -25.08
N GLN B 321 -22.70 -5.57 -24.96
CA GLN B 321 -23.01 -5.38 -23.55
C GLN B 321 -24.16 -6.29 -23.13
N PRO B 322 -24.19 -6.72 -21.87
CA PRO B 322 -25.26 -7.62 -21.44
C PRO B 322 -26.62 -6.95 -21.55
N THR B 323 -27.47 -7.49 -22.42
CA THR B 323 -28.68 -6.79 -22.79
C THR B 323 -29.68 -6.74 -21.64
N GLU B 324 -29.90 -7.86 -20.95
CA GLU B 324 -30.92 -7.91 -19.93
C GLU B 324 -30.49 -8.90 -18.85
N SER B 325 -30.78 -8.55 -17.61
CA SER B 325 -30.38 -9.39 -16.49
C SER B 325 -31.44 -10.45 -16.22
N ILE B 326 -31.01 -11.52 -15.55
CA ILE B 326 -31.86 -12.67 -15.29
C ILE B 326 -31.50 -13.21 -13.92
N VAL B 327 -32.49 -13.79 -13.25
CA VAL B 327 -32.32 -14.32 -11.90
C VAL B 327 -33.07 -15.63 -11.80
N ARG B 328 -32.44 -16.65 -11.22
CA ARG B 328 -33.03 -17.97 -11.13
C ARG B 328 -32.74 -18.59 -9.77
N PHE B 329 -33.78 -19.13 -9.15
CA PHE B 329 -33.74 -19.73 -7.82
C PHE B 329 -34.65 -20.95 -7.80
N PRO B 330 -34.44 -21.87 -6.86
CA PRO B 330 -35.21 -23.11 -6.87
C PRO B 330 -36.69 -22.86 -6.75
N ASN B 331 -37.48 -23.90 -7.00
CA ASN B 331 -38.92 -23.83 -6.90
C ASN B 331 -39.32 -23.31 -5.53
N ILE B 332 -40.11 -22.24 -5.49
CA ILE B 332 -40.48 -21.66 -4.22
C ILE B 332 -41.52 -22.57 -3.59
N THR B 333 -41.06 -23.50 -2.76
CA THR B 333 -41.95 -24.42 -2.09
C THR B 333 -41.63 -24.37 -0.60
N ASN B 334 -42.22 -25.26 0.18
CA ASN B 334 -41.97 -25.33 1.63
C ASN B 334 -42.38 -24.03 2.31
N LEU B 335 -43.56 -23.53 1.95
CA LEU B 335 -44.05 -22.28 2.53
C LEU B 335 -44.22 -22.42 4.04
N CYS B 336 -44.05 -21.31 4.73
CA CYS B 336 -44.12 -21.33 6.18
C CYS B 336 -45.58 -21.36 6.61
N PRO B 337 -45.96 -22.21 7.57
CA PRO B 337 -47.38 -22.35 7.94
C PRO B 337 -47.90 -21.18 8.77
N PHE B 338 -47.84 -19.98 8.20
CA PHE B 338 -48.49 -18.85 8.84
C PHE B 338 -50.00 -18.94 8.75
N GLY B 339 -50.53 -19.72 7.81
CA GLY B 339 -51.96 -19.94 7.78
C GLY B 339 -52.43 -20.70 9.01
N GLU B 340 -51.60 -21.59 9.52
CA GLU B 340 -51.99 -22.35 10.70
C GLU B 340 -52.15 -21.44 11.91
N VAL B 341 -51.30 -20.44 12.05
CA VAL B 341 -51.37 -19.54 13.20
C VAL B 341 -52.41 -18.45 12.98
N PHE B 342 -52.58 -17.99 11.74
CA PHE B 342 -53.56 -16.93 11.50
C PHE B 342 -54.95 -17.51 11.27
N ASN B 343 -55.05 -18.55 10.45
CA ASN B 343 -56.33 -19.19 10.22
C ASN B 343 -56.63 -20.28 11.24
N ALA B 344 -56.04 -20.19 12.43
CA ALA B 344 -56.39 -21.09 13.52
C ALA B 344 -57.80 -20.80 14.00
N THR B 345 -58.65 -21.82 14.00
CA THR B 345 -59.98 -21.65 14.55
C THR B 345 -59.95 -21.58 16.07
N ARG B 346 -58.99 -22.23 16.70
CA ARG B 346 -58.93 -22.37 18.15
C ARG B 346 -57.71 -21.60 18.67
N PHE B 347 -57.95 -20.40 19.18
CA PHE B 347 -56.89 -19.56 19.72
C PHE B 347 -56.64 -19.86 21.20
N ALA B 348 -55.67 -19.15 21.76
CA ALA B 348 -55.32 -19.22 23.17
C ALA B 348 -55.62 -17.88 23.84
N SER B 349 -55.83 -17.93 25.16
CA SER B 349 -56.19 -16.74 25.91
C SER B 349 -55.00 -15.80 26.08
N VAL B 350 -55.16 -14.84 26.99
CA VAL B 350 -54.11 -13.85 27.21
C VAL B 350 -53.20 -14.18 28.40
N TYR B 351 -53.77 -14.67 29.51
CA TYR B 351 -52.92 -15.11 30.61
C TYR B 351 -52.06 -16.30 30.22
N ALA B 352 -52.43 -17.01 29.16
CA ALA B 352 -51.65 -18.12 28.66
C ALA B 352 -51.16 -17.79 27.26
N TRP B 353 -50.62 -16.58 27.10
CA TRP B 353 -50.14 -16.13 25.80
C TRP B 353 -49.17 -17.14 25.20
N ASN B 354 -49.34 -17.38 23.91
CA ASN B 354 -48.67 -18.47 23.22
C ASN B 354 -47.30 -18.03 22.72
N ARG B 355 -46.56 -18.98 22.18
CA ARG B 355 -45.29 -18.74 21.50
C ARG B 355 -44.98 -19.98 20.69
N LYS B 356 -44.55 -19.77 19.44
CA LYS B 356 -44.33 -20.89 18.53
C LYS B 356 -43.08 -20.62 17.72
N ARG B 357 -42.01 -21.33 18.04
CA ARG B 357 -40.83 -21.33 17.19
C ARG B 357 -41.17 -22.03 15.89
N ILE B 358 -40.72 -21.48 14.77
CA ILE B 358 -40.98 -22.03 13.46
C ILE B 358 -39.65 -22.09 12.71
N SER B 359 -39.37 -23.22 12.08
CA SER B 359 -38.09 -23.47 11.43
C SER B 359 -38.30 -23.93 10.00
N ASN B 360 -37.21 -23.96 9.24
CA ASN B 360 -37.18 -24.52 7.90
C ASN B 360 -38.30 -23.97 7.04
N CYS B 361 -38.44 -22.65 7.02
CA CYS B 361 -39.49 -22.01 6.27
C CYS B 361 -38.94 -21.12 5.17
N VAL B 362 -39.74 -20.97 4.13
CA VAL B 362 -39.77 -19.73 3.37
C VAL B 362 -40.98 -18.96 3.88
N ALA B 363 -40.71 -17.80 4.48
CA ALA B 363 -41.71 -17.06 5.22
C ALA B 363 -42.13 -15.84 4.40
N ASP B 364 -43.11 -16.03 3.53
CA ASP B 364 -43.61 -14.96 2.68
C ASP B 364 -44.47 -14.01 3.52
N TYR B 365 -43.86 -12.92 3.99
CA TYR B 365 -44.62 -11.96 4.79
C TYR B 365 -45.57 -11.14 3.93
N SER B 366 -45.29 -11.04 2.62
CA SER B 366 -46.07 -10.14 1.78
C SER B 366 -47.42 -10.73 1.40
N VAL B 367 -47.63 -12.04 1.57
CA VAL B 367 -48.95 -12.58 1.27
C VAL B 367 -49.95 -12.21 2.35
N LEU B 368 -49.52 -12.14 3.60
CA LEU B 368 -50.40 -11.67 4.66
C LEU B 368 -50.38 -10.16 4.80
N TYR B 369 -49.23 -9.51 4.59
CA TYR B 369 -49.20 -8.06 4.67
C TYR B 369 -50.09 -7.44 3.61
N ASN B 370 -50.10 -8.01 2.41
CA ASN B 370 -51.00 -7.57 1.34
C ASN B 370 -52.25 -8.46 1.30
N SER B 371 -52.95 -8.49 2.42
CA SER B 371 -54.24 -9.14 2.53
C SER B 371 -55.33 -8.21 3.05
N ALA B 372 -54.96 -7.10 3.69
CA ALA B 372 -55.91 -6.08 4.14
C ALA B 372 -56.92 -6.64 5.14
N SER B 373 -56.66 -7.84 5.64
CA SER B 373 -57.50 -8.38 6.70
C SER B 373 -57.02 -7.99 8.09
N PHE B 374 -56.23 -6.92 8.21
CA PHE B 374 -55.62 -6.54 9.48
C PHE B 374 -56.09 -5.17 9.92
N SER B 375 -56.43 -5.06 11.21
CA SER B 375 -56.70 -3.75 11.78
C SER B 375 -55.43 -2.92 11.91
N THR B 376 -54.33 -3.54 12.32
CA THR B 376 -53.06 -2.82 12.33
C THR B 376 -51.91 -3.79 12.15
N PHE B 377 -50.92 -3.35 11.38
CA PHE B 377 -49.73 -4.12 11.07
C PHE B 377 -48.56 -3.24 11.48
N LYS B 378 -48.20 -3.30 12.75
CA LYS B 378 -47.27 -2.33 13.31
C LYS B 378 -45.91 -2.99 13.46
N CYS B 379 -44.94 -2.54 12.66
CA CYS B 379 -43.62 -3.13 12.68
C CYS B 379 -42.62 -2.26 13.43
N TYR B 380 -41.73 -2.90 14.16
CA TYR B 380 -40.76 -2.23 15.00
C TYR B 380 -39.41 -2.90 14.80
N GLY B 381 -38.40 -2.09 14.56
CA GLY B 381 -37.09 -2.60 14.20
C GLY B 381 -36.97 -2.74 12.71
N VAL B 382 -38.02 -3.29 12.08
CA VAL B 382 -38.03 -3.57 10.65
C VAL B 382 -39.22 -2.84 10.03
N SER B 383 -39.22 -2.80 8.72
CA SER B 383 -40.16 -2.17 7.79
C SER B 383 -41.32 -3.10 7.49
N PRO B 384 -42.50 -2.55 7.18
CA PRO B 384 -43.61 -3.42 6.76
C PRO B 384 -43.29 -4.19 5.49
N THR B 385 -42.86 -3.50 4.44
CA THR B 385 -42.25 -4.14 3.29
C THR B 385 -40.78 -4.40 3.60
N LYS B 386 -39.97 -4.70 2.58
CA LYS B 386 -38.53 -4.85 2.74
C LYS B 386 -38.20 -5.97 3.72
N LEU B 387 -39.07 -6.97 3.78
CA LEU B 387 -38.92 -8.07 4.71
C LEU B 387 -38.45 -9.35 4.05
N ASN B 388 -39.08 -9.74 2.94
CA ASN B 388 -38.74 -11.00 2.30
C ASN B 388 -37.29 -11.06 1.88
N ASP B 389 -36.59 -9.94 1.92
CA ASP B 389 -35.14 -9.92 1.75
C ASP B 389 -34.41 -10.03 3.07
N LEU B 390 -35.08 -10.55 4.10
CA LEU B 390 -34.44 -10.82 5.39
C LEU B 390 -34.50 -12.30 5.68
N CYS B 391 -33.40 -12.81 6.24
CA CYS B 391 -33.27 -14.23 6.57
C CYS B 391 -33.00 -14.29 8.07
N PHE B 392 -33.96 -14.76 8.84
CA PHE B 392 -33.80 -14.84 10.29
C PHE B 392 -33.56 -16.28 10.73
N THR B 393 -33.12 -16.42 11.98
CA THR B 393 -32.95 -17.75 12.53
C THR B 393 -34.30 -18.39 12.80
N ASN B 394 -35.13 -17.75 13.63
CA ASN B 394 -36.46 -18.25 13.89
C ASN B 394 -37.40 -17.08 14.19
N VAL B 395 -38.69 -17.36 14.05
CA VAL B 395 -39.74 -16.39 14.32
C VAL B 395 -40.61 -16.95 15.42
N TYR B 396 -41.24 -16.05 16.17
CA TYR B 396 -42.07 -16.43 17.30
C TYR B 396 -43.46 -15.87 17.10
N ALA B 397 -44.42 -16.77 16.90
CA ALA B 397 -45.79 -16.42 16.57
C ALA B 397 -46.64 -16.58 17.83
N ASP B 398 -46.83 -15.48 18.56
CA ASP B 398 -47.76 -15.47 19.67
C ASP B 398 -49.15 -15.16 19.14
N SER B 399 -50.17 -15.80 19.70
CA SER B 399 -51.53 -15.73 19.16
C SER B 399 -52.51 -15.66 20.32
N PHE B 400 -53.26 -14.56 20.42
CA PHE B 400 -54.29 -14.46 21.44
C PHE B 400 -55.34 -13.45 21.00
N VAL B 401 -56.24 -13.12 21.93
CA VAL B 401 -57.39 -12.27 21.65
C VAL B 401 -57.47 -11.18 22.72
N ILE B 402 -57.55 -9.93 22.29
CA ILE B 402 -57.63 -8.82 23.22
C ILE B 402 -58.75 -7.88 22.80
N ARG B 403 -59.00 -6.84 23.58
CA ARG B 403 -60.07 -5.92 23.25
C ARG B 403 -59.54 -4.79 22.37
N GLY B 404 -60.38 -3.77 22.18
CA GLY B 404 -60.00 -2.67 21.31
C GLY B 404 -58.78 -1.93 21.79
N ASP B 405 -58.86 -1.34 22.98
CA ASP B 405 -57.78 -0.48 23.46
C ASP B 405 -56.53 -1.28 23.78
N GLU B 406 -56.69 -2.55 24.14
CA GLU B 406 -55.55 -3.41 24.44
C GLU B 406 -54.62 -3.56 23.26
N VAL B 407 -55.12 -3.45 22.03
CA VAL B 407 -54.25 -3.50 20.87
C VAL B 407 -53.28 -2.32 20.92
N ARG B 408 -53.79 -1.13 21.18
CA ARG B 408 -52.91 0.01 21.39
C ARG B 408 -51.96 -0.24 22.54
N GLN B 409 -52.42 -0.92 23.59
CA GLN B 409 -51.51 -1.31 24.67
C GLN B 409 -50.32 -2.09 24.13
N ILE B 410 -50.57 -3.02 23.22
CA ILE B 410 -49.51 -3.87 22.68
C ILE B 410 -48.61 -3.02 21.79
N ALA B 411 -47.42 -2.71 22.30
CA ALA B 411 -46.41 -1.91 21.62
C ALA B 411 -45.12 -2.01 22.43
N PRO B 412 -43.97 -1.67 21.87
CA PRO B 412 -42.72 -1.85 22.61
C PRO B 412 -42.71 -1.02 23.89
N GLY B 413 -42.36 -1.68 24.99
CA GLY B 413 -42.20 -1.00 26.27
C GLY B 413 -43.43 -0.22 26.71
N GLN B 414 -44.58 -0.86 26.77
CA GLN B 414 -45.80 -0.19 27.20
C GLN B 414 -46.20 -0.64 28.60
N THR B 415 -47.11 0.12 29.20
CA THR B 415 -47.59 -0.13 30.55
C THR B 415 -49.11 -0.15 30.50
N GLY B 416 -49.69 -1.27 30.90
CA GLY B 416 -51.12 -1.45 30.82
C GLY B 416 -51.49 -2.84 31.26
N LYS B 417 -52.75 -3.07 31.62
CA LYS B 417 -53.18 -4.30 32.26
C LYS B 417 -52.57 -5.53 31.60
N ILE B 418 -52.84 -5.70 30.30
CA ILE B 418 -52.27 -6.84 29.60
C ILE B 418 -50.75 -6.74 29.55
N ALA B 419 -50.23 -5.61 29.08
CA ALA B 419 -48.80 -5.41 28.93
C ALA B 419 -48.04 -5.55 30.25
N ASP B 420 -48.68 -5.29 31.37
CA ASP B 420 -48.03 -5.38 32.67
C ASP B 420 -48.20 -6.71 33.35
N TYR B 421 -49.28 -7.44 33.05
CA TYR B 421 -49.51 -8.69 33.75
C TYR B 421 -49.85 -9.86 32.84
N ASN B 422 -49.93 -9.68 31.53
CA ASN B 422 -50.20 -10.80 30.65
C ASN B 422 -49.15 -11.02 29.59
N TYR B 423 -48.65 -9.97 28.95
CA TYR B 423 -47.69 -10.16 27.86
C TYR B 423 -46.86 -8.87 27.71
N LYS B 424 -45.64 -8.90 28.23
CA LYS B 424 -44.80 -7.71 28.25
C LYS B 424 -43.82 -7.74 27.09
N LEU B 425 -44.02 -6.84 26.15
CA LEU B 425 -43.04 -6.62 25.09
C LEU B 425 -41.83 -5.86 25.64
N PRO B 426 -40.66 -6.05 25.06
CA PRO B 426 -39.52 -5.23 25.45
C PRO B 426 -39.62 -3.84 24.85
N ASP B 427 -38.59 -3.05 25.08
CA ASP B 427 -38.45 -1.76 24.43
C ASP B 427 -37.78 -1.86 23.07
N ASP B 428 -36.98 -2.91 22.86
CA ASP B 428 -36.31 -3.17 21.60
C ASP B 428 -36.93 -4.34 20.83
N PHE B 429 -38.26 -4.44 20.85
CA PHE B 429 -38.94 -5.53 20.17
C PHE B 429 -38.78 -5.39 18.66
N THR B 430 -38.22 -6.42 18.03
CA THR B 430 -38.00 -6.44 16.59
C THR B 430 -39.01 -7.42 16.00
N GLY B 431 -40.09 -6.87 15.47
CA GLY B 431 -41.14 -7.70 14.92
C GLY B 431 -42.36 -6.87 14.61
N CYS B 432 -43.44 -7.56 14.25
CA CYS B 432 -44.63 -6.88 13.74
C CYS B 432 -45.89 -7.41 14.41
N VAL B 433 -46.66 -6.52 15.02
CA VAL B 433 -47.92 -6.89 15.64
C VAL B 433 -49.04 -6.85 14.61
N ILE B 434 -49.91 -7.86 14.64
CA ILE B 434 -50.95 -8.06 13.63
C ILE B 434 -52.26 -8.07 14.41
N ALA B 435 -53.09 -7.06 14.21
CA ALA B 435 -54.38 -7.01 14.86
C ALA B 435 -55.50 -6.98 13.82
N TRP B 436 -56.54 -7.79 14.08
CA TRP B 436 -57.67 -7.84 13.18
C TRP B 436 -58.91 -8.25 13.97
N ASN B 437 -60.03 -7.61 13.65
CA ASN B 437 -61.26 -7.80 14.42
C ASN B 437 -61.83 -9.20 14.20
N SER B 438 -62.55 -9.70 15.20
CA SER B 438 -63.18 -11.01 15.13
C SER B 438 -64.61 -10.97 15.66
N ASN B 439 -65.23 -9.78 15.66
CA ASN B 439 -66.59 -9.65 16.16
C ASN B 439 -67.59 -10.41 15.32
N ASN B 440 -67.29 -10.60 14.02
CA ASN B 440 -68.18 -11.36 13.14
C ASN B 440 -67.92 -12.86 13.24
N LEU B 441 -66.89 -13.26 13.97
CA LEU B 441 -66.56 -14.66 14.16
C LEU B 441 -66.69 -15.08 15.63
N ASP B 442 -65.98 -14.41 16.52
CA ASP B 442 -65.86 -14.86 17.90
C ASP B 442 -66.97 -14.35 18.81
N SER B 443 -67.50 -13.15 18.56
CA SER B 443 -68.58 -12.63 19.38
C SER B 443 -69.80 -13.55 19.30
N LYS B 444 -70.58 -13.57 20.37
CA LYS B 444 -71.75 -14.41 20.40
C LYS B 444 -72.78 -13.83 21.36
N VAL B 445 -74.06 -14.14 21.09
CA VAL B 445 -75.14 -13.69 21.94
C VAL B 445 -74.99 -14.22 23.36
N GLY B 446 -75.25 -13.37 24.33
CA GLY B 446 -75.18 -13.75 25.73
C GLY B 446 -73.79 -13.58 26.31
N GLY B 447 -72.80 -13.44 25.44
CA GLY B 447 -71.42 -13.32 25.86
C GLY B 447 -70.60 -14.53 25.47
N ASN B 448 -69.31 -14.31 25.25
CA ASN B 448 -68.35 -15.38 24.98
C ASN B 448 -67.35 -15.32 26.13
N TYR B 449 -67.64 -16.07 27.19
CA TYR B 449 -66.91 -15.97 28.45
C TYR B 449 -65.70 -16.88 28.51
N ASN B 450 -65.12 -17.26 27.37
CA ASN B 450 -64.03 -18.22 27.40
C ASN B 450 -62.67 -17.59 27.62
N TYR B 451 -62.50 -16.30 27.33
CA TYR B 451 -61.20 -15.65 27.39
C TYR B 451 -61.03 -14.98 28.74
N LEU B 452 -59.87 -15.19 29.36
CA LEU B 452 -59.59 -14.67 30.68
C LEU B 452 -58.33 -13.82 30.62
N TYR B 453 -58.34 -12.68 31.30
CA TYR B 453 -57.16 -11.85 31.47
C TYR B 453 -56.80 -11.78 32.95
N ARG B 454 -55.53 -11.55 33.23
CA ARG B 454 -55.05 -11.48 34.61
C ARG B 454 -55.55 -10.20 35.24
N LEU B 455 -56.38 -10.32 36.28
CA LEU B 455 -56.92 -9.14 36.94
C LEU B 455 -55.83 -8.30 37.57
N PHE B 456 -55.14 -8.85 38.56
CA PHE B 456 -54.13 -8.12 39.31
C PHE B 456 -52.97 -9.04 39.65
N ARG B 457 -51.79 -8.44 39.73
CA ARG B 457 -50.60 -9.13 40.19
C ARG B 457 -49.64 -8.10 40.75
N LYS B 458 -48.65 -8.58 41.50
CA LYS B 458 -47.81 -7.68 42.27
C LYS B 458 -46.81 -6.93 41.40
N SER B 459 -46.50 -7.46 40.22
CA SER B 459 -45.36 -6.95 39.49
C SER B 459 -45.57 -7.07 37.99
N ASN B 460 -44.81 -6.26 37.25
CA ASN B 460 -44.74 -6.34 35.80
C ASN B 460 -43.85 -7.50 35.38
N LEU B 461 -44.02 -7.94 34.15
CA LEU B 461 -43.32 -9.10 33.64
C LEU B 461 -42.00 -8.69 33.01
N LYS B 462 -41.10 -9.67 32.87
CA LYS B 462 -39.91 -9.49 32.07
C LYS B 462 -40.32 -9.38 30.62
N PRO B 463 -39.46 -8.80 29.78
CA PRO B 463 -39.74 -8.81 28.34
C PRO B 463 -39.99 -10.23 27.85
N PHE B 464 -41.18 -10.44 27.29
CA PHE B 464 -41.60 -11.73 26.75
C PHE B 464 -41.75 -12.79 27.83
N GLU B 465 -41.87 -12.39 29.10
CA GLU B 465 -42.02 -13.36 30.17
C GLU B 465 -43.39 -14.04 30.08
N ARG B 466 -43.44 -15.32 30.45
CA ARG B 466 -44.69 -16.08 30.44
C ARG B 466 -45.09 -16.35 31.88
N ASP B 467 -46.09 -15.60 32.36
CA ASP B 467 -46.64 -15.80 33.69
C ASP B 467 -47.94 -16.60 33.56
N ILE B 468 -47.95 -17.82 34.10
CA ILE B 468 -49.09 -18.70 34.01
C ILE B 468 -49.66 -19.05 35.37
N SER B 469 -48.91 -18.82 36.45
CA SER B 469 -49.33 -19.22 37.78
C SER B 469 -50.73 -18.73 38.11
N THR B 470 -51.58 -19.66 38.54
CA THR B 470 -52.97 -19.37 38.86
C THR B 470 -53.17 -19.29 40.38
N GLU B 471 -52.12 -18.89 41.10
CA GLU B 471 -52.22 -18.72 42.54
C GLU B 471 -53.19 -17.58 42.85
N ILE B 472 -54.19 -17.88 43.68
CA ILE B 472 -55.17 -16.87 44.08
C ILE B 472 -54.48 -15.60 44.55
N TYR B 473 -54.94 -14.47 44.01
CA TYR B 473 -54.28 -13.20 44.29
C TYR B 473 -54.28 -12.93 45.78
N GLN B 474 -53.08 -12.86 46.35
CA GLN B 474 -52.89 -12.66 47.78
C GLN B 474 -52.83 -11.17 48.07
N ALA B 475 -53.54 -10.74 49.11
CA ALA B 475 -53.51 -9.36 49.57
C ALA B 475 -54.16 -9.32 50.95
N GLY B 476 -54.17 -8.15 51.55
CA GLY B 476 -54.71 -7.97 52.90
C GLY B 476 -53.59 -8.05 53.93
N SER B 477 -53.69 -9.01 54.85
CA SER B 477 -52.66 -9.23 55.84
CA SER B 477 -52.66 -9.23 55.84
C SER B 477 -52.33 -10.70 56.09
N THR B 478 -53.03 -11.64 55.45
CA THR B 478 -52.81 -13.05 55.69
C THR B 478 -52.77 -13.79 54.36
N PRO B 479 -51.96 -14.85 54.27
CA PRO B 479 -52.10 -15.79 53.15
C PRO B 479 -53.51 -16.37 53.14
N CYS B 480 -54.23 -16.11 52.05
CA CYS B 480 -55.67 -16.37 52.03
C CYS B 480 -55.99 -17.83 52.25
N ASN B 481 -55.13 -18.73 51.74
CA ASN B 481 -55.36 -20.17 51.81
C ASN B 481 -56.68 -20.54 51.13
N GLY B 482 -56.89 -19.97 49.96
CA GLY B 482 -58.04 -20.35 49.13
C GLY B 482 -59.39 -19.74 49.42
N VAL B 483 -59.58 -19.21 50.62
CA VAL B 483 -60.90 -18.70 50.99
C VAL B 483 -61.21 -17.38 50.30
N GLU B 484 -60.20 -16.69 49.77
CA GLU B 484 -60.36 -15.35 49.23
C GLU B 484 -60.97 -14.40 50.28
N GLY B 485 -60.21 -14.19 51.35
CA GLY B 485 -60.62 -13.28 52.38
C GLY B 485 -60.64 -11.83 51.91
N PHE B 486 -60.70 -10.93 52.89
CA PHE B 486 -60.72 -9.50 52.61
C PHE B 486 -59.49 -9.09 51.81
N ASN B 487 -59.70 -8.18 50.85
CA ASN B 487 -58.68 -7.68 49.94
C ASN B 487 -58.13 -8.77 49.02
N CYS B 488 -58.63 -9.99 49.11
CA CYS B 488 -58.06 -11.14 48.46
C CYS B 488 -59.04 -11.65 47.40
N TYR B 489 -58.60 -11.66 46.14
CA TYR B 489 -59.52 -11.92 45.04
C TYR B 489 -58.88 -12.90 44.07
N PHE B 490 -59.62 -13.23 43.02
CA PHE B 490 -59.13 -14.12 41.99
C PHE B 490 -58.28 -13.32 41.00
N PRO B 491 -57.23 -13.94 40.44
CA PRO B 491 -56.38 -13.21 39.49
C PRO B 491 -56.94 -13.14 38.07
N LEU B 492 -57.86 -14.01 37.69
CA LEU B 492 -58.32 -14.08 36.32
C LEU B 492 -59.77 -13.63 36.20
N GLN B 493 -60.07 -12.91 35.13
CA GLN B 493 -61.41 -12.39 34.85
C GLN B 493 -61.78 -12.67 33.41
N SER B 494 -62.99 -13.19 33.22
CA SER B 494 -63.48 -13.53 31.90
C SER B 494 -63.92 -12.27 31.15
N TYR B 495 -64.18 -12.43 29.86
CA TYR B 495 -64.56 -11.30 29.01
C TYR B 495 -66.07 -11.27 28.77
N GLY B 496 -66.61 -12.38 28.25
CA GLY B 496 -68.02 -12.43 27.95
C GLY B 496 -68.40 -11.59 26.76
N PHE B 497 -67.88 -11.94 25.58
CA PHE B 497 -68.08 -11.15 24.37
C PHE B 497 -69.52 -11.21 23.89
N GLN B 498 -70.24 -10.12 24.09
CA GLN B 498 -71.59 -9.90 23.57
C GLN B 498 -71.51 -9.33 22.16
N PRO B 499 -72.31 -9.79 21.21
CA PRO B 499 -72.11 -9.36 19.82
C PRO B 499 -72.40 -7.90 19.58
N THR B 500 -73.29 -7.29 20.36
CA THR B 500 -73.66 -5.90 20.17
C THR B 500 -72.70 -4.96 20.89
N ASN B 501 -71.71 -5.50 21.58
CA ASN B 501 -70.70 -4.68 22.22
C ASN B 501 -70.02 -3.77 21.20
N GLY B 502 -69.58 -2.62 21.67
CA GLY B 502 -68.81 -1.74 20.83
C GLY B 502 -67.41 -2.27 20.60
N VAL B 503 -66.69 -1.60 19.70
CA VAL B 503 -65.33 -2.00 19.35
C VAL B 503 -64.47 -2.18 20.59
N GLY B 504 -64.72 -1.36 21.63
CA GLY B 504 -63.95 -1.45 22.84
C GLY B 504 -64.03 -2.81 23.51
N TYR B 505 -65.19 -3.46 23.44
CA TYR B 505 -65.36 -4.80 23.97
C TYR B 505 -65.30 -5.86 22.88
N GLN B 506 -64.91 -5.49 21.67
CA GLN B 506 -65.02 -6.53 20.65
C GLN B 506 -63.78 -7.41 20.63
N PRO B 507 -63.96 -8.69 20.33
CA PRO B 507 -62.80 -9.61 20.28
C PRO B 507 -61.93 -9.30 19.08
N TYR B 508 -60.81 -8.65 19.35
CA TYR B 508 -59.79 -8.36 18.34
C TYR B 508 -58.73 -9.45 18.45
N ARG B 509 -58.65 -10.32 17.45
CA ARG B 509 -57.62 -11.33 17.46
C ARG B 509 -56.29 -10.71 17.04
N VAL B 510 -55.25 -11.01 17.79
CA VAL B 510 -53.94 -10.43 17.59
C VAL B 510 -52.91 -11.56 17.55
N VAL B 511 -51.89 -11.36 16.72
CA VAL B 511 -50.76 -12.27 16.59
C VAL B 511 -49.52 -11.40 16.50
N VAL B 512 -48.56 -11.63 17.38
CA VAL B 512 -47.33 -10.86 17.38
C VAL B 512 -46.18 -11.77 16.96
N LEU B 513 -45.40 -11.28 15.99
CA LEU B 513 -44.23 -11.98 15.49
C LEU B 513 -42.98 -11.23 15.91
N SER B 514 -42.01 -11.99 16.42
CA SER B 514 -40.68 -11.48 16.72
C SER B 514 -39.67 -12.21 15.86
N PHE B 515 -38.54 -11.55 15.62
CA PHE B 515 -37.49 -12.05 14.75
C PHE B 515 -36.22 -12.24 15.55
N GLU B 516 -35.85 -13.51 15.76
CA GLU B 516 -34.71 -13.87 16.58
C GLU B 516 -33.51 -14.17 15.69
N LEU B 517 -32.36 -13.64 16.07
CA LEU B 517 -31.13 -13.82 15.29
C LEU B 517 -30.00 -14.23 16.23
N LEU B 518 -29.52 -15.45 16.08
CA LEU B 518 -28.41 -15.94 16.87
C LEU B 518 -27.11 -15.88 16.07
N ALA B 520 -25.46 -18.80 14.19
CA ALA B 520 -26.40 -19.86 13.83
C ALA B 520 -26.91 -19.66 12.42
N PRO B 521 -27.22 -20.76 11.73
CA PRO B 521 -27.70 -20.65 10.34
C PRO B 521 -29.15 -20.21 10.26
N ALA B 522 -29.40 -19.26 9.35
CA ALA B 522 -30.73 -18.72 9.15
C ALA B 522 -31.58 -19.73 8.40
N THR B 523 -32.50 -20.39 9.08
CA THR B 523 -33.32 -21.43 8.49
C THR B 523 -34.67 -20.94 8.00
N VAL B 524 -35.03 -19.70 8.26
CA VAL B 524 -36.29 -19.12 7.78
C VAL B 524 -35.98 -17.81 7.09
N CYS B 525 -36.46 -17.66 5.85
CA CYS B 525 -36.16 -16.48 5.06
C CYS B 525 -37.18 -16.33 3.96
N GLY B 526 -37.47 -15.08 3.61
CA GLY B 526 -38.48 -14.76 2.64
C GLY B 526 -38.14 -15.31 1.27
N PRO B 527 -39.14 -15.47 0.43
CA PRO B 527 -38.90 -16.08 -0.89
C PRO B 527 -38.04 -15.20 -1.77
N LYS B 528 -37.63 -15.73 -2.91
CA LYS B 528 -36.90 -14.99 -3.91
C LYS B 528 -37.53 -15.23 -5.27
N LYS B 529 -37.74 -14.15 -6.02
CA LYS B 529 -38.33 -14.28 -7.33
C LYS B 529 -37.39 -15.03 -8.27
N SER B 530 -37.90 -15.39 -9.43
CA SER B 530 -37.10 -16.06 -10.45
C SER B 530 -37.66 -15.68 -11.81
N THR B 531 -36.98 -14.78 -12.50
CA THR B 531 -37.45 -14.29 -13.78
C THR B 531 -37.44 -15.40 -14.81
N ASN B 532 -38.09 -15.16 -15.95
CA ASN B 532 -38.07 -16.14 -17.02
C ASN B 532 -36.62 -16.40 -17.46
N LEU B 533 -36.43 -17.52 -18.16
CA LEU B 533 -35.13 -17.94 -18.63
C LEU B 533 -34.96 -17.52 -20.09
N VAL B 534 -33.89 -16.79 -20.38
CA VAL B 534 -33.60 -16.31 -21.72
C VAL B 534 -32.29 -16.92 -22.19
N LYS B 535 -32.24 -17.29 -23.46
CA LYS B 535 -31.07 -17.95 -24.01
C LYS B 535 -30.55 -17.20 -25.22
N ASN B 536 -29.28 -17.44 -25.52
CA ASN B 536 -28.67 -16.95 -26.75
C ASN B 536 -28.62 -15.44 -26.79
N LYS B 537 -28.39 -14.81 -25.63
CA LYS B 537 -28.22 -13.38 -25.55
C LYS B 537 -27.23 -13.10 -24.44
N CYS B 538 -26.32 -12.17 -24.67
CA CYS B 538 -25.40 -11.80 -23.61
C CYS B 538 -26.24 -11.19 -22.50
N VAL B 539 -26.47 -11.98 -21.45
CA VAL B 539 -27.28 -11.56 -20.33
C VAL B 539 -26.39 -11.51 -19.10
N ASN B 540 -26.87 -10.81 -18.09
CA ASN B 540 -26.14 -10.69 -16.84
C ASN B 540 -26.83 -11.59 -15.82
N PHE B 541 -26.54 -12.87 -15.88
CA PHE B 541 -27.24 -13.84 -15.06
C PHE B 541 -26.80 -13.75 -13.60
N ASN B 542 -27.71 -14.18 -12.73
CA ASN B 542 -27.42 -14.45 -11.33
C ASN B 542 -28.21 -15.71 -10.97
N PHE B 543 -27.57 -16.85 -11.12
CA PHE B 543 -28.18 -18.08 -10.63
C PHE B 543 -28.02 -18.15 -9.11
N ASN B 544 -28.73 -19.10 -8.51
CA ASN B 544 -29.09 -19.03 -7.09
C ASN B 544 -27.95 -18.52 -6.22
N GLY B 545 -26.75 -19.04 -6.43
CA GLY B 545 -25.64 -18.53 -5.66
C GLY B 545 -24.74 -17.62 -6.45
N LEU B 546 -24.40 -18.04 -7.66
CA LEU B 546 -23.33 -17.39 -8.40
C LEU B 546 -23.89 -16.44 -9.45
N THR B 547 -23.07 -15.46 -9.82
CA THR B 547 -23.46 -14.41 -10.74
C THR B 547 -22.58 -14.49 -11.98
N GLY B 548 -22.75 -13.52 -12.87
CA GLY B 548 -21.85 -13.36 -14.00
C GLY B 548 -22.61 -13.17 -15.29
N THR B 549 -21.87 -12.74 -16.31
CA THR B 549 -22.46 -12.42 -17.60
C THR B 549 -22.06 -13.46 -18.63
N GLY B 550 -23.02 -13.88 -19.44
CA GLY B 550 -22.74 -14.96 -20.37
C GLY B 550 -23.79 -15.06 -21.44
N VAL B 551 -23.81 -16.21 -22.11
CA VAL B 551 -24.77 -16.50 -23.17
C VAL B 551 -25.27 -17.91 -22.91
N LEU B 552 -26.39 -18.03 -22.22
CA LEU B 552 -26.87 -19.31 -21.73
C LEU B 552 -27.37 -20.13 -22.91
N THR B 553 -26.88 -21.35 -23.04
CA THR B 553 -27.25 -22.20 -24.16
C THR B 553 -27.53 -23.63 -23.68
N GLU B 554 -28.57 -24.23 -24.25
CA GLU B 554 -28.91 -25.61 -23.89
C GLU B 554 -27.75 -26.51 -24.21
N SER B 555 -27.24 -27.19 -23.19
CA SER B 555 -26.05 -28.01 -23.33
C SER B 555 -26.42 -29.48 -23.50
N ASN B 556 -25.40 -30.33 -23.49
CA ASN B 556 -25.59 -31.77 -23.48
C ASN B 556 -24.74 -32.43 -22.40
N LYS B 557 -24.24 -31.65 -21.45
CA LYS B 557 -23.48 -32.20 -20.35
C LYS B 557 -24.40 -32.86 -19.34
N LYS B 558 -23.94 -33.93 -18.72
CA LYS B 558 -24.74 -34.69 -17.77
C LYS B 558 -24.14 -34.55 -16.38
N PHE B 559 -24.70 -33.64 -15.59
CA PHE B 559 -24.22 -33.46 -14.23
C PHE B 559 -24.55 -34.70 -13.40
N LEU B 560 -24.04 -34.73 -12.27
CA LEU B 560 -24.61 -35.72 -11.38
C LEU B 560 -25.82 -35.15 -10.66
N PRO B 561 -26.71 -36.01 -10.20
CA PRO B 561 -27.96 -35.53 -9.58
C PRO B 561 -27.79 -34.43 -8.55
N PHE B 562 -26.64 -34.35 -7.91
CA PHE B 562 -26.44 -33.40 -6.84
C PHE B 562 -25.54 -32.24 -7.20
N GLN B 563 -24.82 -32.31 -8.31
CA GLN B 563 -23.92 -31.24 -8.67
C GLN B 563 -24.70 -30.04 -9.20
N GLN B 564 -24.09 -28.87 -9.11
CA GLN B 564 -24.77 -27.67 -9.57
C GLN B 564 -24.00 -26.91 -10.63
N PHE B 565 -22.68 -26.81 -10.46
CA PHE B 565 -21.87 -26.02 -11.37
C PHE B 565 -21.17 -26.92 -12.36
N GLY B 566 -20.39 -26.30 -13.22
CA GLY B 566 -19.35 -26.99 -13.95
C GLY B 566 -18.19 -26.04 -14.11
N ARG B 567 -16.97 -26.57 -14.08
CA ARG B 567 -15.84 -25.69 -14.16
C ARG B 567 -14.91 -26.14 -15.26
N ASP B 568 -14.04 -25.22 -15.66
CA ASP B 568 -13.09 -25.43 -16.73
C ASP B 568 -11.75 -25.81 -16.11
N ILE B 569 -10.80 -26.19 -16.96
CA ILE B 569 -9.50 -26.62 -16.46
C ILE B 569 -8.82 -25.53 -15.66
N ALA B 570 -9.22 -24.28 -15.85
CA ALA B 570 -8.63 -23.16 -15.12
C ALA B 570 -9.56 -22.62 -14.04
N ASP B 571 -10.54 -23.41 -13.62
CA ASP B 571 -11.46 -23.03 -12.56
C ASP B 571 -12.24 -21.76 -12.93
N THR B 572 -13.01 -21.89 -14.00
CA THR B 572 -13.93 -20.84 -14.44
C THR B 572 -15.29 -21.49 -14.68
N THR B 573 -16.35 -20.78 -14.33
CA THR B 573 -17.68 -21.34 -14.47
C THR B 573 -17.99 -21.61 -15.94
N ASP B 574 -18.53 -22.80 -16.21
CA ASP B 574 -18.80 -23.22 -17.57
C ASP B 574 -20.15 -23.88 -17.77
N ALA B 575 -20.81 -24.32 -16.70
CA ALA B 575 -22.09 -24.97 -16.88
C ALA B 575 -22.86 -24.83 -15.59
N VAL B 576 -24.13 -24.49 -15.72
CA VAL B 576 -24.98 -24.26 -14.57
C VAL B 576 -26.27 -25.04 -14.74
N ARG B 577 -26.69 -25.72 -13.69
CA ARG B 577 -27.93 -26.46 -13.71
C ARG B 577 -29.06 -25.51 -13.38
N ASP B 578 -30.08 -25.48 -14.23
CA ASP B 578 -31.18 -24.57 -14.03
C ASP B 578 -31.95 -24.97 -12.79
N PRO B 579 -31.84 -24.23 -11.69
CA PRO B 579 -32.39 -24.72 -10.41
C PRO B 579 -33.89 -24.85 -10.39
N GLN B 580 -34.59 -24.46 -11.45
CA GLN B 580 -36.03 -24.68 -11.51
C GLN B 580 -36.35 -25.93 -12.32
N THR B 581 -35.92 -25.97 -13.58
CA THR B 581 -36.06 -27.14 -14.42
C THR B 581 -34.67 -27.72 -14.66
N LEU B 582 -34.47 -28.96 -14.27
CA LEU B 582 -33.13 -29.50 -14.22
C LEU B 582 -32.56 -29.74 -15.61
N GLU B 583 -32.35 -28.67 -16.37
CA GLU B 583 -31.70 -28.74 -17.66
C GLU B 583 -30.38 -27.97 -17.57
N ILE B 584 -29.31 -28.59 -18.01
CA ILE B 584 -27.96 -28.08 -17.77
C ILE B 584 -27.59 -27.13 -18.88
N LEU B 585 -27.38 -25.86 -18.54
CA LEU B 585 -27.04 -24.85 -19.54
C LEU B 585 -25.55 -24.57 -19.54
N ASP B 586 -25.04 -24.17 -20.69
CA ASP B 586 -23.66 -23.75 -20.84
C ASP B 586 -23.52 -22.27 -20.51
N ILE B 587 -22.30 -21.78 -20.57
CA ILE B 587 -22.03 -20.36 -20.36
C ILE B 587 -20.90 -19.94 -21.28
N THR B 588 -21.24 -19.18 -22.30
CA THR B 588 -20.26 -18.68 -23.23
C THR B 588 -20.10 -17.19 -23.03
N PRO B 589 -18.93 -16.71 -22.63
CA PRO B 589 -18.78 -15.27 -22.41
C PRO B 589 -19.06 -14.53 -23.70
N CYS B 590 -19.97 -13.57 -23.63
CA CYS B 590 -20.42 -12.92 -24.84
C CYS B 590 -19.28 -12.18 -25.51
N SER B 591 -19.32 -12.18 -26.84
CA SER B 591 -18.13 -11.96 -27.65
C SER B 591 -17.52 -10.60 -27.40
N PHE B 592 -16.21 -10.59 -27.21
CA PHE B 592 -15.42 -9.38 -27.22
C PHE B 592 -14.29 -9.58 -28.20
N GLY B 593 -13.45 -8.58 -28.36
CA GLY B 593 -12.28 -8.70 -29.20
C GLY B 593 -11.82 -7.42 -29.84
N GLY B 594 -10.58 -7.42 -30.29
CA GLY B 594 -10.00 -6.21 -30.84
C GLY B 594 -10.65 -5.79 -32.14
N VAL B 595 -10.40 -4.53 -32.49
CA VAL B 595 -10.92 -3.94 -33.70
C VAL B 595 -9.74 -3.33 -34.45
N SER B 596 -9.46 -3.85 -35.62
CA SER B 596 -8.33 -3.36 -36.39
C SER B 596 -8.85 -2.58 -37.58
N VAL B 597 -8.06 -1.66 -38.10
CA VAL B 597 -8.49 -0.77 -39.16
C VAL B 597 -7.56 -0.92 -40.33
N ILE B 598 -7.87 -1.82 -41.24
CA ILE B 598 -7.11 -2.01 -42.46
C ILE B 598 -7.21 -0.74 -43.25
N THR B 599 -6.07 -0.23 -43.74
CA THR B 599 -6.07 0.97 -44.53
C THR B 599 -4.91 1.05 -45.50
N PRO B 600 -5.16 1.38 -46.75
CA PRO B 600 -4.08 1.90 -47.58
C PRO B 600 -3.67 3.22 -46.98
N GLY B 601 -2.44 3.64 -47.28
CA GLY B 601 -1.97 4.88 -46.73
C GLY B 601 -2.90 6.03 -47.05
N THR B 602 -3.11 6.94 -46.09
CA THR B 602 -3.90 8.12 -46.40
C THR B 602 -3.35 8.89 -47.57
N ASN B 603 -2.08 8.71 -47.91
CA ASN B 603 -1.57 9.28 -49.14
C ASN B 603 -2.23 8.67 -50.37
N THR B 604 -3.01 7.61 -50.19
CA THR B 604 -3.70 7.01 -51.32
C THR B 604 -5.19 7.33 -51.29
N SER B 605 -5.86 7.04 -50.18
CA SER B 605 -7.28 7.26 -50.10
C SER B 605 -7.72 7.30 -48.65
N ASN B 606 -8.85 7.95 -48.42
CA ASN B 606 -9.44 8.04 -47.09
C ASN B 606 -10.35 6.86 -46.79
N GLU B 607 -10.26 5.80 -47.57
CA GLU B 607 -11.13 4.65 -47.40
C GLU B 607 -10.42 3.59 -46.58
N VAL B 608 -11.17 2.89 -45.73
CA VAL B 608 -10.64 1.90 -44.83
C VAL B 608 -11.54 0.67 -44.85
N ALA B 609 -11.18 -0.32 -44.05
CA ALA B 609 -12.03 -1.48 -43.85
C ALA B 609 -11.74 -2.04 -42.48
N VAL B 610 -12.74 -2.30 -41.74
CA VAL B 610 -12.56 -2.68 -40.34
C VAL B 610 -12.50 -4.19 -40.24
N LEU B 611 -11.84 -4.68 -39.21
CA LEU B 611 -11.73 -6.11 -38.95
C LEU B 611 -12.01 -6.33 -37.47
N TYR B 612 -13.15 -6.91 -37.17
CA TYR B 612 -13.43 -7.32 -35.81
C TYR B 612 -12.83 -8.69 -35.57
N GLN B 613 -12.04 -8.83 -34.53
CA GLN B 613 -11.31 -10.07 -34.31
C GLN B 613 -12.19 -11.07 -33.60
N ASP B 614 -12.30 -12.27 -34.15
CA ASP B 614 -12.96 -13.39 -33.49
C ASP B 614 -14.41 -13.12 -33.16
N VAL B 615 -15.25 -12.88 -34.16
CA VAL B 615 -16.69 -12.83 -33.99
C VAL B 615 -17.33 -13.58 -35.15
N ASN B 616 -18.54 -14.08 -34.93
CA ASN B 616 -19.21 -14.81 -36.00
C ASN B 616 -19.73 -13.86 -37.07
N CYS B 617 -19.40 -12.58 -36.96
CA CYS B 617 -19.74 -11.63 -38.01
C CYS B 617 -21.25 -11.48 -38.12
N THR B 618 -21.98 -11.91 -37.11
CA THR B 618 -23.37 -11.56 -36.96
C THR B 618 -23.63 -10.78 -35.69
N GLU B 619 -22.58 -10.39 -34.98
CA GLU B 619 -22.72 -9.62 -33.75
C GLU B 619 -22.27 -8.19 -33.88
N VAL B 620 -21.88 -7.77 -35.08
CA VAL B 620 -21.47 -6.40 -35.29
C VAL B 620 -22.70 -5.49 -35.35
N ASN B 641 -19.48 -7.30 -49.47
CA ASN B 641 -19.21 -6.14 -48.62
C ASN B 641 -18.87 -6.56 -47.20
N VAL B 642 -19.30 -7.75 -46.80
CA VAL B 642 -19.06 -8.25 -45.46
C VAL B 642 -18.49 -9.66 -45.59
N PHE B 643 -17.19 -9.79 -45.40
CA PHE B 643 -16.49 -11.05 -45.52
C PHE B 643 -16.32 -11.65 -44.14
N GLN B 644 -16.34 -12.97 -44.04
CA GLN B 644 -16.08 -13.65 -42.78
C GLN B 644 -14.85 -14.53 -42.96
N THR B 645 -13.77 -14.19 -42.27
CA THR B 645 -12.50 -14.90 -42.41
C THR B 645 -12.30 -15.82 -41.22
N ARG B 646 -11.27 -16.66 -41.32
CA ARG B 646 -10.85 -17.43 -40.18
C ARG B 646 -10.21 -16.58 -39.11
N ALA B 647 -10.02 -15.29 -39.36
CA ALA B 647 -9.51 -14.37 -38.35
C ALA B 647 -10.60 -13.61 -37.64
N GLY B 648 -11.64 -13.20 -38.37
CA GLY B 648 -12.72 -12.46 -37.78
C GLY B 648 -13.75 -12.07 -38.80
N CYS B 649 -14.33 -10.88 -38.65
CA CYS B 649 -15.39 -10.42 -39.53
C CYS B 649 -14.89 -9.19 -40.26
N LEU B 650 -14.44 -9.37 -41.48
CA LEU B 650 -13.95 -8.25 -42.26
C LEU B 650 -15.11 -7.46 -42.81
N ILE B 651 -15.10 -6.15 -42.62
CA ILE B 651 -16.19 -5.29 -43.01
C ILE B 651 -15.65 -4.18 -43.90
N GLY B 652 -16.13 -4.14 -45.13
CA GLY B 652 -15.72 -3.11 -46.04
C GLY B 652 -14.70 -3.52 -47.07
N ALA B 653 -14.61 -4.80 -47.40
CA ALA B 653 -13.67 -5.25 -48.41
C ALA B 653 -14.27 -6.42 -49.16
N GLU B 654 -14.16 -6.39 -50.48
CA GLU B 654 -14.66 -7.47 -51.31
C GLU B 654 -13.76 -8.69 -51.20
N HIS B 655 -14.35 -9.86 -51.33
CA HIS B 655 -13.58 -11.10 -51.26
C HIS B 655 -13.40 -11.65 -52.65
N VAL B 656 -12.19 -11.50 -53.19
CA VAL B 656 -11.92 -11.84 -54.56
C VAL B 656 -11.49 -13.30 -54.64
N ASN B 657 -11.67 -13.89 -55.80
CA ASN B 657 -11.15 -15.22 -56.10
C ASN B 657 -9.71 -15.19 -56.59
N ASN B 658 -9.13 -14.01 -56.76
CA ASN B 658 -7.78 -13.91 -57.31
C ASN B 658 -6.76 -14.25 -56.23
N SER B 659 -5.49 -13.95 -56.51
CA SER B 659 -4.44 -14.17 -55.53
C SER B 659 -3.22 -13.35 -55.89
N TYR B 660 -2.85 -12.41 -55.03
CA TYR B 660 -1.68 -11.59 -55.28
C TYR B 660 -0.78 -11.67 -54.06
N GLU B 661 0.43 -11.12 -54.18
CA GLU B 661 1.35 -11.10 -53.07
C GLU B 661 0.73 -10.37 -51.89
N CYS B 662 1.09 -10.78 -50.69
CA CYS B 662 0.47 -10.23 -49.49
C CYS B 662 0.91 -8.79 -49.31
N ASP B 663 -0.05 -7.87 -49.37
CA ASP B 663 0.22 -6.46 -49.19
C ASP B 663 0.01 -6.03 -47.75
N ILE B 664 -1.17 -6.26 -47.21
CA ILE B 664 -1.43 -5.99 -45.80
C ILE B 664 -1.86 -7.30 -45.14
N PRO B 665 -1.12 -7.80 -44.17
CA PRO B 665 -1.46 -9.10 -43.57
C PRO B 665 -2.71 -8.96 -42.73
N ILE B 666 -3.48 -10.04 -42.67
CA ILE B 666 -4.69 -10.05 -41.85
C ILE B 666 -4.62 -11.21 -40.87
N GLY B 667 -4.50 -12.41 -41.39
CA GLY B 667 -4.48 -13.59 -40.56
C GLY B 667 -5.01 -14.77 -41.32
N ALA B 668 -4.64 -15.95 -40.88
CA ALA B 668 -5.11 -17.20 -41.46
C ALA B 668 -4.87 -17.26 -42.96
N GLY B 669 -3.97 -16.44 -43.47
CA GLY B 669 -3.64 -16.49 -44.87
C GLY B 669 -4.33 -15.46 -45.72
N ILE B 670 -5.21 -14.67 -45.17
CA ILE B 670 -5.92 -13.63 -45.93
C ILE B 670 -5.08 -12.38 -45.92
N CYS B 671 -5.01 -11.71 -47.06
CA CYS B 671 -4.30 -10.44 -47.14
C CYS B 671 -5.14 -9.46 -47.94
N ALA B 672 -5.17 -8.22 -47.48
CA ALA B 672 -5.99 -7.19 -48.10
C ALA B 672 -5.11 -6.14 -48.76
N SER B 673 -5.65 -5.50 -49.79
CA SER B 673 -4.91 -4.50 -50.54
C SER B 673 -5.87 -3.62 -51.32
N TYR B 674 -5.41 -2.41 -51.64
CA TYR B 674 -6.24 -1.40 -52.28
C TYR B 674 -5.99 -1.44 -53.77
N GLN B 675 -6.96 -1.93 -54.53
CA GLN B 675 -6.79 -2.08 -55.97
C GLN B 675 -8.10 -1.85 -56.69
N THR B 676 -8.01 -1.77 -58.01
CA THR B 676 -9.19 -1.59 -58.84
C THR B 676 -10.06 -2.85 -58.81
N SER B 689 -13.09 4.32 -58.35
CA SER B 689 -13.42 3.05 -59.00
C SER B 689 -12.75 1.88 -58.30
N GLN B 690 -11.64 2.17 -57.63
CA GLN B 690 -10.93 1.14 -56.89
C GLN B 690 -11.53 1.01 -55.50
N SER B 691 -11.09 -0.01 -54.79
CA SER B 691 -11.62 -0.33 -53.47
C SER B 691 -10.57 -1.14 -52.73
N ILE B 692 -10.99 -1.79 -51.65
CA ILE B 692 -10.13 -2.62 -50.83
C ILE B 692 -10.59 -4.05 -50.98
N ILE B 693 -9.70 -4.92 -51.43
CA ILE B 693 -10.01 -6.32 -51.65
C ILE B 693 -9.25 -7.17 -50.65
N ALA B 694 -9.81 -8.34 -50.34
CA ALA B 694 -9.21 -9.27 -49.40
C ALA B 694 -9.16 -10.63 -50.05
N TYR B 695 -7.96 -11.12 -50.33
CA TYR B 695 -7.78 -12.35 -51.06
C TYR B 695 -7.03 -13.33 -50.20
N THR B 696 -6.79 -14.53 -50.75
CA THR B 696 -5.97 -15.53 -50.09
C THR B 696 -4.59 -15.51 -50.72
N MET B 697 -3.61 -14.98 -50.01
CA MET B 697 -2.34 -14.62 -50.60
C MET B 697 -1.74 -15.78 -51.36
N SER B 698 -1.06 -15.46 -52.44
CA SER B 698 -0.36 -16.47 -53.21
C SER B 698 1.11 -16.43 -52.86
N LEU B 699 1.73 -17.60 -52.93
CA LEU B 699 3.10 -17.77 -52.50
C LEU B 699 4.12 -17.59 -53.61
N GLY B 700 3.67 -17.37 -54.84
CA GLY B 700 4.58 -17.16 -55.94
C GLY B 700 4.10 -17.91 -57.17
N ALA B 701 4.63 -17.54 -58.32
CA ALA B 701 4.27 -18.19 -59.56
C ALA B 701 4.80 -19.61 -59.55
N GLU B 702 3.89 -20.59 -59.59
CA GLU B 702 4.33 -21.97 -59.63
C GLU B 702 5.15 -22.23 -60.88
N ASN B 703 5.96 -23.28 -60.82
CA ASN B 703 6.96 -23.51 -61.84
C ASN B 703 7.37 -24.96 -61.80
N SER B 704 7.34 -25.60 -62.96
CA SER B 704 7.67 -27.02 -63.08
C SER B 704 8.96 -27.11 -63.87
N VAL B 705 10.04 -27.48 -63.20
CA VAL B 705 11.33 -27.60 -63.88
C VAL B 705 11.33 -28.83 -64.76
N ALA B 706 11.79 -28.65 -65.99
CA ALA B 706 11.79 -29.73 -66.97
C ALA B 706 12.87 -30.72 -66.57
N TYR B 707 12.57 -31.50 -65.54
CA TYR B 707 13.48 -32.52 -65.07
C TYR B 707 13.42 -33.72 -65.98
N SER B 708 14.53 -34.42 -66.09
CA SER B 708 14.56 -35.68 -66.81
C SER B 708 15.61 -36.55 -66.15
N ASN B 709 16.01 -37.61 -66.83
CA ASN B 709 17.15 -38.36 -66.37
C ASN B 709 18.38 -38.08 -67.21
N ASN B 710 18.26 -37.27 -68.25
CA ASN B 710 19.45 -36.94 -69.03
C ASN B 710 19.47 -35.50 -69.52
N SER B 711 18.80 -34.58 -68.83
CA SER B 711 18.74 -33.19 -69.28
C SER B 711 19.32 -32.31 -68.20
N ILE B 712 20.31 -31.51 -68.56
CA ILE B 712 20.94 -30.58 -67.64
C ILE B 712 20.87 -29.20 -68.25
N ALA B 713 20.65 -28.20 -67.41
CA ALA B 713 20.58 -26.83 -67.86
C ALA B 713 21.78 -26.06 -67.34
N ILE B 714 22.53 -25.48 -68.27
CA ILE B 714 23.78 -24.81 -67.94
C ILE B 714 23.66 -23.35 -68.34
N PRO B 715 24.11 -22.41 -67.52
CA PRO B 715 24.08 -21.02 -67.92
C PRO B 715 25.14 -20.73 -68.97
N THR B 716 24.96 -19.61 -69.65
CA THR B 716 25.89 -19.16 -70.66
C THR B 716 26.34 -17.75 -70.35
N ASN B 717 25.51 -17.02 -69.63
CA ASN B 717 25.81 -15.65 -69.26
C ASN B 717 25.64 -15.47 -67.76
N PHE B 718 26.05 -14.32 -67.26
CA PHE B 718 25.98 -14.06 -65.83
C PHE B 718 25.65 -12.60 -65.60
N THR B 719 25.14 -12.30 -64.42
CA THR B 719 24.88 -10.94 -64.02
C THR B 719 25.40 -10.71 -62.62
N ILE B 720 26.01 -9.56 -62.40
CA ILE B 720 26.66 -9.25 -61.13
C ILE B 720 25.72 -8.35 -60.36
N SER B 721 24.85 -8.93 -59.56
CA SER B 721 23.98 -8.09 -58.76
C SER B 721 24.74 -7.53 -57.59
N VAL B 722 24.21 -6.46 -57.00
CA VAL B 722 24.81 -5.86 -55.81
C VAL B 722 23.72 -5.56 -54.82
N THR B 723 23.52 -6.43 -53.85
CA THR B 723 22.45 -6.27 -52.90
C THR B 723 22.97 -5.55 -51.66
N THR B 724 22.08 -5.15 -50.77
CA THR B 724 22.42 -4.38 -49.59
C THR B 724 21.89 -5.12 -48.38
N GLU B 725 22.58 -5.02 -47.26
CA GLU B 725 22.11 -5.68 -46.05
C GLU B 725 22.39 -4.74 -44.87
N ILE B 726 21.37 -4.37 -44.15
CA ILE B 726 21.48 -3.34 -43.14
C ILE B 726 21.34 -3.96 -41.76
N LEU B 727 22.23 -3.62 -40.85
CA LEU B 727 22.15 -4.20 -39.54
C LEU B 727 22.33 -3.14 -38.47
N PRO B 728 21.49 -3.13 -37.45
CA PRO B 728 21.72 -2.25 -36.31
C PRO B 728 22.89 -2.77 -35.50
N VAL B 729 23.64 -1.84 -34.94
CA VAL B 729 24.80 -2.21 -34.14
C VAL B 729 24.79 -1.61 -32.74
N SER B 730 24.13 -0.50 -32.49
CA SER B 730 24.22 0.08 -31.15
C SER B 730 23.00 0.92 -30.85
N MET B 731 22.54 0.86 -29.61
CA MET B 731 21.50 1.74 -29.12
C MET B 731 22.13 3.09 -28.77
N THR B 732 21.40 3.94 -28.08
CA THR B 732 21.96 5.19 -27.57
C THR B 732 22.30 5.02 -26.10
N LYS B 733 23.53 5.33 -25.74
CA LYS B 733 24.00 5.09 -24.38
C LYS B 733 23.25 6.04 -23.47
N THR B 734 22.23 5.54 -22.81
CA THR B 734 21.40 6.34 -21.91
C THR B 734 21.66 5.98 -20.47
N SER B 735 21.68 7.00 -19.61
CA SER B 735 21.79 6.76 -18.19
C SER B 735 20.71 7.56 -17.49
N VAL B 736 20.21 7.01 -16.38
CA VAL B 736 19.06 7.56 -15.68
C VAL B 736 19.37 7.54 -14.19
N ASP B 737 19.64 8.70 -13.64
CA ASP B 737 19.82 8.83 -12.20
C ASP B 737 18.52 8.47 -11.52
N CYS B 738 18.50 7.39 -10.72
CA CYS B 738 17.26 6.99 -10.08
C CYS B 738 16.72 8.13 -9.22
N THR B 739 17.59 8.71 -8.40
CA THR B 739 17.12 9.64 -7.38
C THR B 739 16.50 10.87 -7.99
N MET B 740 17.27 11.61 -8.79
CA MET B 740 16.71 12.80 -9.39
C MET B 740 15.45 12.49 -10.20
N TYR B 741 15.29 11.25 -10.63
CA TYR B 741 14.04 10.88 -11.30
C TYR B 741 12.91 10.75 -10.31
N ILE B 742 13.05 9.82 -9.37
CA ILE B 742 11.96 9.49 -8.46
C ILE B 742 11.65 10.65 -7.55
N CYS B 743 12.68 11.25 -6.96
CA CYS B 743 12.49 12.23 -5.90
C CYS B 743 13.19 13.54 -6.21
N GLY B 744 12.95 14.08 -7.40
CA GLY B 744 13.65 15.28 -7.82
C GLY B 744 13.57 16.43 -6.84
N ASP B 745 14.69 16.74 -6.20
CA ASP B 745 14.82 17.92 -5.34
C ASP B 745 13.82 17.92 -4.20
N SER B 746 13.78 16.82 -3.45
CA SER B 746 12.92 16.72 -2.27
C SER B 746 13.66 15.85 -1.25
N THR B 747 14.30 16.49 -0.29
CA THR B 747 15.10 15.74 0.68
C THR B 747 14.26 14.70 1.41
N GLU B 748 13.05 15.08 1.81
CA GLU B 748 12.16 14.12 2.44
C GLU B 748 11.96 12.91 1.55
N CYS B 749 11.77 13.14 0.25
CA CYS B 749 11.53 12.02 -0.66
C CYS B 749 12.75 11.13 -0.75
N SER B 750 13.94 11.72 -0.83
CA SER B 750 15.15 10.90 -0.91
C SER B 750 15.30 10.05 0.35
N ASN B 751 15.05 10.66 1.50
CA ASN B 751 15.22 9.91 2.75
C ASN B 751 14.19 8.82 2.87
N LEU B 752 13.00 9.04 2.32
CA LEU B 752 12.03 7.95 2.24
C LEU B 752 12.55 6.85 1.32
N LEU B 753 13.06 7.22 0.16
CA LEU B 753 13.50 6.23 -0.81
C LEU B 753 14.58 5.35 -0.25
N LEU B 754 15.47 5.93 0.55
CA LEU B 754 16.53 5.13 1.16
C LEU B 754 16.00 3.90 1.88
N GLN B 755 14.74 3.91 2.28
CA GLN B 755 14.16 2.75 2.93
C GLN B 755 13.95 1.58 1.99
N TYR B 756 13.92 1.80 0.68
CA TYR B 756 13.74 0.70 -0.26
C TYR B 756 15.04 0.00 -0.58
N GLY B 757 16.16 0.48 -0.07
CA GLY B 757 17.39 -0.25 -0.22
C GLY B 757 18.17 0.13 -1.46
N SER B 758 18.69 -0.88 -2.15
CA SER B 758 19.71 -0.68 -3.17
C SER B 758 19.12 -0.69 -4.58
N PHE B 759 17.85 -0.36 -4.74
CA PHE B 759 17.27 -0.38 -6.07
C PHE B 759 17.97 0.60 -7.00
N CYS B 760 18.21 1.82 -6.55
CA CYS B 760 18.97 2.74 -7.37
C CYS B 760 20.31 2.18 -7.79
N THR B 761 21.08 1.67 -6.84
CA THR B 761 22.39 1.14 -7.23
C THR B 761 22.24 0.07 -8.29
N GLN B 762 21.22 -0.76 -8.16
CA GLN B 762 21.01 -1.84 -9.10
C GLN B 762 20.67 -1.32 -10.49
N LEU B 763 19.71 -0.41 -10.57
CA LEU B 763 19.31 0.11 -11.88
C LEU B 763 20.44 0.89 -12.52
N ASN B 764 21.15 1.70 -11.75
CA ASN B 764 22.27 2.42 -12.33
C ASN B 764 23.31 1.46 -12.87
N ARG B 765 23.60 0.40 -12.13
CA ARG B 765 24.60 -0.53 -12.62
C ARG B 765 24.13 -1.22 -13.89
N ALA B 766 22.84 -1.55 -13.98
CA ALA B 766 22.35 -2.17 -15.19
C ALA B 766 22.48 -1.25 -16.39
N LEU B 767 22.03 -0.01 -16.23
CA LEU B 767 22.10 0.91 -17.37
C LEU B 767 23.53 1.24 -17.74
N THR B 768 24.45 1.21 -16.78
CA THR B 768 25.85 1.39 -17.16
C THR B 768 26.37 0.17 -17.89
N GLY B 769 25.95 -1.03 -17.49
CA GLY B 769 26.33 -2.21 -18.23
C GLY B 769 25.93 -2.12 -19.68
N ILE B 770 24.70 -1.70 -19.93
CA ILE B 770 24.24 -1.51 -21.30
C ILE B 770 25.07 -0.44 -22.01
N ALA B 771 25.27 0.69 -21.33
CA ALA B 771 25.96 1.80 -21.97
C ALA B 771 27.39 1.46 -22.33
N VAL B 772 28.02 0.53 -21.64
CA VAL B 772 29.36 0.12 -22.04
C VAL B 772 29.30 -0.95 -23.12
N GLU B 773 28.35 -1.87 -23.01
CA GLU B 773 28.21 -2.88 -24.04
C GLU B 773 28.01 -2.25 -25.41
N GLN B 774 27.43 -1.06 -25.48
CA GLN B 774 27.28 -0.41 -26.78
C GLN B 774 28.63 -0.12 -27.43
N ASP B 775 29.53 0.53 -26.70
CA ASP B 775 30.84 0.80 -27.24
C ASP B 775 31.58 -0.49 -27.56
N LYS B 776 31.36 -1.53 -26.75
CA LYS B 776 31.99 -2.80 -27.08
C LYS B 776 31.45 -3.31 -28.41
N ASN B 777 30.15 -3.14 -28.66
CA ASN B 777 29.58 -3.60 -29.91
C ASN B 777 30.23 -2.91 -31.09
N THR B 778 30.26 -1.58 -31.06
CA THR B 778 30.85 -0.87 -32.18
C THR B 778 32.31 -1.26 -32.36
N GLN B 779 33.02 -1.44 -31.25
CA GLN B 779 34.41 -1.87 -31.32
C GLN B 779 34.54 -3.19 -32.05
N GLU B 780 33.68 -4.15 -31.73
CA GLU B 780 33.79 -5.46 -32.35
C GLU B 780 33.38 -5.43 -33.81
N VAL B 781 32.40 -4.62 -34.15
CA VAL B 781 31.92 -4.61 -35.53
C VAL B 781 32.94 -3.96 -36.44
N PHE B 782 33.40 -2.77 -36.08
CA PHE B 782 34.21 -2.02 -37.02
C PHE B 782 35.70 -2.19 -36.82
N ALA B 783 36.18 -2.08 -35.59
CA ALA B 783 37.61 -2.07 -35.38
C ALA B 783 38.23 -3.44 -35.55
N GLN B 784 38.17 -3.97 -36.76
CA GLN B 784 38.76 -5.27 -37.04
C GLN B 784 40.06 -5.17 -37.80
N VAL B 785 40.44 -3.99 -38.25
CA VAL B 785 41.64 -3.80 -39.03
C VAL B 785 42.73 -3.26 -38.12
N LYS B 786 43.94 -3.78 -38.27
CA LYS B 786 45.02 -3.39 -37.39
C LYS B 786 45.56 -2.01 -37.73
N GLN B 787 45.70 -1.71 -39.01
CA GLN B 787 46.20 -0.44 -39.50
C GLN B 787 45.05 0.34 -40.12
N ILE B 788 45.37 1.47 -40.74
CA ILE B 788 44.38 2.28 -41.42
C ILE B 788 44.83 2.42 -42.85
N TYR B 789 44.39 1.54 -43.73
CA TYR B 789 44.87 1.55 -45.08
C TYR B 789 44.33 2.77 -45.81
N LYS B 790 44.89 3.01 -46.99
CA LYS B 790 44.45 4.13 -47.82
C LYS B 790 44.62 3.73 -49.27
N THR B 791 43.59 3.99 -50.07
CA THR B 791 43.70 3.73 -51.48
C THR B 791 44.83 4.55 -52.08
N PRO B 792 45.47 4.06 -53.13
CA PRO B 792 46.42 4.90 -53.84
C PRO B 792 45.69 6.03 -54.54
N PRO B 793 46.34 7.15 -54.78
CA PRO B 793 45.65 8.27 -55.42
C PRO B 793 45.11 7.91 -56.79
N ILE B 794 45.90 7.22 -57.61
CA ILE B 794 45.45 6.81 -58.93
C ILE B 794 44.36 5.76 -58.78
N LYS B 795 43.64 5.47 -59.85
CA LYS B 795 42.45 4.64 -59.76
C LYS B 795 42.46 3.59 -60.87
N ASP B 796 43.58 2.89 -61.03
CA ASP B 796 43.67 1.83 -62.04
C ASP B 796 43.14 0.54 -61.45
N PHE B 797 41.82 0.32 -61.57
CA PHE B 797 41.20 -0.87 -61.00
C PHE B 797 40.57 -1.72 -62.09
N GLY B 798 41.30 -1.96 -63.16
CA GLY B 798 40.80 -2.83 -64.20
C GLY B 798 39.50 -2.40 -64.83
N GLY B 799 39.00 -1.22 -64.47
CA GLY B 799 37.78 -0.73 -65.04
C GLY B 799 36.61 -0.65 -64.09
N PHE B 800 36.81 -0.93 -62.81
CA PHE B 800 35.73 -0.82 -61.84
C PHE B 800 35.79 0.57 -61.24
N ASN B 801 34.67 1.02 -60.72
CA ASN B 801 34.54 2.41 -60.29
C ASN B 801 33.98 2.45 -58.88
N PHE B 802 34.83 2.77 -57.91
CA PHE B 802 34.44 2.79 -56.51
C PHE B 802 34.22 4.19 -55.98
N SER B 803 34.04 5.18 -56.85
CA SER B 803 33.94 6.54 -56.35
C SER B 803 32.67 6.77 -55.55
N GLN B 804 31.67 5.93 -55.70
CA GLN B 804 30.46 6.13 -54.91
C GLN B 804 30.57 5.59 -53.51
N ILE B 805 31.63 4.86 -53.19
CA ILE B 805 31.81 4.34 -51.85
C ILE B 805 33.13 4.75 -51.21
N LEU B 806 34.14 5.06 -51.97
CA LEU B 806 35.35 5.58 -51.37
C LEU B 806 35.12 6.99 -50.85
N PRO B 807 35.84 7.41 -49.81
CA PRO B 807 35.60 8.74 -49.28
C PRO B 807 36.02 9.80 -50.27
N ASP B 808 35.49 11.01 -50.09
CA ASP B 808 35.97 12.17 -50.79
C ASP B 808 36.19 13.29 -49.77
N PRO B 809 37.28 14.04 -49.88
CA PRO B 809 37.63 14.99 -48.82
C PRO B 809 36.76 16.23 -48.77
N SER B 810 35.76 16.35 -49.63
CA SER B 810 35.03 17.59 -49.82
C SER B 810 33.90 17.76 -48.82
N LYS B 811 33.94 17.10 -47.68
CA LYS B 811 32.87 17.27 -46.69
C LYS B 811 33.43 17.43 -45.29
N SER B 813 33.38 16.12 -42.26
CA SER B 813 32.74 14.82 -42.41
C SER B 813 33.35 14.07 -43.57
N LYS B 814 34.52 13.49 -43.37
CA LYS B 814 35.21 12.88 -44.49
C LYS B 814 34.58 11.55 -44.85
N ARG B 815 33.29 11.56 -45.18
CA ARG B 815 32.56 10.36 -45.53
C ARG B 815 32.45 10.24 -47.04
N SER B 816 31.80 9.17 -47.47
CA SER B 816 31.61 8.92 -48.89
C SER B 816 30.17 9.17 -49.27
N PHE B 817 29.89 8.98 -50.55
CA PHE B 817 28.60 9.37 -51.09
C PHE B 817 27.48 8.55 -50.48
N ILE B 818 27.57 7.23 -50.59
CA ILE B 818 26.50 6.39 -50.09
C ILE B 818 26.40 6.49 -48.58
N GLU B 819 27.52 6.72 -47.90
CA GLU B 819 27.43 6.99 -46.48
C GLU B 819 26.60 8.24 -46.21
N ASP B 820 26.70 9.24 -47.08
CA ASP B 820 25.89 10.44 -46.93
C ASP B 820 24.42 10.11 -47.13
N LEU B 821 24.09 9.44 -48.23
CA LEU B 821 22.71 9.06 -48.46
C LEU B 821 22.16 8.32 -47.26
N LEU B 822 22.98 7.50 -46.61
CA LEU B 822 22.52 6.78 -45.45
C LEU B 822 22.33 7.71 -44.27
N PHE B 823 23.25 8.66 -44.07
CA PHE B 823 23.13 9.52 -42.92
C PHE B 823 21.96 10.49 -43.03
N ASN B 824 21.49 10.75 -44.24
CA ASN B 824 20.35 11.64 -44.38
C ASN B 824 19.02 10.92 -44.32
N LYS B 825 18.99 9.63 -44.65
CA LYS B 825 17.73 8.90 -44.61
C LYS B 825 17.31 8.49 -43.21
N VAL B 826 18.07 8.84 -42.19
CA VAL B 826 17.72 8.52 -40.81
C VAL B 826 17.56 9.83 -40.06
N THR B 827 16.41 9.98 -39.40
CA THR B 827 16.05 11.22 -38.73
C THR B 827 15.43 10.95 -37.36
N LYS B 854 14.48 15.55 -20.59
CA LYS B 854 15.86 15.97 -20.42
C LYS B 854 16.02 16.57 -19.04
N PHE B 855 14.95 16.51 -18.27
CA PHE B 855 14.91 17.26 -17.03
C PHE B 855 15.13 16.38 -15.81
N ASN B 856 15.26 15.08 -15.98
CA ASN B 856 15.13 14.20 -14.82
C ASN B 856 16.20 13.14 -14.78
N GLY B 857 17.46 13.55 -14.92
CA GLY B 857 18.54 12.60 -14.92
C GLY B 857 18.69 11.83 -16.21
N LEU B 858 17.85 12.10 -17.20
CA LEU B 858 17.93 11.38 -18.46
C LEU B 858 19.14 11.89 -19.25
N THR B 859 20.32 11.50 -18.81
CA THR B 859 21.49 11.89 -19.57
C THR B 859 21.69 10.91 -20.69
N VAL B 860 22.20 11.41 -21.82
CA VAL B 860 22.47 10.59 -22.98
C VAL B 860 23.97 10.68 -23.24
N LEU B 861 24.71 9.66 -22.80
CA LEU B 861 26.14 9.68 -22.98
C LEU B 861 26.48 9.67 -24.46
N PRO B 862 27.67 10.14 -24.83
CA PRO B 862 28.06 10.10 -26.22
C PRO B 862 28.77 8.80 -26.54
N PRO B 863 28.67 8.33 -27.78
CA PRO B 863 29.35 7.09 -28.14
C PRO B 863 30.84 7.31 -28.22
N LEU B 864 31.61 6.31 -27.80
CA LEU B 864 33.05 6.49 -27.72
C LEU B 864 33.66 6.73 -29.09
N LEU B 865 33.14 6.11 -30.13
CA LEU B 865 33.66 6.29 -31.47
C LEU B 865 32.77 7.29 -32.21
N THR B 866 33.32 8.44 -32.55
CA THR B 866 32.49 9.42 -33.22
C THR B 866 32.45 9.13 -34.71
N ASP B 867 31.38 9.60 -35.34
CA ASP B 867 31.06 9.19 -36.70
C ASP B 867 32.23 9.35 -37.66
N GLU B 868 33.09 10.33 -37.44
CA GLU B 868 34.26 10.44 -38.30
C GLU B 868 35.17 9.23 -38.15
N MET B 869 35.31 8.74 -36.92
CA MET B 869 36.21 7.60 -36.73
C MET B 869 35.60 6.33 -37.27
N ILE B 870 34.29 6.19 -37.17
CA ILE B 870 33.62 5.09 -37.84
C ILE B 870 33.86 5.16 -39.32
N ALA B 871 33.71 6.34 -39.91
CA ALA B 871 33.95 6.47 -41.33
C ALA B 871 35.38 6.11 -41.68
N GLN B 872 36.32 6.43 -40.80
CA GLN B 872 37.71 6.08 -41.10
C GLN B 872 37.92 4.57 -41.05
N TYR B 873 37.37 3.90 -40.06
CA TYR B 873 37.42 2.44 -40.05
C TYR B 873 36.86 1.85 -41.34
N THR B 874 35.68 2.29 -41.74
CA THR B 874 35.11 1.63 -42.91
C THR B 874 35.89 1.98 -44.16
N SER B 875 36.42 3.18 -44.26
CA SER B 875 37.31 3.46 -45.38
C SER B 875 38.54 2.59 -45.33
N ALA B 876 39.03 2.27 -44.15
CA ALA B 876 40.19 1.40 -44.06
C ALA B 876 39.86 0.00 -44.57
N LEU B 877 38.77 -0.57 -44.10
CA LEU B 877 38.39 -1.89 -44.56
C LEU B 877 38.17 -1.90 -46.06
N LEU B 878 37.55 -0.85 -46.57
CA LEU B 878 37.27 -0.80 -47.99
C LEU B 878 38.55 -0.69 -48.81
N ALA B 879 39.49 0.14 -48.37
CA ALA B 879 40.75 0.23 -49.08
C ALA B 879 41.54 -1.06 -49.01
N GLY B 880 41.47 -1.75 -47.88
CA GLY B 880 42.14 -3.03 -47.79
C GLY B 880 41.56 -4.04 -48.75
N THR B 881 40.24 -4.16 -48.79
CA THR B 881 39.62 -5.12 -49.69
C THR B 881 39.90 -4.77 -51.14
N ILE B 882 39.96 -3.49 -51.45
CA ILE B 882 40.17 -3.08 -52.84
C ILE B 882 41.59 -3.38 -53.29
N THR B 883 42.58 -3.05 -52.46
CA THR B 883 43.96 -3.13 -52.88
C THR B 883 44.65 -4.42 -52.54
N SER B 884 44.10 -5.24 -51.65
CA SER B 884 44.85 -6.37 -51.14
C SER B 884 44.04 -7.65 -51.03
N GLY B 885 42.81 -7.68 -51.49
CA GLY B 885 42.06 -8.91 -51.41
C GLY B 885 41.69 -9.21 -49.98
N TRP B 886 41.67 -10.48 -49.64
CA TRP B 886 41.40 -10.88 -48.27
C TRP B 886 42.64 -10.89 -47.40
N THR B 887 43.82 -10.87 -48.00
CA THR B 887 45.03 -11.12 -47.23
C THR B 887 45.18 -10.16 -46.08
N PHE B 888 44.61 -8.97 -46.17
CA PHE B 888 44.78 -8.03 -45.08
C PHE B 888 44.03 -8.45 -43.84
N GLY B 889 43.26 -9.52 -43.90
CA GLY B 889 42.57 -9.99 -42.72
C GLY B 889 43.28 -11.19 -42.13
N ALA B 890 44.23 -11.73 -42.88
CA ALA B 890 44.99 -12.88 -42.42
C ALA B 890 46.37 -12.51 -41.93
N GLY B 891 46.80 -11.27 -42.13
CA GLY B 891 48.14 -10.90 -41.74
C GLY B 891 48.55 -9.58 -42.33
N ALA B 892 49.72 -9.56 -42.95
CA ALA B 892 50.19 -8.35 -43.60
C ALA B 892 49.48 -8.18 -44.93
N ALA B 893 49.03 -6.97 -45.21
CA ALA B 893 48.31 -6.72 -46.46
C ALA B 893 49.27 -6.85 -47.63
N LEU B 894 48.89 -7.64 -48.63
CA LEU B 894 49.69 -7.81 -49.83
C LEU B 894 48.93 -7.30 -51.02
N GLN B 895 49.45 -6.29 -51.69
CA GLN B 895 48.74 -5.70 -52.80
C GLN B 895 48.71 -6.66 -53.97
N ILE B 896 47.70 -6.51 -54.82
CA ILE B 896 47.49 -7.40 -55.95
C ILE B 896 46.51 -6.75 -56.90
N PRO B 897 46.81 -6.69 -58.19
CA PRO B 897 45.97 -5.96 -59.13
C PRO B 897 44.52 -6.41 -59.04
N PHE B 898 43.60 -5.46 -59.05
CA PHE B 898 42.22 -5.80 -58.77
C PHE B 898 41.69 -6.83 -59.74
N ALA B 899 42.02 -6.72 -61.02
CA ALA B 899 41.53 -7.70 -61.97
C ALA B 899 41.92 -9.10 -61.53
N MET B 900 43.15 -9.27 -61.07
CA MET B 900 43.54 -10.59 -60.61
C MET B 900 42.78 -10.98 -59.36
N GLN B 901 42.45 -10.01 -58.51
CA GLN B 901 41.71 -10.38 -57.33
C GLN B 901 40.34 -10.91 -57.69
N MET B 902 39.66 -10.25 -58.63
CA MET B 902 38.39 -10.82 -59.05
C MET B 902 38.59 -12.14 -59.75
N ALA B 903 39.75 -12.36 -60.38
CA ALA B 903 40.00 -13.69 -60.91
C ALA B 903 39.99 -14.71 -59.80
N TYR B 904 40.65 -14.41 -58.69
CA TYR B 904 40.64 -15.36 -57.58
C TYR B 904 39.23 -15.52 -57.03
N ARG B 905 38.51 -14.42 -56.88
CA ARG B 905 37.17 -14.52 -56.33
C ARG B 905 36.30 -15.40 -57.20
N PHE B 906 36.37 -15.25 -58.52
CA PHE B 906 35.66 -16.15 -59.39
C PHE B 906 36.11 -17.56 -59.13
N ASN B 907 37.38 -17.83 -59.36
CA ASN B 907 37.92 -19.17 -59.27
C ASN B 907 37.53 -19.82 -57.96
N GLY B 908 37.15 -19.00 -56.98
CA GLY B 908 36.66 -19.53 -55.73
C GLY B 908 35.27 -20.12 -55.80
N ILE B 909 34.46 -19.72 -56.75
CA ILE B 909 33.10 -20.23 -56.83
C ILE B 909 32.95 -21.23 -57.97
N GLY B 910 34.05 -21.78 -58.46
CA GLY B 910 33.96 -22.78 -59.50
C GLY B 910 33.71 -22.20 -60.87
N VAL B 911 34.38 -21.12 -61.21
CA VAL B 911 34.30 -20.53 -62.54
C VAL B 911 35.71 -20.15 -62.92
N THR B 912 36.29 -20.83 -63.90
CA THR B 912 37.69 -20.63 -64.21
C THR B 912 37.97 -19.18 -64.56
N GLN B 913 39.24 -18.80 -64.46
CA GLN B 913 39.59 -17.40 -64.54
C GLN B 913 39.31 -16.82 -65.92
N ASN B 914 39.50 -17.60 -66.97
CA ASN B 914 39.37 -17.04 -68.29
C ASN B 914 37.99 -16.46 -68.52
N VAL B 915 36.99 -16.95 -67.78
CA VAL B 915 35.67 -16.34 -67.85
C VAL B 915 35.74 -14.89 -67.45
N LEU B 916 36.50 -14.58 -66.40
CA LEU B 916 36.62 -13.19 -66.01
C LEU B 916 37.50 -12.43 -67.00
N TYR B 917 38.68 -12.95 -67.29
CA TYR B 917 39.60 -12.16 -68.08
C TYR B 917 39.05 -11.86 -69.46
N GLU B 918 38.29 -12.78 -70.04
CA GLU B 918 37.71 -12.49 -71.34
C GLU B 918 36.55 -11.51 -71.24
N ASN B 919 35.93 -11.38 -70.09
CA ASN B 919 34.76 -10.53 -69.95
C ASN B 919 34.99 -9.38 -68.99
N GLN B 920 36.23 -8.92 -68.89
CA GLN B 920 36.55 -7.93 -67.86
C GLN B 920 35.74 -6.66 -68.05
N LYS B 921 35.62 -6.18 -69.28
CA LYS B 921 34.91 -4.93 -69.49
C LYS B 921 33.42 -5.09 -69.22
N LEU B 922 32.85 -6.22 -69.62
CA LEU B 922 31.43 -6.44 -69.37
C LEU B 922 31.17 -6.52 -67.86
N ILE B 923 32.02 -7.22 -67.13
CA ILE B 923 31.82 -7.29 -65.69
C ILE B 923 31.98 -5.92 -65.06
N ALA B 924 32.97 -5.16 -65.52
CA ALA B 924 33.12 -3.81 -65.00
C ALA B 924 31.87 -3.00 -65.19
N ASN B 925 31.30 -3.03 -66.40
CA ASN B 925 30.13 -2.22 -66.65
C ASN B 925 28.96 -2.67 -65.79
N GLN B 926 28.80 -3.98 -65.62
CA GLN B 926 27.70 -4.47 -64.80
C GLN B 926 27.86 -4.04 -63.36
N PHE B 927 29.08 -4.11 -62.84
CA PHE B 927 29.30 -3.75 -61.45
C PHE B 927 29.09 -2.26 -61.24
N ASN B 928 29.59 -1.42 -62.14
CA ASN B 928 29.36 0.02 -62.01
C ASN B 928 27.87 0.33 -62.06
N SER B 929 27.16 -0.21 -63.05
CA SER B 929 25.74 0.08 -63.16
C SER B 929 24.99 -0.40 -61.93
N ALA B 930 25.41 -1.52 -61.35
CA ALA B 930 24.73 -2.00 -60.16
C ALA B 930 24.95 -1.08 -58.99
N ILE B 931 26.17 -0.59 -58.80
CA ILE B 931 26.40 0.41 -57.77
C ILE B 931 25.49 1.60 -57.99
N GLY B 932 25.35 2.02 -59.25
CA GLY B 932 24.49 3.16 -59.52
C GLY B 932 23.04 2.89 -59.14
N LYS B 933 22.56 1.69 -59.43
CA LYS B 933 21.19 1.37 -59.06
C LYS B 933 21.03 1.38 -57.54
N ILE B 934 22.06 0.96 -56.81
CA ILE B 934 21.97 1.05 -55.35
C ILE B 934 21.86 2.50 -54.92
N GLN B 935 22.68 3.35 -55.52
CA GLN B 935 22.63 4.77 -55.22
C GLN B 935 21.21 5.30 -55.39
N ASP B 936 20.60 4.98 -56.52
CA ASP B 936 19.24 5.47 -56.79
C ASP B 936 18.24 4.88 -55.81
N SER B 937 18.29 3.57 -55.61
CA SER B 937 17.35 2.90 -54.72
C SER B 937 17.36 3.54 -53.34
N LEU B 938 18.56 3.86 -52.83
CA LEU B 938 18.63 4.52 -51.54
C LEU B 938 18.11 5.95 -51.64
N SER B 939 18.50 6.67 -52.69
CA SER B 939 18.18 8.07 -52.78
C SER B 939 16.68 8.33 -52.91
N SER B 940 15.92 7.39 -53.48
CA SER B 940 14.51 7.64 -53.75
C SER B 940 13.61 7.13 -52.63
N THR B 941 13.64 5.83 -52.36
CA THR B 941 12.85 5.27 -51.27
C THR B 941 13.71 5.14 -50.02
N ALA B 942 13.06 5.28 -48.87
CA ALA B 942 13.74 5.24 -47.59
C ALA B 942 13.29 4.09 -46.69
N SER B 943 12.27 3.33 -47.10
CA SER B 943 11.83 2.21 -46.29
C SER B 943 12.78 1.03 -46.34
N ALA B 944 13.93 1.18 -46.99
CA ALA B 944 14.96 0.15 -46.92
C ALA B 944 15.70 0.20 -45.59
N LEU B 945 15.82 1.39 -45.01
CA LEU B 945 16.49 1.57 -43.72
C LEU B 945 15.54 1.44 -42.56
N GLY B 946 14.49 0.65 -42.72
CA GLY B 946 13.55 0.47 -41.62
C GLY B 946 14.19 -0.11 -40.39
N LYS B 947 15.25 -0.90 -40.56
CA LYS B 947 15.79 -1.62 -39.41
C LYS B 947 16.41 -0.66 -38.40
N LEU B 948 17.23 0.29 -38.85
CA LEU B 948 17.84 1.23 -37.91
C LEU B 948 16.81 2.19 -37.36
N GLN B 949 15.95 2.72 -38.23
CA GLN B 949 14.94 3.65 -37.78
C GLN B 949 14.05 3.02 -36.74
N ASP B 950 13.81 1.72 -36.84
CA ASP B 950 12.95 1.07 -35.88
C ASP B 950 13.58 1.05 -34.50
N VAL B 951 14.89 0.80 -34.43
CA VAL B 951 15.59 0.85 -33.15
C VAL B 951 15.50 2.25 -32.56
N VAL B 952 15.78 3.26 -33.37
CA VAL B 952 15.76 4.62 -32.83
C VAL B 952 14.37 4.97 -32.32
N ASN B 953 13.34 4.64 -33.09
CA ASN B 953 11.99 4.96 -32.64
C ASN B 953 11.62 4.18 -31.39
N GLN B 954 12.03 2.92 -31.30
CA GLN B 954 11.68 2.16 -30.11
C GLN B 954 12.28 2.80 -28.88
N ASN B 955 13.54 3.23 -28.96
CA ASN B 955 14.12 3.84 -27.78
C ASN B 955 13.51 5.21 -27.48
N ALA B 956 13.18 5.96 -28.52
CA ALA B 956 12.53 7.25 -28.28
C ALA B 956 11.20 7.06 -27.58
N GLN B 957 10.40 6.09 -28.03
CA GLN B 957 9.13 5.86 -27.36
C GLN B 957 9.32 5.32 -25.96
N ALA B 958 10.34 4.52 -25.73
CA ALA B 958 10.56 4.07 -24.36
C ALA B 958 10.85 5.24 -23.45
N LEU B 959 11.72 6.16 -23.89
CA LEU B 959 11.97 7.35 -23.08
C LEU B 959 10.72 8.18 -22.90
N ASN B 960 9.92 8.34 -23.94
CA ASN B 960 8.74 9.18 -23.80
C ASN B 960 7.74 8.56 -22.85
N THR B 961 7.61 7.25 -22.86
CA THR B 961 6.74 6.62 -21.87
C THR B 961 7.31 6.79 -20.48
N LEU B 962 8.62 6.65 -20.33
CA LEU B 962 9.22 6.85 -19.01
C LEU B 962 8.93 8.24 -18.49
N VAL B 963 9.06 9.25 -19.35
CA VAL B 963 8.82 10.62 -18.88
C VAL B 963 7.35 10.84 -18.59
N LYS B 964 6.48 10.46 -19.51
CA LYS B 964 5.05 10.66 -19.27
C LYS B 964 4.54 9.85 -18.10
N GLN B 965 5.31 8.89 -17.60
CA GLN B 965 4.88 8.32 -16.35
C GLN B 965 5.03 9.29 -15.20
N LEU B 966 5.80 10.36 -15.35
CA LEU B 966 5.95 11.31 -14.26
C LEU B 966 4.66 12.03 -13.95
N SER B 967 3.77 12.16 -14.93
CA SER B 967 2.54 12.89 -14.73
C SER B 967 1.40 12.01 -14.26
N SER B 968 1.67 10.91 -13.57
CA SER B 968 0.62 10.04 -13.09
C SER B 968 0.64 9.98 -11.57
N ASN B 969 -0.55 9.79 -11.00
CA ASN B 969 -0.76 9.91 -9.57
C ASN B 969 -0.55 8.60 -8.84
N PHE B 970 -0.76 7.48 -9.52
CA PHE B 970 -0.64 6.16 -8.92
C PHE B 970 -1.55 6.00 -7.72
N GLY B 971 -2.63 6.76 -7.64
CA GLY B 971 -3.50 6.74 -6.51
C GLY B 971 -3.20 7.76 -5.44
N ALA B 972 -2.32 8.71 -5.71
CA ALA B 972 -1.99 9.75 -4.76
C ALA B 972 -2.85 10.97 -5.04
N ILE B 973 -2.53 12.08 -4.37
CA ILE B 973 -3.32 13.29 -4.48
C ILE B 973 -2.98 14.04 -5.76
N SER B 974 -1.73 14.47 -5.88
CA SER B 974 -1.29 15.22 -7.04
C SER B 974 0.04 14.68 -7.52
N SER B 975 0.24 14.69 -8.83
CA SER B 975 1.42 14.11 -9.42
C SER B 975 2.67 14.91 -9.17
N VAL B 976 2.58 16.06 -8.52
CA VAL B 976 3.73 16.91 -8.24
C VAL B 976 4.14 16.66 -6.81
N LEU B 977 5.45 16.61 -6.57
CA LEU B 977 5.93 16.29 -5.23
C LEU B 977 5.84 17.48 -4.30
N ASN B 978 6.45 18.60 -4.68
CA ASN B 978 6.38 19.81 -3.85
C ASN B 978 4.94 20.17 -3.52
N ASP B 979 4.03 19.91 -4.45
CA ASP B 979 2.63 20.22 -4.21
C ASP B 979 2.08 19.37 -3.06
N ILE B 980 2.44 18.10 -3.00
CA ILE B 980 1.98 17.26 -1.90
C ILE B 980 2.67 17.66 -0.61
N LEU B 981 3.95 18.02 -0.69
CA LEU B 981 4.65 18.44 0.52
C LEU B 981 4.02 19.70 1.11
N SER B 982 3.53 20.59 0.25
CA SER B 982 2.90 21.81 0.74
C SER B 982 1.48 21.55 1.21
N ARG B 983 0.66 20.93 0.37
CA ARG B 983 -0.76 20.84 0.63
C ARG B 983 -1.07 20.07 1.90
N LEU B 984 -0.15 19.22 2.34
CA LEU B 984 -0.39 18.43 3.54
C LEU B 984 0.74 18.54 4.55
N ASP B 985 0.64 17.70 5.56
CA ASP B 985 1.59 17.51 6.64
C ASP B 985 2.39 16.23 6.42
N PRO B 986 3.59 16.15 6.98
CA PRO B 986 4.40 14.95 6.84
C PRO B 986 3.67 13.68 7.27
N PRO B 987 2.85 13.71 8.35
CA PRO B 987 2.10 12.49 8.70
C PRO B 987 1.17 11.96 7.61
N GLU B 988 0.95 12.72 6.55
CA GLU B 988 0.24 12.20 5.39
C GLU B 988 1.00 12.36 4.09
N ALA B 989 1.83 13.40 3.99
CA ALA B 989 2.74 13.49 2.87
C ALA B 989 3.59 12.25 2.78
N GLU B 990 3.89 11.61 3.91
CA GLU B 990 4.67 10.38 3.85
C GLU B 990 3.92 9.31 3.06
N VAL B 991 2.63 9.12 3.33
CA VAL B 991 1.89 8.09 2.64
C VAL B 991 1.72 8.44 1.17
N GLN B 992 1.34 9.69 0.88
CA GLN B 992 1.18 10.08 -0.51
C GLN B 992 2.49 9.90 -1.28
N ILE B 993 3.59 10.39 -0.72
CA ILE B 993 4.88 10.21 -1.35
C ILE B 993 5.13 8.74 -1.58
N ASP B 994 5.12 7.93 -0.52
CA ASP B 994 5.38 6.51 -0.66
C ASP B 994 4.60 5.89 -1.81
N ARG B 995 3.36 6.32 -2.01
CA ARG B 995 2.66 5.85 -3.21
C ARG B 995 3.36 6.31 -4.48
N LEU B 996 3.71 7.59 -4.55
CA LEU B 996 4.39 8.08 -5.76
C LEU B 996 5.72 7.36 -5.98
N ILE B 997 6.46 7.11 -4.92
CA ILE B 997 7.74 6.42 -5.06
C ILE B 997 7.52 5.01 -5.56
N THR B 998 6.57 4.29 -4.99
CA THR B 998 6.30 2.95 -5.48
C THR B 998 5.97 2.99 -6.97
N GLY B 999 5.11 3.92 -7.36
CA GLY B 999 4.72 3.98 -8.76
C GLY B 999 5.89 4.27 -9.67
N ARG B 1000 6.64 5.33 -9.38
CA ARG B 1000 7.74 5.72 -10.25
C ARG B 1000 8.82 4.67 -10.26
N LEU B 1001 9.04 3.99 -9.13
CA LEU B 1001 10.04 2.94 -9.11
C LEU B 1001 9.61 1.78 -9.98
N GLN B 1002 8.34 1.41 -9.94
CA GLN B 1002 7.89 0.34 -10.80
C GLN B 1002 8.06 0.72 -12.26
N SER B 1003 7.70 1.97 -12.60
CA SER B 1003 7.88 2.41 -13.97
C SER B 1003 9.33 2.36 -14.39
N LEU B 1004 10.23 2.74 -13.49
CA LEU B 1004 11.65 2.74 -13.83
C LEU B 1004 12.15 1.33 -14.04
N GLN B 1005 11.79 0.39 -13.17
CA GLN B 1005 12.23 -0.97 -13.39
C GLN B 1005 11.69 -1.53 -14.69
N THR B 1006 10.44 -1.22 -15.01
CA THR B 1006 9.91 -1.71 -16.27
C THR B 1006 10.72 -1.17 -17.44
N TYR B 1007 11.07 0.11 -17.38
CA TYR B 1007 11.87 0.66 -18.47
C TYR B 1007 13.24 -0.01 -18.53
N VAL B 1008 13.89 -0.22 -17.39
CA VAL B 1008 15.22 -0.80 -17.43
C VAL B 1008 15.16 -2.24 -17.92
N THR B 1009 14.09 -2.96 -17.61
CA THR B 1009 13.99 -4.30 -18.16
C THR B 1009 13.77 -4.28 -19.66
N GLN B 1010 12.93 -3.37 -20.15
CA GLN B 1010 12.85 -3.20 -21.59
C GLN B 1010 14.21 -2.94 -22.18
N GLN B 1011 15.01 -2.10 -21.53
CA GLN B 1011 16.31 -1.79 -22.10
C GLN B 1011 17.23 -2.99 -22.06
N LEU B 1012 17.19 -3.78 -20.99
CA LEU B 1012 18.04 -4.95 -20.91
C LEU B 1012 17.73 -5.91 -22.05
N ILE B 1013 16.44 -6.16 -22.28
CA ILE B 1013 16.10 -7.10 -23.34
C ILE B 1013 16.47 -6.53 -24.70
N ARG B 1014 16.14 -5.26 -24.94
CA ARG B 1014 16.45 -4.71 -26.25
C ARG B 1014 17.93 -4.66 -26.48
N ALA B 1015 18.72 -4.46 -25.43
CA ALA B 1015 20.16 -4.45 -25.62
C ALA B 1015 20.70 -5.84 -25.86
N ALA B 1016 20.11 -6.87 -25.26
CA ALA B 1016 20.51 -8.22 -25.63
C ALA B 1016 20.23 -8.47 -27.10
N GLU B 1017 19.09 -8.00 -27.59
CA GLU B 1017 18.79 -8.22 -29.00
C GLU B 1017 19.75 -7.45 -29.90
N ILE B 1018 20.05 -6.20 -29.57
CA ILE B 1018 20.99 -5.45 -30.39
C ILE B 1018 22.37 -6.08 -30.33
N ARG B 1019 22.75 -6.65 -29.20
CA ARG B 1019 24.03 -7.34 -29.16
C ARG B 1019 24.00 -8.57 -30.04
N ALA B 1020 22.85 -9.23 -30.14
CA ALA B 1020 22.75 -10.32 -31.09
C ALA B 1020 23.02 -9.84 -32.49
N SER B 1021 22.38 -8.75 -32.88
CA SER B 1021 22.62 -8.24 -34.24
C SER B 1021 24.03 -7.71 -34.40
N ALA B 1022 24.66 -7.27 -33.33
CA ALA B 1022 26.02 -6.77 -33.48
C ALA B 1022 27.01 -7.90 -33.63
N ASN B 1023 26.86 -8.98 -32.86
CA ASN B 1023 27.69 -10.14 -33.10
C ASN B 1023 27.46 -10.68 -34.50
N LEU B 1024 26.22 -10.68 -34.96
CA LEU B 1024 25.97 -11.13 -36.32
C LEU B 1024 26.66 -10.23 -37.33
N ALA B 1025 26.63 -8.92 -37.11
CA ALA B 1025 27.30 -8.04 -38.05
C ALA B 1025 28.80 -8.25 -38.01
N ALA B 1026 29.35 -8.50 -36.85
CA ALA B 1026 30.78 -8.73 -36.77
C ALA B 1026 31.15 -9.98 -37.53
N THR B 1027 30.38 -11.05 -37.35
CA THR B 1027 30.62 -12.25 -38.13
C THR B 1027 30.49 -11.97 -39.61
N LYS B 1028 29.49 -11.19 -39.99
CA LYS B 1028 29.26 -10.98 -41.41
C LYS B 1028 30.36 -10.16 -42.03
N MET B 1029 30.97 -9.27 -41.24
CA MET B 1029 32.07 -8.48 -41.76
C MET B 1029 33.35 -9.28 -41.79
N SER B 1030 33.57 -10.13 -40.80
CA SER B 1030 34.80 -10.88 -40.80
C SER B 1030 34.79 -11.97 -41.86
N GLU B 1031 33.63 -12.54 -42.13
CA GLU B 1031 33.56 -13.60 -43.12
C GLU B 1031 33.19 -13.12 -44.49
N CYS B 1032 32.61 -11.94 -44.60
CA CYS B 1032 32.04 -11.51 -45.85
C CYS B 1032 32.79 -10.36 -46.47
N VAL B 1033 33.50 -9.56 -45.68
CA VAL B 1033 34.39 -8.55 -46.23
C VAL B 1033 35.82 -9.05 -46.24
N LEU B 1034 36.36 -9.32 -45.07
CA LEU B 1034 37.74 -9.77 -44.93
C LEU B 1034 38.00 -11.07 -45.64
N GLY B 1035 37.01 -11.66 -46.29
CA GLY B 1035 37.22 -12.86 -47.05
C GLY B 1035 35.99 -13.18 -47.86
N GLN B 1036 36.08 -14.21 -48.66
CA GLN B 1036 34.98 -14.66 -49.48
C GLN B 1036 34.38 -15.89 -48.85
N SER B 1037 33.06 -15.89 -48.69
CA SER B 1037 32.39 -16.98 -47.99
C SER B 1037 31.76 -17.95 -48.96
N LYS B 1038 31.50 -19.15 -48.47
CA LYS B 1038 30.78 -20.15 -49.24
C LYS B 1038 29.54 -20.61 -48.48
N ARG B 1039 29.03 -19.77 -47.60
CA ARG B 1039 27.80 -20.08 -46.89
C ARG B 1039 26.65 -19.48 -47.67
N VAL B 1040 25.76 -20.34 -48.16
CA VAL B 1040 24.75 -19.88 -49.10
C VAL B 1040 23.84 -18.87 -48.44
N ASP B 1041 23.45 -17.85 -49.18
CA ASP B 1041 22.54 -16.80 -48.72
C ASP B 1041 23.05 -16.10 -47.46
N PHE B 1042 24.27 -16.39 -47.03
CA PHE B 1042 24.79 -15.65 -45.89
C PHE B 1042 25.29 -14.30 -46.30
N CYS B 1043 25.61 -14.12 -47.57
CA CYS B 1043 26.20 -12.91 -48.09
C CYS B 1043 25.45 -12.44 -49.33
N GLY B 1044 24.13 -12.40 -49.23
CA GLY B 1044 23.32 -11.92 -50.33
C GLY B 1044 22.95 -13.01 -51.29
N LYS B 1045 21.74 -12.97 -51.84
CA LYS B 1045 21.25 -14.09 -52.63
C LYS B 1045 22.13 -14.29 -53.85
N GLY B 1046 22.82 -15.42 -53.89
CA GLY B 1046 23.63 -15.80 -55.03
C GLY B 1046 25.02 -16.23 -54.59
N TYR B 1047 25.80 -16.64 -55.59
CA TYR B 1047 27.19 -16.91 -55.35
C TYR B 1047 27.89 -15.64 -54.91
N HIS B 1048 28.76 -15.75 -53.92
CA HIS B 1048 29.34 -14.58 -53.27
C HIS B 1048 30.69 -14.24 -53.87
N LEU B 1049 30.88 -12.97 -54.20
CA LEU B 1049 32.14 -12.49 -54.73
C LEU B 1049 32.90 -11.64 -53.73
N MET B 1050 32.27 -10.64 -53.14
CA MET B 1050 32.92 -9.90 -52.05
C MET B 1050 31.87 -8.99 -51.45
N SER B 1051 32.31 -8.07 -50.61
CA SER B 1051 31.39 -7.11 -50.06
C SER B 1051 32.16 -5.89 -49.59
N PHE B 1052 31.46 -4.76 -49.52
CA PHE B 1052 32.06 -3.52 -49.06
C PHE B 1052 31.16 -2.97 -47.98
N PRO B 1053 31.69 -2.57 -46.84
CA PRO B 1053 30.85 -2.02 -45.79
C PRO B 1053 30.72 -0.52 -45.95
N GLN B 1054 29.66 0.01 -45.36
CA GLN B 1054 29.42 1.44 -45.31
C GLN B 1054 28.80 1.74 -43.96
N SER B 1055 29.24 2.81 -43.33
CA SER B 1055 28.70 3.12 -42.02
C SER B 1055 27.27 3.63 -42.15
N ALA B 1056 26.58 3.68 -41.03
CA ALA B 1056 25.26 4.29 -41.00
C ALA B 1056 24.94 4.59 -39.56
N PRO B 1057 24.16 5.60 -39.27
CA PRO B 1057 23.98 6.01 -37.88
C PRO B 1057 23.51 4.86 -37.00
N HIS B 1058 24.38 4.42 -36.08
CA HIS B 1058 24.12 3.27 -35.25
C HIS B 1058 23.85 2.05 -36.11
N GLY B 1059 24.83 1.65 -36.89
CA GLY B 1059 24.68 0.42 -37.64
C GLY B 1059 25.56 0.39 -38.86
N VAL B 1060 25.55 -0.74 -39.54
CA VAL B 1060 26.40 -0.95 -40.68
C VAL B 1060 25.54 -1.37 -41.85
N VAL B 1061 26.05 -1.18 -43.06
CA VAL B 1061 25.31 -1.46 -44.28
C VAL B 1061 26.28 -2.08 -45.26
N PHE B 1062 26.05 -3.34 -45.62
CA PHE B 1062 26.94 -4.03 -46.53
C PHE B 1062 26.40 -3.95 -47.95
N LEU B 1063 27.33 -4.00 -48.90
CA LEU B 1063 26.99 -4.13 -50.31
C LEU B 1063 27.54 -5.47 -50.80
N HIS B 1064 26.76 -6.53 -50.67
CA HIS B 1064 27.23 -7.84 -51.05
C HIS B 1064 27.33 -7.92 -52.56
N VAL B 1065 28.52 -7.79 -53.13
CA VAL B 1065 28.69 -7.98 -54.55
C VAL B 1065 28.69 -9.48 -54.81
N THR B 1066 27.67 -9.97 -55.50
CA THR B 1066 27.48 -11.39 -55.75
C THR B 1066 27.40 -11.67 -57.24
N TYR B 1067 27.46 -12.95 -57.58
CA TYR B 1067 27.50 -13.40 -58.96
C TYR B 1067 26.34 -14.34 -59.19
N VAL B 1068 25.51 -14.05 -60.19
CA VAL B 1068 24.24 -14.74 -60.40
C VAL B 1068 24.20 -15.27 -61.83
N PRO B 1069 24.04 -16.57 -62.04
CA PRO B 1069 23.97 -17.09 -63.41
C PRO B 1069 22.72 -16.62 -64.10
N ALA B 1070 22.82 -16.42 -65.41
CA ALA B 1070 21.83 -15.58 -66.07
C ALA B 1070 20.89 -16.33 -67.00
N GLN B 1071 21.39 -16.97 -68.05
CA GLN B 1071 20.51 -17.52 -69.08
C GLN B 1071 21.06 -18.85 -69.55
N GLU B 1072 20.23 -19.89 -69.47
CA GLU B 1072 20.69 -21.26 -69.55
C GLU B 1072 20.25 -21.87 -70.87
N LYS B 1073 20.68 -23.11 -71.06
CA LYS B 1073 20.29 -23.87 -72.23
C LYS B 1073 20.05 -25.32 -71.85
N ASN B 1074 19.05 -25.94 -72.48
CA ASN B 1074 18.64 -27.29 -72.15
C ASN B 1074 19.52 -28.28 -72.89
N PHE B 1075 20.69 -28.56 -72.30
CA PHE B 1075 21.60 -29.52 -72.91
C PHE B 1075 21.26 -30.93 -72.47
N THR B 1076 21.78 -31.89 -73.22
CA THR B 1076 21.65 -33.31 -72.91
C THR B 1076 22.94 -33.83 -72.32
N THR B 1077 22.84 -34.57 -71.22
CA THR B 1077 24.02 -35.00 -70.49
C THR B 1077 24.13 -36.50 -70.36
N ALA B 1078 25.16 -36.95 -69.68
CA ALA B 1078 25.35 -38.36 -69.39
C ALA B 1078 26.48 -38.50 -68.38
N PRO B 1079 26.31 -39.33 -67.36
CA PRO B 1079 27.30 -39.34 -66.28
C PRO B 1079 28.70 -39.72 -66.70
N ALA B 1080 28.88 -40.52 -67.74
CA ALA B 1080 30.21 -40.91 -68.15
C ALA B 1080 30.17 -41.32 -69.62
N ILE B 1081 31.33 -41.56 -70.20
CA ILE B 1081 31.38 -42.04 -71.58
C ILE B 1081 32.38 -43.19 -71.69
N CYS B 1082 32.06 -44.15 -72.54
CA CYS B 1082 32.95 -45.25 -72.88
C CYS B 1082 33.67 -44.93 -74.17
N HIS B 1083 34.96 -45.14 -74.20
CA HIS B 1083 35.68 -45.06 -75.46
C HIS B 1083 36.34 -46.37 -75.83
N ASP B 1084 37.06 -46.99 -74.91
CA ASP B 1084 37.78 -48.22 -75.18
C ASP B 1084 37.42 -49.27 -74.15
N GLY B 1085 36.13 -49.33 -73.82
CA GLY B 1085 35.66 -50.23 -72.80
C GLY B 1085 35.79 -49.72 -71.39
N LYS B 1086 36.55 -48.66 -71.16
CA LYS B 1086 36.73 -48.10 -69.83
C LYS B 1086 35.87 -46.86 -69.68
N ALA B 1087 35.40 -46.62 -68.46
CA ALA B 1087 34.54 -45.48 -68.22
C ALA B 1087 35.38 -44.22 -68.03
N HIS B 1088 34.85 -43.09 -68.48
CA HIS B 1088 35.56 -41.82 -68.44
C HIS B 1088 34.72 -40.79 -67.70
N PHE B 1089 35.23 -40.31 -66.64
CA PHE B 1089 34.47 -39.31 -65.93
C PHE B 1089 35.17 -37.96 -66.01
N PRO B 1090 34.42 -36.87 -66.04
CA PRO B 1090 35.04 -35.57 -66.23
C PRO B 1090 35.78 -35.15 -64.98
N ARG B 1091 36.97 -34.56 -65.16
CA ARG B 1091 37.76 -34.18 -64.01
C ARG B 1091 37.03 -33.13 -63.19
N GLU B 1092 36.82 -31.95 -63.75
CA GLU B 1092 36.07 -30.90 -63.09
C GLU B 1092 35.19 -30.27 -64.15
N GLY B 1093 33.98 -30.75 -64.27
CA GLY B 1093 33.07 -30.33 -65.30
C GLY B 1093 31.92 -31.29 -65.38
N VAL B 1094 31.28 -31.30 -66.53
CA VAL B 1094 30.13 -32.15 -66.76
C VAL B 1094 29.99 -32.39 -68.24
N PHE B 1095 29.54 -33.58 -68.62
CA PHE B 1095 29.45 -33.96 -70.01
C PHE B 1095 28.13 -33.46 -70.57
N VAL B 1096 28.19 -32.55 -71.54
CA VAL B 1096 27.01 -32.06 -72.21
C VAL B 1096 27.12 -32.43 -73.68
N SER B 1097 26.03 -32.20 -74.41
CA SER B 1097 25.99 -32.56 -75.81
C SER B 1097 24.93 -31.73 -76.51
N ASN B 1098 25.29 -31.06 -77.58
CA ASN B 1098 24.32 -30.29 -78.34
C ASN B 1098 23.56 -31.15 -79.33
N GLY B 1099 23.45 -32.45 -79.05
CA GLY B 1099 22.73 -33.37 -79.90
C GLY B 1099 23.56 -33.97 -81.00
N THR B 1100 24.61 -33.29 -81.43
CA THR B 1100 25.48 -33.74 -82.50
C THR B 1100 26.79 -34.29 -81.99
N HIS B 1101 27.44 -33.58 -81.09
CA HIS B 1101 28.74 -33.97 -80.56
C HIS B 1101 28.66 -33.94 -79.04
N TRP B 1102 29.80 -34.15 -78.40
CA TRP B 1102 29.87 -34.16 -76.95
C TRP B 1102 30.99 -33.25 -76.50
N PHE B 1103 30.78 -32.60 -75.37
CA PHE B 1103 31.81 -31.75 -74.81
C PHE B 1103 31.78 -31.87 -73.30
N VAL B 1104 32.84 -31.43 -72.68
CA VAL B 1104 32.89 -31.30 -71.23
C VAL B 1104 32.98 -29.83 -70.89
N THR B 1105 32.13 -29.37 -69.98
CA THR B 1105 32.08 -27.95 -69.68
C THR B 1105 31.96 -27.74 -68.19
N GLN B 1106 32.53 -26.64 -67.72
CA GLN B 1106 32.46 -26.34 -66.31
C GLN B 1106 31.02 -26.14 -65.91
N ARG B 1107 30.73 -26.39 -64.63
CA ARG B 1107 29.34 -26.56 -64.22
C ARG B 1107 28.55 -25.25 -64.32
N ASN B 1108 29.22 -24.12 -64.21
CA ASN B 1108 28.50 -22.86 -64.04
C ASN B 1108 28.61 -21.92 -65.22
N PHE B 1109 29.26 -22.31 -66.30
CA PHE B 1109 29.39 -21.38 -67.42
C PHE B 1109 29.68 -22.18 -68.67
N TYR B 1110 28.70 -22.26 -69.57
CA TYR B 1110 28.83 -23.11 -70.74
C TYR B 1110 30.04 -22.69 -71.55
N GLU B 1111 31.05 -23.54 -71.58
CA GLU B 1111 32.29 -23.26 -72.31
C GLU B 1111 32.83 -24.57 -72.83
N PRO B 1112 32.24 -25.11 -73.89
CA PRO B 1112 32.52 -26.48 -74.27
C PRO B 1112 33.96 -26.69 -74.69
N GLN B 1113 34.44 -27.90 -74.44
CA GLN B 1113 35.79 -28.31 -74.76
C GLN B 1113 35.72 -29.70 -75.35
N ILE B 1114 36.66 -30.02 -76.25
CA ILE B 1114 36.76 -31.38 -76.74
C ILE B 1114 37.13 -32.29 -75.57
N ILE B 1115 36.56 -33.49 -75.56
CA ILE B 1115 36.81 -34.42 -74.47
C ILE B 1115 38.13 -35.12 -74.70
N THR B 1116 39.22 -34.53 -74.24
CA THR B 1116 40.50 -35.20 -74.36
C THR B 1116 40.64 -36.21 -73.25
N THR B 1117 41.74 -36.94 -73.28
CA THR B 1117 42.07 -37.77 -72.12
C THR B 1117 42.70 -36.96 -71.01
N ASP B 1118 42.70 -35.64 -71.11
CA ASP B 1118 43.16 -34.79 -70.02
C ASP B 1118 42.02 -34.16 -69.26
N ASN B 1119 40.93 -33.81 -69.94
CA ASN B 1119 39.75 -33.29 -69.25
C ASN B 1119 39.09 -34.34 -68.39
N THR B 1120 39.34 -35.62 -68.66
CA THR B 1120 38.67 -36.68 -67.97
C THR B 1120 39.68 -37.63 -67.36
N PHE B 1121 39.18 -38.53 -66.51
CA PHE B 1121 40.00 -39.56 -65.93
C PHE B 1121 39.23 -40.87 -65.97
N VAL B 1122 39.94 -41.98 -66.15
CA VAL B 1122 39.28 -43.23 -66.42
C VAL B 1122 39.01 -43.98 -65.13
N SER B 1123 38.13 -44.96 -65.22
CA SER B 1123 37.88 -45.90 -64.14
C SER B 1123 36.98 -47.03 -64.63
N GLY B 1124 37.07 -48.17 -63.96
CA GLY B 1124 36.25 -49.34 -64.21
C GLY B 1124 36.12 -49.67 -65.67
N ASN B 1125 34.98 -50.25 -66.03
CA ASN B 1125 34.67 -50.54 -67.42
C ASN B 1125 33.24 -50.09 -67.69
N CYS B 1126 32.76 -50.40 -68.88
CA CYS B 1126 31.45 -49.94 -69.30
C CYS B 1126 30.32 -50.61 -68.54
N ASP B 1127 30.60 -51.65 -67.77
CA ASP B 1127 29.53 -52.52 -67.29
C ASP B 1127 28.69 -51.84 -66.21
N VAL B 1128 29.32 -51.17 -65.26
CA VAL B 1128 28.69 -50.96 -63.97
C VAL B 1128 27.94 -49.62 -63.90
N VAL B 1129 28.46 -48.57 -64.52
CA VAL B 1129 27.80 -47.27 -64.39
C VAL B 1129 26.47 -47.31 -65.13
N ILE B 1130 25.54 -46.47 -64.71
CA ILE B 1130 24.20 -46.43 -65.29
C ILE B 1130 24.07 -45.20 -66.15
N GLY B 1131 23.65 -45.40 -67.40
CA GLY B 1131 23.39 -44.26 -68.26
C GLY B 1131 24.59 -43.75 -69.02
N ILE B 1132 25.66 -44.53 -69.08
CA ILE B 1132 26.82 -44.10 -69.85
C ILE B 1132 26.48 -44.06 -71.32
N VAL B 1133 27.26 -43.33 -72.11
CA VAL B 1133 27.03 -43.20 -73.54
C VAL B 1133 28.35 -43.39 -74.27
N ASN B 1134 28.33 -44.14 -75.36
CA ASN B 1134 29.53 -44.32 -76.17
C ASN B 1134 29.96 -43.00 -76.77
N ASN B 1135 31.26 -42.84 -76.92
CA ASN B 1135 31.82 -41.72 -77.67
C ASN B 1135 33.32 -41.94 -77.80
N THR B 1136 33.98 -40.97 -78.41
CA THR B 1136 35.41 -41.04 -78.69
C THR B 1136 36.10 -39.96 -77.88
N VAL B 1137 36.92 -40.37 -76.92
CA VAL B 1137 37.72 -39.41 -76.16
C VAL B 1137 39.03 -39.18 -76.92
N TYR B 1138 39.21 -37.96 -77.41
CA TYR B 1138 40.42 -37.63 -78.12
C TYR B 1138 41.62 -37.77 -77.19
N ASP B 1139 42.79 -37.93 -77.78
CA ASP B 1139 44.03 -38.09 -77.03
C ASP B 1139 45.10 -37.20 -77.63
N PRO B 1140 45.70 -36.29 -76.85
CA PRO B 1140 46.69 -35.37 -77.44
C PRO B 1140 47.97 -36.05 -77.88
N LEU B 1141 48.22 -37.29 -77.47
CA LEU B 1141 49.47 -37.93 -77.85
C LEU B 1141 49.43 -38.56 -79.23
N GLN B 1142 48.25 -38.90 -79.73
CA GLN B 1142 48.17 -39.51 -81.06
C GLN B 1142 48.77 -38.64 -82.15
N PRO B 1143 48.61 -37.31 -82.17
CA PRO B 1143 49.27 -36.52 -83.22
C PRO B 1143 50.77 -36.67 -83.25
N GLU B 1144 51.44 -36.40 -82.13
CA GLU B 1144 52.89 -36.52 -82.11
C GLU B 1144 53.34 -37.95 -82.35
N LEU B 1145 52.61 -38.93 -81.82
CA LEU B 1145 52.98 -40.32 -82.01
C LEU B 1145 52.87 -40.73 -83.47
N ASP B 1146 51.90 -40.17 -84.18
CA ASP B 1146 51.81 -40.45 -85.61
C ASP B 1146 52.95 -39.78 -86.37
N SER B 1147 53.12 -38.47 -86.18
CA SER B 1147 54.19 -37.75 -86.83
C SER B 1147 55.55 -38.20 -86.31
N ALA C 27 -8.89 -53.42 19.03
CA ALA C 27 -8.96 -53.93 17.66
C ALA C 27 -8.82 -52.80 16.66
N TYR C 28 -8.15 -53.07 15.54
CA TYR C 28 -7.88 -52.04 14.55
C TYR C 28 -7.91 -52.67 13.17
N THR C 29 -7.89 -51.82 12.14
CA THR C 29 -7.88 -52.29 10.76
C THR C 29 -7.28 -51.19 9.89
N ASN C 30 -7.16 -51.47 8.60
CA ASN C 30 -6.39 -50.65 7.66
C ASN C 30 -7.32 -50.07 6.60
N SER C 31 -7.61 -48.78 6.70
CA SER C 31 -8.50 -48.10 5.77
C SER C 31 -7.75 -47.91 4.47
N PHE C 32 -7.85 -48.90 3.59
CA PHE C 32 -7.02 -48.95 2.40
C PHE C 32 -7.14 -47.70 1.55
N THR C 33 -8.32 -47.47 1.01
CA THR C 33 -8.47 -46.49 -0.04
C THR C 33 -9.74 -45.67 0.13
N ARG C 34 -10.53 -45.96 1.15
CA ARG C 34 -11.84 -45.35 1.30
C ARG C 34 -11.74 -44.05 2.07
N GLY C 35 -12.79 -43.26 2.00
CA GLY C 35 -12.84 -42.02 2.74
C GLY C 35 -12.69 -40.80 1.88
N VAL C 36 -13.27 -40.85 0.68
CA VAL C 36 -13.19 -39.77 -0.28
C VAL C 36 -14.59 -39.31 -0.62
N TYR C 37 -14.81 -38.01 -0.55
CA TYR C 37 -16.12 -37.44 -0.77
C TYR C 37 -16.00 -36.17 -1.59
N TYR C 38 -16.95 -35.96 -2.48
CA TYR C 38 -16.94 -34.77 -3.31
C TYR C 38 -16.93 -33.54 -2.44
N PRO C 39 -15.82 -32.84 -2.29
CA PRO C 39 -15.75 -31.79 -1.28
C PRO C 39 -16.64 -30.61 -1.56
N ASP C 40 -17.15 -30.48 -2.77
CA ASP C 40 -18.03 -29.38 -3.13
C ASP C 40 -19.02 -29.87 -4.15
N LYS C 41 -19.73 -28.93 -4.77
CA LYS C 41 -20.86 -29.28 -5.61
C LYS C 41 -20.57 -29.18 -7.09
N VAL C 42 -19.37 -28.76 -7.48
CA VAL C 42 -19.11 -28.52 -8.89
C VAL C 42 -19.00 -29.84 -9.65
N PHE C 43 -19.05 -29.73 -10.96
CA PHE C 43 -18.91 -30.86 -11.86
C PHE C 43 -17.70 -30.63 -12.74
N ARG C 44 -16.77 -31.57 -12.71
CA ARG C 44 -15.55 -31.45 -13.47
C ARG C 44 -15.39 -32.70 -14.32
N SER C 45 -14.84 -32.52 -15.51
CA SER C 45 -14.73 -33.62 -16.48
C SER C 45 -13.27 -33.89 -16.76
N SER C 46 -12.84 -35.13 -16.51
CA SER C 46 -11.53 -35.65 -16.89
C SER C 46 -10.38 -34.82 -16.37
N VAL C 47 -10.60 -33.95 -15.41
CA VAL C 47 -9.54 -33.10 -14.90
C VAL C 47 -9.10 -33.62 -13.54
N LEU C 48 -7.81 -33.50 -13.27
CA LEU C 48 -7.24 -33.87 -11.98
C LEU C 48 -7.27 -32.63 -11.10
N HIS C 49 -8.27 -32.58 -10.23
CA HIS C 49 -8.41 -31.48 -9.30
C HIS C 49 -7.61 -31.75 -8.04
N SER C 50 -7.17 -30.68 -7.40
CA SER C 50 -6.39 -30.78 -6.17
C SER C 50 -6.98 -29.83 -5.14
N THR C 51 -7.69 -30.36 -4.17
CA THR C 51 -8.39 -29.56 -3.18
C THR C 51 -7.90 -29.96 -1.80
N GLN C 52 -7.80 -28.98 -0.90
CA GLN C 52 -7.37 -29.25 0.47
C GLN C 52 -8.57 -29.13 1.40
N ASP C 53 -8.93 -30.24 2.03
CA ASP C 53 -10.01 -30.24 3.00
C ASP C 53 -9.78 -31.38 3.97
N LEU C 54 -10.80 -31.70 4.74
CA LEU C 54 -10.72 -32.74 5.76
C LEU C 54 -11.03 -34.07 5.09
N PHE C 55 -10.02 -34.90 4.94
CA PHE C 55 -10.18 -36.22 4.35
C PHE C 55 -9.68 -37.28 5.33
N LEU C 56 -10.04 -38.52 5.08
CA LEU C 56 -9.51 -39.61 5.85
C LEU C 56 -8.16 -40.02 5.28
N PRO C 57 -7.06 -39.82 6.01
CA PRO C 57 -5.76 -40.19 5.47
C PRO C 57 -5.74 -41.64 5.03
N PHE C 58 -5.10 -41.89 3.90
CA PHE C 58 -5.12 -43.22 3.33
C PHE C 58 -4.36 -44.20 4.21
N PHE C 59 -4.72 -45.47 4.10
CA PHE C 59 -4.05 -46.54 4.84
C PHE C 59 -3.98 -46.22 6.33
N SER C 60 -5.05 -45.64 6.88
CA SER C 60 -5.03 -45.23 8.27
C SER C 60 -5.53 -46.33 9.19
N ASN C 61 -5.79 -45.98 10.45
CA ASN C 61 -6.25 -46.93 11.45
C ASN C 61 -7.70 -46.66 11.77
N VAL C 62 -8.57 -47.59 11.37
CA VAL C 62 -9.98 -47.53 11.74
C VAL C 62 -10.18 -48.51 12.88
N THR C 63 -11.01 -48.12 13.84
CA THR C 63 -11.23 -48.93 15.03
C THR C 63 -12.34 -49.94 14.81
N TRP C 64 -11.99 -51.20 14.62
CA TRP C 64 -12.98 -52.25 14.40
C TRP C 64 -13.85 -52.39 15.64
N PHE C 65 -15.17 -52.33 15.47
CA PHE C 65 -16.09 -52.36 16.59
C PHE C 65 -17.10 -53.50 16.47
N HIS C 66 -17.75 -53.79 17.58
CA HIS C 66 -18.96 -54.61 17.60
C HIS C 66 -19.59 -54.57 18.99
N ASN C 81 -20.29 -49.54 19.91
CA ASN C 81 -21.20 -49.56 21.05
C ASN C 81 -21.00 -48.36 21.99
N PRO C 82 -19.76 -48.07 22.42
CA PRO C 82 -19.57 -46.98 23.39
C PRO C 82 -19.44 -45.61 22.75
N VAL C 83 -19.20 -44.59 23.57
CA VAL C 83 -19.00 -43.27 23.03
C VAL C 83 -17.63 -43.18 22.38
N LEU C 84 -17.46 -42.19 21.51
CA LEU C 84 -16.21 -41.92 20.82
C LEU C 84 -16.08 -40.42 20.62
N PRO C 85 -14.86 -39.92 20.54
CA PRO C 85 -14.66 -38.50 20.24
C PRO C 85 -14.97 -38.16 18.78
N PHE C 86 -14.99 -36.86 18.51
CA PHE C 86 -15.41 -36.31 17.23
C PHE C 86 -14.44 -35.20 16.82
N ASN C 87 -13.14 -35.50 16.88
CA ASN C 87 -12.09 -34.49 16.77
C ASN C 87 -12.36 -33.46 15.68
N ASP C 88 -12.45 -33.90 14.43
CA ASP C 88 -12.83 -33.00 13.35
C ASP C 88 -13.70 -33.66 12.30
N GLY C 89 -14.09 -34.91 12.49
CA GLY C 89 -14.86 -35.61 11.48
C GLY C 89 -14.86 -37.09 11.78
N VAL C 90 -15.58 -37.84 10.96
CA VAL C 90 -15.76 -39.27 11.19
C VAL C 90 -15.82 -39.96 9.85
N TYR C 91 -15.39 -41.21 9.81
CA TYR C 91 -15.61 -42.08 8.67
C TYR C 91 -16.43 -43.28 9.09
N PHE C 92 -17.53 -43.04 9.77
CA PHE C 92 -18.38 -44.14 10.19
C PHE C 92 -18.77 -44.99 9.00
N ALA C 93 -18.58 -46.29 9.13
CA ALA C 93 -18.91 -47.22 8.07
C ALA C 93 -19.74 -48.34 8.68
N SER C 94 -19.96 -49.40 7.92
CA SER C 94 -20.62 -50.60 8.44
C SER C 94 -20.57 -51.67 7.38
N THR C 95 -20.47 -52.91 7.82
CA THR C 95 -20.58 -54.08 6.96
C THR C 95 -21.70 -54.92 7.57
N GLU C 96 -22.92 -54.58 7.23
CA GLU C 96 -24.07 -55.10 7.94
C GLU C 96 -24.72 -56.24 7.18
N LYS C 97 -25.56 -56.97 7.89
CA LYS C 97 -26.34 -58.08 7.35
C LYS C 97 -27.84 -57.89 7.51
N SER C 98 -28.29 -57.52 8.70
CA SER C 98 -29.71 -57.38 9.00
C SER C 98 -30.02 -56.00 9.58
N ASN C 99 -29.31 -54.98 9.09
CA ASN C 99 -29.52 -53.59 9.51
C ASN C 99 -29.37 -53.42 11.00
N ILE C 100 -28.45 -54.14 11.64
CA ILE C 100 -28.30 -54.04 13.08
C ILE C 100 -28.01 -52.61 13.49
N ILE C 101 -27.22 -51.91 12.69
CA ILE C 101 -26.90 -50.52 12.95
C ILE C 101 -28.10 -49.70 12.51
N ARG C 102 -28.70 -48.97 13.45
CA ARG C 102 -29.86 -48.16 13.08
C ARG C 102 -29.48 -46.70 12.94
N GLY C 103 -28.85 -46.12 13.95
CA GLY C 103 -28.63 -44.70 13.88
C GLY C 103 -27.50 -44.23 14.76
N TRP C 104 -27.38 -42.92 14.84
CA TRP C 104 -26.29 -42.24 15.52
C TRP C 104 -26.83 -41.44 16.68
N ILE C 105 -25.92 -40.88 17.49
CA ILE C 105 -26.26 -39.94 18.54
C ILE C 105 -25.08 -39.00 18.67
N PHE C 106 -25.36 -37.70 18.75
CA PHE C 106 -24.30 -36.71 18.75
C PHE C 106 -24.48 -35.84 19.98
N GLY C 107 -23.75 -34.73 20.03
CA GLY C 107 -23.92 -33.72 21.05
C GLY C 107 -22.67 -33.53 21.87
N THR C 108 -22.64 -32.42 22.58
CA THR C 108 -21.50 -32.06 23.42
C THR C 108 -21.59 -32.72 24.79
N THR C 109 -22.63 -32.43 25.55
CA THR C 109 -22.78 -32.97 26.89
C THR C 109 -23.50 -34.31 26.90
N LEU C 110 -23.95 -34.79 25.74
CA LEU C 110 -24.51 -36.12 25.59
C LEU C 110 -25.77 -36.33 26.43
N ASP C 111 -26.32 -35.26 27.01
CA ASP C 111 -27.57 -35.37 27.75
C ASP C 111 -28.18 -33.98 27.84
N SER C 112 -29.13 -33.80 28.75
CA SER C 112 -29.84 -32.55 28.88
C SER C 112 -28.87 -31.42 29.20
N LYS C 113 -29.40 -30.20 29.15
CA LYS C 113 -28.69 -28.93 29.31
C LYS C 113 -27.89 -28.56 28.06
N THR C 114 -27.96 -29.37 27.01
CA THR C 114 -27.29 -29.07 25.75
C THR C 114 -27.94 -29.87 24.64
N GLN C 115 -28.26 -29.19 23.53
CA GLN C 115 -28.86 -29.87 22.39
C GLN C 115 -27.95 -30.98 21.90
N SER C 116 -28.56 -31.99 21.27
CA SER C 116 -27.82 -33.19 20.90
C SER C 116 -28.51 -33.84 19.71
N LEU C 117 -27.90 -33.74 18.53
CA LEU C 117 -28.44 -34.33 17.32
C LEU C 117 -28.73 -35.82 17.53
N LEU C 118 -29.65 -36.36 16.72
CA LEU C 118 -30.01 -37.77 16.81
C LEU C 118 -30.58 -38.20 15.45
N ILE C 119 -29.81 -39.03 14.75
CA ILE C 119 -30.28 -39.62 13.51
C ILE C 119 -30.65 -41.07 13.81
N VAL C 120 -31.85 -41.47 13.41
CA VAL C 120 -32.38 -42.77 13.80
C VAL C 120 -33.22 -43.32 12.66
N ASN C 121 -33.12 -44.61 12.43
CA ASN C 121 -33.99 -45.31 11.51
C ASN C 121 -34.73 -46.36 12.32
N ASN C 122 -35.94 -46.04 12.77
CA ASN C 122 -36.75 -47.01 13.48
C ASN C 122 -37.71 -47.73 12.54
N ALA C 123 -37.17 -48.28 11.44
CA ALA C 123 -37.96 -49.05 10.49
C ALA C 123 -39.14 -48.27 9.95
N THR C 124 -39.15 -46.95 10.15
CA THR C 124 -40.12 -46.08 9.50
C THR C 124 -39.46 -45.03 8.61
N ASN C 125 -38.53 -44.26 9.17
CA ASN C 125 -37.92 -43.15 8.45
C ASN C 125 -36.79 -42.59 9.30
N VAL C 126 -36.00 -41.72 8.69
CA VAL C 126 -34.77 -41.22 9.32
C VAL C 126 -35.17 -39.99 10.15
N VAL C 127 -35.63 -40.26 11.37
CA VAL C 127 -36.24 -39.22 12.19
C VAL C 127 -35.10 -38.43 12.82
N ILE C 128 -34.73 -37.33 12.15
CA ILE C 128 -33.72 -36.44 12.68
C ILE C 128 -34.34 -35.52 13.72
N LYS C 129 -33.66 -35.35 14.85
CA LYS C 129 -34.07 -34.38 15.85
C LYS C 129 -32.84 -33.69 16.41
N VAL C 130 -33.06 -32.53 17.03
CA VAL C 130 -32.00 -31.82 17.73
C VAL C 130 -32.50 -31.51 19.14
N CYS C 131 -33.36 -32.36 19.67
CA CYS C 131 -33.93 -32.10 20.99
C CYS C 131 -32.91 -32.44 22.06
N GLU C 132 -32.76 -31.55 23.06
CA GLU C 132 -31.73 -31.70 24.09
C GLU C 132 -32.10 -32.88 24.99
N PHE C 133 -31.96 -34.07 24.43
CA PHE C 133 -32.46 -35.30 25.02
C PHE C 133 -31.92 -35.63 26.42
N GLN C 134 -32.59 -36.57 27.06
CA GLN C 134 -32.05 -37.34 28.17
C GLN C 134 -31.76 -38.74 27.66
N PHE C 135 -30.48 -39.04 27.49
CA PHE C 135 -30.05 -40.20 26.72
C PHE C 135 -29.94 -41.45 27.58
N CYS C 136 -29.93 -42.59 26.92
CA CYS C 136 -29.75 -43.89 27.56
C CYS C 136 -28.37 -44.45 27.24
N ASN C 137 -27.71 -45.00 28.27
CA ASN C 137 -26.39 -45.59 28.13
C ASN C 137 -26.43 -46.95 27.46
N ASP C 138 -27.57 -47.36 26.92
CA ASP C 138 -27.68 -48.62 26.18
C ASP C 138 -28.95 -48.62 25.34
N PRO C 139 -29.03 -47.77 24.31
CA PRO C 139 -30.26 -47.66 23.54
C PRO C 139 -30.30 -48.64 22.38
N PHE C 140 -31.48 -48.74 21.78
CA PHE C 140 -31.70 -49.51 20.56
C PHE C 140 -33.10 -49.26 20.02
N ASN C 164 -37.34 -32.62 24.18
CA ASN C 164 -37.29 -31.53 25.14
C ASN C 164 -36.66 -30.29 24.52
N ASN C 165 -37.49 -29.33 24.12
CA ASN C 165 -37.04 -28.08 23.51
C ASN C 165 -36.24 -28.34 22.23
N CYS C 166 -36.94 -28.84 21.22
CA CYS C 166 -36.37 -29.15 19.92
C CYS C 166 -36.16 -27.89 19.09
N THR C 167 -35.33 -28.00 18.05
CA THR C 167 -35.02 -26.89 17.16
C THR C 167 -34.90 -27.36 15.69
N PHE C 168 -35.41 -28.54 15.40
CA PHE C 168 -35.35 -29.16 14.08
C PHE C 168 -36.12 -30.46 14.15
N GLU C 169 -36.54 -30.94 13.00
CA GLU C 169 -37.08 -32.29 12.89
C GLU C 169 -37.11 -32.66 11.42
N TYR C 170 -37.39 -33.93 11.14
CA TYR C 170 -37.63 -34.45 9.80
C TYR C 170 -38.10 -35.89 9.96
N VAL C 171 -39.01 -36.30 9.08
CA VAL C 171 -39.41 -37.70 8.98
C VAL C 171 -39.66 -38.01 7.52
N SER C 172 -39.02 -39.06 7.02
CA SER C 172 -39.28 -39.51 5.65
C SER C 172 -40.53 -40.38 5.62
N PHE C 186 -22.58 -60.64 5.08
CA PHE C 186 -22.42 -59.19 4.95
C PHE C 186 -22.45 -58.75 3.49
N LYS C 187 -23.44 -57.94 3.15
CA LYS C 187 -23.60 -57.47 1.79
C LYS C 187 -23.92 -55.99 1.67
N ASN C 188 -23.92 -55.24 2.77
CA ASN C 188 -24.15 -53.80 2.72
C ASN C 188 -22.96 -53.08 3.34
N LEU C 189 -22.42 -52.10 2.60
CA LEU C 189 -21.41 -51.19 3.11
C LEU C 189 -22.02 -49.81 3.14
N ARG C 190 -22.35 -49.35 4.33
CA ARG C 190 -22.96 -48.03 4.49
C ARG C 190 -21.92 -47.05 5.01
N GLU C 191 -21.15 -46.51 4.09
CA GLU C 191 -20.15 -45.53 4.49
C GLU C 191 -20.81 -44.19 4.76
N PHE C 192 -20.25 -43.46 5.71
CA PHE C 192 -20.81 -42.17 6.08
C PHE C 192 -19.66 -41.25 6.47
N VAL C 193 -19.86 -39.97 6.24
CA VAL C 193 -18.91 -38.97 6.71
C VAL C 193 -19.67 -37.78 7.25
N PHE C 194 -19.26 -37.31 8.42
CA PHE C 194 -19.95 -36.24 9.13
C PHE C 194 -18.93 -35.18 9.46
N LYS C 195 -19.33 -33.91 9.38
CA LYS C 195 -18.42 -32.85 9.75
C LYS C 195 -19.18 -31.54 9.84
N ASN C 196 -18.57 -30.58 10.52
CA ASN C 196 -19.13 -29.23 10.58
C ASN C 196 -18.15 -28.19 10.07
N TYR C 200 -22.00 -25.52 9.70
CA TYR C 200 -22.95 -26.46 10.28
C TYR C 200 -22.73 -27.88 9.78
N PHE C 201 -23.75 -28.72 9.95
CA PHE C 201 -23.59 -30.18 9.89
C PHE C 201 -23.80 -30.70 8.48
N LYS C 202 -22.87 -31.52 8.01
CA LYS C 202 -22.97 -32.13 6.70
C LYS C 202 -22.87 -33.64 6.81
N ILE C 203 -23.42 -34.33 5.80
CA ILE C 203 -23.38 -35.79 5.75
C ILE C 203 -23.10 -36.21 4.32
N TYR C 204 -22.28 -37.24 4.18
CA TYR C 204 -22.05 -37.87 2.89
C TYR C 204 -22.18 -39.36 3.08
N SER C 205 -22.63 -40.07 2.05
CA SER C 205 -22.89 -41.49 2.20
C SER C 205 -22.67 -42.19 0.88
N LYS C 206 -22.71 -43.52 0.93
CA LYS C 206 -22.69 -44.38 -0.24
C LYS C 206 -22.99 -45.79 0.21
N HIS C 207 -23.91 -46.44 -0.51
CA HIS C 207 -24.50 -47.70 -0.08
C HIS C 207 -24.18 -48.75 -1.14
N THR C 208 -23.03 -49.38 -1.02
CA THR C 208 -22.57 -50.28 -2.06
C THR C 208 -22.75 -51.74 -1.67
N PRO C 209 -23.18 -52.57 -2.62
CA PRO C 209 -23.26 -54.01 -2.36
C PRO C 209 -21.89 -54.64 -2.27
N ILE C 210 -21.75 -55.54 -1.30
CA ILE C 210 -20.46 -56.18 -1.01
C ILE C 210 -20.67 -57.65 -0.67
N ASN C 211 -19.59 -58.34 -0.34
CA ASN C 211 -19.64 -59.76 -0.01
C ASN C 211 -18.44 -60.19 0.82
N ASP C 215 -11.89 -57.08 8.06
CA ASP C 215 -12.51 -57.36 6.78
C ASP C 215 -13.24 -56.14 6.26
N LEU C 216 -12.47 -55.11 5.90
CA LEU C 216 -13.01 -53.92 5.27
C LEU C 216 -12.65 -53.95 3.80
N PRO C 217 -13.60 -54.10 2.89
CA PRO C 217 -13.25 -54.41 1.49
C PRO C 217 -12.40 -53.33 0.86
N GLN C 218 -11.30 -53.73 0.25
CA GLN C 218 -10.47 -52.80 -0.48
C GLN C 218 -11.23 -52.27 -1.69
N GLY C 219 -10.60 -51.39 -2.42
CA GLY C 219 -11.25 -50.79 -3.57
C GLY C 219 -11.58 -49.34 -3.32
N PHE C 220 -12.31 -48.76 -4.26
CA PHE C 220 -12.51 -47.33 -4.27
C PHE C 220 -13.98 -47.00 -4.51
N SER C 221 -14.48 -46.03 -3.75
CA SER C 221 -15.85 -45.56 -3.92
C SER C 221 -16.03 -44.17 -3.32
N ALA C 222 -16.41 -43.20 -4.13
CA ALA C 222 -16.64 -41.85 -3.64
C ALA C 222 -17.92 -41.81 -2.82
N LEU C 223 -18.15 -40.66 -2.17
CA LEU C 223 -19.33 -40.46 -1.34
C LEU C 223 -20.09 -39.24 -1.82
N GLU C 224 -21.34 -39.43 -2.21
CA GLU C 224 -22.19 -38.33 -2.63
C GLU C 224 -22.70 -37.59 -1.41
N PRO C 225 -22.79 -36.27 -1.43
CA PRO C 225 -23.39 -35.55 -0.30
C PRO C 225 -24.91 -35.67 -0.35
N LEU C 226 -25.46 -36.51 0.52
CA LEU C 226 -26.89 -36.75 0.44
C LEU C 226 -27.70 -35.83 1.33
N VAL C 227 -27.12 -35.25 2.37
CA VAL C 227 -27.85 -34.35 3.25
C VAL C 227 -26.95 -33.19 3.66
N ASP C 228 -27.57 -32.05 3.89
CA ASP C 228 -26.97 -30.96 4.63
C ASP C 228 -27.97 -30.49 5.68
N LEU C 229 -27.48 -30.19 6.88
CA LEU C 229 -28.35 -29.85 7.99
C LEU C 229 -27.87 -28.55 8.62
N PRO C 230 -28.70 -27.51 8.65
CA PRO C 230 -28.31 -26.20 9.22
C PRO C 230 -28.69 -26.08 10.69
N ILE C 231 -28.01 -26.85 11.54
CA ILE C 231 -28.40 -26.97 12.94
C ILE C 231 -27.48 -26.23 13.89
N GLY C 232 -26.30 -25.80 13.43
CA GLY C 232 -25.42 -24.97 14.25
C GLY C 232 -25.07 -25.54 15.60
N ILE C 233 -25.37 -26.82 15.83
CA ILE C 233 -25.08 -27.43 17.12
C ILE C 233 -23.58 -27.53 17.29
N ASN C 234 -23.14 -27.54 18.55
CA ASN C 234 -21.74 -27.78 18.87
C ASN C 234 -21.57 -29.23 19.31
N ILE C 235 -20.78 -30.00 18.58
CA ILE C 235 -20.61 -31.43 18.85
C ILE C 235 -19.14 -31.70 19.15
N THR C 236 -18.89 -32.61 20.07
CA THR C 236 -17.52 -33.06 20.34
C THR C 236 -17.48 -34.56 20.59
N ARG C 237 -18.64 -35.20 20.66
CA ARG C 237 -18.66 -36.62 20.95
C ARG C 237 -19.87 -37.22 20.26
N PHE C 238 -19.89 -38.54 20.16
CA PHE C 238 -21.00 -39.22 19.52
C PHE C 238 -21.02 -40.68 19.95
N GLN C 239 -22.02 -41.42 19.48
CA GLN C 239 -22.25 -42.79 19.87
C GLN C 239 -22.88 -43.51 18.69
N THR C 240 -23.50 -44.67 18.93
CA THR C 240 -24.05 -45.46 17.84
C THR C 240 -25.20 -46.30 18.36
N LEU C 241 -26.21 -46.49 17.52
CA LEU C 241 -27.31 -47.37 17.88
C LEU C 241 -27.04 -48.78 17.39
N LEU C 242 -27.77 -49.74 17.96
CA LEU C 242 -27.70 -51.12 17.52
C LEU C 242 -28.97 -51.87 17.87
N ALA C 263 -22.62 -57.71 13.09
CA ALA C 263 -22.31 -56.53 12.27
C ALA C 263 -21.25 -55.68 12.94
N ALA C 264 -20.54 -54.90 12.13
CA ALA C 264 -19.44 -54.10 12.63
C ALA C 264 -19.42 -52.76 11.93
N TYR C 265 -18.74 -51.80 12.55
CA TYR C 265 -18.54 -50.49 11.96
C TYR C 265 -17.12 -50.05 12.27
N TYR C 266 -16.73 -48.90 11.74
CA TYR C 266 -15.37 -48.42 11.93
C TYR C 266 -15.38 -46.91 12.04
N VAL C 267 -14.42 -46.35 12.76
CA VAL C 267 -14.38 -44.93 13.06
C VAL C 267 -13.04 -44.38 12.61
N GLY C 268 -13.01 -43.73 11.47
CA GLY C 268 -11.85 -42.97 11.07
C GLY C 268 -11.79 -41.67 11.83
N TYR C 269 -10.92 -40.79 11.37
CA TYR C 269 -10.87 -39.42 11.89
C TYR C 269 -10.26 -38.53 10.83
N LEU C 270 -11.08 -37.65 10.28
CA LEU C 270 -10.63 -36.78 9.21
C LEU C 270 -9.48 -35.91 9.67
N GLN C 271 -8.68 -35.45 8.71
CA GLN C 271 -7.59 -34.53 8.96
C GLN C 271 -7.53 -33.55 7.81
N PRO C 272 -6.99 -32.36 8.04
CA PRO C 272 -6.86 -31.37 6.95
C PRO C 272 -5.71 -31.71 6.01
N ARG C 273 -5.98 -32.59 5.06
CA ARG C 273 -4.94 -33.11 4.18
C ARG C 273 -5.31 -32.87 2.73
N THR C 274 -4.36 -32.35 1.96
CA THR C 274 -4.60 -32.10 0.56
C THR C 274 -4.63 -33.40 -0.21
N PHE C 275 -5.63 -33.56 -1.06
CA PHE C 275 -5.70 -34.73 -1.92
C PHE C 275 -5.61 -34.33 -3.36
N LEU C 276 -5.78 -35.32 -4.22
CA LEU C 276 -5.75 -35.13 -5.66
C LEU C 276 -6.83 -36.01 -6.23
N LEU C 277 -7.88 -35.42 -6.77
CA LEU C 277 -9.03 -36.17 -7.22
C LEU C 277 -8.96 -36.37 -8.72
N LYS C 278 -9.39 -37.51 -9.21
CA LYS C 278 -9.45 -37.78 -10.63
C LYS C 278 -10.90 -37.87 -11.05
N TYR C 279 -11.48 -36.74 -11.41
CA TYR C 279 -12.81 -36.78 -12.00
C TYR C 279 -12.73 -37.46 -13.36
N ASN C 280 -13.60 -38.41 -13.62
CA ASN C 280 -13.66 -39.02 -14.94
C ASN C 280 -14.49 -38.12 -15.85
N GLU C 281 -14.94 -38.63 -16.99
CA GLU C 281 -15.69 -37.77 -17.90
C GLU C 281 -17.12 -37.58 -17.41
N ASN C 282 -17.63 -38.51 -16.61
CA ASN C 282 -18.98 -38.40 -16.08
C ASN C 282 -19.07 -37.48 -14.88
N GLY C 283 -17.96 -36.95 -14.41
CA GLY C 283 -17.98 -36.19 -13.18
C GLY C 283 -17.90 -37.08 -11.96
N THR C 284 -17.46 -38.33 -12.14
CA THR C 284 -17.37 -39.26 -11.03
C THR C 284 -15.92 -39.44 -10.59
N ILE C 285 -15.66 -39.19 -9.31
CA ILE C 285 -14.31 -39.43 -8.79
C ILE C 285 -13.99 -40.91 -8.93
N THR C 286 -12.90 -41.21 -9.62
CA THR C 286 -12.49 -42.59 -9.78
C THR C 286 -11.23 -42.95 -9.03
N ASP C 287 -10.48 -41.95 -8.55
CA ASP C 287 -9.19 -42.25 -7.94
C ASP C 287 -8.66 -41.00 -7.27
N ALA C 288 -7.90 -41.20 -6.20
CA ALA C 288 -7.34 -40.10 -5.46
C ALA C 288 -5.92 -40.42 -5.04
N VAL C 289 -5.18 -39.37 -4.67
CA VAL C 289 -3.78 -39.48 -4.32
C VAL C 289 -3.55 -38.70 -3.04
N ASP C 290 -3.17 -39.38 -1.97
CA ASP C 290 -2.86 -38.71 -0.73
C ASP C 290 -1.60 -37.89 -0.94
N CYS C 291 -1.73 -36.57 -0.90
CA CYS C 291 -0.63 -35.70 -1.26
C CYS C 291 0.43 -35.61 -0.18
N ALA C 292 0.34 -36.45 0.83
CA ALA C 292 1.41 -36.50 1.81
C ALA C 292 1.74 -37.92 2.25
N LEU C 293 1.27 -38.92 1.52
CA LEU C 293 1.43 -40.30 1.99
C LEU C 293 2.88 -40.74 1.94
N ASP C 294 3.52 -40.64 0.79
CA ASP C 294 4.90 -41.07 0.64
C ASP C 294 5.51 -40.31 -0.53
N PRO C 295 6.84 -40.24 -0.59
CA PRO C 295 7.47 -39.43 -1.65
C PRO C 295 6.88 -39.63 -3.03
N LEU C 296 6.62 -40.86 -3.45
CA LEU C 296 5.99 -41.05 -4.74
C LEU C 296 4.72 -40.20 -4.84
N SER C 297 3.95 -40.16 -3.77
CA SER C 297 2.69 -39.44 -3.84
C SER C 297 2.90 -37.94 -3.83
N GLU C 298 3.86 -37.43 -3.07
CA GLU C 298 4.13 -36.00 -3.14
C GLU C 298 4.53 -35.62 -4.55
N THR C 299 5.24 -36.52 -5.23
CA THR C 299 5.61 -36.26 -6.62
C THR C 299 4.38 -36.23 -7.51
N LYS C 300 3.54 -37.27 -7.43
CA LYS C 300 2.32 -37.29 -8.21
C LYS C 300 1.49 -36.05 -7.97
N CYS C 301 1.59 -35.49 -6.78
CA CYS C 301 0.76 -34.35 -6.41
C CYS C 301 1.33 -33.06 -6.96
N THR C 302 2.65 -32.90 -6.93
CA THR C 302 3.23 -31.69 -7.51
C THR C 302 3.19 -31.70 -9.03
N LEU C 303 3.22 -32.86 -9.65
CA LEU C 303 3.10 -32.94 -11.10
C LEU C 303 1.67 -32.83 -11.59
N LYS C 304 0.69 -32.85 -10.70
CA LYS C 304 -0.72 -32.88 -11.10
C LYS C 304 -0.97 -34.03 -12.05
N SER C 305 -0.34 -35.17 -11.80
CA SER C 305 -0.53 -36.29 -12.68
C SER C 305 -0.64 -37.57 -11.89
N PHE C 306 -1.24 -38.57 -12.53
CA PHE C 306 -1.33 -39.90 -11.97
C PHE C 306 -0.24 -40.80 -12.49
N THR C 307 0.66 -40.27 -13.29
CA THR C 307 1.81 -41.03 -13.76
C THR C 307 2.95 -40.03 -13.94
N VAL C 308 4.14 -40.43 -13.57
CA VAL C 308 5.30 -39.59 -13.72
C VAL C 308 6.37 -40.33 -14.49
N GLU C 309 6.77 -39.76 -15.62
CA GLU C 309 7.84 -40.35 -16.40
C GLU C 309 9.14 -40.26 -15.61
N LYS C 310 10.05 -41.18 -15.91
CA LYS C 310 11.32 -41.24 -15.21
C LYS C 310 11.99 -39.88 -15.14
N GLY C 311 12.56 -39.58 -13.98
CA GLY C 311 13.27 -38.31 -13.83
C GLY C 311 13.63 -38.05 -12.39
N ILE C 312 13.87 -36.79 -12.09
CA ILE C 312 14.10 -36.36 -10.71
C ILE C 312 13.34 -35.07 -10.44
N TYR C 313 12.32 -35.15 -9.62
CA TYR C 313 11.46 -34.03 -9.34
C TYR C 313 11.69 -33.54 -7.93
N GLN C 314 11.49 -32.25 -7.72
CA GLN C 314 11.63 -31.65 -6.41
C GLN C 314 10.27 -31.42 -5.79
N THR C 315 10.09 -31.87 -4.56
CA THR C 315 8.78 -31.78 -3.92
C THR C 315 8.75 -30.85 -2.72
N SER C 316 9.58 -31.09 -1.72
CA SER C 316 9.40 -30.35 -0.48
C SER C 316 10.70 -29.82 0.07
N ASN C 317 10.66 -29.28 1.29
CA ASN C 317 11.80 -28.59 1.87
C ASN C 317 12.08 -29.15 3.25
N PHE C 318 13.04 -30.05 3.33
CA PHE C 318 13.48 -30.52 4.63
C PHE C 318 14.02 -29.35 5.42
N ARG C 319 13.56 -29.20 6.65
CA ARG C 319 14.05 -28.12 7.49
C ARG C 319 13.93 -28.56 8.94
N VAL C 320 15.09 -28.68 9.62
CA VAL C 320 15.09 -29.10 11.01
C VAL C 320 14.31 -28.09 11.84
N GLN C 321 13.71 -28.56 12.92
CA GLN C 321 13.16 -27.46 13.69
C GLN C 321 13.98 -27.22 14.96
N PRO C 322 14.04 -25.98 15.44
CA PRO C 322 14.85 -25.71 16.63
C PRO C 322 14.31 -26.46 17.84
N THR C 323 15.12 -27.37 18.35
CA THR C 323 14.63 -28.32 19.34
C THR C 323 14.32 -27.65 20.67
N GLU C 324 15.20 -26.78 21.15
CA GLU C 324 15.03 -26.20 22.46
C GLU C 324 15.64 -24.80 22.48
N SER C 325 14.97 -23.89 23.16
CA SER C 325 15.45 -22.52 23.22
C SER C 325 16.45 -22.34 24.35
N ILE C 326 17.25 -21.29 24.22
CA ILE C 326 18.33 -21.02 25.16
C ILE C 326 18.44 -19.51 25.32
N VAL C 327 18.87 -19.08 26.50
CA VAL C 327 18.98 -17.67 26.83
C VAL C 327 20.25 -17.46 27.63
N ARG C 328 21.03 -16.44 27.28
CA ARG C 328 22.31 -16.19 27.92
C ARG C 328 22.49 -14.70 28.14
N PHE C 329 22.91 -14.33 29.35
CA PHE C 329 23.10 -12.96 29.80
C PHE C 329 24.31 -12.91 30.71
N PRO C 330 24.92 -11.73 30.87
CA PRO C 330 26.16 -11.65 31.65
C PRO C 330 25.97 -12.12 33.07
N ASN C 331 27.09 -12.32 33.76
CA ASN C 331 27.08 -12.74 35.16
C ASN C 331 26.21 -11.80 35.97
N ILE C 332 25.23 -12.34 36.67
CA ILE C 332 24.33 -11.49 37.44
C ILE C 332 25.09 -11.02 38.68
N THR C 333 25.72 -9.86 38.57
CA THR C 333 26.46 -9.29 39.67
C THR C 333 25.98 -7.87 39.89
N ASN C 334 26.65 -7.12 40.75
CA ASN C 334 26.29 -5.72 41.01
C ASN C 334 24.88 -5.62 41.58
N LEU C 335 24.57 -6.49 42.54
CA LEU C 335 23.24 -6.50 43.15
C LEU C 335 22.95 -5.17 43.83
N CYS C 336 21.69 -4.80 43.86
CA CYS C 336 21.30 -3.52 44.43
C CYS C 336 21.30 -3.63 45.95
N PRO C 337 21.86 -2.66 46.67
CA PRO C 337 21.98 -2.77 48.14
C PRO C 337 20.66 -2.54 48.87
N PHE C 338 19.66 -3.37 48.55
CA PHE C 338 18.44 -3.34 49.33
C PHE C 338 18.64 -3.91 50.73
N GLY C 339 19.68 -4.72 50.93
CA GLY C 339 20.00 -5.16 52.27
C GLY C 339 20.40 -4.02 53.17
N GLU C 340 21.05 -3.01 52.60
CA GLU C 340 21.47 -1.87 53.41
C GLU C 340 20.27 -1.11 53.94
N VAL C 341 19.22 -0.97 53.14
CA VAL C 341 18.04 -0.23 53.57
C VAL C 341 17.12 -1.09 54.42
N PHE C 342 17.03 -2.39 54.13
CA PHE C 342 16.15 -3.24 54.92
C PHE C 342 16.86 -3.75 56.17
N ASN C 343 18.09 -4.22 56.03
CA ASN C 343 18.85 -4.69 57.18
C ASN C 343 19.61 -3.57 57.85
N ALA C 344 19.15 -2.34 57.71
CA ALA C 344 19.74 -1.22 58.45
C ALA C 344 19.40 -1.36 59.93
N THR C 345 20.44 -1.35 60.77
CA THR C 345 20.20 -1.37 62.20
C THR C 345 19.69 -0.02 62.69
N ARG C 346 20.09 1.07 62.03
CA ARG C 346 19.80 2.43 62.48
C ARG C 346 18.85 3.09 61.49
N PHE C 347 17.57 3.11 61.84
CA PHE C 347 16.55 3.73 61.00
C PHE C 347 16.41 5.22 61.29
N ALA C 348 15.52 5.86 60.53
CA ALA C 348 15.17 7.26 60.69
C ALA C 348 13.71 7.38 61.15
N SER C 349 13.39 8.49 61.80
CA SER C 349 12.06 8.70 62.35
C SER C 349 11.05 9.00 61.25
N VAL C 350 9.88 9.49 61.67
CA VAL C 350 8.80 9.76 60.71
C VAL C 350 8.74 11.23 60.30
N TYR C 351 8.92 12.16 61.23
CA TYR C 351 8.99 13.57 60.83
C TYR C 351 10.19 13.86 59.94
N ALA C 352 11.18 12.98 59.95
CA ALA C 352 12.34 13.11 59.09
C ALA C 352 12.38 11.94 58.14
N TRP C 353 11.24 11.63 57.52
CA TRP C 353 11.15 10.51 56.61
C TRP C 353 12.22 10.58 55.53
N ASN C 354 12.83 9.44 55.26
CA ASN C 354 14.02 9.36 54.44
C ASN C 354 13.67 9.26 52.96
N ARG C 355 14.69 9.30 52.13
CA ARG C 355 14.57 9.05 50.70
C ARG C 355 15.96 8.79 50.17
N LYS C 356 16.10 7.76 49.33
CA LYS C 356 17.41 7.34 48.87
C LYS C 356 17.31 6.96 47.40
N ARG C 357 17.83 7.82 46.53
CA ARG C 357 17.99 7.46 45.14
C ARG C 357 19.06 6.38 45.04
N ILE C 358 18.81 5.37 44.21
CA ILE C 358 19.74 4.27 44.02
C ILE C 358 19.92 4.08 42.52
N SER C 359 21.17 3.93 42.08
CA SER C 359 21.51 3.85 40.67
C SER C 359 22.36 2.63 40.40
N ASN C 360 22.54 2.33 39.11
CA ASN C 360 23.46 1.30 38.65
C ASN C 360 23.24 -0.01 39.38
N CYS C 361 21.99 -0.45 39.45
CA CYS C 361 21.65 -1.67 40.15
C CYS C 361 21.08 -2.71 39.21
N VAL C 362 21.27 -3.96 39.59
CA VAL C 362 20.30 -5.00 39.31
C VAL C 362 19.49 -5.17 40.58
N ALA C 363 18.20 -4.89 40.50
CA ALA C 363 17.34 -4.78 41.65
C ALA C 363 16.43 -6.00 41.71
N ASP C 364 16.91 -7.05 42.34
CA ASP C 364 16.15 -8.30 42.47
C ASP C 364 15.06 -8.11 43.52
N TYR C 365 13.85 -7.79 43.07
CA TYR C 365 12.76 -7.61 44.02
C TYR C 365 12.27 -8.94 44.57
N SER C 366 12.52 -10.03 43.85
CA SER C 366 11.94 -11.31 44.25
C SER C 366 12.69 -11.96 45.42
N VAL C 367 13.91 -11.50 45.73
CA VAL C 367 14.60 -12.06 46.89
C VAL C 367 14.00 -11.56 48.18
N LEU C 368 13.56 -10.29 48.21
CA LEU C 368 12.85 -9.78 49.37
C LEU C 368 11.37 -10.09 49.34
N TYR C 369 10.74 -10.06 48.17
CA TYR C 369 9.32 -10.40 48.10
C TYR C 369 9.09 -11.83 48.54
N ASN C 370 9.97 -12.74 48.16
CA ASN C 370 9.90 -14.12 48.61
C ASN C 370 10.84 -14.34 49.81
N SER C 371 10.60 -13.56 50.86
CA SER C 371 11.26 -13.73 52.14
C SER C 371 10.30 -13.89 53.30
N ALA C 372 9.03 -13.52 53.12
CA ALA C 372 7.97 -13.72 54.12
C ALA C 372 8.29 -13.02 55.44
N SER C 373 9.28 -12.14 55.42
CA SER C 373 9.55 -11.32 56.59
C SER C 373 8.76 -10.02 56.60
N PHE C 374 7.66 -9.95 55.86
CA PHE C 374 6.90 -8.72 55.71
C PHE C 374 5.49 -8.88 56.25
N SER C 375 5.04 -7.86 57.00
CA SER C 375 3.63 -7.83 57.40
C SER C 375 2.73 -7.50 56.22
N THR C 376 3.15 -6.59 55.35
CA THR C 376 2.37 -6.35 54.14
C THR C 376 3.29 -5.84 53.04
N PHE C 377 3.03 -6.32 51.83
CA PHE C 377 3.77 -5.97 50.63
C PHE C 377 2.75 -5.46 49.64
N LYS C 378 2.43 -4.17 49.74
CA LYS C 378 1.28 -3.63 49.02
C LYS C 378 1.80 -2.84 47.83
N CYS C 379 1.54 -3.35 46.63
CA CYS C 379 2.01 -2.72 45.41
C CYS C 379 0.90 -1.96 44.70
N TYR C 380 1.27 -0.81 44.15
CA TYR C 380 0.32 0.08 43.50
C TYR C 380 0.94 0.55 42.19
N GLY C 381 0.17 0.46 41.12
CA GLY C 381 0.68 0.73 39.79
C GLY C 381 1.23 -0.53 39.17
N VAL C 382 1.99 -1.29 39.96
CA VAL C 382 2.67 -2.49 39.50
C VAL C 382 2.22 -3.67 40.36
N SER C 383 2.55 -4.86 39.91
CA SER C 383 2.27 -6.18 40.44
C SER C 383 3.31 -6.59 41.46
N PRO C 384 2.94 -7.42 42.44
CA PRO C 384 3.96 -7.94 43.37
C PRO C 384 5.04 -8.74 42.67
N THR C 385 4.64 -9.72 41.88
CA THR C 385 5.55 -10.36 40.94
C THR C 385 5.62 -9.50 39.67
N LYS C 386 6.15 -10.07 38.58
CA LYS C 386 6.15 -9.37 37.29
C LYS C 386 6.94 -8.08 37.37
N LEU C 387 7.93 -8.03 38.25
CA LEU C 387 8.71 -6.83 38.48
C LEU C 387 10.10 -6.90 37.86
N ASN C 388 10.82 -7.99 38.08
CA ASN C 388 12.19 -8.10 37.61
C ASN C 388 12.28 -7.96 36.10
N ASP C 389 11.15 -8.00 35.40
CA ASP C 389 11.09 -7.67 33.99
C ASP C 389 10.78 -6.20 33.76
N LEU C 390 11.02 -5.36 34.77
CA LEU C 390 10.88 -3.92 34.63
C LEU C 390 12.23 -3.24 34.85
N CYS C 391 12.49 -2.23 34.03
CA CYS C 391 13.75 -1.48 34.08
C CYS C 391 13.36 -0.03 34.34
N PHE C 392 13.65 0.47 35.54
CA PHE C 392 13.31 1.84 35.89
C PHE C 392 14.55 2.72 35.88
N THR C 393 14.31 4.04 35.90
CA THR C 393 15.42 4.97 35.99
C THR C 393 16.03 4.93 37.38
N ASN C 394 15.24 5.21 38.41
CA ASN C 394 15.73 5.12 39.78
C ASN C 394 14.58 4.74 40.70
N VAL C 395 14.96 4.26 41.87
CA VAL C 395 14.02 3.86 42.91
C VAL C 395 14.29 4.70 44.13
N TYR C 396 13.26 4.91 44.94
CA TYR C 396 13.35 5.74 46.13
C TYR C 396 12.96 4.92 47.34
N ALA C 397 13.93 4.67 48.21
CA ALA C 397 13.77 3.81 49.37
C ALA C 397 13.62 4.69 50.60
N ASP C 398 12.37 4.97 50.98
CA ASP C 398 12.11 5.64 52.24
C ASP C 398 12.04 4.60 53.34
N SER C 399 12.55 4.94 54.52
CA SER C 399 12.72 3.97 55.60
C SER C 399 12.39 4.65 56.93
N PHE C 400 11.35 4.17 57.62
CA PHE C 400 11.03 4.70 58.93
C PHE C 400 10.24 3.66 59.72
N VAL C 401 9.72 4.09 60.87
CA VAL C 401 9.05 3.20 61.81
C VAL C 401 7.72 3.83 62.21
N ILE C 402 6.65 3.05 62.09
CA ILE C 402 5.32 3.55 62.43
C ILE C 402 4.61 2.52 63.30
N ARG C 403 3.40 2.84 63.75
CA ARG C 403 2.69 1.91 64.60
C ARG C 403 1.82 0.98 63.76
N GLY C 404 0.95 0.24 64.43
CA GLY C 404 0.12 -0.73 63.73
C GLY C 404 -0.81 -0.09 62.72
N ASP C 405 -1.70 0.78 63.18
CA ASP C 405 -2.73 1.33 62.30
C ASP C 405 -2.12 2.28 61.26
N GLU C 406 -0.99 2.90 61.59
CA GLU C 406 -0.33 3.81 60.67
C GLU C 406 0.09 3.11 59.39
N VAL C 407 0.37 1.81 59.44
CA VAL C 407 0.68 1.08 58.22
C VAL C 407 -0.51 1.13 57.28
N ARG C 408 -1.70 0.83 57.80
CA ARG C 408 -2.90 1.01 56.99
C ARG C 408 -3.04 2.44 56.51
N GLN C 409 -2.65 3.41 57.34
CA GLN C 409 -2.65 4.80 56.87
C GLN C 409 -1.82 4.94 55.60
N ILE C 410 -0.64 4.31 55.57
CA ILE C 410 0.25 4.43 54.42
C ILE C 410 -0.38 3.70 53.23
N ALA C 411 -0.87 4.48 52.28
CA ALA C 411 -1.51 3.98 51.07
C ALA C 411 -1.72 5.18 50.14
N PRO C 412 -1.96 4.97 48.84
CA PRO C 412 -2.07 6.12 47.94
C PRO C 412 -3.22 7.03 48.34
N GLY C 413 -2.92 8.32 48.42
CA GLY C 413 -3.95 9.32 48.68
C GLY C 413 -4.75 9.09 49.94
N GLN C 414 -4.07 8.93 51.08
CA GLN C 414 -4.77 8.70 52.33
C GLN C 414 -4.71 9.95 53.21
N THR C 415 -5.55 9.95 54.24
CA THR C 415 -5.66 11.06 55.17
C THR C 415 -5.54 10.51 56.58
N GLY C 416 -4.54 10.99 57.31
CA GLY C 416 -4.27 10.48 58.63
C GLY C 416 -3.04 11.15 59.18
N LYS C 417 -2.86 11.09 60.50
CA LYS C 417 -1.82 11.88 61.17
C LYS C 417 -0.49 11.84 60.43
N ILE C 418 0.06 10.65 60.24
CA ILE C 418 1.31 10.52 59.52
C ILE C 418 1.14 10.97 58.07
N ALA C 419 0.15 10.41 57.38
CA ALA C 419 -0.08 10.71 55.97
C ALA C 419 -0.37 12.19 55.72
N ASP C 420 -0.89 12.90 56.70
CA ASP C 420 -1.21 14.31 56.54
C ASP C 420 -0.11 15.23 57.00
N TYR C 421 0.73 14.81 57.92
CA TYR C 421 1.75 15.72 58.44
C TYR C 421 3.15 15.12 58.50
N ASN C 422 3.35 13.87 58.11
CA ASN C 422 4.69 13.31 58.11
C ASN C 422 5.13 12.78 56.77
N TYR C 423 4.27 12.08 56.03
CA TYR C 423 4.70 11.49 54.76
C TYR C 423 3.46 11.27 53.89
N LYS C 424 3.28 12.15 52.91
CA LYS C 424 2.08 12.13 52.08
C LYS C 424 2.37 11.43 50.77
N LEU C 425 1.79 10.25 50.59
CA LEU C 425 1.82 9.59 49.30
C LEU C 425 0.87 10.27 48.33
N PRO C 426 1.13 10.22 47.03
CA PRO C 426 0.17 10.72 46.06
C PRO C 426 -0.97 9.74 45.90
N ASP C 427 -1.86 10.09 44.96
CA ASP C 427 -2.92 9.17 44.57
C ASP C 427 -2.48 8.23 43.47
N ASP C 428 -1.46 8.60 42.70
CA ASP C 428 -0.90 7.78 41.64
C ASP C 428 0.48 7.21 42.01
N PHE C 429 0.64 6.81 43.27
CA PHE C 429 1.91 6.27 43.71
C PHE C 429 2.20 4.93 43.03
N THR C 430 3.33 4.86 42.34
CA THR C 430 3.75 3.66 41.63
C THR C 430 4.90 3.05 42.41
N GLY C 431 4.59 2.05 43.23
CA GLY C 431 5.61 1.43 44.06
C GLY C 431 4.97 0.51 45.07
N CYS C 432 5.80 0.01 45.98
CA CYS C 432 5.36 -1.05 46.89
C CYS C 432 5.76 -0.72 48.32
N VAL C 433 4.77 -0.70 49.21
CA VAL C 433 5.04 -0.47 50.63
C VAL C 433 5.35 -1.78 51.32
N ILE C 434 6.36 -1.77 52.19
CA ILE C 434 6.90 -2.96 52.82
C ILE C 434 6.77 -2.72 54.32
N ALA C 435 5.91 -3.47 54.99
CA ALA C 435 5.76 -3.34 56.43
C ALA C 435 6.09 -4.65 57.11
N TRP C 436 6.85 -4.56 58.21
CA TRP C 436 7.22 -5.74 58.97
C TRP C 436 7.47 -5.33 60.42
N ASN C 437 7.01 -6.18 61.34
CA ASN C 437 7.05 -5.86 62.76
C ASN C 437 8.48 -5.86 63.27
N SER C 438 8.72 -5.07 64.31
CA SER C 438 10.03 -4.97 64.95
C SER C 438 9.93 -5.00 66.46
N ASN C 439 8.83 -5.55 67.00
CA ASN C 439 8.64 -5.60 68.43
C ASN C 439 9.68 -6.49 69.10
N ASN C 440 10.20 -7.48 68.40
CA ASN C 440 11.23 -8.36 68.96
C ASN C 440 12.62 -7.76 68.81
N LEU C 441 12.73 -6.64 68.11
CA LEU C 441 14.01 -5.95 67.94
C LEU C 441 14.00 -4.57 68.58
N ASP C 442 13.06 -3.72 68.19
CA ASP C 442 13.10 -2.31 68.57
C ASP C 442 12.42 -2.02 69.91
N SER C 443 11.38 -2.77 70.27
CA SER C 443 10.72 -2.55 71.54
C SER C 443 11.69 -2.77 72.69
N LYS C 444 11.44 -2.08 73.79
CA LYS C 444 12.31 -2.23 74.94
C LYS C 444 11.55 -1.87 76.22
N VAL C 445 11.99 -2.46 77.32
CA VAL C 445 11.39 -2.21 78.62
C VAL C 445 11.50 -0.73 78.98
N GLY C 446 10.42 -0.19 79.53
CA GLY C 446 10.38 1.19 79.97
C GLY C 446 9.97 2.14 78.85
N GLY C 447 10.03 1.65 77.62
CA GLY C 447 9.71 2.47 76.47
C GLY C 447 10.93 2.75 75.62
N ASN C 448 10.71 2.93 74.32
CA ASN C 448 11.75 3.32 73.37
C ASN C 448 11.31 4.68 72.83
N TYR C 449 11.74 5.74 73.50
CA TYR C 449 11.25 7.09 73.24
C TYR C 449 12.03 7.82 72.17
N ASN C 450 12.68 7.11 71.25
CA ASN C 450 13.53 7.78 70.28
C ASN C 450 12.78 8.26 69.05
N TYR C 451 11.62 7.69 68.74
CA TYR C 451 10.90 8.00 67.51
C TYR C 451 9.87 9.07 67.79
N LEU C 452 9.83 10.09 66.93
CA LEU C 452 8.93 11.22 67.08
C LEU C 452 8.07 11.36 65.85
N TYR C 453 6.79 11.64 66.05
CA TYR C 453 5.87 11.96 64.96
C TYR C 453 5.37 13.38 65.14
N ARG C 454 4.99 14.00 64.03
CA ARG C 454 4.51 15.38 64.05
C ARG C 454 3.12 15.41 64.68
N LEU C 455 3.01 16.10 65.82
CA LEU C 455 1.72 16.16 66.51
C LEU C 455 0.67 16.86 65.66
N PHE C 456 0.88 18.15 65.38
CA PHE C 456 -0.09 18.95 64.66
C PHE C 456 0.62 19.91 63.74
N ARG C 457 -0.05 20.22 62.63
CA ARG C 457 0.42 21.24 61.71
C ARG C 457 -0.78 21.77 60.96
N LYS C 458 -0.60 22.91 60.30
CA LYS C 458 -1.73 23.64 59.74
C LYS C 458 -2.25 22.99 58.48
N SER C 459 -1.44 22.19 57.79
CA SER C 459 -1.79 21.78 56.45
C SER C 459 -1.24 20.39 56.13
N ASN C 460 -1.85 19.76 55.13
CA ASN C 460 -1.37 18.51 54.58
C ASN C 460 -0.19 18.78 53.64
N LEU C 461 0.59 17.74 53.40
CA LEU C 461 1.80 17.86 52.61
C LEU C 461 1.51 17.63 51.15
N LYS C 462 2.43 18.09 50.30
CA LYS C 462 2.42 17.73 48.90
C LYS C 462 2.74 16.25 48.77
N PRO C 463 2.37 15.63 47.65
CA PRO C 463 2.81 14.25 47.42
C PRO C 463 4.32 14.13 47.54
N PHE C 464 4.75 13.29 48.48
CA PHE C 464 6.17 13.02 48.74
C PHE C 464 6.88 14.24 49.30
N GLU C 465 6.15 15.22 49.83
CA GLU C 465 6.78 16.41 50.39
C GLU C 465 7.53 16.05 51.67
N ARG C 466 8.66 16.72 51.90
CA ARG C 466 9.46 16.51 53.10
C ARG C 466 9.35 17.73 53.98
N ASP C 467 8.55 17.62 55.05
CA ASP C 467 8.41 18.68 56.04
C ASP C 467 9.28 18.33 57.24
N ILE C 468 10.29 19.16 57.49
CA ILE C 468 11.24 18.94 58.57
C ILE C 468 11.21 20.07 59.59
N SER C 469 10.65 21.22 59.25
CA SER C 469 10.69 22.39 60.12
C SER C 469 10.20 22.06 61.52
N THR C 470 11.02 22.42 62.51
CA THR C 470 10.73 22.15 63.91
C THR C 470 10.24 23.42 64.62
N GLU C 471 9.60 24.30 63.86
CA GLU C 471 9.03 25.52 64.44
C GLU C 471 7.91 25.14 65.41
N ILE C 472 8.02 25.62 66.65
CA ILE C 472 7.01 25.36 67.66
C ILE C 472 5.62 25.65 67.13
N TYR C 473 4.71 24.69 67.31
CA TYR C 473 3.37 24.80 66.75
C TYR C 473 2.69 26.07 67.24
N GLN C 474 2.40 26.97 66.31
CA GLN C 474 1.79 28.25 66.62
C GLN C 474 0.28 28.11 66.60
N ALA C 475 -0.38 28.67 67.61
CA ALA C 475 -1.83 28.71 67.68
C ALA C 475 -2.22 29.70 68.77
N GLY C 476 -3.52 29.91 68.92
CA GLY C 476 -4.04 30.87 69.88
C GLY C 476 -4.32 32.20 69.19
N SER C 477 -3.65 33.27 69.65
CA SER C 477 -3.78 34.57 69.03
CA SER C 477 -3.78 34.57 69.03
C SER C 477 -2.47 35.32 68.88
N THR C 478 -1.34 34.78 69.35
CA THR C 478 -0.06 35.46 69.29
C THR C 478 1.00 34.51 68.81
N PRO C 479 2.01 35.01 68.08
CA PRO C 479 3.22 34.22 67.87
C PRO C 479 3.87 33.90 69.20
N CYS C 480 3.97 32.60 69.49
CA CYS C 480 4.31 32.16 70.85
C CYS C 480 5.67 32.67 71.28
N ASN C 481 6.62 32.76 70.35
CA ASN C 481 8.00 33.16 70.65
C ASN C 481 8.63 32.20 71.67
N GLY C 482 8.42 30.91 71.42
CA GLY C 482 9.09 29.89 72.24
C GLY C 482 8.49 29.51 73.58
N VAL C 483 7.67 30.37 74.16
CA VAL C 483 7.15 30.10 75.50
C VAL C 483 6.10 29.00 75.50
N GLU C 484 5.53 28.69 74.33
CA GLU C 484 4.40 27.76 74.24
C GLU C 484 3.24 28.23 75.13
N GLY C 485 2.69 29.38 74.77
CA GLY C 485 1.55 29.90 75.48
C GLY C 485 0.30 29.06 75.28
N PHE C 486 -0.84 29.66 75.63
CA PHE C 486 -2.12 29.00 75.49
C PHE C 486 -2.36 28.58 74.05
N ASN C 487 -2.94 27.40 73.87
CA ASN C 487 -3.24 26.79 72.57
C ASN C 487 -1.97 26.46 71.79
N CYS C 488 -0.80 26.72 72.35
CA CYS C 488 0.47 26.65 71.63
C CYS C 488 1.30 25.52 72.21
N TYR C 489 1.64 24.54 71.36
CA TYR C 489 2.25 23.32 71.86
C TYR C 489 3.43 22.95 70.97
N PHE C 490 4.09 21.85 71.32
CA PHE C 490 5.19 21.34 70.53
C PHE C 490 4.66 20.53 69.36
N PRO C 491 5.34 20.56 68.21
CA PRO C 491 4.87 19.79 67.06
C PRO C 491 5.23 18.32 67.09
N LEU C 492 6.23 17.90 67.87
CA LEU C 492 6.71 16.53 67.82
C LEU C 492 6.40 15.81 69.12
N GLN C 493 6.03 14.54 69.00
CA GLN C 493 5.69 13.68 70.13
C GLN C 493 6.38 12.34 70.00
N SER C 494 7.01 11.91 71.09
CA SER C 494 7.74 10.66 71.11
C SER C 494 6.77 9.48 71.21
N TYR C 495 7.30 8.27 71.01
CA TYR C 495 6.48 7.08 71.03
C TYR C 495 6.61 6.34 72.36
N GLY C 496 7.84 5.98 72.73
CA GLY C 496 8.07 5.25 73.96
C GLY C 496 7.63 3.81 73.87
N PHE C 497 8.26 3.04 72.99
CA PHE C 497 7.86 1.67 72.72
C PHE C 497 8.13 0.75 73.92
N GLN C 498 7.07 0.37 74.61
CA GLN C 498 7.10 -0.60 75.69
C GLN C 498 6.94 -2.00 75.10
N PRO C 499 7.70 -3.00 75.55
CA PRO C 499 7.66 -4.30 74.86
C PRO C 499 6.35 -5.02 74.99
N THR C 500 5.60 -4.80 76.07
CA THR C 500 4.35 -5.50 76.28
C THR C 500 3.19 -4.80 75.60
N ASN C 501 3.46 -3.68 74.92
CA ASN C 501 2.42 -3.00 74.17
C ASN C 501 1.80 -3.95 73.14
N GLY C 502 0.53 -3.71 72.84
CA GLY C 502 -0.11 -4.44 71.78
C GLY C 502 0.38 -4.01 70.42
N VAL C 503 -0.05 -4.76 69.40
CA VAL C 503 0.35 -4.49 68.02
C VAL C 503 0.12 -3.04 67.66
N GLY C 504 -0.95 -2.44 68.21
CA GLY C 504 -1.25 -1.05 67.91
C GLY C 504 -0.13 -0.11 68.28
N TYR C 505 0.58 -0.37 69.36
CA TYR C 505 1.73 0.43 69.76
C TYR C 505 3.04 -0.23 69.38
N GLN C 506 3.01 -1.29 68.58
CA GLN C 506 4.30 -1.94 68.38
C GLN C 506 5.07 -1.28 67.24
N PRO C 507 6.40 -1.24 67.36
CA PRO C 507 7.22 -0.64 66.31
C PRO C 507 7.21 -1.50 65.05
N TYR C 508 6.45 -1.06 64.06
CA TYR C 508 6.39 -1.69 62.75
C TYR C 508 7.33 -0.92 61.84
N ARG C 509 8.45 -1.54 61.47
CA ARG C 509 9.35 -0.89 60.54
C ARG C 509 8.80 -0.99 59.13
N VAL C 510 8.80 0.13 58.42
CA VAL C 510 8.24 0.23 57.09
C VAL C 510 9.26 0.86 56.16
N VAL C 511 9.26 0.41 54.92
CA VAL C 511 10.08 0.95 53.85
C VAL C 511 9.21 1.04 52.61
N VAL C 512 9.11 2.22 52.03
CA VAL C 512 8.30 2.42 50.84
C VAL C 512 9.22 2.69 49.66
N LEU C 513 8.99 1.97 48.58
CA LEU C 513 9.73 2.12 47.33
C LEU C 513 8.82 2.70 46.27
N SER C 514 9.35 3.70 45.57
CA SER C 514 8.69 4.28 44.41
C SER C 514 9.57 4.07 43.19
N PHE C 515 8.94 4.06 42.02
CA PHE C 515 9.60 3.77 40.77
C PHE C 515 9.49 4.98 39.86
N GLU C 516 10.61 5.66 39.64
CA GLU C 516 10.66 6.89 38.87
C GLU C 516 11.13 6.59 37.45
N LEU C 517 10.44 7.16 36.48
CA LEU C 517 10.76 6.94 35.06
C LEU C 517 10.82 8.29 34.35
N LEU C 518 12.01 8.66 33.89
CA LEU C 518 12.19 9.90 33.15
C LEU C 518 12.27 9.60 31.65
N ALA C 520 15.51 9.32 29.58
CA ALA C 520 16.68 8.98 30.38
C ALA C 520 16.92 7.48 30.37
N PRO C 521 18.17 7.06 30.47
CA PRO C 521 18.50 5.63 30.43
C PRO C 521 18.18 4.93 31.74
N ALA C 522 17.55 3.77 31.62
CA ALA C 522 17.17 2.98 32.78
C ALA C 522 18.39 2.30 33.36
N THR C 523 18.88 2.78 34.49
CA THR C 523 20.10 2.28 35.09
C THR C 523 19.85 1.23 36.18
N VAL C 524 18.61 0.98 36.55
CA VAL C 524 18.27 -0.03 37.54
C VAL C 524 17.19 -0.93 36.95
N CYS C 525 17.42 -2.24 36.97
CA CYS C 525 16.50 -3.17 36.36
C CYS C 525 16.72 -4.56 36.94
N GLY C 526 15.64 -5.32 37.03
CA GLY C 526 15.67 -6.64 37.64
C GLY C 526 16.57 -7.58 36.87
N PRO C 527 17.01 -8.64 37.52
CA PRO C 527 17.96 -9.56 36.87
C PRO C 527 17.31 -10.30 35.72
N LYS C 528 18.12 -11.03 34.97
CA LYS C 528 17.65 -11.89 33.90
C LYS C 528 18.30 -13.25 34.03
N LYS C 529 17.49 -14.31 33.94
CA LYS C 529 18.02 -15.64 34.04
C LYS C 529 18.95 -15.94 32.86
N SER C 530 19.65 -17.06 32.96
CA SER C 530 20.53 -17.51 31.88
C SER C 530 20.58 -19.03 31.93
N THR C 531 19.87 -19.67 31.01
CA THR C 531 19.79 -21.12 30.99
C THR C 531 21.15 -21.72 30.68
N ASN C 532 21.27 -23.03 30.88
CA ASN C 532 22.51 -23.70 30.53
C ASN C 532 22.80 -23.53 29.03
N LEU C 533 24.05 -23.77 28.66
CA LEU C 533 24.51 -23.63 27.29
C LEU C 533 24.52 -24.99 26.61
N VAL C 534 23.83 -25.09 25.48
CA VAL C 534 23.73 -26.33 24.73
C VAL C 534 24.38 -26.13 23.37
N LYS C 535 25.08 -27.14 22.89
CA LYS C 535 25.80 -27.05 21.64
C LYS C 535 25.39 -28.17 20.69
N ASN C 536 25.62 -27.94 19.41
CA ASN C 536 25.47 -28.97 18.40
C ASN C 536 24.02 -29.42 18.27
N LYS C 537 23.09 -28.49 18.44
CA LYS C 537 21.68 -28.75 18.23
C LYS C 537 21.05 -27.51 17.68
N CYS C 538 20.16 -27.67 16.70
CA CYS C 538 19.45 -26.50 16.19
C CYS C 538 18.61 -25.96 17.34
N VAL C 539 19.08 -24.89 17.95
CA VAL C 539 18.42 -24.27 19.07
C VAL C 539 17.97 -22.89 18.67
N ASN C 540 17.04 -22.34 19.43
CA ASN C 540 16.53 -21.01 19.17
C ASN C 540 17.15 -20.08 20.22
N PHE C 541 18.38 -19.66 19.97
CA PHE C 541 19.11 -18.89 20.95
C PHE C 541 18.59 -17.46 21.04
N ASN C 542 18.82 -16.87 22.21
CA ASN C 542 18.65 -15.44 22.44
C ASN C 542 19.80 -15.03 23.36
N PHE C 543 20.91 -14.63 22.75
CA PHE C 543 21.97 -14.04 23.54
C PHE C 543 21.61 -12.61 23.92
N ASN C 544 22.40 -12.04 24.84
CA ASN C 544 21.94 -10.91 25.65
C ASN C 544 21.15 -9.89 24.86
N GLY C 545 21.63 -9.52 23.69
CA GLY C 545 20.86 -8.59 22.90
C GLY C 545 20.16 -9.26 21.74
N LEU C 546 20.87 -10.10 21.01
CA LEU C 546 20.40 -10.59 19.73
C LEU C 546 19.81 -11.99 19.86
N THR C 547 18.94 -12.32 18.92
CA THR C 547 18.21 -13.56 18.92
C THR C 547 18.59 -14.36 17.68
N GLY C 548 17.92 -15.49 17.48
CA GLY C 548 18.02 -16.24 16.25
C GLY C 548 18.25 -17.71 16.50
N THR C 549 18.09 -18.49 15.44
CA THR C 549 18.18 -19.94 15.54
C THR C 549 19.46 -20.42 14.86
N GLY C 550 20.13 -21.36 15.49
CA GLY C 550 21.41 -21.80 14.95
C GLY C 550 21.87 -23.09 15.57
N VAL C 551 23.16 -23.36 15.40
CA VAL C 551 23.80 -24.54 15.95
C VAL C 551 25.11 -24.08 16.57
N LEU C 552 25.08 -23.83 17.87
CA LEU C 552 26.20 -23.19 18.54
C LEU C 552 27.36 -24.17 18.64
N THR C 553 28.54 -23.78 18.19
CA THR C 553 29.68 -24.67 18.19
C THR C 553 30.92 -23.93 18.67
N GLU C 554 31.73 -24.61 19.48
CA GLU C 554 32.96 -24.03 19.98
C GLU C 554 33.85 -23.65 18.82
N SER C 555 34.19 -22.37 18.73
CA SER C 555 34.94 -21.86 17.60
C SER C 555 36.41 -21.71 17.94
N ASN C 556 37.17 -21.12 17.02
CA ASN C 556 38.56 -20.76 17.27
C ASN C 556 38.83 -19.31 16.88
N LYS C 557 37.79 -18.51 16.71
CA LYS C 557 37.96 -17.11 16.39
C LYS C 557 38.36 -16.34 17.64
N LYS C 558 39.17 -15.31 17.46
CA LYS C 558 39.68 -14.53 18.57
C LYS C 558 39.13 -13.12 18.49
N PHE C 559 38.06 -12.86 19.23
CA PHE C 559 37.49 -11.52 19.26
C PHE C 559 38.46 -10.54 19.90
N LEU C 560 38.14 -9.35 19.81
CA LEU C 560 38.86 -8.46 20.69
C LEU C 560 38.19 -8.40 22.06
N PRO C 561 38.94 -8.04 23.09
CA PRO C 561 38.38 -8.05 24.45
C PRO C 561 37.02 -7.39 24.60
N PHE C 562 36.70 -6.44 23.73
CA PHE C 562 35.47 -5.69 23.88
C PHE C 562 34.41 -6.04 22.86
N GLN C 563 34.75 -6.76 21.81
CA GLN C 563 33.77 -7.08 20.79
C GLN C 563 32.82 -8.16 21.29
N GLN C 564 31.64 -8.21 20.69
CA GLN C 564 30.66 -9.19 21.13
C GLN C 564 30.18 -10.09 20.00
N PHE C 565 29.96 -9.53 18.83
CA PHE C 565 29.41 -10.28 17.71
C PHE C 565 30.52 -10.67 16.75
N GLY C 566 30.12 -11.35 15.70
CA GLY C 566 30.91 -11.45 14.50
C GLY C 566 29.98 -11.46 13.32
N ARG C 567 30.42 -10.88 12.22
CA ARG C 567 29.52 -10.81 11.08
C ARG C 567 30.21 -11.34 9.84
N ASP C 568 29.39 -11.67 8.86
CA ASP C 568 29.83 -12.24 7.60
C ASP C 568 29.94 -11.12 6.58
N ILE C 569 30.49 -11.45 5.41
CA ILE C 569 30.68 -10.43 4.39
C ILE C 569 29.38 -9.80 3.98
N ALA C 570 28.25 -10.46 4.23
CA ALA C 570 26.94 -9.92 3.88
C ALA C 570 26.17 -9.43 5.10
N ASP C 571 26.87 -9.17 6.21
CA ASP C 571 26.26 -8.64 7.42
C ASP C 571 25.21 -9.59 7.96
N THR C 572 25.66 -10.79 8.32
CA THR C 572 24.85 -11.79 8.99
C THR C 572 25.62 -12.29 10.20
N THR C 573 24.90 -12.54 11.30
CA THR C 573 25.56 -12.96 12.51
C THR C 573 26.25 -14.31 12.32
N ASP C 574 27.49 -14.39 12.78
CA ASP C 574 28.29 -15.58 12.58
C ASP C 574 29.07 -16.02 13.79
N ALA C 575 29.23 -15.18 14.81
CA ALA C 575 29.98 -15.59 15.98
C ALA C 575 29.52 -14.74 17.14
N VAL C 576 29.30 -15.39 18.27
CA VAL C 576 28.81 -14.71 19.45
C VAL C 576 29.68 -15.09 20.63
N ARG C 577 30.06 -14.10 21.42
CA ARG C 577 30.86 -14.32 22.61
C ARG C 577 29.92 -14.69 23.75
N ASP C 578 30.19 -15.80 24.40
CA ASP C 578 29.33 -16.26 25.46
C ASP C 578 29.41 -15.30 26.63
N PRO C 579 28.39 -14.49 26.88
CA PRO C 579 28.53 -13.39 27.85
C PRO C 579 28.73 -13.85 29.27
N GLN C 580 28.71 -15.15 29.55
CA GLN C 580 29.02 -15.64 30.89
C GLN C 580 30.47 -16.12 30.96
N THR C 581 30.83 -17.07 30.12
CA THR C 581 32.20 -17.55 30.02
C THR C 581 32.73 -17.13 28.66
N LEU C 582 33.80 -16.36 28.66
CA LEU C 582 34.21 -15.69 27.43
C LEU C 582 34.81 -16.67 26.44
N GLU C 583 33.98 -17.59 25.93
CA GLU C 583 34.37 -18.50 24.87
C GLU C 583 33.54 -18.19 23.64
N ILE C 584 34.19 -18.04 22.51
CA ILE C 584 33.55 -17.51 21.31
C ILE C 584 32.93 -18.66 20.54
N LEU C 585 31.61 -18.63 20.40
CA LEU C 585 30.90 -19.69 19.69
C LEU C 585 30.55 -19.27 18.29
N ASP C 586 30.46 -20.25 17.39
CA ASP C 586 30.01 -20.02 16.03
C ASP C 586 28.50 -20.09 15.95
N ILE C 587 27.97 -19.88 14.76
CA ILE C 587 26.55 -19.99 14.52
C ILE C 587 26.33 -20.55 13.13
N THR C 588 25.91 -21.80 13.06
CA THR C 588 25.64 -22.44 11.80
C THR C 588 24.14 -22.63 11.65
N PRO C 589 23.50 -22.02 10.68
CA PRO C 589 22.06 -22.18 10.55
C PRO C 589 21.72 -23.63 10.33
N CYS C 590 20.83 -24.15 11.17
CA CYS C 590 20.59 -25.59 11.15
C CYS C 590 20.00 -26.00 9.82
N SER C 591 20.37 -27.21 9.39
CA SER C 591 20.31 -27.58 7.99
C SER C 591 18.90 -27.53 7.44
N PHE C 592 18.76 -26.92 6.29
CA PHE C 592 17.56 -27.00 5.48
C PHE C 592 17.97 -27.45 4.10
N GLY C 593 17.01 -27.58 3.22
CA GLY C 593 17.29 -27.90 1.83
C GLY C 593 16.21 -28.68 1.12
N GLY C 594 16.26 -28.66 -0.20
CA GLY C 594 15.22 -29.30 -0.99
C GLY C 594 15.23 -30.80 -0.84
N VAL C 595 14.11 -31.39 -1.25
CA VAL C 595 13.91 -32.82 -1.20
C VAL C 595 13.48 -33.26 -2.58
N SER C 596 14.28 -34.07 -3.23
CA SER C 596 13.96 -34.51 -4.58
C SER C 596 13.58 -35.98 -4.53
N VAL C 597 12.80 -36.43 -5.50
CA VAL C 597 12.27 -37.78 -5.50
C VAL C 597 12.69 -38.47 -6.77
N ILE C 598 13.83 -39.13 -6.75
CA ILE C 598 14.31 -39.91 -7.88
C ILE C 598 13.31 -41.03 -8.11
N THR C 599 12.91 -41.21 -9.36
CA THR C 599 11.98 -42.25 -9.69
C THR C 599 12.10 -42.75 -11.11
N PRO C 600 12.15 -44.05 -11.33
CA PRO C 600 11.82 -44.57 -12.65
C PRO C 600 10.36 -44.28 -12.89
N GLY C 601 9.98 -44.24 -14.16
CA GLY C 601 8.60 -43.93 -14.47
C GLY C 601 7.65 -44.87 -13.76
N THR C 602 6.52 -44.35 -13.26
CA THR C 602 5.53 -45.23 -12.68
C THR C 602 5.09 -46.31 -13.64
N ASN C 603 5.28 -46.12 -14.93
CA ASN C 603 5.05 -47.22 -15.86
C ASN C 603 6.02 -48.36 -15.64
N THR C 604 7.04 -48.17 -14.80
CA THR C 604 7.95 -49.25 -14.52
C THR C 604 7.74 -49.82 -13.13
N SER C 605 7.76 -48.97 -12.10
CA SER C 605 7.59 -49.46 -10.75
C SER C 605 7.17 -48.31 -9.84
N ASN C 606 6.55 -48.68 -8.73
CA ASN C 606 6.13 -47.72 -7.72
C ASN C 606 7.23 -47.44 -6.71
N GLU C 607 8.46 -47.79 -7.02
CA GLU C 607 9.56 -47.61 -6.10
C GLU C 607 10.30 -46.32 -6.44
N VAL C 608 10.78 -45.63 -5.41
CA VAL C 608 11.44 -44.35 -5.56
C VAL C 608 12.67 -44.33 -4.67
N ALA C 609 13.38 -43.21 -4.68
CA ALA C 609 14.49 -42.99 -3.77
C ALA C 609 14.62 -41.50 -3.54
N VAL C 610 14.72 -41.11 -2.34
CA VAL C 610 14.67 -39.69 -2.01
C VAL C 610 16.09 -39.15 -1.96
N LEU C 611 16.23 -37.85 -2.21
CA LEU C 611 17.52 -37.18 -2.16
C LEU C 611 17.33 -35.89 -1.38
N TYR C 612 17.87 -35.85 -0.17
CA TYR C 612 17.89 -34.61 0.57
C TYR C 612 19.11 -33.80 0.15
N GLN C 613 18.90 -32.55 -0.23
CA GLN C 613 19.98 -31.75 -0.78
C GLN C 613 20.80 -31.13 0.33
N ASP C 614 22.10 -31.33 0.30
CA ASP C 614 23.02 -30.64 1.19
C ASP C 614 22.76 -30.91 2.66
N VAL C 615 22.86 -32.16 3.08
CA VAL C 615 22.86 -32.52 4.49
C VAL C 615 23.94 -33.57 4.72
N ASN C 616 24.43 -33.64 5.96
CA ASN C 616 25.46 -34.62 6.25
C ASN C 616 24.89 -36.02 6.33
N CYS C 617 23.62 -36.19 6.00
CA CYS C 617 23.01 -37.51 5.91
C CYS C 617 23.00 -38.17 7.28
N THR C 618 23.17 -37.38 8.33
CA THR C 618 22.87 -37.83 9.68
C THR C 618 21.78 -37.00 10.32
N GLU C 619 21.14 -36.12 9.57
CA GLU C 619 20.08 -35.28 10.09
C GLU C 619 18.71 -35.66 9.56
N VAL C 620 18.63 -36.71 8.77
CA VAL C 620 17.35 -37.15 8.26
C VAL C 620 16.57 -37.88 9.34
N ASN C 641 22.09 -48.91 1.54
CA ASN C 641 20.72 -48.39 1.53
C ASN C 641 20.71 -46.88 1.71
N VAL C 642 21.75 -46.33 2.30
CA VAL C 642 21.84 -44.90 2.56
C VAL C 642 23.19 -44.43 2.04
N PHE C 643 23.18 -43.77 0.89
CA PHE C 643 24.39 -43.29 0.25
C PHE C 643 24.56 -41.82 0.59
N GLN C 644 25.80 -41.36 0.71
CA GLN C 644 26.08 -39.95 0.92
C GLN C 644 26.89 -39.44 -0.26
N THR C 645 26.32 -38.54 -1.04
CA THR C 645 26.96 -38.04 -2.24
C THR C 645 27.50 -36.65 -1.99
N ARG C 646 28.26 -36.15 -2.95
CA ARG C 646 28.65 -34.75 -2.92
C ARG C 646 27.49 -33.81 -3.19
N ALA C 647 26.32 -34.35 -3.51
CA ALA C 647 25.13 -33.54 -3.68
C ALA C 647 24.25 -33.49 -2.44
N GLY C 648 24.14 -34.60 -1.74
CA GLY C 648 23.32 -34.66 -0.55
C GLY C 648 23.30 -36.05 0.05
N CYS C 649 22.16 -36.44 0.59
CA CYS C 649 22.03 -37.73 1.26
C CYS C 649 21.03 -38.55 0.49
N LEU C 650 21.51 -39.46 -0.35
CA LEU C 650 20.64 -40.29 -1.13
C LEU C 650 20.10 -41.41 -0.26
N ILE C 651 18.80 -41.61 -0.26
CA ILE C 651 18.13 -42.58 0.59
C ILE C 651 17.31 -43.50 -0.27
N GLY C 652 17.63 -44.78 -0.25
CA GLY C 652 16.88 -45.76 -0.99
C GLY C 652 17.50 -46.21 -2.29
N ALA C 653 18.82 -46.11 -2.43
CA ALA C 653 19.48 -46.56 -3.64
C ALA C 653 20.85 -47.10 -3.29
N GLU C 654 21.18 -48.26 -3.84
CA GLU C 654 22.47 -48.87 -3.61
C GLU C 654 23.55 -48.11 -4.37
N HIS C 655 24.76 -48.10 -3.81
CA HIS C 655 25.88 -47.41 -4.45
C HIS C 655 26.79 -48.45 -5.07
N VAL C 656 26.73 -48.55 -6.40
CA VAL C 656 27.41 -49.59 -7.12
C VAL C 656 28.81 -49.09 -7.48
N ASN C 657 29.73 -50.04 -7.68
CA ASN C 657 31.04 -49.74 -8.22
C ASN C 657 31.06 -49.69 -9.74
N ASN C 658 29.95 -49.98 -10.40
CA ASN C 658 29.93 -50.04 -11.86
C ASN C 658 29.89 -48.64 -12.43
N SER C 659 29.61 -48.53 -13.72
CA SER C 659 29.49 -47.24 -14.37
C SER C 659 28.72 -47.36 -15.67
N TYR C 660 27.55 -46.75 -15.76
CA TYR C 660 26.77 -46.80 -16.98
C TYR C 660 26.45 -45.37 -17.40
N GLU C 661 25.88 -45.23 -18.60
CA GLU C 661 25.50 -43.92 -19.08
C GLU C 661 24.50 -43.29 -18.12
N CYS C 662 24.53 -41.97 -18.03
CA CYS C 662 23.71 -41.28 -17.06
C CYS C 662 22.26 -41.36 -17.46
N ASP C 663 21.45 -42.01 -16.63
CA ASP C 663 20.03 -42.17 -16.88
C ASP C 663 19.22 -41.06 -16.21
N ILE C 664 19.36 -40.91 -14.90
CA ILE C 664 18.73 -39.82 -14.18
C ILE C 664 19.82 -39.01 -13.49
N PRO C 665 19.98 -37.74 -13.83
CA PRO C 665 21.07 -36.95 -13.26
C PRO C 665 20.78 -36.66 -11.80
N ILE C 666 21.84 -36.57 -11.00
CA ILE C 666 21.70 -36.24 -9.59
C ILE C 666 22.52 -35.02 -9.27
N GLY C 667 23.81 -35.10 -9.51
CA GLY C 667 24.70 -34.00 -9.19
C GLY C 667 26.08 -34.54 -8.91
N ALA C 668 27.06 -33.67 -9.05
CA ALA C 668 28.44 -34.00 -8.76
C ALA C 668 28.91 -35.24 -9.50
N GLY C 669 28.22 -35.62 -10.55
CA GLY C 669 28.64 -36.75 -11.34
C GLY C 669 27.94 -38.05 -11.03
N ILE C 670 27.08 -38.09 -10.05
CA ILE C 670 26.35 -39.30 -9.69
C ILE C 670 25.09 -39.36 -10.53
N CYS C 671 24.76 -40.54 -11.02
CA CYS C 671 23.53 -40.74 -11.77
C CYS C 671 22.87 -42.01 -11.30
N ALA C 672 21.55 -41.98 -11.16
CA ALA C 672 20.79 -43.10 -10.65
C ALA C 672 19.92 -43.69 -11.75
N SER C 673 19.63 -44.98 -11.63
CA SER C 673 18.84 -45.68 -12.62
C SER C 673 18.27 -46.96 -12.02
N TYR C 674 17.19 -47.43 -12.61
CA TYR C 674 16.44 -48.58 -12.10
C TYR C 674 16.87 -49.82 -12.86
N GLN C 675 17.63 -50.69 -12.18
CA GLN C 675 18.16 -51.88 -12.83
C GLN C 675 18.22 -53.04 -11.86
N THR C 676 18.52 -54.21 -12.40
CA THR C 676 18.65 -55.41 -11.59
C THR C 676 19.89 -55.32 -10.71
N SER C 689 13.09 -57.99 -8.02
CA SER C 689 14.50 -58.33 -7.88
C SER C 689 15.38 -57.14 -8.22
N GLN C 690 14.85 -56.24 -9.04
CA GLN C 690 15.59 -55.04 -9.41
C GLN C 690 15.36 -53.96 -8.36
N SER C 691 16.11 -52.87 -8.48
CA SER C 691 16.06 -51.79 -7.52
C SER C 691 16.57 -50.53 -8.22
N ILE C 692 16.91 -49.53 -7.42
CA ILE C 692 17.43 -48.26 -7.91
C ILE C 692 18.88 -48.14 -7.46
N ILE C 693 19.78 -47.99 -8.42
CA ILE C 693 21.20 -47.90 -8.14
C ILE C 693 21.68 -46.51 -8.47
N ALA C 694 22.75 -46.09 -7.79
CA ALA C 694 23.34 -44.78 -7.99
C ALA C 694 24.83 -44.95 -8.20
N TYR C 695 25.30 -44.65 -9.40
CA TYR C 695 26.67 -44.90 -9.77
C TYR C 695 27.33 -43.58 -10.14
N THR C 696 28.61 -43.65 -10.50
CA THR C 696 29.33 -42.50 -10.99
C THR C 696 29.42 -42.60 -12.50
N MET C 697 28.65 -41.78 -13.20
CA MET C 697 28.40 -41.97 -14.62
C MET C 697 29.68 -42.12 -15.39
N SER C 698 29.64 -42.95 -16.41
CA SER C 698 30.78 -43.11 -17.29
C SER C 698 30.56 -42.30 -18.55
N LEU C 699 31.66 -41.82 -19.11
CA LEU C 699 31.63 -40.91 -20.24
C LEU C 699 31.70 -41.61 -21.58
N GLY C 700 31.86 -42.93 -21.60
CA GLY C 700 31.92 -43.67 -22.83
C GLY C 700 33.02 -44.71 -22.77
N ALA C 701 32.94 -45.67 -23.68
CA ALA C 701 33.94 -46.72 -23.75
C ALA C 701 35.27 -46.12 -24.17
N GLU C 702 36.27 -46.19 -23.30
CA GLU C 702 37.58 -45.68 -23.66
C GLU C 702 38.13 -46.44 -24.86
N ASN C 703 39.06 -45.81 -25.55
CA ASN C 703 39.52 -46.33 -26.83
C ASN C 703 40.87 -45.73 -27.14
N SER C 704 41.82 -46.59 -27.49
CA SER C 704 43.18 -46.19 -27.77
C SER C 704 43.42 -46.42 -29.25
N VAL C 705 43.52 -45.34 -30.02
CA VAL C 705 43.76 -45.48 -31.44
C VAL C 705 45.17 -45.93 -31.70
N ALA C 706 45.32 -46.92 -32.56
CA ALA C 706 46.64 -47.49 -32.86
C ALA C 706 47.41 -46.48 -33.69
N TYR C 707 47.87 -45.44 -33.02
CA TYR C 707 48.66 -44.41 -33.67
C TYR C 707 50.08 -44.91 -33.87
N SER C 708 50.71 -44.43 -34.92
CA SER C 708 52.12 -44.70 -35.14
C SER C 708 52.70 -43.50 -35.86
N ASN C 709 53.89 -43.67 -36.42
CA ASN C 709 54.41 -42.65 -37.31
C ASN C 709 54.31 -43.06 -38.76
N ASN C 710 53.82 -44.27 -39.05
CA ASN C 710 53.66 -44.65 -40.44
C ASN C 710 52.42 -45.49 -40.68
N SER C 711 51.39 -45.38 -39.86
CA SER C 711 50.19 -46.19 -40.02
C SER C 711 49.00 -45.28 -40.23
N ILE C 712 48.28 -45.49 -41.32
CA ILE C 712 47.09 -44.71 -41.63
C ILE C 712 45.94 -45.68 -41.84
N ALA C 713 44.76 -45.28 -41.39
CA ALA C 713 43.58 -46.10 -41.54
C ALA C 713 42.62 -45.45 -42.51
N ILE C 714 42.29 -46.18 -43.56
CA ILE C 714 41.48 -45.66 -44.64
C ILE C 714 40.21 -46.47 -44.73
N PRO C 715 39.05 -45.85 -44.92
CA PRO C 715 37.82 -46.62 -45.09
C PRO C 715 37.77 -47.28 -46.45
N THR C 716 36.91 -48.27 -46.56
CA THR C 716 36.71 -48.98 -47.81
C THR C 716 35.25 -48.94 -48.18
N ASN C 717 34.39 -48.80 -47.19
CA ASN C 717 32.96 -48.75 -47.40
C ASN C 717 32.38 -47.51 -46.73
N PHE C 718 31.10 -47.26 -46.99
CA PHE C 718 30.45 -46.08 -46.45
C PHE C 718 29.01 -46.40 -46.12
N THR C 719 28.43 -45.60 -45.24
CA THR C 719 27.03 -45.73 -44.92
C THR C 719 26.39 -44.35 -44.94
N ILE C 720 25.19 -44.28 -45.49
CA ILE C 720 24.48 -43.00 -45.67
C ILE C 720 23.46 -42.89 -44.57
N SER C 721 23.84 -42.31 -43.45
CA SER C 721 22.87 -42.13 -42.39
C SER C 721 21.95 -40.98 -42.73
N VAL C 722 20.80 -40.94 -42.07
CA VAL C 722 19.85 -39.84 -42.24
C VAL C 722 19.35 -39.41 -40.89
N THR C 723 19.93 -38.37 -40.34
CA THR C 723 19.56 -37.93 -39.01
C THR C 723 18.50 -36.85 -39.10
N THR C 724 17.91 -36.47 -37.98
CA THR C 724 16.83 -35.51 -37.92
C THR C 724 17.23 -34.40 -36.97
N GLU C 725 16.77 -33.19 -37.25
CA GLU C 725 17.08 -32.08 -36.36
C GLU C 725 15.85 -31.19 -36.26
N ILE C 726 15.34 -31.00 -35.06
CA ILE C 726 14.07 -30.35 -34.86
C ILE C 726 14.28 -29.00 -34.23
N LEU C 727 13.64 -27.97 -34.77
CA LEU C 727 13.83 -26.66 -34.21
C LEU C 727 12.50 -25.93 -34.06
N PRO C 728 12.26 -25.32 -32.92
CA PRO C 728 11.08 -24.47 -32.78
C PRO C 728 11.28 -23.20 -33.57
N VAL C 729 10.18 -22.70 -34.13
CA VAL C 729 10.24 -21.48 -34.93
C VAL C 729 9.28 -20.40 -34.46
N SER C 730 8.18 -20.72 -33.80
CA SER C 730 7.25 -19.66 -33.45
C SER C 730 6.42 -20.05 -32.24
N MET C 731 6.17 -19.08 -31.38
CA MET C 731 5.24 -19.25 -30.27
C MET C 731 3.82 -19.10 -30.80
N THR C 732 2.85 -18.97 -29.91
CA THR C 732 1.48 -18.68 -30.31
C THR C 732 1.21 -17.20 -30.12
N LYS C 733 0.74 -16.55 -31.16
CA LYS C 733 0.55 -15.11 -31.12
C LYS C 733 -0.57 -14.80 -30.15
N THR C 734 -0.21 -14.43 -28.93
CA THR C 734 -1.18 -14.14 -27.89
C THR C 734 -1.27 -12.65 -27.62
N SER C 735 -2.49 -12.17 -27.39
CA SER C 735 -2.66 -10.79 -26.98
C SER C 735 -3.57 -10.75 -25.77
N VAL C 736 -3.31 -9.79 -24.89
CA VAL C 736 -3.96 -9.70 -23.59
C VAL C 736 -4.39 -8.26 -23.37
N ASP C 737 -5.68 -8.01 -23.49
CA ASP C 737 -6.22 -6.69 -23.17
C ASP C 737 -5.98 -6.42 -21.69
N CYS C 738 -5.18 -5.41 -21.36
CA CYS C 738 -4.90 -5.15 -19.96
C CYS C 738 -6.20 -4.88 -19.20
N THR C 739 -7.04 -4.01 -19.75
CA THR C 739 -8.19 -3.52 -19.01
C THR C 739 -9.16 -4.65 -18.69
N MET C 740 -9.68 -5.30 -19.72
CA MET C 740 -10.62 -6.38 -19.45
C MET C 740 -10.02 -7.43 -18.54
N TYR C 741 -8.69 -7.52 -18.47
CA TYR C 741 -8.09 -8.45 -17.53
C TYR C 741 -8.17 -7.91 -16.12
N ILE C 742 -7.56 -6.76 -15.88
CA ILE C 742 -7.43 -6.22 -14.54
C ILE C 742 -8.79 -5.84 -13.98
N CYS C 743 -9.59 -5.14 -14.76
CA CYS C 743 -10.81 -4.52 -14.27
C CYS C 743 -12.02 -4.94 -15.09
N GLY C 744 -12.19 -6.24 -15.30
CA GLY C 744 -13.26 -6.72 -16.15
C GLY C 744 -14.63 -6.20 -15.78
N ASP C 745 -15.17 -5.32 -16.62
CA ASP C 745 -16.56 -4.86 -16.50
C ASP C 745 -16.81 -4.17 -15.17
N SER C 746 -15.97 -3.20 -14.82
CA SER C 746 -16.15 -2.40 -13.61
C SER C 746 -15.65 -1.01 -13.91
N THR C 747 -16.57 -0.10 -14.21
CA THR C 747 -16.19 1.25 -14.60
C THR C 747 -15.35 1.91 -13.51
N GLU C 748 -15.75 1.75 -12.25
CA GLU C 748 -14.95 2.28 -11.16
C GLU C 748 -13.52 1.76 -11.23
N CYS C 749 -13.37 0.47 -11.51
CA CYS C 749 -12.03 -0.11 -11.55
C CYS C 749 -11.22 0.49 -12.69
N SER C 750 -11.83 0.66 -13.86
CA SER C 750 -11.10 1.23 -14.98
C SER C 750 -10.66 2.65 -14.65
N ASN C 751 -11.54 3.43 -14.05
CA ASN C 751 -11.20 4.81 -13.75
C ASN C 751 -10.11 4.88 -12.68
N LEU C 752 -10.10 3.91 -11.77
CA LEU C 752 -8.97 3.82 -10.85
C LEU C 752 -7.69 3.50 -11.60
N LEU C 753 -7.76 2.53 -12.50
CA LEU C 753 -6.56 2.08 -13.19
C LEU C 753 -5.94 3.21 -13.99
N LEU C 754 -6.78 4.07 -14.57
CA LEU C 754 -6.24 5.20 -15.31
C LEU C 754 -5.24 6.01 -14.51
N GLN C 755 -5.28 5.93 -13.19
CA GLN C 755 -4.32 6.66 -12.38
C GLN C 755 -2.92 6.07 -12.46
N TYR C 756 -2.76 4.82 -12.89
CA TYR C 756 -1.44 4.24 -13.00
C TYR C 756 -0.74 4.61 -14.30
N GLY C 757 -1.42 5.30 -15.19
CA GLY C 757 -0.75 5.79 -16.36
C GLY C 757 -0.81 4.83 -17.54
N SER C 758 0.32 4.69 -18.22
CA SER C 758 0.36 4.07 -19.53
C SER C 758 0.80 2.61 -19.48
N PHE C 759 0.60 1.94 -18.35
CA PHE C 759 1.03 0.54 -18.27
C PHE C 759 0.31 -0.33 -19.28
N CYS C 760 -1.00 -0.18 -19.41
CA CYS C 760 -1.70 -0.92 -20.44
C CYS C 760 -1.12 -0.67 -21.82
N THR C 761 -0.94 0.59 -22.19
CA THR C 761 -0.41 0.83 -23.53
C THR C 761 0.93 0.14 -23.70
N GLN C 762 1.74 0.14 -22.67
CA GLN C 762 3.06 -0.47 -22.75
C GLN C 762 2.97 -1.97 -22.94
N LEU C 763 2.18 -2.64 -22.11
CA LEU C 763 2.08 -4.08 -22.20
C LEU C 763 1.44 -4.50 -23.51
N ASN C 764 0.40 -3.80 -23.95
CA ASN C 764 -0.19 -4.14 -25.23
C ASN C 764 0.82 -3.99 -26.36
N ARG C 765 1.61 -2.93 -26.33
CA ARG C 765 2.59 -2.76 -27.39
C ARG C 765 3.62 -3.87 -27.36
N ALA C 766 4.04 -4.29 -26.17
CA ALA C 766 5.02 -5.37 -26.09
C ALA C 766 4.46 -6.66 -26.67
N LEU C 767 3.25 -7.04 -26.24
CA LEU C 767 2.70 -8.28 -26.74
C LEU C 767 2.40 -8.21 -28.23
N THR C 768 2.09 -7.04 -28.76
CA THR C 768 1.95 -6.95 -30.20
C THR C 768 3.29 -7.08 -30.90
N GLY C 769 4.35 -6.53 -30.31
CA GLY C 769 5.67 -6.71 -30.88
C GLY C 769 6.02 -8.17 -31.00
N ILE C 770 5.75 -8.95 -29.95
CA ILE C 770 5.99 -10.39 -30.00
C ILE C 770 5.11 -11.03 -31.07
N ALA C 771 3.83 -10.69 -31.08
CA ALA C 771 2.90 -11.33 -31.99
C ALA C 771 3.24 -11.06 -33.44
N VAL C 772 3.91 -9.97 -33.75
CA VAL C 772 4.33 -9.76 -35.12
C VAL C 772 5.66 -10.44 -35.40
N GLU C 773 6.56 -10.40 -34.43
CA GLU C 773 7.83 -11.09 -34.60
C GLU C 773 7.63 -12.55 -34.92
N GLN C 774 6.54 -13.16 -34.45
CA GLN C 774 6.30 -14.56 -34.79
C GLN C 774 6.13 -14.75 -36.29
N ASP C 775 5.25 -13.98 -36.91
CA ASP C 775 5.06 -14.11 -38.34
C ASP C 775 6.33 -13.75 -39.08
N LYS C 776 7.12 -12.81 -38.56
CA LYS C 776 8.39 -12.54 -39.20
C LYS C 776 9.29 -13.76 -39.13
N ASN C 777 9.27 -14.47 -38.02
CA ASN C 777 10.09 -15.67 -37.89
C ASN C 777 9.73 -16.69 -38.94
N THR C 778 8.45 -17.04 -39.01
CA THR C 778 8.05 -18.03 -39.98
C THR C 778 8.38 -17.58 -41.39
N GLN C 779 8.20 -16.30 -41.66
CA GLN C 779 8.55 -15.77 -42.97
C GLN C 779 10.01 -16.01 -43.29
N GLU C 780 10.89 -15.75 -42.33
CA GLU C 780 12.32 -15.88 -42.60
C GLU C 780 12.73 -17.33 -42.71
N VAL C 781 12.10 -18.21 -41.94
CA VAL C 781 12.51 -19.60 -41.98
C VAL C 781 12.09 -20.25 -43.28
N PHE C 782 10.81 -20.12 -43.63
CA PHE C 782 10.31 -20.90 -44.75
C PHE C 782 10.33 -20.15 -46.07
N ALA C 783 9.85 -18.93 -46.09
CA ALA C 783 9.70 -18.25 -47.37
C ALA C 783 11.03 -17.80 -47.94
N GLN C 784 11.88 -18.74 -48.29
CA GLN C 784 13.16 -18.42 -48.89
C GLN C 784 13.20 -18.70 -50.37
N VAL C 785 12.17 -19.29 -50.94
CA VAL C 785 12.14 -19.65 -52.34
C VAL C 785 11.30 -18.62 -53.06
N LYS C 786 11.77 -18.19 -54.23
CA LYS C 786 11.08 -17.14 -54.95
C LYS C 786 9.83 -17.66 -55.64
N GLN C 787 9.89 -18.84 -56.22
CA GLN C 787 8.78 -19.47 -56.92
C GLN C 787 8.28 -20.63 -56.08
N ILE C 788 7.35 -21.40 -56.64
CA ILE C 788 6.83 -22.59 -55.98
C ILE C 788 7.06 -23.75 -56.92
N TYR C 789 8.19 -24.42 -56.76
CA TYR C 789 8.53 -25.49 -57.67
C TYR C 789 7.61 -26.67 -57.47
N LYS C 790 7.67 -27.61 -58.41
CA LYS C 790 6.86 -28.81 -58.33
C LYS C 790 7.63 -29.94 -58.98
N THR C 791 7.67 -31.09 -58.31
CA THR C 791 8.33 -32.24 -58.88
C THR C 791 7.64 -32.62 -60.18
N PRO C 792 8.36 -33.20 -61.13
CA PRO C 792 7.70 -33.75 -62.30
C PRO C 792 6.87 -34.94 -61.90
N PRO C 793 5.82 -35.26 -62.64
CA PRO C 793 4.97 -36.39 -62.26
C PRO C 793 5.72 -37.70 -62.22
N ILE C 794 6.56 -37.97 -63.20
CA ILE C 794 7.36 -39.19 -63.23
C ILE C 794 8.38 -39.12 -62.11
N LYS C 795 9.01 -40.25 -61.78
CA LYS C 795 9.86 -40.34 -60.60
C LYS C 795 11.18 -41.03 -60.94
N ASP C 796 11.83 -40.58 -62.02
CA ASP C 796 13.12 -41.16 -62.40
C ASP C 796 14.23 -40.44 -61.65
N PHE C 797 14.54 -40.94 -60.45
CA PHE C 797 15.56 -40.30 -59.62
C PHE C 797 16.71 -41.24 -59.37
N GLY C 798 17.21 -41.89 -60.41
CA GLY C 798 18.37 -42.75 -60.25
C GLY C 798 18.21 -43.87 -59.28
N GLY C 799 17.01 -44.06 -58.73
CA GLY C 799 16.77 -45.13 -57.80
C GLY C 799 16.49 -44.71 -56.38
N PHE C 800 16.40 -43.42 -56.12
CA PHE C 800 16.07 -42.95 -54.79
C PHE C 800 14.58 -42.78 -54.69
N ASN C 801 14.05 -42.83 -53.48
CA ASN C 801 12.62 -42.88 -53.27
C ASN C 801 12.21 -41.82 -52.26
N PHE C 802 11.59 -40.75 -52.74
CA PHE C 802 11.20 -39.65 -51.88
C PHE C 802 9.71 -39.64 -51.56
N SER C 803 9.02 -40.76 -51.73
CA SER C 803 7.59 -40.74 -51.53
C SER C 803 7.21 -40.52 -50.07
N GLN C 804 8.12 -40.75 -49.15
CA GLN C 804 7.78 -40.53 -47.75
C GLN C 804 7.89 -39.08 -47.35
N ILE C 805 8.43 -38.22 -48.20
CA ILE C 805 8.55 -36.80 -47.89
C ILE C 805 7.90 -35.90 -48.92
N LEU C 806 7.75 -36.32 -50.15
CA LEU C 806 7.03 -35.51 -51.09
C LEU C 806 5.53 -35.54 -50.76
N PRO C 807 4.80 -34.48 -51.09
CA PRO C 807 3.39 -34.46 -50.74
C PRO C 807 2.63 -35.52 -51.52
N ASP C 808 1.46 -35.88 -51.01
CA ASP C 808 0.50 -36.67 -51.75
C ASP C 808 -0.87 -36.01 -51.66
N PRO C 809 -1.63 -35.94 -52.75
CA PRO C 809 -2.85 -35.14 -52.76
C PRO C 809 -4.01 -35.75 -51.98
N SER C 810 -3.81 -36.89 -51.34
CA SER C 810 -4.91 -37.66 -50.78
C SER C 810 -5.29 -37.21 -49.37
N LYS C 811 -4.98 -35.98 -48.99
CA LYS C 811 -5.35 -35.51 -47.66
C LYS C 811 -5.92 -34.10 -47.70
N SER C 813 -5.53 -31.04 -46.56
CA SER C 813 -4.20 -31.03 -45.95
C SER C 813 -3.19 -31.64 -46.89
N LYS C 814 -2.77 -30.90 -47.90
CA LYS C 814 -1.90 -31.49 -48.91
C LYS C 814 -0.49 -31.65 -48.38
N ARG C 815 -0.33 -32.39 -47.28
CA ARG C 815 0.96 -32.62 -46.66
C ARG C 815 1.51 -33.95 -47.07
N SER C 816 2.69 -34.27 -46.57
CA SER C 816 3.34 -35.53 -46.87
C SER C 816 3.29 -36.44 -45.66
N PHE C 817 3.86 -37.63 -45.83
CA PHE C 817 3.71 -38.66 -44.83
C PHE C 817 4.39 -38.26 -43.53
N ILE C 818 5.68 -37.96 -43.60
CA ILE C 818 6.41 -37.64 -42.38
C ILE C 818 5.89 -36.34 -41.78
N GLU C 819 5.41 -35.42 -42.60
CA GLU C 819 4.76 -34.25 -42.04
C GLU C 819 3.54 -34.66 -41.22
N ASP C 820 2.82 -35.68 -41.66
CA ASP C 820 1.68 -36.17 -40.89
C ASP C 820 2.14 -36.76 -39.57
N LEU C 821 3.10 -37.67 -39.62
CA LEU C 821 3.62 -38.24 -38.38
C LEU C 821 4.03 -37.13 -37.42
N LEU C 822 4.57 -36.04 -37.94
CA LEU C 822 4.96 -34.95 -37.08
C LEU C 822 3.75 -34.23 -36.53
N PHE C 823 2.74 -34.01 -37.35
CA PHE C 823 1.59 -33.26 -36.88
C PHE C 823 0.77 -34.03 -35.88
N ASN C 824 0.89 -35.35 -35.86
CA ASN C 824 0.13 -36.11 -34.88
C ASN C 824 0.89 -36.32 -33.58
N LYS C 825 2.22 -36.26 -33.61
CA LYS C 825 2.98 -36.46 -32.38
C LYS C 825 3.00 -35.22 -31.49
N VAL C 826 2.34 -34.14 -31.86
CA VAL C 826 2.28 -32.94 -31.04
C VAL C 826 0.83 -32.69 -30.68
N THR C 827 0.57 -32.53 -29.39
CA THR C 827 -0.80 -32.42 -28.88
C THR C 827 -0.89 -31.32 -27.82
N LYS C 854 -9.96 -17.94 -21.34
CA LYS C 854 -10.50 -17.44 -22.59
C LYS C 854 -11.46 -16.33 -22.29
N PHE C 855 -11.57 -15.99 -21.02
CA PHE C 855 -12.63 -15.10 -20.58
C PHE C 855 -12.15 -13.68 -20.34
N ASN C 856 -10.86 -13.41 -20.46
CA ASN C 856 -10.34 -12.18 -19.90
C ASN C 856 -9.40 -11.46 -20.85
N GLY C 857 -9.82 -11.28 -22.09
CA GLY C 857 -8.98 -10.64 -23.07
C GLY C 857 -7.89 -11.52 -23.62
N LEU C 858 -7.81 -12.77 -23.19
CA LEU C 858 -6.78 -13.68 -23.66
C LEU C 858 -7.11 -14.11 -25.09
N THR C 859 -6.94 -13.20 -26.03
CA THR C 859 -7.17 -13.58 -27.40
C THR C 859 -5.92 -14.25 -27.94
N VAL C 860 -6.11 -15.22 -28.82
CA VAL C 860 -5.02 -15.94 -29.44
C VAL C 860 -5.12 -15.68 -30.94
N LEU C 861 -4.32 -14.75 -31.44
CA LEU C 861 -4.37 -14.42 -32.85
C LEU C 861 -3.96 -15.62 -33.67
N PRO C 862 -4.37 -15.69 -34.93
CA PRO C 862 -3.97 -16.78 -35.78
C PRO C 862 -2.68 -16.46 -36.50
N PRO C 863 -1.86 -17.46 -36.82
CA PRO C 863 -0.62 -17.20 -37.52
C PRO C 863 -0.90 -16.83 -38.96
N LEU C 864 -0.10 -15.90 -39.49
CA LEU C 864 -0.38 -15.39 -40.82
C LEU C 864 -0.26 -16.48 -41.88
N LEU C 865 0.65 -17.40 -41.72
CA LEU C 865 0.82 -18.49 -42.68
C LEU C 865 0.13 -19.73 -42.15
N THR C 866 -0.91 -20.17 -42.82
CA THR C 866 -1.61 -21.34 -42.32
C THR C 866 -0.91 -22.61 -42.79
N ASP C 867 -1.12 -23.68 -42.02
CA ASP C 867 -0.32 -24.89 -42.17
C ASP C 867 -0.28 -25.39 -43.60
N GLU C 868 -1.33 -25.17 -44.38
CA GLU C 868 -1.26 -25.58 -45.77
C GLU C 868 -0.19 -24.78 -46.51
N MET C 869 -0.08 -23.49 -46.21
CA MET C 869 0.89 -22.70 -46.94
C MET C 869 2.31 -23.03 -46.49
N ILE C 870 2.49 -23.35 -45.22
CA ILE C 870 3.77 -23.85 -44.78
C ILE C 870 4.11 -25.13 -45.52
N ALA C 871 3.16 -26.03 -45.63
CA ALA C 871 3.42 -27.26 -46.36
C ALA C 871 3.77 -26.98 -47.80
N GLN C 872 3.15 -25.97 -48.40
CA GLN C 872 3.50 -25.66 -49.78
C GLN C 872 4.91 -25.13 -49.90
N TYR C 873 5.32 -24.23 -49.01
CA TYR C 873 6.70 -23.78 -48.99
C TYR C 873 7.67 -24.96 -48.89
N THR C 874 7.44 -25.85 -47.94
CA THR C 874 8.42 -26.90 -47.78
C THR C 874 8.40 -27.86 -48.95
N SER C 875 7.24 -28.10 -49.55
CA SER C 875 7.24 -28.89 -50.77
C SER C 875 7.99 -28.17 -51.88
N ALA C 876 7.93 -26.86 -51.91
CA ALA C 876 8.67 -26.13 -52.93
C ALA C 876 10.17 -26.30 -52.74
N LEU C 877 10.65 -26.09 -51.52
CA LEU C 877 12.07 -26.25 -51.27
C LEU C 877 12.51 -27.67 -51.58
N LEU C 878 11.68 -28.64 -51.22
CA LEU C 878 12.05 -30.02 -51.46
C LEU C 878 12.10 -30.34 -52.94
N ALA C 879 11.13 -29.86 -53.71
CA ALA C 879 11.17 -30.10 -55.13
C ALA C 879 12.34 -29.40 -55.79
N GLY C 880 12.68 -28.21 -55.31
CA GLY C 880 13.84 -27.54 -55.86
C GLY C 880 15.12 -28.30 -55.60
N THR C 881 15.32 -28.76 -54.37
CA THR C 881 16.53 -29.51 -54.06
C THR C 881 16.59 -30.80 -54.84
N ILE C 882 15.44 -31.43 -55.06
CA ILE C 882 15.43 -32.71 -55.75
C ILE C 882 15.76 -32.54 -57.21
N THR C 883 15.16 -31.57 -57.87
CA THR C 883 15.26 -31.45 -59.31
C THR C 883 16.37 -30.53 -59.79
N SER C 884 16.92 -29.69 -58.93
CA SER C 884 17.83 -28.66 -59.40
C SER C 884 19.07 -28.47 -58.56
N GLY C 885 19.30 -29.30 -57.56
CA GLY C 885 20.50 -29.13 -56.77
C GLY C 885 20.41 -27.89 -55.92
N TRP C 886 21.53 -27.23 -55.73
CA TRP C 886 21.55 -25.98 -54.98
C TRP C 886 21.23 -24.78 -55.85
N THR C 887 21.32 -24.92 -57.17
CA THR C 887 21.26 -23.74 -58.03
C THR C 887 20.01 -22.93 -57.80
N PHE C 888 18.93 -23.55 -57.35
CA PHE C 888 17.71 -22.77 -57.17
C PHE C 888 17.81 -21.80 -56.03
N GLY C 889 18.89 -21.82 -55.28
CA GLY C 889 19.05 -20.86 -54.21
C GLY C 889 19.99 -19.76 -54.62
N ALA C 890 20.67 -19.94 -55.75
CA ALA C 890 21.59 -18.95 -56.25
C ALA C 890 21.02 -18.14 -57.39
N GLY C 891 19.87 -18.53 -57.92
CA GLY C 891 19.32 -17.82 -59.05
C GLY C 891 18.20 -18.58 -59.71
N ALA C 892 18.28 -18.75 -61.02
CA ALA C 892 17.28 -19.51 -61.73
C ALA C 892 17.53 -21.00 -61.53
N ALA C 893 16.48 -21.75 -61.25
CA ALA C 893 16.64 -23.18 -61.02
C ALA C 893 17.03 -23.87 -62.32
N LEU C 894 18.08 -24.67 -62.28
CA LEU C 894 18.55 -25.41 -63.43
C LEU C 894 18.44 -26.89 -63.15
N GLN C 895 17.63 -27.60 -63.91
CA GLN C 895 17.42 -29.01 -63.66
C GLN C 895 18.67 -29.79 -63.99
N ILE C 896 18.82 -30.94 -63.33
CA ILE C 896 20.00 -31.76 -63.50
C ILE C 896 19.71 -33.15 -62.93
N PRO C 897 20.01 -34.21 -63.66
CA PRO C 897 19.62 -35.55 -63.22
C PRO C 897 20.11 -35.83 -61.82
N PHE C 898 19.26 -36.42 -61.00
CA PHE C 898 19.59 -36.55 -59.60
C PHE C 898 20.88 -37.32 -59.38
N ALA C 899 21.11 -38.38 -60.14
CA ALA C 899 22.35 -39.11 -59.97
C ALA C 899 23.55 -38.18 -60.12
N MET C 900 23.51 -37.31 -61.12
CA MET C 900 24.62 -36.38 -61.26
C MET C 900 24.67 -35.41 -60.11
N GLN C 901 23.54 -35.05 -59.54
CA GLN C 901 23.61 -34.12 -58.42
C GLN C 901 24.29 -34.78 -57.24
N MET C 902 23.97 -36.03 -56.96
CA MET C 902 24.70 -36.69 -55.89
C MET C 902 26.16 -36.86 -56.26
N ALA C 903 26.48 -36.97 -57.54
CA ALA C 903 27.88 -36.98 -57.91
C ALA C 903 28.54 -35.70 -57.48
N TYR C 904 27.90 -34.56 -57.73
CA TYR C 904 28.50 -33.31 -57.28
C TYR C 904 28.59 -33.25 -55.77
N ARG C 905 27.54 -33.67 -55.10
CA ARG C 905 27.56 -33.61 -53.64
C ARG C 905 28.70 -34.43 -53.09
N PHE C 906 28.91 -35.63 -53.62
CA PHE C 906 30.06 -36.41 -53.21
C PHE C 906 31.32 -35.60 -53.48
N ASN C 907 31.56 -35.31 -54.74
CA ASN C 907 32.80 -34.66 -55.16
C ASN C 907 33.06 -33.42 -54.32
N GLY C 908 32.03 -32.93 -53.65
CA GLY C 908 32.21 -31.82 -52.75
C GLY C 908 32.88 -32.18 -51.44
N ILE C 909 32.81 -33.43 -51.02
CA ILE C 909 33.41 -33.83 -49.75
C ILE C 909 34.70 -34.61 -49.96
N GLY C 910 35.29 -34.51 -51.14
CA GLY C 910 36.54 -35.20 -51.37
C GLY C 910 36.40 -36.67 -51.62
N VAL C 911 35.41 -37.06 -52.42
CA VAL C 911 35.23 -38.44 -52.84
C VAL C 911 34.89 -38.39 -54.31
N THR C 912 35.78 -38.89 -55.16
CA THR C 912 35.59 -38.74 -56.58
C THR C 912 34.29 -39.38 -57.03
N GLN C 913 33.82 -38.97 -58.20
CA GLN C 913 32.48 -39.31 -58.62
C GLN C 913 32.33 -40.81 -58.85
N ASN C 914 33.37 -41.46 -59.37
CA ASN C 914 33.21 -42.85 -59.72
C ASN C 914 32.80 -43.69 -58.53
N VAL C 915 33.12 -43.23 -57.32
CA VAL C 915 32.64 -43.92 -56.13
C VAL C 915 31.13 -43.95 -56.11
N LEU C 916 30.49 -42.84 -56.48
CA LEU C 916 29.03 -42.85 -56.53
C LEU C 916 28.54 -43.65 -57.72
N TYR C 917 29.05 -43.35 -58.90
CA TYR C 917 28.47 -43.97 -60.08
C TYR C 917 28.59 -45.48 -60.05
N GLU C 918 29.67 -46.00 -59.49
CA GLU C 918 29.81 -47.44 -59.40
C GLU C 918 28.92 -48.03 -58.33
N ASN C 919 28.50 -47.25 -57.36
CA ASN C 919 27.71 -47.77 -56.25
C ASN C 919 26.33 -47.15 -56.19
N GLN C 920 25.78 -46.78 -57.33
CA GLN C 920 24.53 -46.03 -57.32
C GLN C 920 23.43 -46.83 -56.67
N LYS C 921 23.32 -48.12 -57.01
CA LYS C 921 22.22 -48.90 -56.47
C LYS C 921 22.39 -49.12 -54.97
N LEU C 922 23.62 -49.35 -54.53
CA LEU C 922 23.83 -49.55 -53.11
C LEU C 922 23.50 -48.27 -52.34
N ILE C 923 23.92 -47.12 -52.85
CA ILE C 923 23.59 -45.88 -52.17
C ILE C 923 22.09 -45.65 -52.15
N ALA C 924 21.43 -45.95 -53.27
CA ALA C 924 19.98 -45.81 -53.30
C ALA C 924 19.33 -46.65 -52.22
N ASN C 925 19.74 -47.90 -52.11
CA ASN C 925 19.11 -48.77 -51.13
C ASN C 925 19.36 -48.27 -49.71
N GLN C 926 20.58 -47.79 -49.45
CA GLN C 926 20.88 -47.30 -48.12
C GLN C 926 20.06 -46.07 -47.79
N PHE C 927 19.91 -45.17 -48.75
CA PHE C 927 19.15 -43.96 -48.50
C PHE C 927 17.68 -44.28 -48.28
N ASN C 928 17.10 -45.13 -49.10
CA ASN C 928 15.70 -45.51 -48.90
C ASN C 928 15.50 -46.16 -47.54
N SER C 929 16.34 -47.13 -47.19
CA SER C 929 16.18 -47.79 -45.91
C SER C 929 16.34 -46.82 -44.75
N ALA C 930 17.23 -45.83 -44.90
CA ALA C 930 17.39 -44.87 -43.83
C ALA C 930 16.16 -44.01 -43.68
N ILE C 931 15.57 -43.56 -44.78
CA ILE C 931 14.31 -42.84 -44.68
C ILE C 931 13.28 -43.69 -43.95
N GLY C 932 13.24 -44.98 -44.28
CA GLY C 932 12.28 -45.85 -43.61
C GLY C 932 12.51 -45.92 -42.12
N LYS C 933 13.77 -46.01 -41.71
CA LYS C 933 14.06 -46.04 -40.29
C LYS C 933 13.63 -44.75 -39.61
N ILE C 934 13.77 -43.62 -40.30
CA ILE C 934 13.28 -42.37 -39.72
C ILE C 934 11.77 -42.45 -39.53
N GLN C 935 11.08 -42.94 -40.54
CA GLN C 935 9.63 -43.10 -40.45
C GLN C 935 9.26 -43.88 -39.21
N ASP C 936 9.93 -45.01 -39.01
CA ASP C 936 9.61 -45.86 -37.85
C ASP C 936 9.97 -45.15 -36.55
N SER C 937 11.16 -44.57 -36.47
CA SER C 937 11.60 -43.91 -35.25
C SER C 937 10.60 -42.86 -34.81
N LEU C 938 10.09 -42.09 -35.77
CA LEU C 938 9.08 -41.10 -35.42
C LEU C 938 7.77 -41.77 -35.03
N SER C 939 7.36 -42.78 -35.79
CA SER C 939 6.05 -43.38 -35.58
C SER C 939 5.93 -44.08 -34.23
N SER C 940 7.04 -44.57 -33.68
CA SER C 940 6.97 -45.37 -32.46
C SER C 940 7.19 -44.53 -31.20
N THR C 941 8.35 -43.91 -31.09
CA THR C 941 8.63 -43.04 -29.95
C THR C 941 8.35 -41.60 -30.32
N ALA C 942 7.93 -40.83 -29.31
CA ALA C 942 7.56 -39.43 -29.51
C ALA C 942 8.44 -38.46 -28.73
N SER C 943 9.34 -38.95 -27.88
CA SER C 943 10.22 -38.06 -27.14
C SER C 943 11.30 -37.45 -27.99
N ALA C 944 11.27 -37.68 -29.30
CA ALA C 944 12.18 -36.97 -30.20
C ALA C 944 11.71 -35.54 -30.44
N LEU C 945 10.40 -35.31 -30.41
CA LEU C 945 9.83 -33.99 -30.59
C LEU C 945 9.68 -33.23 -29.30
N GLY C 946 10.55 -33.51 -28.33
CA GLY C 946 10.47 -32.80 -27.07
C GLY C 946 10.64 -31.31 -27.22
N LYS C 947 11.38 -30.88 -28.23
CA LYS C 947 11.70 -29.46 -28.32
C LYS C 947 10.46 -28.61 -28.60
N LEU C 948 9.64 -29.00 -29.56
CA LEU C 948 8.44 -28.23 -29.84
C LEU C 948 7.42 -28.36 -28.73
N GLN C 949 7.21 -29.57 -28.25
CA GLN C 949 6.25 -29.79 -27.18
C GLN C 949 6.61 -28.98 -25.97
N ASP C 950 7.90 -28.79 -25.72
CA ASP C 950 8.30 -28.03 -24.55
C ASP C 950 7.89 -26.57 -24.67
N VAL C 951 8.04 -25.99 -25.85
CA VAL C 951 7.58 -24.63 -26.08
C VAL C 951 6.09 -24.53 -25.85
N VAL C 952 5.34 -25.44 -26.43
CA VAL C 952 3.88 -25.36 -26.29
C VAL C 952 3.49 -25.47 -24.82
N ASN C 953 4.07 -26.42 -24.11
CA ASN C 953 3.72 -26.57 -22.70
C ASN C 953 4.14 -25.36 -21.89
N GLN C 954 5.29 -24.78 -22.19
CA GLN C 954 5.71 -23.62 -21.42
C GLN C 954 4.72 -22.48 -21.59
N ASN C 955 4.25 -22.25 -22.81
CA ASN C 955 3.29 -21.17 -22.98
C ASN C 955 1.95 -21.50 -22.36
N ALA C 956 1.53 -22.76 -22.44
CA ALA C 956 0.27 -23.13 -21.81
C ALA C 956 0.33 -22.91 -20.31
N GLN C 957 1.43 -23.30 -19.68
CA GLN C 957 1.54 -23.08 -18.24
C GLN C 957 1.65 -21.61 -17.91
N ALA C 958 2.30 -20.81 -18.76
CA ALA C 958 2.33 -19.39 -18.47
C ALA C 958 0.93 -18.81 -18.48
N LEU C 959 0.12 -19.17 -19.48
CA LEU C 959 -1.26 -18.70 -19.49
C LEU C 959 -2.04 -19.20 -18.29
N ASN C 960 -1.84 -20.46 -17.90
CA ASN C 960 -2.61 -20.97 -16.79
C ASN C 960 -2.23 -20.29 -15.50
N THR C 961 -0.96 -19.96 -15.32
CA THR C 961 -0.59 -19.20 -14.14
C THR C 961 -1.18 -17.81 -14.20
N LEU C 962 -1.17 -17.19 -15.38
CA LEU C 962 -1.76 -15.86 -15.48
C LEU C 962 -3.22 -15.88 -15.09
N VAL C 963 -3.96 -16.89 -15.55
CA VAL C 963 -5.38 -16.95 -15.23
C VAL C 963 -5.59 -17.25 -13.76
N LYS C 964 -4.91 -18.27 -13.24
CA LYS C 964 -5.09 -18.60 -11.83
C LYS C 964 -4.61 -17.49 -10.91
N GLN C 965 -3.89 -16.52 -11.42
CA GLN C 965 -3.66 -15.37 -10.56
C GLN C 965 -4.92 -14.57 -10.35
N LEU C 966 -5.95 -14.75 -11.17
CA LEU C 966 -7.18 -13.98 -10.97
C LEU C 966 -7.88 -14.37 -9.69
N SER C 967 -7.67 -15.57 -9.20
CA SER C 967 -8.35 -16.03 -8.00
C SER C 967 -7.58 -15.75 -6.74
N SER C 968 -6.74 -14.73 -6.71
CA SER C 968 -5.97 -14.40 -5.52
C SER C 968 -6.35 -13.02 -5.01
N ASN C 969 -6.26 -12.87 -3.69
CA ASN C 969 -6.76 -11.69 -3.01
C ASN C 969 -5.72 -10.59 -2.89
N PHE C 970 -4.45 -10.95 -2.88
CA PHE C 970 -3.36 -10.00 -2.73
C PHE C 970 -3.48 -9.18 -1.46
N GLY C 971 -4.18 -9.71 -0.46
CA GLY C 971 -4.42 -8.98 0.76
C GLY C 971 -5.73 -8.21 0.79
N ALA C 972 -6.61 -8.43 -0.16
CA ALA C 972 -7.88 -7.75 -0.18
C ALA C 972 -8.94 -8.64 0.47
N ILE C 973 -10.20 -8.26 0.34
CA ILE C 973 -11.29 -8.97 1.00
C ILE C 973 -11.66 -10.21 0.21
N SER C 974 -12.12 -10.01 -1.02
CA SER C 974 -12.53 -11.12 -1.86
C SER C 974 -11.95 -10.94 -3.26
N SER C 975 -11.60 -12.04 -3.89
CA SER C 975 -10.95 -12.01 -5.18
C SER C 975 -11.87 -11.58 -6.30
N VAL C 976 -13.14 -11.36 -6.04
CA VAL C 976 -14.11 -10.96 -7.06
C VAL C 976 -14.31 -9.46 -6.93
N LEU C 977 -14.39 -8.79 -8.08
CA LEU C 977 -14.49 -7.33 -8.06
C LEU C 977 -15.89 -6.87 -7.70
N ASN C 978 -16.90 -7.32 -8.45
CA ASN C 978 -18.27 -6.95 -8.16
C ASN C 978 -18.63 -7.23 -6.71
N ASP C 979 -18.07 -8.31 -6.16
CA ASP C 979 -18.34 -8.67 -4.78
C ASP C 979 -17.83 -7.58 -3.84
N ILE C 980 -16.65 -7.04 -4.10
CA ILE C 980 -16.13 -5.98 -3.25
C ILE C 980 -16.91 -4.69 -3.47
N LEU C 981 -17.32 -4.43 -4.71
CA LEU C 981 -18.10 -3.23 -4.98
C LEU C 981 -19.43 -3.28 -4.23
N SER C 982 -20.01 -4.47 -4.10
CA SER C 982 -21.28 -4.60 -3.40
C SER C 982 -21.09 -4.59 -1.89
N ARG C 983 -20.20 -5.45 -1.39
CA ARG C 983 -20.10 -5.67 0.05
C ARG C 983 -19.70 -4.42 0.80
N LEU C 984 -19.08 -3.46 0.13
CA LEU C 984 -18.64 -2.25 0.80
C LEU C 984 -19.10 -0.99 0.08
N ASP C 985 -18.56 0.13 0.57
CA ASP C 985 -18.74 1.47 0.05
C ASP C 985 -17.51 1.91 -0.72
N PRO C 986 -17.66 2.84 -1.65
CA PRO C 986 -16.52 3.34 -2.41
C PRO C 986 -15.39 3.83 -1.52
N PRO C 987 -15.67 4.50 -0.38
CA PRO C 987 -14.56 4.91 0.49
C PRO C 987 -13.69 3.77 1.02
N GLU C 988 -14.10 2.53 0.83
CA GLU C 988 -13.23 1.40 1.12
C GLU C 988 -13.07 0.44 -0.05
N ALA C 989 -14.08 0.34 -0.91
CA ALA C 989 -13.91 -0.37 -2.15
C ALA C 989 -12.75 0.19 -2.93
N GLU C 990 -12.47 1.49 -2.80
CA GLU C 990 -11.31 2.05 -3.49
C GLU C 990 -10.03 1.40 -3.02
N VAL C 991 -9.85 1.25 -1.71
CA VAL C 991 -8.61 0.67 -1.20
C VAL C 991 -8.53 -0.80 -1.57
N GLN C 992 -9.62 -1.55 -1.37
CA GLN C 992 -9.59 -2.96 -1.72
C GLN C 992 -9.28 -3.15 -3.19
N ILE C 993 -9.98 -2.41 -4.06
CA ILE C 993 -9.70 -2.48 -5.47
C ILE C 993 -8.24 -2.18 -5.73
N ASP C 994 -7.78 -1.01 -5.32
CA ASP C 994 -6.39 -0.63 -5.55
C ASP C 994 -5.42 -1.76 -5.19
N ARG C 995 -5.70 -2.49 -4.11
CA ARG C 995 -4.87 -3.67 -3.84
C ARG C 995 -5.00 -4.70 -4.96
N LEU C 996 -6.23 -5.00 -5.38
CA LEU C 996 -6.39 -5.99 -6.44
C LEU C 996 -5.72 -5.53 -7.73
N ILE C 997 -5.82 -4.26 -8.05
CA ILE C 997 -5.20 -3.75 -9.27
C ILE C 997 -3.70 -3.88 -9.18
N THR C 998 -3.11 -3.47 -8.06
CA THR C 998 -1.67 -3.63 -7.92
C THR C 998 -1.26 -5.08 -8.12
N GLY C 999 -2.00 -5.99 -7.49
CA GLY C 999 -1.64 -7.39 -7.61
C GLY C 999 -1.74 -7.90 -9.04
N ARG C 1000 -2.88 -7.68 -9.68
CA ARG C 1000 -3.07 -8.19 -11.03
C ARG C 1000 -2.11 -7.53 -12.00
N LEU C 1001 -1.80 -6.26 -11.79
CA LEU C 1001 -0.86 -5.59 -12.67
C LEU C 1001 0.52 -6.18 -12.52
N GLN C 1002 0.94 -6.48 -11.30
CA GLN C 1002 2.23 -7.10 -11.13
C GLN C 1002 2.27 -8.47 -11.81
N SER C 1003 1.19 -9.24 -11.64
CA SER C 1003 1.15 -10.53 -12.30
C SER C 1003 1.23 -10.39 -13.81
N LEU C 1004 0.55 -9.39 -14.36
CA LEU C 1004 0.56 -9.21 -15.80
C LEU C 1004 1.94 -8.83 -16.30
N GLN C 1005 2.62 -7.91 -15.61
CA GLN C 1005 3.96 -7.56 -16.04
C GLN C 1005 4.89 -8.74 -15.95
N THR C 1006 4.77 -9.55 -14.90
CA THR C 1006 5.62 -10.72 -14.83
C THR C 1006 5.38 -11.64 -16.01
N TYR C 1007 4.12 -11.85 -16.37
CA TYR C 1007 3.85 -12.69 -17.53
C TYR C 1007 4.42 -12.10 -18.80
N VAL C 1008 4.27 -10.79 -19.01
CA VAL C 1008 4.76 -10.21 -20.24
C VAL C 1008 6.27 -10.25 -20.30
N THR C 1009 6.94 -10.14 -19.16
CA THR C 1009 8.39 -10.28 -19.18
C THR C 1009 8.80 -11.70 -19.50
N GLN C 1010 8.12 -12.69 -18.92
CA GLN C 1010 8.37 -14.06 -19.35
C GLN C 1010 8.21 -14.19 -20.84
N GLN C 1011 7.17 -13.58 -21.40
CA GLN C 1011 6.96 -13.73 -22.83
C GLN C 1011 8.04 -13.03 -23.63
N LEU C 1012 8.49 -11.86 -23.19
CA LEU C 1012 9.54 -11.18 -23.91
C LEU C 1012 10.80 -12.03 -23.97
N ILE C 1013 11.18 -12.60 -22.83
CA ILE C 1013 12.40 -13.40 -22.83
C ILE C 1013 12.22 -14.65 -23.66
N ARG C 1014 11.09 -15.34 -23.50
CA ARG C 1014 10.92 -16.56 -24.26
C ARG C 1014 10.84 -16.28 -25.74
N ALA C 1015 10.31 -15.12 -26.12
CA ALA C 1015 10.27 -14.80 -27.54
C ALA C 1015 11.63 -14.44 -28.06
N ALA C 1016 12.48 -13.81 -27.27
CA ALA C 1016 13.85 -13.62 -27.72
C ALA C 1016 14.52 -14.96 -27.95
N GLU C 1017 14.29 -15.92 -27.07
CA GLU C 1017 14.91 -17.22 -27.26
C GLU C 1017 14.38 -17.92 -28.50
N ILE C 1018 13.07 -17.89 -28.72
CA ILE C 1018 12.53 -18.50 -29.92
C ILE C 1018 13.03 -17.80 -31.16
N ARG C 1019 13.22 -16.49 -31.11
CA ARG C 1019 13.80 -15.83 -32.26
C ARG C 1019 15.23 -16.27 -32.49
N ALA C 1020 15.96 -16.56 -31.42
CA ALA C 1020 17.27 -17.14 -31.60
C ALA C 1020 17.19 -18.44 -32.36
N SER C 1021 16.29 -19.33 -31.94
CA SER C 1021 16.18 -20.60 -32.66
C SER C 1021 15.63 -20.42 -34.05
N ALA C 1022 14.87 -19.37 -34.29
CA ALA C 1022 14.35 -19.17 -35.64
C ALA C 1022 15.43 -18.65 -36.57
N ASN C 1023 16.24 -17.71 -36.12
CA ASN C 1023 17.37 -17.30 -36.94
C ASN C 1023 18.30 -18.48 -37.18
N LEU C 1024 18.50 -19.32 -36.17
CA LEU C 1024 19.34 -20.49 -36.39
C LEU C 1024 18.72 -21.42 -37.42
N ALA C 1025 17.40 -21.61 -37.37
CA ALA C 1025 16.79 -22.47 -38.36
C ALA C 1025 16.89 -21.87 -39.74
N ALA C 1026 16.77 -20.56 -39.85
CA ALA C 1026 16.88 -19.93 -41.15
C ALA C 1026 18.27 -20.14 -41.71
N THR C 1027 19.28 -19.93 -40.88
CA THR C 1027 20.64 -20.20 -41.32
C THR C 1027 20.80 -21.65 -41.72
N LYS C 1028 20.21 -22.56 -40.95
CA LYS C 1028 20.43 -23.97 -41.23
C LYS C 1028 19.75 -24.38 -42.51
N MET C 1029 18.64 -23.72 -42.85
CA MET C 1029 17.96 -24.04 -44.09
C MET C 1029 18.66 -23.40 -45.28
N SER C 1030 19.19 -22.20 -45.10
CA SER C 1030 19.84 -21.55 -46.22
C SER C 1030 21.17 -22.19 -46.53
N GLU C 1031 21.87 -22.67 -45.51
CA GLU C 1031 23.17 -23.27 -45.74
C GLU C 1031 23.10 -24.78 -45.89
N CYS C 1032 22.05 -25.39 -45.44
CA CYS C 1032 22.02 -26.84 -45.35
C CYS C 1032 21.05 -27.47 -46.32
N VAL C 1033 20.03 -26.74 -46.75
CA VAL C 1033 19.15 -27.22 -47.81
C VAL C 1033 19.55 -26.60 -49.13
N LEU C 1034 19.45 -25.29 -49.23
CA LEU C 1034 19.76 -24.56 -50.45
C LEU C 1034 21.19 -24.73 -50.89
N GLY C 1035 21.99 -25.49 -50.15
CA GLY C 1035 23.34 -25.76 -50.56
C GLY C 1035 23.95 -26.82 -49.67
N GLN C 1036 25.16 -27.20 -49.99
CA GLN C 1036 25.89 -28.19 -49.22
C GLN C 1036 26.93 -27.49 -48.38
N SER C 1037 26.95 -27.78 -47.09
CA SER C 1037 27.84 -27.08 -46.18
C SER C 1037 29.08 -27.89 -45.88
N LYS C 1038 30.10 -27.20 -45.42
CA LYS C 1038 31.32 -27.84 -44.96
C LYS C 1038 31.62 -27.46 -43.52
N ARG C 1039 30.61 -27.08 -42.77
CA ARG C 1039 30.78 -26.78 -41.36
C ARG C 1039 30.50 -28.05 -40.58
N VAL C 1040 31.50 -28.54 -39.88
CA VAL C 1040 31.39 -29.86 -39.28
C VAL C 1040 30.29 -29.86 -38.24
N ASP C 1041 29.54 -30.96 -38.17
CA ASP C 1041 28.46 -31.14 -37.21
C ASP C 1041 27.41 -30.06 -37.27
N PHE C 1042 27.49 -29.16 -38.25
CA PHE C 1042 26.43 -28.18 -38.39
C PHE C 1042 25.22 -28.76 -39.06
N CYS C 1043 25.39 -29.84 -39.80
CA CYS C 1043 24.34 -30.45 -40.58
C CYS C 1043 24.29 -31.94 -40.32
N GLY C 1044 24.29 -32.32 -39.06
CA GLY C 1044 24.19 -33.72 -38.70
C GLY C 1044 25.54 -34.39 -38.64
N LYS C 1045 25.73 -35.30 -37.69
CA LYS C 1045 27.04 -35.87 -37.46
C LYS C 1045 27.53 -36.60 -38.70
N GLY C 1046 28.58 -36.08 -39.31
CA GLY C 1046 29.22 -36.71 -40.45
C GLY C 1046 29.43 -35.73 -41.58
N TYR C 1047 30.04 -36.24 -42.63
CA TYR C 1047 30.16 -35.46 -43.85
C TYR C 1047 28.78 -35.20 -44.40
N HIS C 1048 28.55 -33.98 -44.86
CA HIS C 1048 27.22 -33.54 -45.24
C HIS C 1048 26.97 -33.70 -46.73
N LEU C 1049 25.84 -34.30 -47.07
CA LEU C 1049 25.46 -34.48 -48.46
C LEU C 1049 24.32 -33.56 -48.87
N MET C 1050 23.23 -33.53 -48.12
CA MET C 1050 22.18 -32.56 -48.37
C MET C 1050 21.20 -32.63 -47.23
N SER C 1051 20.06 -31.99 -47.39
CA SER C 1051 19.03 -32.09 -46.39
C SER C 1051 17.69 -31.75 -46.99
N PHE C 1052 16.63 -32.24 -46.37
CA PHE C 1052 15.28 -31.98 -46.82
C PHE C 1052 14.49 -31.49 -45.63
N PRO C 1053 13.76 -30.39 -45.74
CA PRO C 1053 12.98 -29.91 -44.62
C PRO C 1053 11.61 -30.52 -44.61
N GLN C 1054 10.99 -30.50 -43.44
CA GLN C 1054 9.63 -30.94 -43.27
C GLN C 1054 8.99 -30.04 -42.23
N SER C 1055 7.77 -29.62 -42.47
CA SER C 1055 7.13 -28.73 -41.53
C SER C 1055 6.77 -29.48 -40.25
N ALA C 1056 6.45 -28.72 -39.21
CA ALA C 1056 5.93 -29.32 -38.00
C ALA C 1056 5.26 -28.22 -37.21
N PRO C 1057 4.25 -28.52 -36.43
CA PRO C 1057 3.49 -27.45 -35.79
C PRO C 1057 4.36 -26.50 -35.00
N HIS C 1058 4.47 -25.27 -35.48
CA HIS C 1058 5.36 -24.28 -34.90
C HIS C 1058 6.79 -24.79 -34.89
N GLY C 1059 7.32 -25.04 -36.07
CA GLY C 1059 8.72 -25.40 -36.13
C GLY C 1059 9.04 -26.20 -37.38
N VAL C 1060 10.32 -26.47 -37.55
CA VAL C 1060 10.79 -27.16 -38.73
C VAL C 1060 11.58 -28.38 -38.31
N VAL C 1061 11.70 -29.34 -39.22
CA VAL C 1061 12.35 -30.60 -38.93
C VAL C 1061 13.17 -30.96 -40.15
N PHE C 1062 14.49 -31.00 -40.01
CA PHE C 1062 15.36 -31.34 -41.12
C PHE C 1062 15.71 -32.80 -41.11
N LEU C 1063 15.97 -33.33 -42.30
CA LEU C 1063 16.52 -34.66 -42.47
C LEU C 1063 17.90 -34.54 -43.09
N HIS C 1064 18.92 -34.39 -42.27
CA HIS C 1064 20.26 -34.19 -42.79
C HIS C 1064 20.76 -35.48 -43.40
N VAL C 1065 20.72 -35.61 -44.73
CA VAL C 1065 21.30 -36.78 -45.36
C VAL C 1065 22.80 -36.59 -45.38
N THR C 1066 23.53 -37.41 -44.64
CA THR C 1066 24.96 -37.30 -44.49
C THR C 1066 25.66 -38.58 -44.91
N TYR C 1067 26.98 -38.50 -45.04
CA TYR C 1067 27.80 -39.60 -45.53
C TYR C 1067 28.84 -39.94 -44.48
N VAL C 1068 28.89 -41.19 -44.06
CA VAL C 1068 29.67 -41.62 -42.92
C VAL C 1068 30.59 -42.76 -43.35
N PRO C 1069 31.91 -42.63 -43.21
CA PRO C 1069 32.80 -43.73 -43.60
C PRO C 1069 32.62 -44.91 -42.68
N ALA C 1070 32.78 -46.11 -43.23
CA ALA C 1070 32.23 -47.28 -42.56
C ALA C 1070 33.26 -48.22 -41.98
N GLN C 1071 34.15 -48.81 -42.78
CA GLN C 1071 35.02 -49.86 -42.29
C GLN C 1071 36.39 -49.72 -42.91
N GLU C 1072 37.41 -49.64 -42.06
CA GLU C 1072 38.71 -49.17 -42.46
C GLU C 1072 39.71 -50.32 -42.47
N LYS C 1073 40.92 -49.99 -42.89
CA LYS C 1073 42.00 -50.96 -42.89
C LYS C 1073 43.29 -50.29 -42.47
N ASN C 1074 44.12 -51.02 -41.73
CA ASN C 1074 45.35 -50.48 -41.16
C ASN C 1074 46.45 -50.55 -42.21
N PHE C 1075 46.48 -49.55 -43.10
CA PHE C 1075 47.52 -49.51 -44.11
C PHE C 1075 48.77 -48.82 -43.58
N THR C 1076 49.87 -49.05 -44.29
CA THR C 1076 51.15 -48.42 -43.99
C THR C 1076 51.41 -47.29 -44.98
N THR C 1077 51.81 -46.13 -44.48
CA THR C 1077 51.94 -44.95 -45.31
C THR C 1077 53.34 -44.37 -45.30
N ALA C 1078 53.52 -43.28 -46.02
CA ALA C 1078 54.77 -42.55 -46.05
C ALA C 1078 54.54 -41.23 -46.74
N PRO C 1079 55.06 -40.13 -46.20
CA PRO C 1079 54.71 -38.82 -46.75
C PRO C 1079 55.11 -38.61 -48.20
N ALA C 1080 56.17 -39.25 -48.68
CA ALA C 1080 56.58 -39.05 -50.06
C ALA C 1080 57.39 -40.26 -50.50
N ILE C 1081 57.71 -40.32 -51.78
CA ILE C 1081 58.55 -41.40 -52.29
C ILE C 1081 59.61 -40.84 -53.21
N CYS C 1082 60.80 -41.43 -53.16
CA CYS C 1082 61.89 -41.11 -54.07
C CYS C 1082 61.92 -42.12 -55.20
N HIS C 1083 62.04 -41.64 -56.41
CA HIS C 1083 62.29 -42.54 -57.53
C HIS C 1083 63.60 -42.27 -58.22
N ASP C 1084 63.89 -41.03 -58.55
CA ASP C 1084 65.10 -40.67 -59.27
C ASP C 1084 65.83 -39.58 -58.53
N GLY C 1085 65.88 -39.71 -57.21
CA GLY C 1085 66.48 -38.70 -56.37
C GLY C 1085 65.59 -37.53 -56.02
N LYS C 1086 64.47 -37.36 -56.70
CA LYS C 1086 63.54 -36.28 -56.43
C LYS C 1086 62.36 -36.79 -55.63
N ALA C 1087 61.81 -35.92 -54.78
CA ALA C 1087 60.70 -36.33 -53.94
C ALA C 1087 59.40 -36.23 -54.72
N HIS C 1088 58.48 -37.14 -54.42
CA HIS C 1088 57.21 -37.23 -55.13
C HIS C 1088 56.06 -37.14 -54.14
N PHE C 1089 55.28 -36.16 -54.27
CA PHE C 1089 54.16 -36.06 -53.35
C PHE C 1089 52.86 -36.28 -54.09
N PRO C 1090 51.86 -36.87 -53.44
CA PRO C 1090 50.63 -37.20 -54.16
C PRO C 1090 49.82 -35.94 -54.44
N ARG C 1091 49.25 -35.87 -55.63
CA ARG C 1091 48.50 -34.68 -56.00
C ARG C 1091 47.31 -34.49 -55.08
N GLU C 1092 46.36 -35.41 -55.13
CA GLU C 1092 45.21 -35.37 -54.23
C GLU C 1092 44.96 -36.80 -53.80
N GLY C 1093 45.53 -37.18 -52.69
CA GLY C 1093 45.46 -38.53 -52.21
C GLY C 1093 46.47 -38.73 -51.12
N VAL C 1094 46.85 -39.98 -50.91
CA VAL C 1094 47.80 -40.33 -49.87
C VAL C 1094 48.45 -41.64 -50.25
N PHE C 1095 49.72 -41.79 -49.91
CA PHE C 1095 50.49 -42.96 -50.28
C PHE C 1095 50.25 -44.06 -49.26
N VAL C 1096 49.64 -45.16 -49.69
CA VAL C 1096 49.44 -46.30 -48.84
C VAL C 1096 50.20 -47.48 -49.43
N SER C 1097 50.25 -48.56 -48.67
CA SER C 1097 50.99 -49.74 -49.10
C SER C 1097 50.46 -50.96 -48.37
N ASN C 1098 50.09 -51.99 -49.12
CA ASN C 1098 49.63 -53.22 -48.50
C ASN C 1098 50.78 -54.11 -48.10
N GLY C 1099 51.96 -53.54 -47.83
CA GLY C 1099 53.11 -54.28 -47.41
C GLY C 1099 53.96 -54.81 -48.54
N THR C 1100 53.35 -55.03 -49.71
CA THR C 1100 54.04 -55.57 -50.88
C THR C 1100 54.34 -54.50 -51.91
N HIS C 1101 53.36 -53.67 -52.24
CA HIS C 1101 53.52 -52.65 -53.24
C HIS C 1101 53.06 -51.32 -52.66
N TRP C 1102 53.02 -50.29 -53.50
CA TRP C 1102 52.61 -48.98 -53.06
C TRP C 1102 51.55 -48.44 -53.99
N PHE C 1103 50.61 -47.69 -53.44
CA PHE C 1103 49.58 -47.08 -54.24
C PHE C 1103 49.28 -45.70 -53.69
N VAL C 1104 48.62 -44.90 -54.49
CA VAL C 1104 48.08 -43.63 -54.04
C VAL C 1104 46.56 -43.72 -54.08
N THR C 1105 45.93 -43.32 -52.98
CA THR C 1105 44.49 -43.47 -52.89
C THR C 1105 43.87 -42.25 -52.28
N GLN C 1106 42.65 -41.94 -52.70
CA GLN C 1106 41.97 -40.78 -52.16
C GLN C 1106 41.75 -40.98 -50.68
N ARG C 1107 41.64 -39.87 -49.95
CA ARG C 1107 41.77 -39.92 -48.50
C ARG C 1107 40.60 -40.66 -47.86
N ASN C 1108 39.44 -40.64 -48.49
CA ASN C 1108 38.23 -41.10 -47.81
C ASN C 1108 37.66 -42.39 -48.36
N PHE C 1109 38.29 -43.02 -49.33
CA PHE C 1109 37.71 -44.25 -49.87
C PHE C 1109 38.82 -45.04 -50.55
N TYR C 1110 39.20 -46.15 -49.94
CA TYR C 1110 40.34 -46.91 -50.42
C TYR C 1110 40.10 -47.35 -51.85
N GLU C 1111 40.86 -46.79 -52.77
CA GLU C 1111 40.72 -47.10 -54.19
C GLU C 1111 42.09 -47.00 -54.82
N PRO C 1112 42.94 -48.00 -54.62
CA PRO C 1112 44.35 -47.85 -54.95
C PRO C 1112 44.58 -47.68 -56.43
N GLN C 1113 45.63 -46.94 -56.75
CA GLN C 1113 46.04 -46.66 -58.11
C GLN C 1113 47.54 -46.80 -58.19
N ILE C 1114 48.04 -47.20 -59.36
CA ILE C 1114 49.48 -47.21 -59.57
C ILE C 1114 50.00 -45.79 -59.47
N ILE C 1115 51.18 -45.63 -58.89
CA ILE C 1115 51.74 -44.31 -58.71
C ILE C 1115 52.40 -43.86 -59.99
N THR C 1116 51.63 -43.24 -60.88
CA THR C 1116 52.23 -42.72 -62.10
C THR C 1116 52.89 -41.39 -61.79
N THR C 1117 53.53 -40.83 -62.81
CA THR C 1117 53.97 -39.45 -62.67
C THR C 1117 52.85 -38.46 -62.92
N ASP C 1118 51.62 -38.93 -63.01
CA ASP C 1118 50.47 -38.04 -63.11
C ASP C 1118 49.72 -37.92 -61.80
N ASN C 1119 49.63 -39.01 -61.04
CA ASN C 1119 49.02 -38.94 -59.71
C ASN C 1119 49.82 -38.11 -58.75
N THR C 1120 51.09 -37.90 -59.02
CA THR C 1120 51.97 -37.21 -58.10
C THR C 1120 52.65 -36.04 -58.80
N PHE C 1121 53.29 -35.20 -58.00
CA PHE C 1121 54.07 -34.09 -58.52
C PHE C 1121 55.37 -34.03 -57.77
N VAL C 1122 56.44 -33.63 -58.45
CA VAL C 1122 57.76 -33.74 -57.87
C VAL C 1122 58.13 -32.47 -57.14
N SER C 1123 59.15 -32.56 -56.30
CA SER C 1123 59.76 -31.42 -55.65
C SER C 1123 61.03 -31.84 -54.93
N GLY C 1124 61.93 -30.89 -54.73
CA GLY C 1124 63.16 -31.06 -54.00
C GLY C 1124 63.91 -32.31 -54.37
N ASN C 1125 64.63 -32.86 -53.40
CA ASN C 1125 65.32 -34.13 -53.57
C ASN C 1125 65.05 -34.99 -52.35
N CYS C 1126 65.70 -36.14 -52.30
CA CYS C 1126 65.48 -37.09 -51.22
C CYS C 1126 65.97 -36.60 -49.87
N ASP C 1127 66.73 -35.51 -49.83
CA ASP C 1127 67.48 -35.20 -48.62
C ASP C 1127 66.58 -34.72 -47.49
N VAL C 1128 65.64 -33.85 -47.78
CA VAL C 1128 65.10 -32.97 -46.76
C VAL C 1128 63.85 -33.54 -46.09
N VAL C 1129 62.99 -34.22 -46.83
CA VAL C 1129 61.75 -34.70 -46.23
C VAL C 1129 62.07 -35.81 -45.24
N ILE C 1130 61.21 -35.99 -44.25
CA ILE C 1130 61.41 -36.97 -43.20
C ILE C 1130 60.48 -38.14 -43.42
N GLY C 1131 61.05 -39.35 -43.45
CA GLY C 1131 60.22 -40.52 -43.55
C GLY C 1131 59.88 -40.94 -44.96
N ILE C 1132 60.56 -40.41 -45.96
CA ILE C 1132 60.30 -40.82 -47.33
C ILE C 1132 60.71 -42.27 -47.52
N VAL C 1133 60.18 -42.92 -48.55
CA VAL C 1133 60.48 -44.30 -48.83
C VAL C 1133 60.79 -44.46 -50.31
N ASN C 1134 61.81 -45.23 -50.64
CA ASN C 1134 62.14 -45.49 -52.03
C ASN C 1134 61.02 -46.27 -52.70
N ASN C 1135 60.83 -45.99 -53.99
CA ASN C 1135 59.93 -46.80 -54.81
C ASN C 1135 60.09 -46.34 -56.25
N THR C 1136 59.29 -46.93 -57.13
CA THR C 1136 59.36 -46.67 -58.56
C THR C 1136 58.05 -46.02 -58.97
N VAL C 1137 58.12 -44.77 -59.40
CA VAL C 1137 56.95 -44.08 -59.92
C VAL C 1137 56.86 -44.38 -61.42
N TYR C 1138 55.82 -45.11 -61.81
CA TYR C 1138 55.63 -45.41 -63.21
C TYR C 1138 55.43 -44.14 -64.00
N ASP C 1139 55.68 -44.21 -65.30
CA ASP C 1139 55.54 -43.08 -66.20
C ASP C 1139 54.80 -43.50 -67.45
N PRO C 1140 53.68 -42.86 -67.78
CA PRO C 1140 52.90 -43.30 -68.96
C PRO C 1140 53.60 -43.07 -70.27
N LEU C 1141 54.66 -42.27 -70.31
CA LEU C 1141 55.30 -41.99 -71.59
C LEU C 1141 56.30 -43.06 -72.00
N GLN C 1142 56.84 -43.82 -71.05
CA GLN C 1142 57.79 -44.86 -71.41
C GLN C 1142 57.24 -45.88 -72.39
N PRO C 1143 55.98 -46.33 -72.30
CA PRO C 1143 55.48 -47.28 -73.31
C PRO C 1143 55.54 -46.74 -74.72
N GLU C 1144 54.93 -45.59 -74.97
CA GLU C 1144 54.95 -45.05 -76.32
C GLU C 1144 56.36 -44.69 -76.77
N LEU C 1145 57.20 -44.20 -75.85
CA LEU C 1145 58.55 -43.83 -76.22
C LEU C 1145 59.37 -45.06 -76.59
N ASP C 1146 59.09 -46.20 -75.95
CA ASP C 1146 59.77 -47.43 -76.35
C ASP C 1146 59.27 -47.90 -77.71
N SER C 1147 57.95 -48.05 -77.86
CA SER C 1147 57.38 -48.48 -79.12
C SER C 1147 57.59 -47.43 -80.19
N VAL D 2 -50.57 54.29 37.47
CA VAL D 2 -49.30 53.64 37.72
C VAL D 2 -49.22 53.20 39.16
N GLN D 3 -49.94 52.13 39.50
CA GLN D 3 -49.98 51.59 40.86
C GLN D 3 -48.88 50.57 41.02
N LEU D 4 -47.69 51.03 41.42
CA LEU D 4 -46.52 50.17 41.57
C LEU D 4 -46.35 49.87 43.05
N VAL D 5 -47.07 48.88 43.55
CA VAL D 5 -47.06 48.51 44.95
C VAL D 5 -46.01 47.42 45.16
N GLU D 6 -44.80 47.84 45.46
CA GLU D 6 -43.72 46.93 45.77
C GLU D 6 -43.89 46.35 47.17
N SER D 7 -43.75 45.03 47.26
CA SER D 7 -44.07 44.30 48.48
C SER D 7 -43.14 43.11 48.67
N GLY D 8 -42.94 42.69 49.92
CA GLY D 8 -42.02 41.62 50.22
C GLY D 8 -40.74 42.15 50.84
N GLY D 9 -40.73 43.43 51.16
CA GLY D 9 -39.55 44.03 51.74
C GLY D 9 -39.57 43.97 53.25
N GLY D 10 -38.36 43.92 53.82
CA GLY D 10 -38.21 43.85 55.26
C GLY D 10 -36.77 43.57 55.64
N LEU D 11 -36.59 43.19 56.89
CA LEU D 11 -35.29 42.85 57.44
C LEU D 11 -34.97 41.39 57.13
N ILE D 12 -33.78 41.17 56.60
CA ILE D 12 -33.36 39.83 56.21
C ILE D 12 -31.85 39.74 56.39
N GLN D 13 -31.40 38.58 56.82
CA GLN D 13 -29.98 38.30 56.90
C GLN D 13 -29.46 37.85 55.54
N PRO D 14 -28.15 37.92 55.32
CA PRO D 14 -27.59 37.50 54.03
C PRO D 14 -27.98 36.08 53.66
N GLY D 15 -28.38 35.90 52.40
CA GLY D 15 -28.74 34.61 51.85
C GLY D 15 -30.11 34.55 51.22
N GLY D 16 -31.05 35.34 51.73
CA GLY D 16 -32.41 35.30 51.23
C GLY D 16 -32.55 35.97 49.87
N SER D 17 -33.70 35.71 49.24
CA SER D 17 -34.01 36.28 47.94
C SER D 17 -35.40 36.90 47.99
N LEU D 18 -35.45 38.21 48.21
CA LEU D 18 -36.71 38.93 48.32
C LEU D 18 -37.27 39.19 46.93
N ARG D 19 -38.26 38.39 46.54
CA ARG D 19 -38.92 38.53 45.25
C ARG D 19 -39.85 39.74 45.34
N LEU D 20 -39.29 40.93 45.21
CA LEU D 20 -40.12 42.13 45.22
C LEU D 20 -41.11 42.07 44.07
N SER D 21 -42.37 42.38 44.39
CA SER D 21 -43.44 42.30 43.40
C SER D 21 -43.90 43.72 43.11
N CYS D 22 -43.28 44.35 42.12
CA CYS D 22 -43.69 45.66 41.65
C CYS D 22 -44.85 45.48 40.69
N ALA D 23 -46.06 45.60 41.21
CA ALA D 23 -47.25 45.46 40.38
C ALA D 23 -47.21 46.47 39.24
N ALA D 24 -47.44 45.97 38.03
CA ALA D 24 -47.46 46.79 36.84
C ALA D 24 -48.90 47.16 36.51
N SER D 25 -49.71 47.34 37.55
CA SER D 25 -51.14 47.53 37.36
C SER D 25 -51.42 48.77 36.53
N GLY D 26 -50.69 49.86 36.77
CA GLY D 26 -50.92 51.08 36.03
C GLY D 26 -50.13 51.19 34.75
N PHE D 27 -48.88 50.71 34.76
CA PHE D 27 -48.00 50.84 33.60
C PHE D 27 -47.29 49.52 33.34
N THR D 28 -46.94 49.30 32.07
CA THR D 28 -46.40 48.02 31.63
C THR D 28 -44.99 47.79 32.16
N VAL D 29 -44.68 46.52 32.45
CA VAL D 29 -43.30 46.09 32.65
C VAL D 29 -42.82 45.17 31.54
N SER D 30 -43.73 44.70 30.67
CA SER D 30 -43.38 43.78 29.61
C SER D 30 -43.21 44.51 28.29
N SER D 31 -42.30 44.02 27.45
CA SER D 31 -42.02 44.58 26.14
C SER D 31 -41.68 46.06 26.22
N ASN D 32 -41.16 46.48 27.37
CA ASN D 32 -40.91 47.88 27.64
C ASN D 32 -39.62 47.99 28.43
N TYR D 33 -39.37 49.17 28.99
CA TYR D 33 -38.16 49.42 29.75
C TYR D 33 -38.52 49.71 31.20
N MET D 34 -37.77 49.12 32.12
CA MET D 34 -38.06 49.29 33.53
C MET D 34 -36.76 49.20 34.32
N SER D 35 -36.80 49.65 35.57
CA SER D 35 -35.59 49.75 36.38
C SER D 35 -35.89 49.51 37.86
N TRP D 36 -34.95 48.86 38.53
CA TRP D 36 -34.97 48.67 39.97
C TRP D 36 -33.81 49.42 40.61
N VAL D 37 -34.08 50.10 41.73
CA VAL D 37 -33.11 50.95 42.40
C VAL D 37 -33.40 50.91 43.89
N ARG D 38 -32.47 51.44 44.70
CA ARG D 38 -32.70 51.53 46.14
C ARG D 38 -31.87 52.66 46.74
N GLN D 39 -32.40 53.24 47.83
CA GLN D 39 -31.77 54.37 48.51
C GLN D 39 -31.45 54.00 49.94
N ALA D 40 -30.16 54.10 50.30
CA ALA D 40 -29.70 53.90 51.68
C ALA D 40 -30.23 55.03 52.57
N PRO D 41 -30.38 54.80 53.88
CA PRO D 41 -30.80 55.88 54.77
C PRO D 41 -29.85 57.06 54.72
N GLY D 42 -30.35 58.22 54.28
CA GLY D 42 -29.49 59.37 54.08
C GLY D 42 -28.55 59.25 52.92
N LYS D 43 -29.08 59.04 51.71
CA LYS D 43 -28.25 58.72 50.55
C LYS D 43 -29.09 58.92 49.28
N GLY D 44 -28.41 59.08 48.16
CA GLY D 44 -29.05 59.07 46.86
C GLY D 44 -29.42 57.66 46.42
N LEU D 45 -29.79 57.50 45.17
CA LEU D 45 -30.34 56.25 44.69
C LEU D 45 -29.25 55.39 44.06
N GLU D 46 -29.46 54.07 44.08
CA GLU D 46 -28.46 53.11 43.62
C GLU D 46 -29.02 52.34 42.43
N TRP D 47 -28.40 52.54 41.27
CA TRP D 47 -28.85 51.91 40.05
C TRP D 47 -28.48 50.43 40.03
N VAL D 48 -29.36 49.60 40.57
CA VAL D 48 -29.04 48.18 40.69
C VAL D 48 -29.47 47.36 39.49
N SER D 49 -30.55 47.71 38.78
CA SER D 49 -30.91 46.87 37.66
C SER D 49 -31.80 47.63 36.70
N VAL D 50 -31.80 47.16 35.44
CA VAL D 50 -32.74 47.60 34.42
C VAL D 50 -33.10 46.40 33.56
N ILE D 51 -34.23 46.50 32.88
CA ILE D 51 -34.65 45.51 31.90
C ILE D 51 -35.18 46.26 30.68
N TYR D 52 -34.72 45.87 29.50
CA TYR D 52 -35.07 46.57 28.28
C TYR D 52 -36.30 45.94 27.65
N SER D 53 -36.78 46.53 26.56
CA SER D 53 -37.78 45.88 25.73
C SER D 53 -37.24 44.57 25.14
N GLY D 54 -35.96 44.54 24.83
CA GLY D 54 -35.34 43.33 24.32
C GLY D 54 -34.90 42.41 25.44
N GLY D 55 -35.46 42.63 26.64
CA GLY D 55 -35.14 41.81 27.77
C GLY D 55 -33.71 41.96 28.27
N SER D 56 -32.94 42.90 27.75
CA SER D 56 -31.57 43.04 28.19
C SER D 56 -31.50 43.71 29.55
N THR D 57 -30.41 43.44 30.26
CA THR D 57 -30.30 43.73 31.67
C THR D 57 -28.91 44.27 31.97
N TYR D 58 -28.83 45.10 33.00
CA TYR D 58 -27.54 45.62 33.46
C TYR D 58 -27.58 45.78 34.97
N TYR D 59 -26.41 45.71 35.57
CA TYR D 59 -26.24 45.95 37.00
C TYR D 59 -25.00 46.81 37.20
N ALA D 60 -25.03 47.57 38.30
CA ALA D 60 -23.87 48.39 38.67
C ALA D 60 -22.83 47.50 39.33
N ASP D 61 -21.84 48.14 39.95
CA ASP D 61 -20.62 47.42 40.33
C ASP D 61 -20.85 46.50 41.51
N SER D 62 -21.24 47.05 42.67
CA SER D 62 -21.49 46.19 43.84
C SER D 62 -22.69 45.26 43.69
N VAL D 63 -23.39 45.32 42.56
CA VAL D 63 -24.53 44.45 42.34
C VAL D 63 -24.34 43.54 41.13
N LYS D 64 -23.25 43.69 40.38
CA LYS D 64 -22.99 42.78 39.28
C LYS D 64 -22.64 41.39 39.79
N GLY D 65 -23.09 40.37 39.08
CA GLY D 65 -22.85 39.00 39.45
C GLY D 65 -23.84 38.42 40.43
N ARG D 66 -24.47 39.25 41.26
CA ARG D 66 -25.36 38.77 42.31
C ARG D 66 -26.80 39.21 42.11
N PHE D 67 -27.02 40.41 41.61
CA PHE D 67 -28.40 40.89 41.43
C PHE D 67 -28.95 40.41 40.10
N THR D 68 -30.25 40.08 40.11
CA THR D 68 -30.92 39.45 38.98
C THR D 68 -32.36 39.93 38.95
N ILE D 69 -32.82 40.37 37.78
CA ILE D 69 -34.15 40.95 37.61
C ILE D 69 -35.09 39.89 37.04
N SER D 70 -36.40 40.05 37.27
CA SER D 70 -37.38 39.08 36.81
C SER D 70 -38.75 39.77 36.73
N ARG D 71 -39.72 39.08 36.11
CA ARG D 71 -41.10 39.57 36.04
C ARG D 71 -41.99 38.54 35.38
N ASP D 72 -43.28 38.54 35.77
CA ASP D 72 -44.21 37.76 34.97
C ASP D 72 -44.31 38.35 33.58
N ASN D 73 -44.75 37.49 32.66
CA ASN D 73 -44.81 37.82 31.25
C ASN D 73 -45.78 38.97 31.00
N SER D 74 -46.96 38.91 31.60
CA SER D 74 -47.95 39.97 31.44
C SER D 74 -47.56 41.15 32.32
N LYS D 75 -48.49 42.10 32.50
CA LYS D 75 -48.28 43.19 33.44
C LYS D 75 -48.56 42.78 34.87
N ASN D 76 -48.51 41.47 35.14
CA ASN D 76 -48.81 40.96 36.47
C ASN D 76 -47.92 41.60 37.52
N THR D 77 -46.60 41.52 37.36
CA THR D 77 -45.69 41.99 38.39
C THR D 77 -44.30 42.14 37.78
N LEU D 78 -43.34 42.48 38.64
CA LEU D 78 -41.96 42.73 38.25
C LEU D 78 -41.09 42.44 39.46
N TYR D 79 -40.03 41.68 39.26
CA TYR D 79 -39.20 41.20 40.35
C TYR D 79 -37.81 41.84 40.31
N LEU D 80 -37.04 41.56 41.36
CA LEU D 80 -35.62 41.91 41.45
C LEU D 80 -35.02 40.98 42.50
N GLN D 81 -34.19 40.04 42.04
CA GLN D 81 -33.63 39.02 42.92
C GLN D 81 -32.20 39.36 43.29
N MET D 82 -31.85 39.12 44.54
CA MET D 82 -30.57 39.52 45.10
C MET D 82 -29.89 38.33 45.76
N ASN D 83 -28.56 38.34 45.73
CA ASN D 83 -27.78 37.23 46.25
C ASN D 83 -26.59 37.76 47.05
N SER D 84 -26.22 37.01 48.09
CA SER D 84 -25.04 37.30 48.90
C SER D 84 -25.09 38.74 49.42
N LEU D 85 -26.07 38.98 50.27
CA LEU D 85 -26.42 40.33 50.70
C LEU D 85 -25.44 40.82 51.78
N ARG D 86 -25.04 42.08 51.66
CA ARG D 86 -24.08 42.69 52.58
C ARG D 86 -24.75 43.80 53.39
N ALA D 87 -24.02 44.32 54.38
CA ALA D 87 -24.55 45.37 55.24
C ALA D 87 -24.66 46.69 54.50
N GLU D 88 -23.81 46.91 53.51
CA GLU D 88 -23.89 48.13 52.70
C GLU D 88 -25.23 48.24 51.98
N ASP D 89 -25.82 47.10 51.57
CA ASP D 89 -27.04 47.05 50.79
C ASP D 89 -28.25 47.56 51.57
N THR D 90 -28.04 48.05 52.79
CA THR D 90 -29.15 48.51 53.62
C THR D 90 -29.74 49.78 52.98
N ALA D 91 -30.83 49.60 52.24
CA ALA D 91 -31.38 50.66 51.41
C ALA D 91 -32.81 50.31 51.10
N VAL D 92 -33.74 51.20 51.47
CA VAL D 92 -35.13 51.00 51.10
C VAL D 92 -35.25 50.97 49.59
N TYR D 93 -35.95 49.97 49.07
CA TYR D 93 -36.03 49.75 47.64
C TYR D 93 -37.05 50.68 47.00
N TYR D 94 -36.86 50.94 45.71
CA TYR D 94 -37.84 51.65 44.90
C TYR D 94 -37.74 51.15 43.47
N CYS D 95 -38.84 51.28 42.75
CA CYS D 95 -38.87 51.02 41.33
C CYS D 95 -38.83 52.34 40.59
N ALA D 96 -38.15 52.35 39.44
CA ALA D 96 -37.98 53.57 38.66
C ALA D 96 -38.52 53.30 37.26
N ARG D 97 -39.76 53.71 37.02
CA ARG D 97 -40.32 53.64 35.69
C ARG D 97 -39.48 54.48 34.73
N GLY D 98 -38.73 53.81 33.87
CA GLY D 98 -37.73 54.47 33.05
C GLY D 98 -36.54 53.56 32.79
N GLU D 99 -35.62 54.10 32.00
CA GLU D 99 -34.50 53.32 31.49
C GLU D 99 -33.27 54.21 31.31
N GLY D 100 -32.41 54.27 32.32
CA GLY D 100 -31.13 54.96 32.18
C GLY D 100 -31.21 56.49 32.17
N TRP D 101 -30.13 57.08 31.67
CA TRP D 101 -30.06 58.55 31.58
C TRP D 101 -31.11 59.09 30.62
N GLU D 102 -31.26 58.48 29.46
CA GLU D 102 -32.42 58.73 28.63
C GLU D 102 -33.66 58.24 29.36
N LEU D 103 -34.82 58.72 28.91
CA LEU D 103 -36.11 58.28 29.44
C LEU D 103 -36.07 58.41 30.96
N PRO D 104 -36.12 59.63 31.49
CA PRO D 104 -35.91 59.82 32.94
C PRO D 104 -36.91 59.06 33.79
N TYR D 105 -36.54 58.80 35.04
CA TYR D 105 -37.43 58.09 35.96
C TYR D 105 -38.47 59.06 36.49
N ASP D 106 -39.74 58.72 36.35
CA ASP D 106 -40.80 59.62 36.78
C ASP D 106 -41.77 58.95 37.74
N TYR D 107 -42.04 57.66 37.52
CA TYR D 107 -43.02 56.94 38.32
C TYR D 107 -42.30 55.90 39.18
N TRP D 108 -42.67 55.84 40.45
CA TRP D 108 -41.99 55.00 41.41
C TRP D 108 -43.02 54.20 42.20
N GLY D 109 -42.52 53.38 43.12
CA GLY D 109 -43.36 52.66 44.05
C GLY D 109 -43.62 53.47 45.31
N GLN D 110 -44.54 52.95 46.12
CA GLN D 110 -44.86 53.61 47.38
C GLN D 110 -43.73 53.54 48.40
N GLY D 111 -42.77 52.64 48.19
CA GLY D 111 -41.63 52.52 49.08
C GLY D 111 -41.68 51.32 50.00
N THR D 112 -40.86 50.32 49.71
CA THR D 112 -40.76 49.12 50.53
C THR D 112 -39.53 49.24 51.41
N LEU D 113 -39.71 49.01 52.71
CA LEU D 113 -38.60 49.11 53.66
C LEU D 113 -37.81 47.81 53.67
N VAL D 114 -36.63 47.84 53.07
CA VAL D 114 -35.78 46.66 52.95
C VAL D 114 -34.42 46.98 53.55
N THR D 115 -34.19 46.50 54.76
CA THR D 115 -32.93 46.70 55.46
C THR D 115 -32.06 45.47 55.25
N VAL D 116 -30.90 45.67 54.62
CA VAL D 116 -29.98 44.59 54.32
C VAL D 116 -28.77 44.73 55.23
N SER D 117 -28.67 43.85 56.22
CA SER D 117 -27.61 43.95 57.22
C SER D 117 -27.21 42.56 57.72
N VAL E 2 -13.57 31.56 75.57
CA VAL E 2 -14.11 30.52 74.71
C VAL E 2 -15.63 30.51 74.78
N GLN E 3 -16.25 31.49 74.12
CA GLN E 3 -17.70 31.64 74.12
C GLN E 3 -18.26 30.87 72.93
N LEU E 4 -18.56 29.59 73.14
CA LEU E 4 -19.07 28.71 72.10
C LEU E 4 -20.58 28.57 72.28
N VAL E 5 -21.32 29.53 71.77
CA VAL E 5 -22.77 29.58 71.90
C VAL E 5 -23.39 28.88 70.70
N GLU E 6 -23.62 27.59 70.84
CA GLU E 6 -24.28 26.80 69.81
C GLU E 6 -25.77 27.07 69.81
N SER E 7 -26.31 27.33 68.61
CA SER E 7 -27.68 27.79 68.46
C SER E 7 -28.31 27.23 67.19
N GLY E 8 -29.63 27.11 67.19
CA GLY E 8 -30.33 26.53 66.06
C GLY E 8 -30.81 25.13 66.39
N GLY E 9 -30.70 24.73 67.65
CA GLY E 9 -31.12 23.43 68.05
C GLY E 9 -32.57 23.40 68.51
N GLY E 10 -33.19 22.24 68.30
CA GLY E 10 -34.58 22.07 68.69
C GLY E 10 -35.12 20.76 68.16
N LEU E 11 -36.45 20.65 68.19
CA LEU E 11 -37.16 19.48 67.71
C LEU E 11 -37.37 19.59 66.21
N ILE E 12 -37.01 18.54 65.49
CA ILE E 12 -37.12 18.54 64.04
C ILE E 12 -37.41 17.11 63.59
N GLN E 13 -38.23 16.99 62.57
CA GLN E 13 -38.49 15.70 61.95
C GLN E 13 -37.40 15.39 60.94
N PRO E 14 -37.25 14.12 60.57
CA PRO E 14 -36.21 13.74 59.60
C PRO E 14 -36.31 14.54 58.32
N GLY E 15 -35.16 15.01 57.83
CA GLY E 15 -35.05 15.74 56.58
C GLY E 15 -34.38 17.10 56.70
N GLY E 16 -34.55 17.76 57.85
CA GLY E 16 -33.99 19.08 58.03
C GLY E 16 -32.49 19.07 58.20
N SER E 17 -31.91 20.27 58.09
CA SER E 17 -30.47 20.45 58.25
C SER E 17 -30.22 21.61 59.21
N LEU E 18 -29.99 21.27 60.48
CA LEU E 18 -29.78 22.27 61.52
C LEU E 18 -28.35 22.78 61.45
N ARG E 19 -28.19 23.97 60.88
CA ARG E 19 -26.88 24.61 60.75
C ARG E 19 -26.50 25.15 62.12
N LEU E 20 -26.03 24.28 63.00
CA LEU E 20 -25.58 24.74 64.30
C LEU E 20 -24.45 25.75 64.14
N SER E 21 -24.57 26.84 64.88
CA SER E 21 -23.60 27.94 64.77
C SER E 21 -22.83 27.98 66.09
N CYS E 22 -21.72 27.25 66.14
CA CYS E 22 -20.82 27.28 67.28
C CYS E 22 -19.90 28.47 67.12
N ALA E 23 -20.27 29.58 67.74
CA ALA E 23 -19.46 30.78 67.67
C ALA E 23 -18.06 30.51 68.18
N ALA E 24 -17.07 30.90 67.39
CA ALA E 24 -15.67 30.73 67.73
C ALA E 24 -15.15 32.02 68.36
N SER E 25 -16.02 32.71 69.09
CA SER E 25 -15.68 34.03 69.60
C SER E 25 -14.47 33.98 70.53
N GLY E 26 -14.39 32.95 71.37
CA GLY E 26 -13.27 32.86 72.29
C GLY E 26 -12.08 32.11 71.74
N PHE E 27 -12.33 31.04 70.97
CA PHE E 27 -11.25 30.21 70.45
C PHE E 27 -11.48 29.92 68.97
N THR E 28 -10.39 29.68 68.25
CA THR E 28 -10.43 29.56 66.80
C THR E 28 -11.09 28.25 66.37
N VAL E 29 -11.80 28.30 65.24
CA VAL E 29 -12.22 27.10 64.53
C VAL E 29 -11.52 26.94 63.20
N SER E 30 -10.81 27.97 62.74
CA SER E 30 -10.12 27.94 61.45
C SER E 30 -8.65 27.61 61.63
N SER E 31 -8.09 26.90 60.65
CA SER E 31 -6.68 26.52 60.63
C SER E 31 -6.30 25.78 61.91
N ASN E 32 -7.28 25.12 62.51
CA ASN E 32 -7.08 24.47 63.80
C ASN E 32 -7.87 23.17 63.80
N TYR E 33 -8.02 22.58 64.98
CA TYR E 33 -8.72 21.31 65.13
C TYR E 33 -9.97 21.54 65.97
N MET E 34 -11.08 20.95 65.53
CA MET E 34 -12.35 21.13 66.24
C MET E 34 -13.20 19.89 66.07
N SER E 35 -14.23 19.75 66.90
CA SER E 35 -15.03 18.53 66.93
C SER E 35 -16.48 18.84 67.29
N TRP E 36 -17.39 18.09 66.67
CA TRP E 36 -18.80 18.13 66.99
C TRP E 36 -19.23 16.78 67.55
N VAL E 37 -20.04 16.80 68.61
CA VAL E 37 -20.45 15.60 69.34
C VAL E 37 -21.85 15.84 69.89
N ARG E 38 -22.50 14.78 70.37
CA ARG E 38 -23.82 14.92 70.99
C ARG E 38 -24.05 13.79 71.99
N GLN E 39 -24.85 14.08 73.02
CA GLN E 39 -25.15 13.13 74.09
C GLN E 39 -26.65 12.88 74.15
N ALA E 40 -27.04 11.61 74.00
CA ALA E 40 -28.42 11.19 74.15
C ALA E 40 -28.85 11.33 75.62
N PRO E 41 -30.16 11.49 75.88
CA PRO E 41 -30.61 11.56 77.29
C PRO E 41 -30.23 10.31 78.06
N GLY E 42 -29.41 10.48 79.10
CA GLY E 42 -28.89 9.34 79.82
C GLY E 42 -27.89 8.52 79.05
N LYS E 43 -26.79 9.11 78.61
CA LYS E 43 -25.85 8.45 77.72
C LYS E 43 -24.56 9.24 77.70
N GLY E 44 -23.48 8.58 77.27
CA GLY E 44 -22.22 9.25 77.01
C GLY E 44 -22.26 10.02 75.70
N LEU E 45 -21.10 10.47 75.23
CA LEU E 45 -21.02 11.37 74.10
C LEU E 45 -20.80 10.59 72.80
N GLU E 46 -21.24 11.16 71.69
CA GLU E 46 -21.18 10.50 70.39
C GLU E 46 -20.28 11.29 69.45
N TRP E 47 -19.16 10.69 69.07
CA TRP E 47 -18.19 11.34 68.22
C TRP E 47 -18.69 11.40 66.78
N VAL E 48 -19.42 12.46 66.45
CA VAL E 48 -20.02 12.56 65.13
C VAL E 48 -19.13 13.24 64.11
N SER E 49 -18.30 14.21 64.49
CA SER E 49 -17.49 14.83 63.46
C SER E 49 -16.26 15.49 64.07
N VAL E 50 -15.24 15.67 63.23
CA VAL E 50 -14.08 16.48 63.54
C VAL E 50 -13.64 17.19 62.27
N ILE E 51 -12.89 18.28 62.45
CA ILE E 51 -12.28 19.00 61.34
C ILE E 51 -10.85 19.34 61.77
N TYR E 52 -9.89 19.05 60.88
CA TYR E 52 -8.48 19.23 61.20
C TYR E 52 -8.03 20.62 60.77
N SER E 53 -6.76 20.93 61.06
CA SER E 53 -6.14 22.11 60.47
C SER E 53 -6.05 21.98 58.96
N GLY E 54 -5.86 20.77 58.46
CA GLY E 54 -5.82 20.54 57.03
C GLY E 54 -7.20 20.35 56.46
N GLY E 55 -8.22 20.78 57.21
CA GLY E 55 -9.59 20.65 56.78
C GLY E 55 -10.10 19.24 56.67
N SER E 56 -9.34 18.26 57.13
CA SER E 56 -9.80 16.88 57.02
C SER E 56 -10.87 16.58 58.05
N THR E 57 -11.68 15.57 57.75
CA THR E 57 -12.93 15.34 58.46
C THR E 57 -13.12 13.85 58.66
N TYR E 58 -13.82 13.49 59.73
CA TYR E 58 -14.16 12.11 59.98
C TYR E 58 -15.52 12.04 60.64
N TYR E 59 -16.20 10.91 60.45
CA TYR E 59 -17.47 10.64 61.11
C TYR E 59 -17.45 9.20 61.60
N ALA E 60 -18.22 8.97 62.66
CA ALA E 60 -18.38 7.62 63.19
C ALA E 60 -19.37 6.85 62.33
N ASP E 61 -19.81 5.70 62.83
CA ASP E 61 -20.46 4.72 61.97
C ASP E 61 -21.88 5.15 61.61
N SER E 62 -22.76 5.34 62.60
CA SER E 62 -24.13 5.78 62.29
C SER E 62 -24.21 7.19 61.74
N VAL E 63 -23.10 7.88 61.61
CA VAL E 63 -23.11 9.24 61.07
C VAL E 63 -22.28 9.36 59.80
N LYS E 64 -21.59 8.30 59.38
CA LYS E 64 -20.86 8.35 58.11
C LYS E 64 -21.84 8.39 56.94
N GLY E 65 -21.47 9.15 55.91
CA GLY E 65 -22.29 9.28 54.73
C GLY E 65 -23.34 10.36 54.81
N ARG E 66 -23.81 10.71 56.01
CA ARG E 66 -24.90 11.65 56.19
C ARG E 66 -24.48 12.91 56.91
N PHE E 67 -23.59 12.80 57.90
CA PHE E 67 -23.18 13.98 58.64
C PHE E 67 -22.06 14.70 57.92
N THR E 68 -22.09 16.04 57.98
CA THR E 68 -21.19 16.90 57.22
C THR E 68 -20.91 18.15 58.06
N ILE E 69 -19.63 18.51 58.19
CA ILE E 69 -19.19 19.62 59.02
C ILE E 69 -18.94 20.84 58.13
N SER E 70 -19.02 22.03 58.73
CA SER E 70 -18.85 23.28 57.97
C SER E 70 -18.46 24.40 58.94
N ARG E 71 -18.04 25.54 58.39
CA ARG E 71 -17.73 26.72 59.20
C ARG E 71 -17.38 27.90 58.30
N ASP E 72 -17.66 29.11 58.79
CA ASP E 72 -17.12 30.25 58.07
C ASP E 72 -15.60 30.24 58.16
N ASN E 73 -15.00 30.93 57.21
CA ASN E 73 -13.56 30.94 57.06
C ASN E 73 -12.88 31.56 58.28
N SER E 74 -13.39 32.68 58.76
CA SER E 74 -12.83 33.33 59.93
C SER E 74 -13.28 32.59 61.17
N LYS E 75 -13.09 33.20 62.35
CA LYS E 75 -13.61 32.66 63.59
C LYS E 75 -15.08 32.99 63.77
N ASN E 76 -15.77 33.31 62.68
CA ASN E 76 -17.17 33.69 62.74
C ASN E 76 -18.01 32.62 63.43
N THR E 77 -17.97 31.40 62.93
CA THR E 77 -18.84 30.35 63.45
C THR E 77 -18.30 29.00 63.00
N LEU E 78 -19.07 27.95 63.32
CA LEU E 78 -18.70 26.58 63.02
C LEU E 78 -19.99 25.77 62.92
N TYR E 79 -20.12 24.99 61.87
CA TYR E 79 -21.36 24.29 61.58
C TYR E 79 -21.20 22.78 61.75
N LEU E 80 -22.33 22.08 61.63
CA LEU E 80 -22.40 20.62 61.59
C LEU E 80 -23.72 20.26 60.93
N GLN E 81 -23.66 19.76 59.70
CA GLN E 81 -24.86 19.49 58.93
C GLN E 81 -25.19 18.00 58.95
N MET E 82 -26.47 17.70 59.05
CA MET E 82 -26.94 16.33 59.25
C MET E 82 -28.01 16.00 58.22
N ASN E 83 -28.06 14.72 57.85
CA ASN E 83 -28.96 14.27 56.79
C ASN E 83 -29.62 12.96 57.21
N SER E 84 -30.87 12.78 56.79
CA SER E 84 -31.62 11.54 56.99
C SER E 84 -31.62 11.15 58.47
N LEU E 85 -32.28 12.00 59.24
CA LEU E 85 -32.21 11.93 60.70
C LEU E 85 -33.12 10.82 61.23
N ARG E 86 -32.63 10.08 62.21
CA ARG E 86 -33.36 8.96 62.80
C ARG E 86 -33.70 9.24 64.26
N ALA E 87 -34.51 8.36 64.85
CA ALA E 87 -34.93 8.55 66.24
C ALA E 87 -33.81 8.31 67.21
N GLU E 88 -32.85 7.45 66.84
CA GLU E 88 -31.68 7.22 67.68
C GLU E 88 -30.87 8.49 67.91
N ASP E 89 -30.83 9.39 66.92
CA ASP E 89 -30.03 10.62 66.95
C ASP E 89 -30.52 11.60 68.00
N THR E 90 -31.52 11.22 68.80
CA THR E 90 -32.07 12.12 69.81
C THR E 90 -31.02 12.34 70.89
N ALA E 91 -30.31 13.46 70.79
CA ALA E 91 -29.15 13.72 71.62
C ALA E 91 -28.88 15.20 71.60
N VAL E 92 -28.87 15.83 72.78
CA VAL E 92 -28.50 17.23 72.87
C VAL E 92 -27.08 17.41 72.37
N TYR E 93 -26.87 18.37 71.50
CA TYR E 93 -25.59 18.56 70.82
C TYR E 93 -24.63 19.30 71.73
N TYR E 94 -23.33 19.09 71.49
CA TYR E 94 -22.28 19.85 72.13
C TYR E 94 -21.10 19.94 71.17
N CYS E 95 -20.31 20.99 71.36
CA CYS E 95 -19.05 21.15 70.65
C CYS E 95 -17.92 20.75 71.58
N ALA E 96 -16.88 20.14 71.01
CA ALA E 96 -15.74 19.66 71.79
C ALA E 96 -14.49 20.29 71.24
N ARG E 97 -14.04 21.38 71.88
CA ARG E 97 -12.78 21.98 71.51
C ARG E 97 -11.66 20.97 71.71
N GLY E 98 -11.11 20.47 70.61
CA GLY E 98 -10.19 19.36 70.65
C GLY E 98 -10.31 18.48 69.42
N GLU E 99 -9.45 17.47 69.38
CA GLU E 99 -9.31 16.64 68.19
C GLU E 99 -8.92 15.22 68.59
N GLY E 100 -9.90 14.33 68.74
CA GLY E 100 -9.62 12.92 68.95
C GLY E 100 -9.12 12.57 70.35
N TRP E 101 -8.50 11.38 70.42
CA TRP E 101 -7.95 10.89 71.68
C TRP E 101 -6.80 11.79 72.15
N GLU E 102 -5.90 12.13 71.24
CA GLU E 102 -4.96 13.21 71.52
C GLU E 102 -5.73 14.52 71.66
N LEU E 103 -5.07 15.50 72.27
CA LEU E 103 -5.64 16.84 72.41
C LEU E 103 -7.02 16.71 73.04
N PRO E 104 -7.11 16.40 74.33
CA PRO E 104 -8.43 16.10 74.92
C PRO E 104 -9.42 17.25 74.81
N TYR E 105 -10.70 16.93 74.88
CA TYR E 105 -11.75 17.94 74.80
C TYR E 105 -11.85 18.64 76.16
N ASP E 106 -11.76 19.96 76.15
CA ASP E 106 -11.80 20.71 77.40
C ASP E 106 -12.86 21.79 77.39
N TYR E 107 -13.05 22.43 76.23
CA TYR E 107 -13.98 23.54 76.12
C TYR E 107 -15.18 23.12 75.28
N TRP E 108 -16.39 23.45 75.75
CA TRP E 108 -17.62 23.00 75.13
C TRP E 108 -18.55 24.19 74.97
N GLY E 109 -19.73 23.91 74.39
CA GLY E 109 -20.78 24.88 74.29
C GLY E 109 -21.68 24.87 75.51
N GLN E 110 -22.56 25.85 75.58
CA GLN E 110 -23.50 25.94 76.68
C GLN E 110 -24.56 24.83 76.64
N GLY E 111 -24.72 24.18 75.49
CA GLY E 111 -25.68 23.09 75.38
C GLY E 111 -26.93 23.45 74.61
N THR E 112 -27.04 22.96 73.38
CA THR E 112 -28.22 23.18 72.56
C THR E 112 -29.09 21.93 72.62
N LEU E 113 -30.38 22.12 72.90
CA LEU E 113 -31.31 21.00 73.00
C LEU E 113 -31.79 20.62 71.61
N VAL E 114 -31.29 19.50 71.10
CA VAL E 114 -31.63 19.02 69.76
C VAL E 114 -32.18 17.60 69.87
N THR E 115 -33.49 17.48 69.78
CA THR E 115 -34.16 16.19 69.84
C THR E 115 -34.43 15.72 68.43
N VAL E 116 -33.85 14.58 68.07
CA VAL E 116 -33.99 14.00 66.74
C VAL E 116 -34.87 12.77 66.83
N SER E 117 -36.11 12.89 66.36
CA SER E 117 -37.07 11.82 66.48
C SER E 117 -38.03 11.81 65.29
N VAL F 2 -59.33 0.82 58.31
CA VAL F 2 -58.84 1.67 57.23
C VAL F 2 -58.83 3.13 57.66
N GLN F 3 -57.84 3.47 58.49
CA GLN F 3 -57.70 4.83 59.02
C GLN F 3 -56.83 5.64 58.08
N LEU F 4 -57.45 6.28 57.09
CA LEU F 4 -56.74 7.05 56.07
C LEU F 4 -56.88 8.53 56.44
N VAL F 5 -56.02 8.99 57.33
CA VAL F 5 -56.05 10.36 57.82
C VAL F 5 -55.12 11.20 56.94
N GLU F 6 -55.69 11.78 55.89
CA GLU F 6 -54.95 12.67 55.02
C GLU F 6 -54.77 14.04 55.69
N SER F 7 -53.53 14.53 55.64
CA SER F 7 -53.16 15.72 56.39
C SER F 7 -52.12 16.54 55.62
N GLY F 8 -52.08 17.85 55.88
CA GLY F 8 -51.19 18.73 55.17
C GLY F 8 -51.94 19.57 54.16
N GLY F 9 -53.27 19.50 54.20
CA GLY F 9 -54.08 20.27 53.29
C GLY F 9 -54.43 21.64 53.82
N GLY F 10 -54.60 22.57 52.89
CA GLY F 10 -54.94 23.93 53.25
C GLY F 10 -54.87 24.84 52.05
N LEU F 11 -54.86 26.14 52.32
CA LEU F 11 -54.76 27.17 51.30
C LEU F 11 -53.30 27.41 50.95
N ILE F 12 -53.02 27.40 49.65
CA ILE F 12 -51.66 27.57 49.18
C ILE F 12 -51.70 28.26 47.83
N GLN F 13 -50.73 29.13 47.60
CA GLN F 13 -50.58 29.76 46.30
C GLN F 13 -49.81 28.85 45.36
N PRO F 14 -49.90 29.08 44.05
CA PRO F 14 -49.19 28.23 43.10
C PRO F 14 -47.70 28.16 43.40
N GLY F 15 -47.15 26.93 43.34
CA GLY F 15 -45.73 26.68 43.53
C GLY F 15 -45.42 25.66 44.60
N GLY F 16 -46.26 25.58 45.63
CA GLY F 16 -46.00 24.67 46.73
C GLY F 16 -46.26 23.22 46.36
N SER F 17 -45.78 22.34 47.24
CA SER F 17 -45.94 20.91 47.06
C SER F 17 -46.46 20.31 48.35
N LEU F 18 -47.77 20.11 48.43
CA LEU F 18 -48.43 19.59 49.62
C LEU F 18 -48.26 18.08 49.66
N ARG F 19 -47.32 17.61 50.48
CA ARG F 19 -47.06 16.19 50.65
C ARG F 19 -48.18 15.62 51.51
N LEU F 20 -49.33 15.36 50.89
CA LEU F 20 -50.43 14.75 51.63
C LEU F 20 -50.00 13.39 52.17
N SER F 21 -50.30 13.16 53.44
CA SER F 21 -49.88 11.94 54.11
C SER F 21 -51.14 11.12 54.40
N CYS F 22 -51.50 10.27 53.45
CA CYS F 22 -52.62 9.34 53.61
C CYS F 22 -52.10 8.13 54.37
N ALA F 23 -52.29 8.15 55.69
CA ALA F 23 -51.85 7.04 56.51
C ALA F 23 -52.51 5.75 56.05
N ALA F 24 -51.69 4.73 55.86
CA ALA F 24 -52.15 3.41 55.44
C ALA F 24 -52.32 2.53 56.67
N SER F 25 -52.73 3.15 57.78
CA SER F 25 -52.77 2.42 59.05
C SER F 25 -53.72 1.23 58.98
N GLY F 26 -54.87 1.40 58.34
CA GLY F 26 -55.83 0.32 58.26
C GLY F 26 -55.63 -0.58 57.06
N PHE F 27 -55.26 -0.02 55.91
CA PHE F 27 -55.12 -0.80 54.69
C PHE F 27 -53.83 -0.43 53.98
N THR F 28 -53.29 -1.38 53.22
CA THR F 28 -51.97 -1.23 52.62
C THR F 28 -51.99 -0.22 51.47
N VAL F 29 -50.87 0.50 51.33
CA VAL F 29 -50.60 1.27 50.12
C VAL F 29 -49.43 0.70 49.33
N SER F 30 -48.70 -0.26 49.89
CA SER F 30 -47.53 -0.84 49.23
C SER F 30 -47.90 -2.17 48.59
N SER F 31 -47.25 -2.46 47.47
CA SER F 31 -47.45 -3.72 46.73
C SER F 31 -48.92 -3.93 46.39
N ASN F 32 -49.66 -2.83 46.28
CA ASN F 32 -51.10 -2.90 46.10
C ASN F 32 -51.50 -1.78 45.15
N TYR F 33 -52.80 -1.52 45.06
CA TYR F 33 -53.33 -0.50 44.17
C TYR F 33 -53.97 0.60 45.00
N MET F 34 -53.70 1.85 44.65
CA MET F 34 -54.24 2.98 45.40
C MET F 34 -54.45 4.15 44.46
N SER F 35 -55.22 5.15 44.91
CA SER F 35 -55.61 6.25 44.04
C SER F 35 -55.77 7.54 44.84
N TRP F 36 -55.39 8.65 44.22
CA TRP F 36 -55.60 9.98 44.76
C TRP F 36 -56.56 10.74 43.85
N VAL F 37 -57.50 11.47 44.47
CA VAL F 37 -58.57 12.16 43.75
C VAL F 37 -58.92 13.42 44.55
N ARG F 38 -59.70 14.31 43.94
CA ARG F 38 -60.16 15.50 44.65
C ARG F 38 -61.47 16.01 44.04
N GLN F 39 -62.29 16.64 44.88
CA GLN F 39 -63.60 17.15 44.49
C GLN F 39 -63.66 18.66 44.70
N ALA F 40 -63.93 19.40 43.61
CA ALA F 40 -64.15 20.84 43.67
C ALA F 40 -65.44 21.15 44.42
N PRO F 41 -65.57 22.33 45.03
CA PRO F 41 -66.83 22.69 45.70
C PRO F 41 -68.01 22.64 44.74
N GLY F 42 -68.97 21.75 45.01
CA GLY F 42 -70.08 21.54 44.10
C GLY F 42 -69.69 20.85 42.81
N LYS F 43 -69.13 19.65 42.89
CA LYS F 43 -68.57 18.98 41.74
C LYS F 43 -68.35 17.51 42.08
N GLY F 44 -68.25 16.68 41.04
CA GLY F 44 -67.84 15.30 41.19
C GLY F 44 -66.35 15.17 41.44
N LEU F 45 -65.82 13.96 41.37
CA LEU F 45 -64.46 13.69 41.76
C LEU F 45 -63.52 13.74 40.55
N GLU F 46 -62.26 14.05 40.80
CA GLU F 46 -61.26 14.24 39.75
C GLU F 46 -60.17 13.20 39.88
N TRP F 47 -60.09 12.32 38.90
CA TRP F 47 -59.12 11.23 38.92
C TRP F 47 -57.73 11.76 38.62
N VAL F 48 -57.01 12.19 39.66
CA VAL F 48 -55.70 12.79 39.46
C VAL F 48 -54.56 11.78 39.47
N SER F 49 -54.63 10.69 40.23
CA SER F 49 -53.49 9.80 40.20
C SER F 49 -53.91 8.41 40.68
N VAL F 50 -53.12 7.41 40.26
CA VAL F 50 -53.20 6.06 40.78
C VAL F 50 -51.79 5.49 40.86
N ILE F 51 -51.62 4.47 41.68
CA ILE F 51 -50.38 3.73 41.78
C ILE F 51 -50.73 2.24 41.82
N TYR F 52 -50.07 1.44 41.00
CA TYR F 52 -50.38 0.03 40.88
C TYR F 52 -49.53 -0.78 41.85
N SER F 53 -49.76 -2.09 41.88
CA SER F 53 -48.85 -2.99 42.57
C SER F 53 -47.48 -2.97 41.91
N GLY F 54 -47.43 -2.79 40.59
CA GLY F 54 -46.17 -2.71 39.88
C GLY F 54 -45.63 -1.30 39.89
N GLY F 55 -46.13 -0.49 40.82
CA GLY F 55 -45.68 0.88 40.93
C GLY F 55 -46.03 1.77 39.77
N SER F 56 -46.86 1.31 38.84
CA SER F 56 -47.19 2.13 37.69
C SER F 56 -48.21 3.19 38.07
N THR F 57 -48.21 4.27 37.30
CA THR F 57 -48.89 5.50 37.68
C THR F 57 -49.57 6.09 36.47
N TYR F 58 -50.66 6.81 36.71
CA TYR F 58 -51.36 7.52 35.65
C TYR F 58 -51.93 8.82 36.20
N TYR F 59 -52.10 9.79 35.31
CA TYR F 59 -52.72 11.05 35.63
C TYR F 59 -53.69 11.42 34.52
N ALA F 60 -54.72 12.18 34.89
CA ALA F 60 -55.67 12.68 33.91
C ALA F 60 -55.08 13.88 33.19
N ASP F 61 -55.92 14.60 32.46
CA ASP F 61 -55.41 15.54 31.47
C ASP F 61 -54.83 16.79 32.12
N SER F 62 -55.65 17.54 32.87
CA SER F 62 -55.13 18.75 33.53
C SER F 62 -54.12 18.46 34.63
N VAL F 63 -53.82 17.20 34.91
CA VAL F 63 -52.86 16.85 35.93
C VAL F 63 -51.67 16.09 35.38
N LYS F 64 -51.67 15.74 34.09
CA LYS F 64 -50.51 15.09 33.49
C LYS F 64 -49.35 16.05 33.39
N GLY F 65 -48.14 15.54 33.61
CA GLY F 65 -46.94 16.34 33.56
C GLY F 65 -46.58 17.05 34.84
N ARG F 66 -47.57 17.34 35.70
CA ARG F 66 -47.34 18.12 36.91
C ARG F 66 -47.62 17.33 38.18
N PHE F 67 -48.63 16.46 38.16
CA PHE F 67 -48.95 15.71 39.37
C PHE F 67 -48.08 14.45 39.46
N THR F 68 -47.68 14.11 40.67
CA THR F 68 -46.73 13.04 40.94
C THR F 68 -47.10 12.38 42.27
N ILE F 69 -47.17 11.05 42.28
CA ILE F 69 -47.59 10.28 43.44
C ILE F 69 -46.36 9.75 44.17
N SER F 70 -46.49 9.46 45.47
CA SER F 70 -45.37 8.98 46.28
C SER F 70 -45.92 8.25 47.50
N ARG F 71 -45.04 7.55 48.22
CA ARG F 71 -45.41 6.89 49.46
C ARG F 71 -44.18 6.26 50.12
N ASP F 72 -44.20 6.18 51.45
CA ASP F 72 -43.17 5.37 52.07
C ASP F 72 -43.35 3.91 51.68
N ASN F 73 -42.25 3.18 51.80
CA ASN F 73 -42.19 1.80 51.36
C ASN F 73 -43.15 0.93 52.14
N SER F 74 -43.19 1.08 53.46
CA SER F 74 -44.09 0.31 54.29
C SER F 74 -45.50 0.90 54.18
N LYS F 75 -46.41 0.48 55.08
CA LYS F 75 -47.72 1.09 55.17
C LYS F 75 -47.69 2.39 55.94
N ASN F 76 -46.52 3.01 56.03
CA ASN F 76 -46.36 4.25 56.80
C ASN F 76 -47.33 5.33 56.30
N THR F 77 -47.29 5.65 55.02
CA THR F 77 -48.07 6.75 54.50
C THR F 77 -48.15 6.64 52.98
N LEU F 78 -48.76 7.64 52.37
CA LEU F 78 -48.98 7.70 50.93
C LEU F 78 -49.10 9.16 50.53
N TYR F 79 -48.37 9.55 49.50
CA TYR F 79 -48.27 10.95 49.12
C TYR F 79 -48.94 11.21 47.78
N LEU F 80 -49.02 12.49 47.43
CA LEU F 80 -49.47 12.96 46.12
C LEU F 80 -48.90 14.37 45.95
N GLN F 81 -47.94 14.50 45.05
CA GLN F 81 -47.23 15.76 44.87
C GLN F 81 -47.73 16.49 43.63
N MET F 82 -47.88 17.80 43.75
CA MET F 82 -48.50 18.63 42.73
C MET F 82 -47.58 19.80 42.37
N ASN F 83 -47.66 20.21 41.11
CA ASN F 83 -46.78 21.25 40.58
C ASN F 83 -47.59 22.23 39.74
N SER F 84 -47.18 23.50 39.78
CA SER F 84 -47.76 24.56 38.95
C SER F 84 -49.27 24.60 39.11
N LEU F 85 -49.68 24.96 40.32
CA LEU F 85 -51.06 24.85 40.75
C LEU F 85 -51.89 26.01 40.19
N ARG F 86 -53.09 25.71 39.72
CA ARG F 86 -53.99 26.68 39.12
C ARG F 86 -55.23 26.88 39.98
N ALA F 87 -56.05 27.86 39.62
CA ALA F 87 -57.25 28.16 40.37
C ALA F 87 -58.31 27.09 40.19
N GLU F 88 -58.32 26.44 39.03
CA GLU F 88 -59.26 25.35 38.79
C GLU F 88 -59.08 24.21 39.78
N ASP F 89 -57.84 23.96 40.23
CA ASP F 89 -57.50 22.86 41.12
C ASP F 89 -58.13 23.00 42.50
N THR F 90 -58.94 24.03 42.71
CA THR F 90 -59.55 24.26 44.02
C THR F 90 -60.55 23.14 44.30
N ALA F 91 -60.11 22.16 45.08
CA ALA F 91 -60.86 20.93 45.26
C ALA F 91 -60.34 20.25 46.52
N VAL F 92 -61.24 20.02 47.48
CA VAL F 92 -60.86 19.28 48.66
C VAL F 92 -60.42 17.88 48.26
N TYR F 93 -59.28 17.45 48.77
CA TYR F 93 -58.65 16.20 48.35
C TYR F 93 -59.31 15.03 49.05
N TYR F 94 -59.23 13.86 48.41
CA TYR F 94 -59.62 12.61 49.03
C TYR F 94 -58.76 11.48 48.46
N CYS F 95 -58.62 10.42 49.24
CA CYS F 95 -57.98 9.22 48.80
C CYS F 95 -59.05 8.19 48.45
N ALA F 96 -58.78 7.40 47.41
CA ALA F 96 -59.75 6.41 46.93
C ALA F 96 -59.08 5.04 46.97
N ARG F 97 -59.33 4.30 48.03
CA ARG F 97 -58.86 2.92 48.10
C ARG F 97 -59.46 2.12 46.95
N GLY F 98 -58.63 1.78 45.98
CA GLY F 98 -59.10 1.22 44.74
C GLY F 98 -58.23 1.63 43.56
N GLU F 99 -58.59 1.09 42.40
CA GLU F 99 -57.77 1.25 41.20
C GLU F 99 -58.65 1.24 39.96
N GLY F 100 -59.05 2.43 39.50
CA GLY F 100 -59.75 2.55 38.22
C GLY F 100 -61.21 2.10 38.24
N TRP F 101 -61.72 1.83 37.03
CA TRP F 101 -63.10 1.39 36.88
C TRP F 101 -63.30 0.01 37.51
N GLU F 102 -62.37 -0.91 37.27
CA GLU F 102 -62.32 -2.12 38.07
C GLU F 102 -61.97 -1.77 39.51
N LEU F 103 -62.23 -2.69 40.42
CA LEU F 103 -61.87 -2.53 41.82
C LEU F 103 -62.42 -1.20 42.31
N PRO F 104 -63.73 -1.07 42.49
CA PRO F 104 -64.32 0.24 42.79
C PRO F 104 -63.77 0.88 44.05
N TYR F 105 -63.87 2.21 44.15
CA TYR F 105 -63.39 2.92 45.32
C TYR F 105 -64.40 2.78 46.45
N ASP F 106 -63.96 2.30 47.60
CA ASP F 106 -64.88 2.07 48.71
C ASP F 106 -64.42 2.80 49.98
N TYR F 107 -63.12 2.86 50.20
CA TYR F 107 -62.58 3.44 51.43
C TYR F 107 -61.86 4.75 51.09
N TRP F 108 -62.12 5.78 51.88
CA TRP F 108 -61.62 7.12 51.60
C TRP F 108 -61.01 7.69 52.87
N GLY F 109 -60.50 8.92 52.75
CA GLY F 109 -60.02 9.66 53.88
C GLY F 109 -61.11 10.47 54.53
N GLN F 110 -60.79 11.05 55.69
CA GLN F 110 -61.75 11.89 56.40
C GLN F 110 -62.01 13.20 55.69
N GLY F 111 -61.15 13.59 54.76
CA GLY F 111 -61.37 14.81 54.00
C GLY F 111 -60.46 15.94 54.41
N THR F 112 -59.46 16.24 53.58
CA THR F 112 -58.55 17.36 53.82
C THR F 112 -58.99 18.53 52.96
N LEU F 113 -59.10 19.71 53.58
CA LEU F 113 -59.53 20.91 52.88
C LEU F 113 -58.33 21.55 52.18
N VAL F 114 -58.27 21.39 50.86
CA VAL F 114 -57.16 21.91 50.07
C VAL F 114 -57.72 22.83 48.99
N THR F 115 -57.61 24.12 49.21
CA THR F 115 -58.07 25.12 48.26
C THR F 115 -56.89 25.58 47.42
N VAL F 116 -56.97 25.35 46.11
CA VAL F 116 -55.91 25.71 45.18
C VAL F 116 -56.38 26.89 44.35
N SER F 117 -55.82 28.06 44.64
CA SER F 117 -56.24 29.29 43.99
C SER F 117 -55.07 30.26 43.84
N SER G 2 -16.58 62.88 40.60
CA SER G 2 -17.40 61.69 40.79
C SER G 2 -18.83 62.06 41.11
N ALA G 3 -19.19 61.96 42.38
CA ALA G 3 -20.50 62.37 42.83
C ALA G 3 -20.68 63.86 42.60
N LEU G 4 -21.93 64.26 42.35
CA LEU G 4 -22.20 65.66 42.02
C LEU G 4 -22.35 66.45 43.31
N THR G 5 -21.23 66.65 44.02
CA THR G 5 -21.27 67.08 45.41
C THR G 5 -21.82 68.49 45.55
N GLN G 6 -22.49 68.73 46.68
CA GLN G 6 -23.22 69.95 46.96
C GLN G 6 -23.11 70.29 48.44
N PRO G 7 -23.15 71.58 48.79
CA PRO G 7 -23.25 71.96 50.21
C PRO G 7 -24.55 71.49 50.82
N PRO G 8 -24.48 70.82 51.97
CA PRO G 8 -25.70 70.15 52.49
C PRO G 8 -26.80 71.13 52.85
N SER G 9 -26.52 72.42 52.92
CA SER G 9 -27.48 73.35 53.49
C SER G 9 -27.43 74.72 52.83
N ALA G 10 -28.61 75.30 52.61
CA ALA G 10 -28.78 76.66 52.14
C ALA G 10 -29.93 77.30 52.89
N SER G 11 -29.74 78.56 53.29
CA SER G 11 -30.76 79.30 54.02
C SER G 11 -31.21 80.47 53.15
N GLY G 12 -32.29 81.12 53.56
CA GLY G 12 -32.79 82.23 52.80
C GLY G 12 -34.12 82.70 53.32
N SER G 13 -34.62 83.70 52.70
CA SER G 13 -35.88 84.34 53.01
C SER G 13 -36.98 83.82 52.08
N PRO G 14 -38.18 83.65 52.60
CA PRO G 14 -39.32 83.32 51.73
C PRO G 14 -39.64 84.49 50.81
N GLY G 15 -39.55 84.24 49.51
CA GLY G 15 -39.81 85.24 48.51
C GLY G 15 -38.63 85.55 47.61
N GLN G 16 -37.42 85.26 48.07
CA GLN G 16 -36.22 85.52 47.29
C GLN G 16 -35.86 84.27 46.50
N SER G 17 -34.78 84.36 45.73
CA SER G 17 -34.25 83.23 44.98
C SER G 17 -33.14 82.57 45.76
N VAL G 18 -32.78 81.36 45.33
CA VAL G 18 -31.59 80.67 45.80
C VAL G 18 -31.09 79.78 44.68
N THR G 19 -29.77 79.67 44.59
CA THR G 19 -29.13 78.82 43.59
C THR G 19 -28.53 77.61 44.29
N ILE G 20 -29.11 76.44 44.02
CA ILE G 20 -28.62 75.18 44.52
C ILE G 20 -27.57 74.69 43.54
N SER G 21 -26.36 74.48 44.04
CA SER G 21 -25.22 74.12 43.21
C SER G 21 -25.21 72.62 42.94
N CYS G 22 -24.35 72.22 42.01
CA CYS G 22 -24.22 70.81 41.64
C CYS G 22 -22.82 70.66 41.05
N THR G 23 -21.90 70.12 41.84
CA THR G 23 -20.48 70.16 41.53
C THR G 23 -19.91 68.76 41.42
N GLY G 24 -19.28 68.49 40.28
CA GLY G 24 -18.45 67.31 40.08
C GLY G 24 -17.30 67.72 39.17
N THR G 25 -16.42 66.77 38.88
CA THR G 25 -15.25 67.09 38.07
C THR G 25 -15.62 67.29 36.61
N SER G 26 -14.62 67.67 35.83
CA SER G 26 -14.72 67.66 34.38
C SER G 26 -14.82 66.25 33.81
N SER G 27 -14.70 65.21 34.64
CA SER G 27 -14.84 63.85 34.14
C SER G 27 -16.25 63.59 33.62
N ASP G 28 -17.26 64.18 34.26
CA ASP G 28 -18.61 64.09 33.74
C ASP G 28 -19.21 65.43 33.34
N VAL G 29 -19.30 66.40 34.26
CA VAL G 29 -20.13 67.58 33.99
C VAL G 29 -19.60 68.38 32.83
N GLY G 30 -18.28 68.29 32.57
CA GLY G 30 -17.67 68.96 31.43
C GLY G 30 -17.40 68.02 30.28
N GLY G 31 -18.22 66.98 30.12
CA GLY G 31 -18.11 66.05 28.99
C GLY G 31 -19.43 65.80 28.27
N TYR G 32 -20.56 65.82 29.00
CA TYR G 32 -21.87 65.57 28.40
C TYR G 32 -22.64 66.87 28.19
N LYS G 33 -23.91 66.74 27.82
CA LYS G 33 -24.82 67.87 27.70
C LYS G 33 -26.12 67.67 28.47
N TYR G 34 -26.28 66.54 29.17
CA TYR G 34 -27.54 66.23 29.85
C TYR G 34 -27.28 66.05 31.34
N VAL G 35 -27.86 66.93 32.16
CA VAL G 35 -27.92 66.75 33.61
C VAL G 35 -29.37 66.47 33.97
N SER G 36 -29.61 66.05 35.21
CA SER G 36 -30.96 65.89 35.71
C SER G 36 -31.01 66.25 37.18
N TRP G 37 -31.80 67.27 37.51
CA TRP G 37 -32.02 67.67 38.88
C TRP G 37 -33.22 66.91 39.43
N TYR G 38 -33.19 66.68 40.74
CA TYR G 38 -34.30 66.04 41.44
C TYR G 38 -34.52 66.74 42.76
N GLN G 39 -35.79 67.01 43.07
CA GLN G 39 -36.15 67.57 44.36
C GLN G 39 -37.23 66.69 44.96
N GLN G 40 -37.15 66.50 46.27
CA GLN G 40 -37.94 65.49 46.96
C GLN G 40 -38.27 65.98 48.35
N HIS G 41 -39.55 66.24 48.62
CA HIS G 41 -39.97 66.41 50.00
C HIS G 41 -39.63 65.15 50.79
N PRO G 42 -39.24 65.28 52.04
CA PRO G 42 -39.01 64.08 52.86
C PRO G 42 -40.23 63.17 52.85
N GLY G 43 -40.10 62.02 52.21
CA GLY G 43 -41.19 61.07 52.06
C GLY G 43 -41.76 60.98 50.66
N LYS G 44 -41.66 62.03 49.86
CA LYS G 44 -42.19 61.98 48.50
C LYS G 44 -41.29 61.15 47.60
N ALA G 45 -41.84 60.79 46.43
CA ALA G 45 -41.06 60.11 45.42
C ALA G 45 -40.03 61.06 44.83
N PRO G 46 -38.84 60.57 44.49
CA PRO G 46 -37.83 61.44 43.85
C PRO G 46 -38.38 62.05 42.58
N LYS G 47 -38.58 63.36 42.61
CA LYS G 47 -39.21 64.10 41.52
C LYS G 47 -38.15 64.92 40.80
N LEU G 48 -38.01 64.67 39.50
CA LEU G 48 -37.00 65.33 38.68
C LEU G 48 -37.32 66.83 38.54
N MET G 49 -36.25 67.63 38.46
CA MET G 49 -36.40 69.08 38.35
C MET G 49 -35.81 69.64 37.05
N ILE G 50 -34.52 69.42 36.80
CA ILE G 50 -33.88 70.05 35.65
C ILE G 50 -33.14 69.04 34.80
N TYR G 51 -33.84 68.48 33.81
CA TYR G 51 -33.24 67.69 32.76
C TYR G 51 -33.41 68.41 31.43
N GLU G 52 -32.38 68.33 30.58
CA GLU G 52 -32.26 69.24 29.45
C GLU G 52 -32.30 70.68 29.96
N VAL G 53 -31.17 71.04 30.59
CA VAL G 53 -31.06 72.07 31.63
C VAL G 53 -31.93 73.29 31.38
N SER G 54 -32.12 73.65 30.12
CA SER G 54 -33.06 74.72 29.81
C SER G 54 -34.51 74.30 30.07
N LYS G 55 -34.78 73.00 30.13
CA LYS G 55 -36.13 72.47 30.32
C LYS G 55 -36.25 71.85 31.69
N ARG G 56 -37.49 71.77 32.15
CA ARG G 56 -37.87 71.10 33.39
C ARG G 56 -39.03 70.17 33.04
N PRO G 57 -39.53 69.33 33.98
CA PRO G 57 -40.70 68.51 33.65
C PRO G 57 -41.93 69.35 33.33
N SER G 58 -43.02 68.68 32.94
CA SER G 58 -44.18 69.38 32.41
C SER G 58 -44.79 70.33 33.43
N GLY G 59 -45.32 69.78 34.52
CA GLY G 59 -46.14 70.57 35.43
C GLY G 59 -45.39 71.31 36.51
N VAL G 60 -44.06 71.21 36.51
CA VAL G 60 -43.29 71.90 37.55
C VAL G 60 -43.46 73.41 37.40
N PRO G 61 -43.50 74.18 38.48
CA PRO G 61 -43.62 75.64 38.34
C PRO G 61 -42.40 76.27 37.67
N ASP G 62 -42.48 77.58 37.42
CA ASP G 62 -41.60 78.27 36.51
C ASP G 62 -40.41 78.94 37.19
N ARG G 63 -40.50 79.22 38.50
CA ARG G 63 -39.40 79.79 39.25
C ARG G 63 -38.13 78.94 39.21
N PHE G 64 -38.24 77.70 38.76
CA PHE G 64 -37.13 76.79 38.56
C PHE G 64 -36.43 77.12 37.24
N SER G 65 -35.70 76.15 36.68
CA SER G 65 -34.89 76.31 35.48
C SER G 65 -33.67 77.21 35.67
N GLY G 66 -32.75 76.78 36.52
CA GLY G 66 -31.40 77.27 36.48
C GLY G 66 -30.67 76.73 35.26
N SER G 67 -29.36 76.95 35.23
CA SER G 67 -28.56 76.60 34.07
C SER G 67 -27.38 75.72 34.50
N LYS G 68 -26.44 75.54 33.57
CA LYS G 68 -25.17 74.89 33.88
C LYS G 68 -24.04 75.76 33.34
N SER G 69 -23.09 76.10 34.20
CA SER G 69 -21.92 76.88 33.81
C SER G 69 -20.69 75.98 33.95
N GLY G 70 -20.19 75.55 32.79
CA GLY G 70 -18.90 74.89 32.73
C GLY G 70 -18.84 73.68 33.62
N ASN G 71 -18.14 73.82 34.75
CA ASN G 71 -17.82 72.70 35.60
C ASN G 71 -18.86 72.47 36.69
N THR G 72 -20.02 73.12 36.63
CA THR G 72 -21.07 72.87 37.62
C THR G 72 -22.44 73.20 37.06
N ALA G 73 -23.44 72.44 37.47
CA ALA G 73 -24.83 72.78 37.23
C ALA G 73 -25.36 73.59 38.41
N SER G 74 -26.49 74.26 38.20
CA SER G 74 -27.03 75.13 39.22
C SER G 74 -28.51 75.35 38.96
N LEU G 75 -29.35 74.97 39.92
CA LEU G 75 -30.78 75.23 39.85
C LEU G 75 -31.05 76.56 40.52
N THR G 76 -31.59 77.51 39.78
CA THR G 76 -31.88 78.84 40.29
C THR G 76 -33.38 78.97 40.49
N VAL G 77 -33.82 78.78 41.73
CA VAL G 77 -35.25 78.84 42.06
C VAL G 77 -35.56 80.18 42.71
N SER G 78 -36.39 80.98 42.05
CA SER G 78 -36.81 82.26 42.58
C SER G 78 -38.01 82.08 43.50
N GLY G 79 -38.22 83.07 44.37
CA GLY G 79 -39.40 83.07 45.21
C GLY G 79 -39.53 81.87 46.11
N LEU G 80 -38.66 81.76 47.12
CA LEU G 80 -38.76 80.69 48.10
C LEU G 80 -40.16 80.64 48.69
N GLN G 81 -40.91 79.60 48.38
CA GLN G 81 -42.26 79.42 48.84
C GLN G 81 -42.24 78.70 50.18
N ALA G 82 -43.42 78.58 50.79
CA ALA G 82 -43.55 77.73 51.97
C ALA G 82 -43.47 76.25 51.62
N GLU G 83 -43.28 75.92 50.34
CA GLU G 83 -43.13 74.55 49.87
C GLU G 83 -41.71 74.23 49.39
N ASP G 84 -40.83 75.23 49.30
CA ASP G 84 -39.52 75.03 48.72
C ASP G 84 -38.55 74.27 49.63
N GLU G 85 -38.97 73.83 50.82
CA GLU G 85 -38.12 73.03 51.69
C GLU G 85 -38.20 71.58 51.26
N ALA G 86 -37.06 71.01 50.87
CA ALA G 86 -37.00 69.64 50.40
C ALA G 86 -35.52 69.25 50.31
N ASP G 87 -35.26 68.05 49.77
CA ASP G 87 -33.91 67.57 49.54
C ASP G 87 -33.65 67.50 48.04
N TYR G 88 -32.39 67.67 47.67
CA TYR G 88 -32.02 67.79 46.27
C TYR G 88 -30.94 66.78 45.91
N TYR G 89 -31.09 66.17 44.74
CA TYR G 89 -30.15 65.18 44.25
C TYR G 89 -29.99 65.31 42.74
N CYS G 90 -28.74 65.41 42.32
CA CYS G 90 -28.41 65.48 40.91
C CYS G 90 -28.32 64.09 40.33
N SER G 91 -28.22 64.03 39.01
CA SER G 91 -28.13 62.74 38.31
C SER G 91 -27.56 62.97 36.92
N SER G 92 -26.66 62.10 36.51
CA SER G 92 -26.18 62.12 35.12
C SER G 92 -25.47 60.81 34.83
N TYR G 93 -24.86 60.74 33.64
CA TYR G 93 -24.20 59.55 33.15
C TYR G 93 -22.68 59.71 33.25
N GLU G 94 -22.04 58.77 33.94
CA GLU G 94 -20.60 58.80 34.12
C GLU G 94 -19.92 58.59 32.77
N GLY G 95 -18.62 58.83 32.71
CA GLY G 95 -17.87 58.65 31.49
C GLY G 95 -17.41 57.21 31.30
N SER G 96 -18.13 56.24 31.86
CA SER G 96 -17.74 54.85 31.69
C SER G 96 -18.96 53.93 31.80
N ASN G 97 -18.87 52.81 31.09
CA ASN G 97 -19.70 51.61 31.23
C ASN G 97 -21.13 51.86 31.66
N ASN G 98 -21.78 52.85 31.05
CA ASN G 98 -23.18 53.17 31.30
C ASN G 98 -23.48 53.40 32.78
N PHE G 99 -22.51 53.83 33.56
CA PHE G 99 -22.78 54.11 34.97
C PHE G 99 -23.54 55.43 35.07
N VAL G 100 -24.53 55.46 35.96
CA VAL G 100 -25.25 56.67 36.29
C VAL G 100 -24.90 57.09 37.71
N VAL G 101 -24.49 58.34 37.86
CA VAL G 101 -24.13 58.90 39.15
C VAL G 101 -25.23 59.82 39.63
N PHE G 102 -25.38 59.87 40.95
CA PHE G 102 -26.40 60.66 41.62
C PHE G 102 -25.73 61.73 42.47
N GLY G 103 -26.54 62.50 43.18
CA GLY G 103 -26.04 63.56 44.04
C GLY G 103 -25.95 63.14 45.50
N GLY G 104 -25.14 63.89 46.25
CA GLY G 104 -25.00 63.65 47.67
C GLY G 104 -26.16 64.12 48.52
N GLY G 105 -26.75 65.27 48.18
CA GLY G 105 -27.90 65.76 48.92
C GLY G 105 -27.79 67.19 49.39
N THR G 106 -28.75 68.03 48.99
CA THR G 106 -28.84 69.42 49.43
C THR G 106 -30.13 69.59 50.21
N LYS G 107 -30.00 69.98 51.48
CA LYS G 107 -31.16 70.26 52.31
C LYS G 107 -31.40 71.77 52.36
N LEU G 108 -32.55 72.22 51.86
CA LEU G 108 -32.92 73.62 51.95
C LEU G 108 -33.39 73.92 53.36
N THR G 109 -32.57 74.63 54.13
CA THR G 109 -32.86 74.88 55.54
C THR G 109 -33.28 76.33 55.72
N VAL G 110 -34.57 76.54 55.96
CA VAL G 110 -35.13 77.87 56.20
C VAL G 110 -34.99 78.19 57.69
N LEU G 111 -34.88 79.48 58.00
CA LEU G 111 -34.71 79.90 59.39
C LEU G 111 -36.01 79.73 60.17
N GLY G 112 -35.90 79.69 61.49
CA GLY G 112 -37.06 79.58 62.35
C GLY G 112 -37.41 80.91 62.99
N SER H 2 -15.75 -3.76 74.86
CA SER H 2 -16.28 -2.66 74.07
C SER H 2 -16.38 -1.39 74.91
N ALA H 3 -17.58 -1.07 75.34
CA ALA H 3 -17.78 0.07 76.22
C ALA H 3 -17.06 -0.16 77.54
N LEU H 4 -16.62 0.94 78.14
CA LEU H 4 -15.83 0.83 79.37
C LEU H 4 -16.76 0.71 80.55
N THR H 5 -17.42 -0.44 80.67
CA THR H 5 -18.58 -0.58 81.54
C THR H 5 -18.20 -0.43 83.02
N GLN H 6 -19.14 0.10 83.79
CA GLN H 6 -18.95 0.45 85.19
C GLN H 6 -20.24 0.20 85.98
N PRO H 7 -20.12 -0.12 87.26
CA PRO H 7 -21.32 -0.20 88.12
C PRO H 7 -21.98 1.16 88.24
N PRO H 8 -23.29 1.25 88.01
CA PRO H 8 -23.93 2.56 87.92
C PRO H 8 -23.87 3.35 89.21
N SER H 9 -23.51 2.73 90.33
CA SER H 9 -23.69 3.38 91.62
C SER H 9 -22.60 2.98 92.61
N ALA H 10 -22.14 3.97 93.37
CA ALA H 10 -21.22 3.78 94.48
C ALA H 10 -21.65 4.68 95.63
N SER H 11 -21.60 4.13 96.85
CA SER H 11 -21.98 4.89 98.04
C SER H 11 -20.74 5.04 98.92
N GLY H 12 -20.86 5.88 99.93
CA GLY H 12 -19.73 6.09 100.82
C GLY H 12 -19.98 7.23 101.76
N SER H 13 -19.03 7.45 102.59
CA SER H 13 -19.03 8.49 103.61
C SER H 13 -18.27 9.72 103.13
N PRO H 14 -18.76 10.90 103.47
CA PRO H 14 -17.98 12.11 103.18
C PRO H 14 -16.70 12.14 104.01
N GLY H 15 -15.57 12.17 103.32
CA GLY H 15 -14.27 12.19 103.94
C GLY H 15 -13.40 11.00 103.60
N GLN H 16 -14.00 9.90 103.17
CA GLN H 16 -13.25 8.71 102.83
C GLN H 16 -12.95 8.73 101.33
N SER H 17 -12.25 7.70 100.86
CA SER H 17 -11.96 7.53 99.44
C SER H 17 -12.98 6.60 98.80
N VAL H 18 -13.01 6.61 97.48
CA VAL H 18 -13.76 5.63 96.70
C VAL H 18 -13.02 5.43 95.38
N THR H 19 -13.06 4.21 94.89
CA THR H 19 -12.45 3.86 93.62
C THR H 19 -13.55 3.59 92.60
N ILE H 20 -13.66 4.47 91.62
CA ILE H 20 -14.58 4.33 90.51
C ILE H 20 -13.89 3.48 89.46
N SER H 21 -14.51 2.35 89.12
CA SER H 21 -13.90 1.39 88.20
C SER H 21 -14.17 1.80 86.76
N CYS H 22 -13.47 1.12 85.85
CA CYS H 22 -13.60 1.37 84.41
C CYS H 22 -13.18 0.10 83.71
N THR H 23 -14.16 -0.66 83.24
CA THR H 23 -13.94 -2.02 82.78
C THR H 23 -14.34 -2.20 81.33
N GLY H 24 -13.40 -2.68 80.53
CA GLY H 24 -13.66 -3.15 79.18
C GLY H 24 -12.73 -4.32 78.93
N THR H 25 -12.82 -4.91 77.74
CA THR H 25 -12.03 -6.08 77.44
C THR H 25 -10.56 -5.72 77.22
N SER H 26 -9.76 -6.76 77.04
CA SER H 26 -8.40 -6.60 76.55
C SER H 26 -8.33 -6.10 75.11
N SER H 27 -9.47 -5.97 74.43
CA SER H 27 -9.44 -5.44 73.07
C SER H 27 -8.97 -4.00 73.04
N ASP H 28 -9.31 -3.21 74.06
CA ASP H 28 -8.78 -1.87 74.17
C ASP H 28 -7.92 -1.65 75.40
N VAL H 29 -8.45 -1.86 76.60
CA VAL H 29 -7.76 -1.36 77.80
C VAL H 29 -6.42 -2.05 77.98
N GLY H 30 -6.28 -3.28 77.46
CA GLY H 30 -5.02 -4.01 77.52
C GLY H 30 -4.27 -3.97 76.19
N GLY H 31 -4.42 -2.90 75.42
CA GLY H 31 -3.68 -2.70 74.18
C GLY H 31 -3.03 -1.33 74.07
N TYR H 32 -3.63 -0.29 74.64
CA TYR H 32 -3.07 1.05 74.55
C TYR H 32 -2.40 1.46 75.86
N LYS H 33 -2.02 2.74 75.96
CA LYS H 33 -1.47 3.31 77.18
C LYS H 33 -2.18 4.58 77.61
N TYR H 34 -3.21 5.01 76.87
CA TYR H 34 -3.89 6.27 77.17
C TYR H 34 -5.36 6.03 77.44
N VAL H 35 -5.80 6.31 78.67
CA VAL H 35 -7.22 6.36 79.03
C VAL H 35 -7.57 7.82 79.28
N SER H 36 -8.86 8.11 79.38
CA SER H 36 -9.31 9.44 79.76
C SER H 36 -10.57 9.33 80.62
N TRP H 37 -10.48 9.79 81.85
CA TRP H 37 -11.62 9.85 82.74
C TRP H 37 -12.33 11.19 82.57
N TYR H 38 -13.64 11.18 82.80
CA TYR H 38 -14.44 12.39 82.74
C TYR H 38 -15.43 12.36 83.90
N GLN H 39 -15.56 13.49 84.59
CA GLN H 39 -16.57 13.64 85.63
C GLN H 39 -17.36 14.90 85.33
N GLN H 40 -18.67 14.82 85.58
CA GLN H 40 -19.60 15.82 85.12
C GLN H 40 -20.73 15.95 86.12
N HIS H 41 -20.82 17.10 86.78
CA HIS H 41 -22.04 17.41 87.52
C HIS H 41 -23.22 17.39 86.57
N PRO H 42 -24.38 16.93 87.01
CA PRO H 42 -25.57 17.01 86.16
C PRO H 42 -25.78 18.43 85.66
N GLY H 43 -25.58 18.64 84.35
CA GLY H 43 -25.70 19.94 83.74
C GLY H 43 -24.38 20.59 83.34
N LYS H 44 -23.28 20.23 83.99
CA LYS H 44 -22.00 20.81 83.62
C LYS H 44 -21.48 20.21 82.33
N ALA H 45 -20.47 20.87 81.76
CA ALA H 45 -19.80 20.35 80.58
C ALA H 45 -18.98 19.12 80.97
N PRO H 46 -18.88 18.13 80.08
CA PRO H 46 -18.07 16.94 80.39
C PRO H 46 -16.62 17.35 80.65
N LYS H 47 -16.20 17.18 81.90
CA LYS H 47 -14.90 17.63 82.36
C LYS H 47 -14.00 16.41 82.56
N LEU H 48 -12.87 16.40 81.85
CA LEU H 48 -11.93 15.28 81.91
C LEU H 48 -11.28 15.18 83.29
N MET H 49 -11.01 13.95 83.71
CA MET H 49 -10.39 13.70 85.01
C MET H 49 -9.02 13.03 84.91
N ILE H 50 -8.93 11.86 84.27
CA ILE H 50 -7.68 11.11 84.29
C ILE H 50 -7.26 10.72 82.88
N TYR H 51 -6.48 11.58 82.24
CA TYR H 51 -5.80 11.25 81.00
C TYR H 51 -4.29 11.27 81.26
N GLU H 52 -3.58 10.34 80.61
CA GLU H 52 -2.22 10.03 81.01
C GLU H 52 -2.21 9.64 82.49
N VAL H 53 -2.75 8.44 82.73
CA VAL H 53 -3.38 8.00 83.98
C VAL H 53 -2.68 8.53 85.23
N SER H 54 -1.35 8.66 85.17
CA SER H 54 -0.66 9.29 86.28
C SER H 54 -0.95 10.78 86.38
N LYS H 55 -1.43 11.39 85.30
CA LYS H 55 -1.71 12.82 85.25
C LYS H 55 -3.21 13.06 85.20
N ARG H 56 -3.60 14.26 85.62
CA ARG H 56 -4.96 14.76 85.54
C ARG H 56 -4.88 16.14 84.89
N PRO H 57 -6.02 16.81 84.58
CA PRO H 57 -5.92 18.18 84.04
C PRO H 57 -5.27 19.14 85.02
N SER H 58 -5.07 20.39 84.58
CA SER H 58 -4.25 21.32 85.34
C SER H 58 -4.87 21.62 86.71
N GLY H 59 -6.05 22.23 86.73
CA GLY H 59 -6.58 22.77 87.97
C GLY H 59 -7.39 21.81 88.80
N VAL H 60 -7.50 20.56 88.37
CA VAL H 60 -8.28 19.57 89.12
C VAL H 60 -7.62 19.34 90.48
N PRO H 61 -8.38 19.14 91.55
CA PRO H 61 -7.75 18.85 92.85
C PRO H 61 -6.98 17.54 92.86
N ASP H 62 -6.30 17.27 93.98
CA ASP H 62 -5.26 16.26 94.06
C ASP H 62 -5.75 14.92 94.57
N ARG H 63 -6.87 14.88 95.29
CA ARG H 63 -7.45 13.64 95.77
C ARG H 63 -7.77 12.65 94.66
N PHE H 64 -7.77 13.11 93.41
CA PHE H 64 -7.94 12.29 92.22
C PHE H 64 -6.64 11.58 91.89
N SER H 65 -6.47 11.17 90.63
CA SER H 65 -5.34 10.39 90.14
C SER H 65 -5.28 8.97 90.68
N GLY H 66 -6.29 8.17 90.35
CA GLY H 66 -6.16 6.73 90.40
C GLY H 66 -5.23 6.23 89.31
N SER H 67 -5.21 4.92 89.16
CA SER H 67 -4.28 4.29 88.22
C SER H 67 -5.06 3.37 87.26
N LYS H 68 -4.30 2.55 86.53
CA LYS H 68 -4.88 1.49 85.70
C LYS H 68 -4.14 0.19 86.01
N SER H 69 -4.90 -0.85 86.36
CA SER H 69 -4.34 -2.17 86.60
C SER H 69 -4.83 -3.12 85.51
N GLY H 70 -3.92 -3.43 84.60
CA GLY H 70 -4.16 -4.50 83.64
C GLY H 70 -5.42 -4.26 82.83
N ASN H 71 -6.46 -5.01 83.15
CA ASN H 71 -7.67 -5.04 82.34
C ASN H 71 -8.70 -4.02 82.79
N THR H 72 -8.36 -3.08 83.66
CA THR H 72 -9.31 -2.05 84.05
C THR H 72 -8.59 -0.80 84.54
N ALA H 73 -9.18 0.35 84.25
CA ALA H 73 -8.76 1.61 84.86
C ALA H 73 -9.57 1.86 86.13
N SER H 74 -9.07 2.76 86.96
CA SER H 74 -9.71 3.00 88.24
C SER H 74 -9.30 4.38 88.75
N LEU H 75 -10.28 5.25 88.95
CA LEU H 75 -10.05 6.56 89.55
C LEU H 75 -10.22 6.44 91.06
N THR H 76 -9.16 6.72 91.80
CA THR H 76 -9.18 6.62 93.25
C THR H 76 -9.24 8.02 93.83
N VAL H 77 -10.44 8.45 94.21
CA VAL H 77 -10.65 9.80 94.75
C VAL H 77 -10.79 9.70 96.27
N SER H 78 -9.85 10.31 96.98
CA SER H 78 -9.88 10.34 98.44
C SER H 78 -10.74 11.50 98.91
N GLY H 79 -11.21 11.41 100.15
CA GLY H 79 -11.94 12.51 100.76
C GLY H 79 -13.19 12.93 100.02
N LEU H 80 -14.22 12.09 100.03
CA LEU H 80 -15.49 12.43 99.42
C LEU H 80 -15.99 13.76 99.96
N GLN H 81 -16.00 14.78 99.11
CA GLN H 81 -16.42 16.11 99.48
C GLN H 81 -17.92 16.24 99.28
N ALA H 82 -18.46 17.39 99.69
CA ALA H 82 -19.85 17.70 99.36
C ALA H 82 -20.02 18.05 97.89
N GLU H 83 -18.95 17.98 97.10
CA GLU H 83 -18.98 18.24 95.67
C GLU H 83 -18.73 16.98 94.84
N ASP H 84 -18.34 15.87 95.47
CA ASP H 84 -17.94 14.66 94.74
C ASP H 84 -19.11 13.93 94.11
N GLU H 85 -20.36 14.40 94.22
CA GLU H 85 -21.49 13.76 93.58
C GLU H 85 -21.57 14.25 92.14
N ALA H 86 -21.46 13.33 91.19
CA ALA H 86 -21.49 13.66 89.77
C ALA H 86 -21.63 12.35 89.00
N ASP H 87 -21.54 12.44 87.68
CA ASP H 87 -21.57 11.29 86.79
C ASP H 87 -20.20 11.12 86.15
N TYR H 88 -19.86 9.86 85.84
CA TYR H 88 -18.52 9.53 85.36
C TYR H 88 -18.59 8.78 84.04
N TYR H 89 -17.68 9.13 83.14
CA TYR H 89 -17.61 8.52 81.82
C TYR H 89 -16.17 8.39 81.39
N CYS H 90 -15.80 7.18 80.99
CA CYS H 90 -14.47 6.90 80.50
C CYS H 90 -14.41 7.21 79.01
N SER H 91 -13.20 7.18 78.48
CA SER H 91 -12.97 7.47 77.06
C SER H 91 -11.62 6.91 76.65
N SER H 92 -11.58 6.30 75.47
CA SER H 92 -10.31 5.89 74.89
C SER H 92 -10.52 5.57 73.41
N TYR H 93 -9.47 5.06 72.79
CA TYR H 93 -9.44 4.76 71.36
C TYR H 93 -9.57 3.26 71.15
N GLU H 94 -10.57 2.86 70.36
CA GLU H 94 -10.81 1.46 70.07
C GLU H 94 -9.65 0.92 69.23
N GLY H 95 -9.58 -0.40 69.08
CA GLY H 95 -8.56 -1.02 68.29
C GLY H 95 -8.88 -1.06 66.81
N SER H 96 -9.70 -0.12 66.32
CA SER H 96 -10.03 -0.12 64.91
C SER H 96 -10.37 1.29 64.44
N ASN H 97 -10.08 1.55 63.17
CA ASN H 97 -10.58 2.66 62.35
C ASN H 97 -10.81 3.96 63.11
N ASN H 98 -9.87 4.34 63.97
CA ASN H 98 -9.92 5.59 64.72
C ASN H 98 -11.21 5.76 65.52
N PHE H 99 -11.86 4.67 65.90
CA PHE H 99 -13.06 4.80 66.72
C PHE H 99 -12.68 5.17 68.14
N VAL H 100 -13.44 6.08 68.73
CA VAL H 100 -13.30 6.44 70.13
C VAL H 100 -14.51 5.91 70.89
N VAL H 101 -14.25 5.19 71.97
CA VAL H 101 -15.30 4.62 72.81
C VAL H 101 -15.37 5.43 74.10
N PHE H 102 -16.59 5.50 74.65
CA PHE H 102 -16.89 6.25 75.85
C PHE H 102 -17.36 5.28 76.92
N GLY H 103 -17.73 5.81 78.08
CA GLY H 103 -18.20 5.02 79.19
C GLY H 103 -19.72 4.99 79.29
N GLY H 104 -20.22 3.98 80.01
CA GLY H 104 -21.65 3.86 80.23
C GLY H 104 -22.21 4.81 81.26
N GLY H 105 -21.47 5.08 82.33
CA GLY H 105 -21.93 6.02 83.33
C GLY H 105 -21.90 5.51 84.76
N THR H 106 -21.18 6.22 85.62
CA THR H 106 -21.12 5.91 87.05
C THR H 106 -21.73 7.07 87.83
N LYS H 107 -22.80 6.79 88.57
CA LYS H 107 -23.41 7.80 89.42
C LYS H 107 -22.94 7.62 90.86
N LEU H 108 -22.24 8.62 91.40
CA LEU H 108 -21.83 8.58 92.80
C LEU H 108 -23.04 8.91 93.67
N THR H 109 -23.56 7.89 94.35
CA THR H 109 -24.78 8.05 95.14
C THR H 109 -24.44 8.06 96.62
N VAL H 110 -24.52 9.23 97.24
CA VAL H 110 -24.27 9.40 98.67
C VAL H 110 -25.56 9.12 99.42
N LEU H 111 -25.44 8.65 100.66
CA LEU H 111 -26.60 8.32 101.47
C LEU H 111 -27.32 9.58 101.93
N GLY H 112 -28.57 9.43 102.31
CA GLY H 112 -29.35 10.55 102.82
C GLY H 112 -29.48 10.50 104.33
N SER I 2 -70.53 12.91 26.85
CA SER I 2 -69.41 13.13 27.75
C SER I 2 -69.78 12.82 29.18
N ALA I 3 -70.02 13.87 29.96
CA ALA I 3 -70.48 13.70 31.33
C ALA I 3 -71.83 13.00 31.33
N LEU I 4 -72.08 12.23 32.39
CA LEU I 4 -73.31 11.44 32.46
C LEU I 4 -74.42 12.33 33.01
N THR I 5 -74.88 13.29 32.19
CA THR I 5 -75.68 14.39 32.68
C THR I 5 -77.05 13.93 33.18
N GLN I 6 -77.57 14.64 34.18
CA GLN I 6 -78.78 14.29 34.89
C GLN I 6 -79.53 15.55 35.29
N PRO I 7 -80.86 15.48 35.38
CA PRO I 7 -81.63 16.61 35.93
C PRO I 7 -81.28 16.84 37.39
N PRO I 8 -80.97 18.08 37.76
CA PRO I 8 -80.42 18.32 39.12
C PRO I 8 -81.40 17.98 40.22
N SER I 9 -82.67 17.76 39.91
CA SER I 9 -83.67 17.69 40.97
C SER I 9 -84.79 16.72 40.62
N ALA I 10 -85.23 15.96 41.61
CA ALA I 10 -86.39 15.09 41.54
C ALA I 10 -87.16 15.19 42.84
N SER I 11 -88.48 15.25 42.73
CA SER I 11 -89.35 15.33 43.90
C SER I 11 -90.18 14.06 43.97
N GLY I 12 -90.88 13.88 45.09
CA GLY I 12 -91.70 12.70 45.24
C GLY I 12 -92.22 12.58 46.65
N SER I 13 -92.98 11.57 46.83
CA SER I 13 -93.61 11.22 48.09
C SER I 13 -92.81 10.16 48.83
N PRO I 14 -92.72 10.27 50.15
CA PRO I 14 -92.10 9.19 50.93
C PRO I 14 -92.95 7.92 50.85
N GLY I 15 -92.34 6.86 50.33
CA GLY I 15 -92.99 5.59 50.17
C GLY I 15 -93.10 5.11 48.73
N GLN I 16 -93.02 6.03 47.78
CA GLN I 16 -93.10 5.66 46.38
C GLN I 16 -91.70 5.43 45.83
N SER I 17 -91.61 5.09 44.56
CA SER I 17 -90.35 4.92 43.86
C SER I 17 -90.00 6.20 43.11
N VAL I 18 -88.74 6.27 42.69
CA VAL I 18 -88.28 7.31 41.78
C VAL I 18 -87.13 6.73 40.97
N THR I 19 -87.07 7.13 39.71
CA THR I 19 -86.00 6.71 38.81
C THR I 19 -85.07 7.89 38.55
N ILE I 20 -83.85 7.78 39.06
CA ILE I 20 -82.80 8.76 38.85
C ILE I 20 -82.11 8.39 37.55
N SER I 21 -82.12 9.31 36.60
CA SER I 21 -81.59 9.06 35.27
C SER I 21 -80.08 9.25 35.23
N CYS I 22 -79.48 8.83 34.14
CA CYS I 22 -78.03 8.95 33.95
C CYS I 22 -77.79 8.95 32.44
N THR I 23 -77.54 10.12 31.88
CA THR I 23 -77.56 10.32 30.45
C THR I 23 -76.22 10.82 29.94
N GLY I 24 -75.67 10.09 28.97
CA GLY I 24 -74.53 10.54 28.20
C GLY I 24 -74.72 10.01 26.79
N THR I 25 -73.78 10.32 25.90
CA THR I 25 -73.91 9.91 24.51
C THR I 25 -73.67 8.41 24.35
N SER I 26 -73.87 7.95 23.12
CA SER I 26 -73.42 6.62 22.71
C SER I 26 -71.91 6.48 22.69
N SER I 27 -71.15 7.57 22.91
CA SER I 27 -69.70 7.45 22.94
C SER I 27 -69.24 6.58 24.10
N ASP I 28 -69.94 6.64 25.23
CA ASP I 28 -69.63 5.74 26.34
C ASP I 28 -70.77 4.78 26.67
N VAL I 29 -71.95 5.30 27.03
CA VAL I 29 -72.96 4.45 27.66
C VAL I 29 -73.43 3.36 26.70
N GLY I 30 -73.34 3.59 25.40
CA GLY I 30 -73.69 2.60 24.39
C GLY I 30 -72.46 1.93 23.78
N GLY I 31 -71.38 1.80 24.55
CA GLY I 31 -70.19 1.09 24.11
C GLY I 31 -69.67 0.07 25.12
N TYR I 32 -69.84 0.33 26.42
CA TYR I 32 -69.35 -0.59 27.45
C TYR I 32 -70.51 -1.41 28.04
N LYS I 33 -70.21 -2.15 29.11
CA LYS I 33 -71.21 -2.89 29.86
C LYS I 33 -71.17 -2.59 31.36
N TYR I 34 -70.28 -1.71 31.80
CA TYR I 34 -70.11 -1.44 33.23
C TYR I 34 -70.38 0.03 33.53
N VAL I 35 -71.42 0.31 34.29
CA VAL I 35 -71.67 1.63 34.86
C VAL I 35 -71.42 1.54 36.36
N SER I 36 -71.36 2.68 37.03
CA SER I 36 -71.28 2.73 38.49
C SER I 36 -72.04 3.91 39.03
N TRP I 37 -73.07 3.64 39.81
CA TRP I 37 -73.84 4.68 40.47
C TRP I 37 -73.21 4.97 41.82
N TYR I 38 -73.36 6.21 42.27
CA TYR I 38 -72.88 6.64 43.58
C TYR I 38 -73.92 7.54 44.21
N GLN I 39 -74.21 7.31 45.48
CA GLN I 39 -75.09 8.18 46.24
C GLN I 39 -74.36 8.59 47.50
N GLN I 40 -74.56 9.85 47.90
CA GLN I 40 -73.75 10.47 48.93
C GLN I 40 -74.60 11.47 49.69
N HIS I 41 -74.84 11.20 50.97
CA HIS I 41 -75.38 12.23 51.83
C HIS I 41 -74.42 13.41 51.85
N PRO I 42 -74.93 14.63 51.91
CA PRO I 42 -74.03 15.79 52.04
C PRO I 42 -73.09 15.61 53.24
N GLY I 43 -71.81 15.42 52.94
CA GLY I 43 -70.81 15.18 53.95
C GLY I 43 -70.29 13.76 54.02
N LYS I 44 -71.07 12.77 53.59
CA LYS I 44 -70.61 11.39 53.62
C LYS I 44 -69.60 11.13 52.52
N ALA I 45 -68.90 10.00 52.64
CA ALA I 45 -68.00 9.55 51.60
C ALA I 45 -68.80 9.11 50.38
N PRO I 46 -68.28 9.35 49.18
CA PRO I 46 -68.99 8.90 47.98
C PRO I 46 -69.19 7.39 48.01
N LYS I 47 -70.45 6.98 48.13
CA LYS I 47 -70.80 5.57 48.31
C LYS I 47 -71.44 5.06 47.03
N LEU I 48 -70.83 4.01 46.46
CA LEU I 48 -71.29 3.45 45.20
C LEU I 48 -72.65 2.79 45.36
N MET I 49 -73.46 2.85 44.31
CA MET I 49 -74.81 2.28 44.32
C MET I 49 -74.99 1.18 43.30
N ILE I 50 -74.78 1.45 42.01
CA ILE I 50 -75.10 0.47 40.98
C ILE I 50 -73.91 0.25 40.05
N TYR I 51 -73.08 -0.72 40.39
CA TYR I 51 -72.04 -1.22 39.50
C TYR I 51 -72.35 -2.68 39.17
N GLU I 52 -72.07 -3.06 37.92
CA GLU I 52 -72.63 -4.29 37.37
C GLU I 52 -74.16 -4.25 37.50
N VAL I 53 -74.74 -3.40 36.65
CA VAL I 53 -76.03 -2.73 36.84
C VAL I 53 -77.08 -3.60 37.51
N SER I 54 -77.05 -4.90 37.23
CA SER I 54 -77.94 -5.81 37.96
C SER I 54 -77.53 -5.96 39.42
N LYS I 55 -76.30 -5.63 39.77
CA LYS I 55 -75.78 -5.77 41.11
C LYS I 55 -75.57 -4.40 41.74
N ARG I 56 -75.56 -4.39 43.06
CA ARG I 56 -75.25 -3.23 43.89
C ARG I 56 -74.20 -3.68 44.91
N PRO I 57 -73.64 -2.77 45.74
CA PRO I 57 -72.69 -3.24 46.76
C PRO I 57 -73.34 -4.19 47.76
N SER I 58 -72.54 -4.72 48.68
CA SER I 58 -73.00 -5.80 49.55
C SER I 58 -74.16 -5.37 50.42
N GLY I 59 -73.92 -4.41 51.33
CA GLY I 59 -74.89 -4.12 52.36
C GLY I 59 -75.95 -3.10 52.00
N VAL I 60 -75.93 -2.62 50.76
CA VAL I 60 -76.92 -1.61 50.35
C VAL I 60 -78.31 -2.24 50.39
N PRO I 61 -79.35 -1.50 50.76
CA PRO I 61 -80.71 -2.08 50.73
C PRO I 61 -81.18 -2.44 49.33
N ASP I 62 -82.36 -3.05 49.26
CA ASP I 62 -82.81 -3.77 48.08
C ASP I 62 -83.71 -2.95 47.16
N ARG I 63 -84.33 -1.89 47.69
CA ARG I 63 -85.16 -1.00 46.88
C ARG I 63 -84.41 -0.35 45.72
N PHE I 64 -83.08 -0.43 45.74
CA PHE I 64 -82.20 0.03 44.67
C PHE I 64 -82.19 -1.01 43.55
N SER I 65 -81.14 -0.98 42.72
CA SER I 65 -80.99 -1.83 41.54
C SER I 65 -81.95 -1.49 40.42
N GLY I 66 -81.84 -0.28 39.88
CA GLY I 66 -82.37 0.01 38.56
C GLY I 66 -81.54 -0.68 37.48
N SER I 67 -81.81 -0.31 36.25
CA SER I 67 -81.19 -0.98 35.10
C SER I 67 -80.53 0.06 34.20
N LYS I 68 -80.14 -0.38 33.00
CA LYS I 68 -79.67 0.51 31.95
C LYS I 68 -80.41 0.17 30.67
N SER I 69 -81.03 1.17 30.05
CA SER I 69 -81.73 1.01 28.78
C SER I 69 -80.97 1.81 27.71
N GLY I 70 -80.25 1.07 26.87
CA GLY I 70 -79.67 1.65 25.68
C GLY I 70 -78.76 2.81 25.99
N ASN I 71 -79.26 4.01 25.72
CA ASN I 71 -78.44 5.22 25.78
C ASN I 71 -78.48 5.90 27.14
N THR I 72 -79.02 5.25 28.17
CA THR I 72 -79.01 5.86 29.50
C THR I 72 -79.10 4.78 30.57
N ALA I 73 -78.43 5.02 31.69
CA ALA I 73 -78.63 4.23 32.90
C ALA I 73 -79.70 4.87 33.76
N SER I 74 -80.23 4.10 34.70
CA SER I 74 -81.33 4.58 35.53
C SER I 74 -81.38 3.77 36.81
N LEU I 75 -81.26 4.45 37.94
CA LEU I 75 -81.41 3.81 39.24
C LEU I 75 -82.86 3.95 39.67
N THR I 76 -83.53 2.82 39.87
CA THR I 76 -84.93 2.81 40.24
C THR I 76 -85.04 2.44 41.71
N VAL I 77 -85.19 3.44 42.58
CA VAL I 77 -85.27 3.23 44.01
C VAL I 77 -86.72 3.32 44.45
N SER I 78 -87.25 2.22 44.96
CA SER I 78 -88.61 2.16 45.47
C SER I 78 -88.64 2.63 46.92
N GLY I 79 -89.82 3.05 47.37
CA GLY I 79 -90.01 3.40 48.77
C GLY I 79 -89.10 4.51 49.28
N LEU I 80 -89.33 5.73 48.81
CA LEU I 80 -88.57 6.89 49.29
C LEU I 80 -88.63 6.95 50.81
N GLN I 81 -87.50 6.71 51.44
CA GLN I 81 -87.40 6.71 52.90
C GLN I 81 -87.09 8.12 53.38
N ALA I 82 -87.09 8.27 54.69
CA ALA I 82 -86.60 9.53 55.28
C ALA I 82 -85.09 9.66 55.16
N GLU I 83 -84.42 8.70 54.54
CA GLU I 83 -82.99 8.70 54.32
C GLU I 83 -82.61 8.86 52.85
N ASP I 84 -83.59 8.80 51.94
CA ASP I 84 -83.30 8.79 50.50
C ASP I 84 -82.88 10.16 49.96
N GLU I 85 -82.78 11.20 50.79
CA GLU I 85 -82.31 12.50 50.32
C GLU I 85 -80.79 12.50 50.34
N ALA I 86 -80.19 12.71 49.17
CA ALA I 86 -78.74 12.70 49.01
C ALA I 86 -78.43 13.24 47.62
N ASP I 87 -77.15 13.19 47.25
CA ASP I 87 -76.68 13.59 45.93
C ASP I 87 -76.20 12.36 45.17
N TYR I 88 -76.32 12.41 43.86
CA TYR I 88 -76.05 11.25 43.01
C TYR I 88 -75.04 11.60 41.93
N TYR I 89 -74.12 10.66 41.70
CA TYR I 89 -73.08 10.84 40.70
C TYR I 89 -72.78 9.50 40.03
N CYS I 90 -72.81 9.53 38.70
CA CYS I 90 -72.51 8.36 37.90
C CYS I 90 -71.01 8.27 37.69
N SER I 91 -70.58 7.14 37.15
CA SER I 91 -69.16 6.91 36.89
C SER I 91 -69.02 5.80 35.87
N SER I 92 -68.11 5.99 34.93
CA SER I 92 -67.75 4.92 34.00
C SER I 92 -66.45 5.27 33.29
N TYR I 93 -66.07 4.44 32.33
CA TYR I 93 -64.83 4.57 31.59
C TYR I 93 -65.09 5.14 30.21
N GLU I 94 -64.43 6.25 29.89
CA GLU I 94 -64.58 6.89 28.58
C GLU I 94 -64.03 5.97 27.50
N GLY I 95 -64.31 6.31 26.25
CA GLY I 95 -63.81 5.53 25.14
C GLY I 95 -62.41 5.92 24.72
N SER I 96 -61.61 6.46 25.65
CA SER I 96 -60.25 6.83 25.29
C SER I 96 -59.34 6.77 26.51
N ASN I 97 -58.07 6.48 26.25
CA ASN I 97 -56.91 6.67 27.13
C ASN I 97 -57.21 6.48 28.61
N ASN I 98 -57.94 5.43 28.96
CA ASN I 98 -58.24 5.09 30.34
C ASN I 98 -58.87 6.23 31.12
N PHE I 99 -59.56 7.15 30.45
CA PHE I 99 -60.23 8.22 31.18
C PHE I 99 -61.47 7.70 31.86
N VAL I 100 -61.70 8.13 33.09
CA VAL I 100 -62.92 7.83 33.82
C VAL I 100 -63.73 9.11 33.94
N VAL I 101 -65.01 9.02 33.56
CA VAL I 101 -65.92 10.15 33.63
C VAL I 101 -66.88 9.93 34.79
N PHE I 102 -67.31 11.05 35.38
CA PHE I 102 -68.19 11.06 36.52
C PHE I 102 -69.49 11.75 36.13
N GLY I 103 -70.40 11.89 37.10
CA GLY I 103 -71.68 12.53 36.86
C GLY I 103 -71.71 13.98 37.31
N GLY I 104 -72.68 14.72 36.78
CA GLY I 104 -72.85 16.11 37.14
C GLY I 104 -73.49 16.33 38.50
N GLY I 105 -74.45 15.49 38.88
CA GLY I 105 -75.08 15.62 40.18
C GLY I 105 -76.59 15.67 40.16
N THR I 106 -77.22 14.74 40.88
CA THR I 106 -78.67 14.71 41.04
C THR I 106 -79.01 14.92 42.51
N LYS I 107 -79.74 15.99 42.81
CA LYS I 107 -80.19 16.24 44.17
C LYS I 107 -81.63 15.77 44.34
N LEU I 108 -81.86 14.80 45.21
CA LEU I 108 -83.21 14.35 45.51
C LEU I 108 -83.87 15.37 46.43
N THR I 109 -84.81 16.14 45.89
CA THR I 109 -85.45 17.23 46.63
C THR I 109 -86.86 16.83 47.01
N VAL I 110 -87.06 16.53 48.29
CA VAL I 110 -88.37 16.19 48.83
C VAL I 110 -89.11 17.47 49.20
N LEU I 111 -90.44 17.43 49.13
CA LEU I 111 -91.25 18.61 49.44
C LEU I 111 -91.24 18.89 50.92
N GLY I 112 -91.58 20.13 51.28
CA GLY I 112 -91.67 20.53 52.68
C GLY I 112 -93.10 20.60 53.15
C1 NAG J . 3.02 46.85 -16.10
C2 NAG J . 2.88 47.28 -17.55
C3 NAG J . 4.22 47.77 -18.07
C4 NAG J . 4.80 48.85 -17.16
C5 NAG J . 4.79 48.38 -15.70
C6 NAG J . 5.17 49.48 -14.74
C7 NAG J . 1.14 45.73 -18.29
C8 NAG J . 0.79 44.61 -19.23
N2 NAG J . 2.39 46.19 -18.37
O3 NAG J . 4.05 48.29 -19.38
O4 NAG J . 6.14 49.10 -17.54
O5 NAG J . 3.49 47.94 -15.33
O6 NAG J . 6.38 50.12 -15.12
O7 NAG J . 0.32 46.20 -17.51
C1 NAG J . 6.25 50.34 -18.25
C2 NAG J . 7.74 50.65 -18.34
C3 NAG J . 8.14 51.21 -19.71
C4 NAG J . 7.06 52.09 -20.33
C5 NAG J . 5.65 51.52 -20.16
C6 NAG J . 4.93 51.34 -21.46
C7 NAG J . 7.62 52.68 -16.91
C8 NAG J . 8.26 53.41 -15.77
N2 NAG J . 8.19 51.52 -17.25
O3 NAG J . 8.43 50.13 -20.59
O4 NAG J . 7.11 53.40 -19.77
O5 NAG J . 5.73 50.24 -19.54
O6 NAG J . 5.43 52.25 -22.44
O7 NAG J . 6.63 53.12 -17.49
C1 NAG K . -7.94 59.51 1.85
C2 NAG K . -6.92 58.58 1.20
C3 NAG K . -5.62 58.60 1.99
C4 NAG K . -5.14 60.03 2.21
C5 NAG K . -6.25 60.91 2.75
C6 NAG K . -5.89 62.38 2.78
C7 NAG K . -7.76 56.44 2.11
C8 NAG K . -8.26 55.07 1.77
N2 NAG K . -7.43 57.22 1.08
O3 NAG K . -4.63 57.87 1.29
O4 NAG K . -4.07 60.02 3.16
O5 NAG K . -7.41 60.81 1.91
O6 NAG K . -4.70 62.62 3.54
O7 NAG K . -7.68 56.82 3.27
C1 NAG K . -2.83 60.28 2.49
C2 NAG K . -1.83 59.19 2.89
C3 NAG K . -0.52 59.38 2.15
C4 NAG K . -0.76 59.48 0.64
C5 NAG K . -1.80 60.56 0.36
C6 NAG K . -2.18 60.63 -1.10
C7 NAG K . -2.43 58.59 5.20
C8 NAG K . -2.02 58.69 6.64
N2 NAG K . -1.61 59.19 4.33
O3 NAG K . 0.35 58.28 2.41
O4 NAG K . 0.45 59.80 -0.03
O5 NAG K . -3.00 60.29 1.08
O6 NAG K . -1.45 59.70 -1.89
O7 NAG K . -3.44 58.01 4.85
C1 NAG L . 61.60 -18.08 -41.87
C2 NAG L . 63.06 -18.13 -42.25
C3 NAG L . 63.86 -18.89 -41.21
C4 NAG L . 63.62 -18.29 -39.83
C5 NAG L . 62.12 -18.22 -39.56
C6 NAG L . 61.78 -17.51 -38.28
C7 NAG L . 63.95 -18.20 -44.53
C8 NAG L . 64.02 -18.96 -45.82
N2 NAG L . 63.22 -18.76 -43.56
O3 NAG L . 65.24 -18.81 -41.55
O4 NAG L . 64.25 -19.13 -38.87
O5 NAG L . 61.48 -17.50 -40.60
O6 NAG L . 61.96 -18.35 -37.15
O7 NAG L . 64.52 -17.13 -44.37
C1 NAG L . 65.05 -18.40 -37.91
C2 NAG L . 65.69 -19.45 -37.03
C3 NAG L . 66.55 -18.79 -35.96
C4 NAG L . 67.54 -17.81 -36.59
C5 NAG L . 66.84 -16.87 -37.57
C6 NAG L . 67.80 -16.03 -38.36
C7 NAG L . 64.63 -21.61 -36.59
C8 NAG L . 63.52 -22.32 -35.87
N2 NAG L . 64.67 -20.28 -36.41
O3 NAG L . 67.25 -19.79 -35.24
O4 NAG L . 68.14 -17.04 -35.56
O5 NAG L . 66.07 -17.62 -38.52
O6 NAG L . 68.84 -16.82 -38.92
O7 NAG L . 65.43 -22.20 -37.30
C1 BMA L . 69.51 -17.45 -35.39
C2 BMA L . 70.14 -16.57 -34.30
C3 BMA L . 71.61 -16.96 -34.18
C4 BMA L . 71.81 -18.48 -34.01
C5 BMA L . 70.96 -19.29 -35.03
C6 BMA L . 70.92 -20.77 -34.72
O2 BMA L . 69.53 -16.82 -33.05
O3 BMA L . 72.26 -16.26 -33.12
O4 BMA L . 73.17 -18.81 -34.21
O5 BMA L . 69.61 -18.80 -35.00
O6 BMA L . 72.22 -21.18 -34.33
C1 NAG M . 58.34 -30.99 -24.58
C2 NAG M . 59.77 -31.45 -24.53
C3 NAG M . 60.18 -31.78 -23.10
C4 NAG M . 59.90 -30.58 -22.20
C5 NAG M . 58.46 -30.11 -22.37
C6 NAG M . 58.17 -28.83 -21.64
C7 NAG M . 59.36 -33.76 -25.28
C8 NAG M . 59.73 -34.81 -26.29
N2 NAG M . 59.98 -32.59 -25.41
O3 NAG M . 61.56 -32.09 -23.08
O4 NAG M . 60.12 -30.93 -20.84
O5 NAG M . 58.19 -29.86 -23.75
O6 NAG M . 56.90 -28.32 -22.00
O7 NAG M . 58.54 -33.98 -24.40
C1 NAG M . 61.37 -30.34 -20.45
C2 NAG M . 61.30 -29.92 -18.99
C3 NAG M . 62.61 -29.28 -18.58
C4 NAG M . 63.78 -30.21 -18.89
C5 NAG M . 63.72 -30.73 -20.33
C6 NAG M . 64.72 -31.84 -20.58
C7 NAG M . 59.00 -29.44 -18.33
C8 NAG M . 57.97 -28.37 -18.13
N2 NAG M . 60.19 -29.01 -18.76
O3 NAG M . 62.57 -28.99 -17.20
O4 NAG M . 65.01 -29.52 -18.69
O5 NAG M . 62.44 -31.27 -20.63
O6 NAG M . 64.22 -33.09 -20.12
O7 NAG M . 58.77 -30.62 -18.12
C1 NAG N . 53.61 -9.72 -78.10
C2 NAG N . 53.75 -8.21 -78.29
C3 NAG N . 52.84 -7.74 -79.41
C4 NAG N . 53.08 -8.56 -80.68
C5 NAG N . 52.97 -10.05 -80.36
C6 NAG N . 53.32 -10.93 -81.52
C7 NAG N . 54.35 -7.26 -76.11
C8 NAG N . 53.87 -6.52 -74.91
N2 NAG N . 53.45 -7.50 -77.06
O3 NAG N . 53.09 -6.37 -79.68
O4 NAG N . 52.12 -8.21 -81.66
O5 NAG N . 53.88 -10.38 -79.31
O6 NAG N . 54.55 -11.58 -81.26
O7 NAG N . 55.52 -7.64 -76.22
C1 NAG N . 52.81 -7.57 -82.76
C2 NAG N . 51.93 -7.66 -84.00
C3 NAG N . 52.61 -6.97 -85.18
C4 NAG N . 52.98 -5.54 -84.82
C5 NAG N . 53.81 -5.53 -83.54
C6 NAG N . 54.16 -4.14 -83.05
C7 NAG N . 52.49 -9.98 -84.62
C8 NAG N . 51.93 -11.34 -84.91
N2 NAG N . 51.59 -9.03 -84.32
O3 NAG N . 51.75 -6.98 -86.31
O4 NAG N . 53.72 -4.95 -85.87
O5 NAG N . 53.11 -6.18 -82.47
O6 NAG N . 55.39 -4.12 -82.34
O7 NAG N . 53.70 -9.75 -84.65
C1 FUC N . 55.33 -11.53 -82.47
C2 FUC N . 56.77 -11.27 -82.06
C3 FUC N . 57.28 -12.42 -81.21
C4 FUC N . 57.06 -13.77 -81.93
C5 FUC N . 55.60 -13.89 -82.35
C6 FUC N . 55.32 -15.11 -83.21
O2 FUC N . 56.91 -10.05 -81.36
O3 FUC N . 58.68 -12.26 -81.01
O4 FUC N . 57.89 -13.84 -83.08
O5 FUC N . 55.21 -12.76 -83.13
C1 NAG O . -40.53 -26.77 -10.40
C2 NAG O . -40.52 -28.24 -10.78
C3 NAG O . -40.92 -28.39 -12.24
C4 NAG O . -42.24 -27.69 -12.51
C5 NAG O . -42.21 -26.25 -11.98
C6 NAG O . -43.55 -25.58 -12.05
C7 NAG O . -38.72 -29.07 -9.34
C8 NAG O . -37.36 -29.70 -9.28
N2 NAG O . -39.22 -28.84 -10.55
O3 NAG O . -41.04 -29.78 -12.55
O4 NAG O . -42.45 -27.64 -13.91
O5 NAG O . -41.81 -26.24 -10.61
O6 NAG O . -44.13 -25.69 -13.34
O7 NAG O . -39.34 -28.77 -8.32
C1 NAG O . -43.45 -28.59 -14.31
C2 NAG O . -43.80 -28.24 -15.75
C3 NAG O . -43.98 -29.50 -16.62
C4 NAG O . -44.58 -30.67 -15.86
C5 NAG O . -44.01 -30.84 -14.46
C6 NAG O . -43.43 -32.21 -14.23
C7 NAG O . -46.15 -27.59 -15.23
C8 NAG O . -47.20 -26.56 -15.47
N2 NAG O . -44.98 -27.37 -15.84
O3 NAG O . -42.71 -29.87 -17.16
O4 NAG O . -46.00 -30.52 -15.77
O5 NAG O . -42.96 -29.89 -14.26
O6 NAG O . -44.05 -33.17 -15.06
O7 NAG O . -46.35 -28.57 -14.52
C1 NAG P . -57.05 -18.06 5.53
C2 NAG P . -56.03 -18.03 4.39
C3 NAG P . -56.35 -16.88 3.44
C4 NAG P . -57.82 -16.93 3.00
C5 NAG P . -58.75 -17.09 4.20
C6 NAG P . -60.19 -17.35 3.80
C7 NAG P . -54.20 -16.89 5.58
C8 NAG P . -52.75 -16.98 5.99
N2 NAG P . -54.67 -17.93 4.88
O3 NAG P . -55.51 -16.96 2.30
O4 NAG P . -58.14 -15.72 2.33
O5 NAG P . -58.34 -18.20 5.00
O6 NAG P . -60.70 -16.33 2.94
O7 NAG P . -54.90 -15.94 5.89
C1 NAG P . -58.28 -15.96 0.93
C2 NAG P . -57.40 -14.95 0.18
C3 NAG P . -57.45 -15.22 -1.32
C4 NAG P . -57.11 -16.68 -1.62
C5 NAG P . -58.00 -17.60 -0.79
C6 NAG P . -57.64 -19.06 -0.94
C7 NAG P . -57.45 -12.91 1.56
C8 NAG P . -57.97 -11.52 1.67
N2 NAG P . -57.82 -13.59 0.46
O3 NAG P . -56.53 -14.37 -2.00
O4 NAG P . -57.30 -16.96 -3.00
O5 NAG P . -57.87 -17.29 0.60
O6 NAG P . -56.57 -19.25 -1.85
O7 NAG P . -56.73 -13.41 2.41
C1 NAG Q . 25.43 -11.30 -71.41
C2 NAG Q . 25.50 -11.13 -72.91
C3 NAG Q . 25.87 -9.70 -73.27
C4 NAG Q . 24.92 -8.72 -72.59
C5 NAG Q . 24.87 -9.00 -71.10
C6 NAG Q . 23.84 -8.18 -70.37
C7 NAG Q . 26.14 -12.84 -74.53
C8 NAG Q . 27.23 -13.75 -75.00
N2 NAG Q . 26.45 -12.05 -73.49
O3 NAG Q . 25.81 -9.55 -74.68
O4 NAG Q . 25.42 -7.40 -72.82
O5 NAG Q . 24.52 -10.38 -70.88
O6 NAG Q . 24.33 -6.87 -70.10
O7 NAG Q . 25.04 -12.81 -75.06
C1 NAG Q . 24.40 -6.48 -73.27
C2 NAG Q . 25.12 -5.17 -73.52
C3 NAG Q . 24.13 -4.11 -73.98
C4 NAG Q . 23.32 -4.62 -75.17
C5 NAG Q . 22.74 -6.00 -74.89
C6 NAG Q . 22.10 -6.61 -76.11
C7 NAG Q . 27.13 -4.53 -72.28
C8 NAG Q . 27.67 -4.06 -70.96
N2 NAG Q . 25.81 -4.73 -72.32
O3 NAG Q . 24.84 -2.95 -74.35
O4 NAG Q . 22.26 -3.71 -75.41
O5 NAG Q . 23.77 -6.90 -74.46
O6 NAG Q . 22.95 -6.53 -77.24
O7 NAG Q . 27.84 -4.72 -73.25
C1 BMA Q . 22.52 -2.96 -76.62
C2 BMA Q . 21.33 -2.03 -76.87
C3 BMA Q . 21.58 -1.30 -78.20
C4 BMA Q . 22.98 -0.65 -78.25
C5 BMA Q . 24.09 -1.62 -77.78
C6 BMA Q . 25.43 -0.94 -77.57
O2 BMA Q . 21.25 -1.04 -75.87
O3 BMA Q . 20.58 -0.33 -78.47
O4 BMA Q . 23.26 -0.27 -79.59
O5 BMA Q . 23.70 -2.19 -76.52
O6 BMA Q . 25.64 -0.03 -78.64
C1 NAG R . 33.10 6.75 -61.84
C2 NAG R . 33.45 7.41 -63.15
C3 NAG R . 33.33 8.92 -63.02
C4 NAG R . 31.95 9.30 -62.50
C5 NAG R . 31.64 8.52 -61.23
C6 NAG R . 30.21 8.71 -60.76
C7 NAG R . 35.90 7.26 -62.91
C8 NAG R . 37.15 6.78 -63.56
N2 NAG R . 34.77 7.03 -63.59
O3 NAG R . 33.54 9.50 -64.29
O4 NAG R . 31.89 10.69 -62.22
O5 NAG R . 31.80 7.12 -61.46
O6 NAG R . 29.90 7.80 -59.72
O7 NAG R . 35.90 7.83 -61.84
C1 NAG R . 31.13 11.29 -63.28
C2 NAG R . 30.32 12.45 -62.73
C3 NAG R . 29.51 13.09 -63.86
C4 NAG R . 30.43 13.48 -65.00
C5 NAG R . 31.33 12.33 -65.43
C6 NAG R . 32.40 12.75 -66.40
C7 NAG R . 29.81 12.13 -60.37
C8 NAG R . 28.80 11.65 -59.37
N2 NAG R . 29.46 12.03 -61.65
O3 NAG R . 28.85 14.24 -63.35
O4 NAG R . 29.64 13.88 -66.12
O5 NAG R . 32.01 11.76 -64.30
O6 NAG R . 33.49 13.35 -65.72
O7 NAG R . 30.90 12.58 -60.03
C1 NAG S . 28.11 -48.85 -76.77
C2 NAG S . 26.71 -49.40 -77.03
C3 NAG S . 26.63 -50.86 -76.58
C4 NAG S . 27.76 -51.67 -77.21
C5 NAG S . 29.10 -51.00 -76.93
C6 NAG S . 30.25 -51.67 -77.62
C7 NAG S . 25.15 -47.51 -76.88
C8 NAG S . 24.14 -46.82 -76.05
N2 NAG S . 25.70 -48.61 -76.35
O3 NAG S . 25.38 -51.40 -76.97
O4 NAG S . 27.75 -52.98 -76.66
O5 NAG S . 29.07 -49.65 -77.42
O6 NAG S . 30.73 -50.83 -78.66
O7 NAG S . 25.48 -47.11 -78.00
C1 NAG S . 27.41 -53.91 -77.72
C2 NAG S . 27.90 -55.30 -77.31
C3 NAG S . 27.53 -56.31 -78.39
C4 NAG S . 26.04 -56.27 -78.67
C5 NAG S . 25.62 -54.85 -79.02
C6 NAG S . 24.13 -54.69 -79.22
C7 NAG S . 30.27 -55.00 -77.96
C8 NAG S . 31.68 -55.06 -77.48
N2 NAG S . 29.33 -55.31 -77.05
O3 NAG S . 27.91 -57.62 -77.97
O4 NAG S . 25.73 -57.13 -79.76
O5 NAG S . 25.99 -53.95 -77.95
O6 NAG S . 23.84 -53.64 -80.14
O7 NAG S . 29.99 -54.68 -79.11
C1 FUC S . 30.98 -51.66 -79.81
C2 FUC S . 30.53 -50.87 -81.02
C3 FUC S . 31.36 -49.61 -81.17
C4 FUC S . 32.86 -49.95 -81.15
C5 FUC S . 33.18 -50.79 -79.92
C6 FUC S . 34.61 -51.30 -79.90
O2 FUC S . 29.15 -50.55 -80.97
O3 FUC S . 31.07 -48.99 -82.42
O4 FUC S . 33.21 -50.67 -82.32
O5 FUC S . 32.34 -51.94 -79.86
C1 NAG T . 30.97 -15.58 35.58
C2 NAG T . 32.48 -15.51 35.49
C3 NAG T . 33.06 -16.91 35.38
C4 NAG T . 32.55 -17.80 36.50
C5 NAG T . 31.02 -17.73 36.59
C6 NAG T . 30.47 -18.44 37.79
C7 NAG T . 32.76 -13.36 34.35
C8 NAG T . 33.28 -12.67 33.12
N2 NAG T . 32.92 -14.69 34.38
O3 NAG T . 34.48 -16.83 35.43
O4 NAG T . 32.91 -19.14 36.21
O5 NAG T . 30.59 -16.36 36.68
O6 NAG T . 30.99 -19.76 37.89
O7 NAG T . 32.23 -12.74 35.26
C1 NAG T . 34.00 -19.56 37.05
C2 NAG T . 34.08 -21.08 36.87
C3 NAG T . 35.55 -21.56 36.79
C4 NAG T . 36.49 -20.75 37.67
C5 NAG T . 36.21 -19.26 37.62
C6 NAG T . 37.43 -18.46 37.21
C7 NAG T . 33.45 -21.60 39.21
C8 NAG T . 32.60 -22.47 40.08
N2 NAG T . 33.35 -21.81 37.90
O3 NAG T . 35.98 -21.50 35.43
O4 NAG T . 36.41 -21.20 39.02
O5 NAG T . 35.19 -18.98 36.66
O6 NAG T . 38.63 -19.14 37.54
O7 NAG T . 34.20 -20.76 39.69
C1 NAG U . 19.12 -9.46 56.18
C2 NAG U . 19.36 -10.14 54.84
C3 NAG U . 18.56 -11.43 54.77
C4 NAG U . 18.81 -12.31 55.99
C5 NAG U . 18.67 -11.52 57.28
C6 NAG U . 19.12 -12.29 58.50
C7 NAG U . 17.83 -8.76 53.48
C8 NAG U . 17.71 -7.88 52.27
N2 NAG U . 19.04 -9.26 53.73
O3 NAG U . 18.90 -12.14 53.58
O4 NAG U . 17.85 -13.36 56.01
O5 NAG U . 19.49 -10.33 57.22
O6 NAG U . 18.42 -13.52 58.64
O7 NAG U . 16.86 -9.01 54.20
C1 NAG U . 18.49 -14.61 55.65
C2 NAG U . 17.69 -15.26 54.54
C3 NAG U . 18.37 -16.54 54.08
C4 NAG U . 19.83 -16.27 53.72
C5 NAG U . 20.52 -15.58 54.88
C6 NAG U . 21.95 -15.16 54.55
C7 NAG U . 15.34 -14.63 54.97
C8 NAG U . 14.01 -15.10 55.44
N2 NAG U . 16.32 -15.54 54.97
O3 NAG U . 17.68 -17.07 52.95
O4 NAG U . 20.49 -17.49 53.43
O5 NAG U . 19.82 -14.37 55.22
O6 NAG U . 22.32 -15.57 53.24
O7 NAG U . 15.53 -13.47 54.61
C1 NAG V . 29.42 -52.06 -47.97
C2 NAG V . 29.67 -53.42 -48.56
C3 NAG V . 28.39 -54.01 -49.10
C4 NAG V . 27.31 -54.01 -48.02
C5 NAG V . 27.17 -52.61 -47.45
C6 NAG V . 26.23 -52.55 -46.26
C7 NAG V . 31.73 -54.15 -49.65
C8 NAG V . 32.68 -53.95 -50.79
N2 NAG V . 30.67 -53.35 -49.61
O3 NAG V . 28.65 -55.34 -49.53
O4 NAG V . 26.09 -54.42 -48.62
O5 NAG V . 28.44 -52.15 -46.98
O6 NAG V . 24.88 -52.52 -46.68
O7 NAG V . 31.92 -55.01 -48.80
C1 NAG V . 25.40 -55.43 -47.86
C2 NAG V . 24.16 -55.79 -48.68
C3 NAG V . 23.35 -56.84 -47.95
C4 NAG V . 24.20 -58.04 -47.58
C5 NAG V . 25.49 -57.60 -46.88
C6 NAG V . 26.46 -58.73 -46.67
C7 NAG V . 23.09 -54.17 -50.15
C8 NAG V . 22.23 -52.94 -50.23
N2 NAG V . 23.36 -54.60 -48.92
O3 NAG V . 22.28 -57.26 -48.80
O4 NAG V . 23.47 -58.87 -46.70
O5 NAG V . 26.17 -56.61 -47.66
O6 NAG V . 26.65 -59.48 -47.86
O7 NAG V . 23.50 -54.74 -51.15
C1 BMA V . 23.09 -60.08 -47.39
C2 BMA V . 22.32 -60.99 -46.41
C3 BMA V . 21.99 -62.29 -47.14
C4 BMA V . 21.30 -62.05 -48.49
C5 BMA V . 22.03 -60.97 -49.33
C6 BMA V . 21.24 -60.52 -50.53
O2 BMA V . 21.10 -60.39 -46.03
O3 BMA V . 21.20 -63.16 -46.33
O4 BMA V . 21.30 -63.26 -49.23
O5 BMA V . 22.25 -59.81 -48.50
O6 BMA V . 20.66 -61.66 -51.14
C1 NAG W . 8.98 -46.00 -52.64
C2 NAG W . 8.70 -47.24 -53.44
C3 NAG W . 7.22 -47.59 -53.36
C4 NAG W . 6.80 -47.71 -51.90
C5 NAG W . 7.20 -46.46 -51.14
C6 NAG W . 6.98 -46.57 -49.65
C7 NAG W . 8.63 -46.15 -55.65
C8 NAG W . 9.19 -46.16 -57.04
N2 NAG W . 9.11 -47.08 -54.82
O3 NAG W . 7.01 -48.82 -54.02
O4 NAG W . 5.39 -47.87 -51.80
O5 NAG W . 8.60 -46.20 -51.30
O6 NAG W . 7.56 -45.49 -48.96
O7 NAG W . 7.77 -45.35 -55.32
C1 NAG W . 5.16 -49.26 -51.49
C2 NAG W . 3.93 -49.38 -50.59
C3 NAG W . 3.69 -50.83 -50.25
C4 NAG W . 3.59 -51.67 -51.51
C5 NAG W . 4.76 -51.41 -52.46
C6 NAG W . 4.57 -52.03 -53.82
C7 NAG W . 3.62 -47.34 -49.28
C8 NAG W . 3.86 -46.66 -47.97
N2 NAG W . 4.09 -48.59 -49.38
O3 NAG W . 2.49 -50.94 -49.50
O4 NAG W . 3.57 -53.05 -51.18
O5 NAG W . 4.94 -50.01 -52.68
O6 NAG W . 3.73 -51.21 -54.64
O7 NAG W . 3.03 -46.79 -50.21
C1 NAG X . 66.73 -45.23 -50.71
C2 NAG X . 67.42 -45.78 -49.47
C3 NAG X . 68.69 -45.00 -49.18
C4 NAG X . 69.58 -44.93 -50.41
C5 NAG X . 68.78 -44.42 -51.60
C6 NAG X . 69.54 -44.45 -52.89
C7 NAG X . 65.66 -46.72 -48.04
C8 NAG X . 64.82 -46.52 -46.83
N2 NAG X . 66.52 -45.74 -48.32
O3 NAG X . 69.39 -45.61 -48.12
O4 NAG X . 70.67 -44.07 -50.17
O5 NAG X . 67.62 -45.25 -51.80
O6 NAG X . 69.00 -45.46 -53.74
O7 NAG X . 65.57 -47.73 -48.74
C1 NAG X . 71.89 -44.87 -50.17
C2 NAG X . 73.08 -43.94 -50.43
C3 NAG X . 74.37 -44.74 -50.41
C4 NAG X . 74.49 -45.53 -49.12
C5 NAG X . 73.25 -46.38 -48.90
C6 NAG X . 73.25 -47.12 -47.58
C7 NAG X . 72.82 -43.80 -52.88
C8 NAG X . 72.67 -42.86 -54.04
N2 NAG X . 72.92 -43.22 -51.68
O3 NAG X . 75.48 -43.87 -50.57
O4 NAG X . 75.65 -46.35 -49.16
O5 NAG X . 72.08 -45.56 -48.91
O6 NAG X . 72.53 -48.33 -47.67
O7 NAG X . 72.85 -45.02 -53.03
C1 FUC X . 70.11 -46.16 -54.33
C2 FUC X . 69.72 -47.63 -54.36
C3 FUC X . 68.51 -47.83 -55.24
C4 FUC X . 68.74 -47.21 -56.63
C5 FUC X . 69.17 -45.76 -56.47
C6 FUC X . 69.57 -45.11 -57.78
O2 FUC X . 69.48 -48.15 -53.06
O3 FUC X . 68.29 -49.23 -55.43
O4 FUC X . 69.74 -47.93 -57.33
O5 FUC X . 70.31 -45.67 -55.62
C1 NAG Y . 42.63 25.36 8.91
C2 NAG Y . 43.73 26.14 9.64
C3 NAG Y . 44.67 26.83 8.65
C4 NAG Y . 45.18 25.84 7.61
C5 NAG Y . 44.01 25.14 6.94
C6 NAG Y . 44.44 24.09 5.96
C7 NAG Y . 42.42 28.15 10.18
C8 NAG Y . 41.92 29.03 11.29
N2 NAG Y . 43.16 27.11 10.57
O3 NAG Y . 45.77 27.38 9.37
O4 NAG Y . 45.94 26.52 6.62
O5 NAG Y . 43.22 24.48 7.94
O6 NAG Y . 45.43 23.24 6.51
O7 NAG Y . 42.15 28.38 9.01
C1 NAG Z . 40.13 11.72 44.66
C2 NAG Z . 40.66 11.27 46.01
C3 NAG Z . 39.70 10.26 46.62
C4 NAG Z . 38.31 10.87 46.73
C5 NAG Z . 37.85 11.43 45.38
C6 NAG Z . 36.59 12.26 45.50
C7 NAG Z . 43.07 11.42 46.27
C8 NAG Z . 44.40 10.72 46.10
N2 NAG Z . 42.00 10.73 45.91
O3 NAG Z . 40.18 9.89 47.91
O4 NAG Z . 37.37 9.89 47.16
O5 NAG Z . 38.84 12.30 44.82
O6 NAG Z . 36.90 13.62 45.76
O7 NAG Z . 43.00 12.56 46.71
C1 NAG AA . 18.82 18.61 43.56
C2 NAG AA . 17.43 19.17 43.23
C3 NAG AA . 17.35 20.65 43.63
C4 NAG AA . 17.80 20.85 45.07
C5 NAG AA . 19.16 20.22 45.29
C6 NAG AA . 19.62 20.29 46.73
C7 NAG AA . 16.21 18.13 41.38
C8 NAG AA . 16.01 18.07 39.90
N2 NAG AA . 17.12 18.99 41.83
O3 NAG AA . 16.01 21.11 43.46
O4 NAG AA . 17.88 22.24 45.36
O5 NAG AA . 19.11 18.83 44.95
O6 NAG AA . 19.20 21.51 47.33
O7 NAG AA . 15.57 17.41 42.15
C1 NAG BA . 19.81 20.31 25.31
C2 NAG BA . 18.32 20.41 25.10
C3 NAG BA . 18.04 21.02 23.73
C4 NAG BA . 18.74 22.37 23.60
C5 NAG BA . 20.23 22.25 23.94
C6 NAG BA . 20.92 23.60 24.02
C7 NAG BA . 16.53 18.96 25.90
C8 NAG BA . 15.99 17.56 25.93
N2 NAG BA . 17.67 19.12 25.23
O3 NAG BA . 16.64 21.17 23.55
O4 NAG BA . 18.61 22.86 22.27
O5 NAG BA . 20.41 21.61 25.21
O6 NAG BA . 22.05 23.54 24.90
O7 NAG BA . 15.95 19.88 26.45
C1 NAG CA . 47.20 -10.75 14.88
C2 NAG CA . 48.36 -9.90 14.38
C3 NAG CA . 49.69 -10.62 14.60
C4 NAG CA . 49.83 -11.04 16.06
C5 NAG CA . 48.62 -11.88 16.46
C6 NAG CA . 48.64 -12.26 17.92
C7 NAG CA . 48.12 -10.41 11.98
C8 NAG CA . 47.95 -9.82 10.61
N2 NAG CA . 48.20 -9.52 12.99
O3 NAG CA . 50.74 -9.73 14.25
O4 NAG CA . 51.02 -11.80 16.24
O5 NAG CA . 47.42 -11.13 16.24
O6 NAG CA . 49.95 -12.60 18.35
O7 NAG CA . 48.18 -11.62 12.17
C1 NAG DA . 51.73 -3.32 -8.63
C2 NAG DA . 52.90 -2.81 -9.47
C3 NAG DA . 54.19 -3.52 -9.08
C4 NAG DA . 54.45 -3.30 -7.59
C5 NAG DA . 53.26 -3.84 -6.79
C6 NAG DA . 53.38 -3.54 -5.31
C7 NAG DA . 52.90 -2.01 -11.79
C8 NAG DA . 52.57 -2.34 -13.21
N2 NAG DA . 52.65 -2.97 -10.89
O3 NAG DA . 55.27 -3.00 -9.84
O4 NAG DA . 55.65 -3.97 -7.20
O5 NAG DA . 52.04 -3.21 -7.23
O6 NAG DA . 52.98 -2.21 -5.01
O7 NAG DA . 53.36 -0.92 -11.46
C1 NAG EA . 30.14 28.66 -22.19
C2 NAG EA . 29.64 28.63 -23.63
C3 NAG EA . 30.19 29.81 -24.40
C4 NAG EA . 29.86 31.12 -23.70
C5 NAG EA . 30.39 31.06 -22.26
C6 NAG EA . 30.01 32.28 -21.45
C7 NAG EA . 29.10 26.48 -24.69
C8 NAG EA . 29.65 25.26 -25.36
N2 NAG EA . 30.01 27.38 -24.29
O3 NAG EA . 29.63 29.82 -25.71
O4 NAG EA . 30.46 32.22 -24.37
O5 NAG EA . 29.82 29.93 -21.59
O6 NAG EA . 30.55 33.47 -21.99
O7 NAG EA . 27.90 26.63 -24.51
C1 NAG FA . 49.33 -0.22 -66.10
C2 NAG FA . 49.16 -0.78 -67.51
C3 NAG FA . 50.25 -0.23 -68.41
C4 NAG FA . 50.27 1.29 -68.37
C5 NAG FA . 50.38 1.76 -66.93
C6 NAG FA . 50.27 3.27 -66.79
C7 NAG FA . 48.09 -2.97 -67.22
C8 NAG FA . 48.29 -4.44 -67.27
N2 NAG FA . 49.17 -2.23 -67.51
O3 NAG FA . 50.01 -0.67 -69.75
O4 NAG FA . 51.37 1.80 -69.11
O5 NAG FA . 49.32 1.20 -66.15
O6 NAG FA . 50.50 3.90 -68.04
O7 NAG FA . 47.03 -2.46 -66.91
C1 NAG GA . -29.36 15.29 -37.99
C2 NAG GA . -30.38 16.11 -38.80
C3 NAG GA . -30.81 15.35 -40.05
C4 NAG GA . -29.61 14.87 -40.85
C5 NAG GA . -28.68 14.07 -39.95
C6 NAG GA . -27.42 13.63 -40.64
C7 NAG GA . -32.38 15.56 -37.46
C8 NAG GA . -33.50 16.13 -36.66
N2 NAG GA . -31.53 16.46 -37.98
O3 NAG GA . -31.61 16.20 -40.86
O4 NAG GA . -30.03 14.05 -41.93
O5 NAG GA . -28.28 14.88 -38.84
O6 NAG GA . -26.82 14.71 -41.35
O7 NAG GA . -32.25 14.36 -37.63
C1 NAG HA . -26.23 50.35 -22.73
C2 NAG HA . -26.22 51.84 -22.73
C3 NAG HA . -25.37 52.36 -21.60
C4 NAG HA . -25.89 51.81 -20.27
C5 NAG HA . -26.03 50.28 -20.33
C6 NAG HA . -26.77 49.72 -19.14
C7 NAG HA . -26.58 52.87 -24.93
C8 NAG HA . -25.93 53.37 -26.19
N2 NAG HA . -25.74 52.37 -24.01
O3 NAG HA . -25.40 53.78 -21.58
O4 NAG HA . -25.02 52.16 -19.20
O5 NAG HA . -26.76 49.88 -21.49
O6 NAG HA . -28.17 49.68 -19.40
O7 NAG HA . -27.78 52.91 -24.75
C1 NAG IA . -31.25 40.09 -3.42
C2 NAG IA . -31.61 39.17 -2.26
C3 NAG IA . -33.13 39.07 -2.11
C4 NAG IA . -33.75 40.46 -2.05
C5 NAG IA . -33.29 41.31 -3.22
C6 NAG IA . -33.80 42.73 -3.16
C7 NAG IA . -30.01 37.40 -1.71
C8 NAG IA . -29.54 36.01 -2.03
N2 NAG IA . -31.03 37.85 -2.44
O3 NAG IA . -33.43 38.34 -0.93
O4 NAG IA . -35.17 40.35 -2.08
O5 NAG IA . -31.86 41.38 -3.22
O6 NAG IA . -35.12 42.77 -2.61
O7 NAG IA . -29.50 38.07 -0.81
C1 NAG JA . -27.79 23.62 -10.73
C2 NAG JA . -27.74 22.88 -9.40
C3 NAG JA . -27.92 21.38 -9.64
C4 NAG JA . -29.21 21.13 -10.39
C5 NAG JA . -29.28 21.98 -11.67
C6 NAG JA . -30.64 21.91 -12.34
C7 NAG JA . -26.46 23.40 -7.38
C8 NAG JA . -25.09 23.65 -6.81
N2 NAG JA . -26.50 23.14 -8.69
O3 NAG JA . -27.92 20.70 -8.39
O4 NAG JA . -29.30 19.75 -10.75
O5 NAG JA . -29.05 23.36 -11.37
O6 NAG JA . -30.90 23.08 -13.10
O7 NAG JA . -27.47 23.42 -6.69
C1 NAG KA . 3.26 32.50 -38.65
C2 NAG KA . 2.51 32.21 -39.96
C3 NAG KA . 3.06 33.06 -41.10
C4 NAG KA . 3.05 34.53 -40.70
C5 NAG KA . 3.80 34.72 -39.40
C6 NAG KA . 3.76 36.15 -38.89
C7 NAG KA . 3.69 30.12 -40.54
C8 NAG KA . 3.53 28.67 -40.88
N2 NAG KA . 2.56 30.80 -40.30
O3 NAG KA . 2.25 32.85 -42.25
O4 NAG KA . 3.66 35.32 -41.72
O5 NAG KA . 3.22 33.90 -38.38
O6 NAG KA . 3.88 37.07 -39.97
O7 NAG KA . 4.80 30.65 -40.48
C1 NAG LA . 2.50 10.88 -51.34
C2 NAG LA . 2.18 10.38 -52.75
C3 NAG LA . 2.67 11.38 -53.78
C4 NAG LA . 2.03 12.74 -53.52
C5 NAG LA . 2.38 13.20 -52.11
C6 NAG LA . 1.69 14.49 -51.72
C7 NAG LA . 2.07 8.08 -53.58
C8 NAG LA . 2.80 6.79 -53.75
N2 NAG LA . 2.75 9.07 -52.99
O3 NAG LA . 2.32 10.93 -55.09
O4 NAG LA . 2.49 13.69 -54.48
O5 NAG LA . 1.98 12.21 -51.15
O6 NAG LA . 0.35 14.24 -51.30
O7 NAG LA . 0.91 8.23 -53.94
C1 NAG MA . -23.00 -17.76 -37.14
C2 NAG MA . -22.54 -19.22 -37.16
C3 NAG MA . -23.49 -20.05 -38.00
C4 NAG MA . -24.91 -19.90 -37.50
C5 NAG MA . -25.30 -18.43 -37.50
C6 NAG MA . -26.67 -18.17 -36.91
C7 NAG MA . -20.15 -19.74 -36.93
C8 NAG MA . -18.83 -19.80 -37.63
N2 NAG MA . -21.18 -19.33 -37.68
O3 NAG MA . -23.09 -21.42 -37.93
O4 NAG MA . -25.82 -20.62 -38.34
O5 NAG MA . -24.37 -17.70 -36.69
O6 NAG MA . -27.69 -18.81 -37.66
O7 NAG MA . -20.28 -20.03 -35.75
C1 NAG NA . 15.88 -42.28 -69.03
C2 NAG NA . 16.83 -43.44 -69.33
C3 NAG NA . 16.49 -44.04 -70.68
C4 NAG NA . 15.02 -44.42 -70.75
C5 NAG NA . 14.16 -43.22 -70.38
C6 NAG NA . 12.69 -43.57 -70.30
C7 NAG NA . 18.90 -42.92 -68.14
C8 NAG NA . 20.32 -42.48 -68.28
N2 NAG NA . 18.21 -43.02 -69.28
O3 NAG NA . 17.31 -45.18 -70.91
O4 NAG NA . 14.68 -44.85 -72.06
O5 NAG NA . 14.54 -42.73 -69.09
O6 NAG NA . 12.42 -44.79 -70.96
O7 NAG NA . 18.40 -43.16 -67.05
C1 NAG OA . -2.20 -48.46 13.78
C2 NAG OA . -2.68 -49.76 14.43
C3 NAG OA . -1.58 -50.82 14.43
C4 NAG OA . -0.97 -50.97 13.05
C5 NAG OA . -0.50 -49.62 12.53
C6 NAG OA . 0.02 -49.69 11.12
C7 NAG OA . -2.42 -49.09 16.78
C8 NAG OA . -3.12 -48.91 18.09
N2 NAG OA . -3.18 -49.52 15.77
O3 NAG OA . -2.12 -52.05 14.87
O4 NAG OA . 0.14 -51.86 13.10
O5 NAG OA . -1.62 -48.73 12.50
O6 NAG OA . -0.84 -50.43 10.27
O7 NAG OA . -1.22 -48.86 16.66
C1 NAG PA . -40.24 -43.71 14.60
C2 NAG PA . -41.68 -44.14 14.52
C3 NAG PA . -42.55 -42.97 14.09
C4 NAG PA . -42.36 -41.81 15.07
C5 NAG PA . -40.87 -41.47 15.24
C6 NAG PA . -40.63 -40.51 16.37
C7 NAG PA . -42.02 -46.52 14.06
C8 NAG PA . -42.18 -47.57 13.00
N2 NAG PA . -41.86 -45.26 13.62
O3 NAG PA . -43.91 -43.38 14.07
O4 NAG PA . -43.05 -40.66 14.60
O5 NAG PA . -40.11 -42.65 15.54
O6 NAG PA . -40.43 -41.21 17.59
O7 NAG PA . -42.03 -46.79 15.25
C1 NAG QA . -35.58 -25.22 26.40
C2 NAG QA . -35.00 -24.03 27.18
C3 NAG QA . -34.85 -24.39 28.67
C4 NAG QA . -36.16 -24.95 29.21
C5 NAG QA . -36.67 -26.08 28.34
C6 NAG QA . -38.02 -26.60 28.77
C7 NAG QA . -33.55 -22.49 25.95
C8 NAG QA . -32.16 -22.23 25.45
N2 NAG QA . -33.72 -23.63 26.63
O3 NAG QA . -34.46 -23.24 29.39
O4 NAG QA . -35.97 -25.43 30.53
O5 NAG QA . -36.82 -25.62 26.99
O6 NAG QA . -38.14 -26.58 30.19
O7 NAG QA . -34.47 -21.71 25.76
C1 NAG RA . -17.94 -25.88 21.35
C2 NAG RA . -17.62 -24.46 21.79
C3 NAG RA . -16.11 -24.31 21.94
C4 NAG RA . -15.57 -25.36 22.91
C5 NAG RA . -16.02 -26.76 22.50
C6 NAG RA . -15.68 -27.81 23.54
C7 NAG RA . -18.76 -22.36 21.27
C8 NAG RA . -19.24 -21.45 20.17
N2 NAG RA . -18.15 -23.48 20.86
O3 NAG RA . -15.80 -23.00 22.41
O4 NAG RA . -14.15 -25.32 22.93
O5 NAG RA . -17.44 -26.81 22.32
O6 NAG RA . -16.58 -28.92 23.47
O7 NAG RA . -18.92 -22.10 22.45
C1 NAG SA . -20.43 -42.79 -17.78
C2 NAG SA . -19.74 -44.13 -17.51
C3 NAG SA . -20.27 -45.21 -18.45
C4 NAG SA . -21.79 -45.28 -18.37
C5 NAG SA . -22.39 -43.90 -18.64
C6 NAG SA . -23.88 -43.88 -18.48
C7 NAG SA . -17.64 -43.65 -18.73
C8 NAG SA . -16.16 -43.59 -18.63
N2 NAG SA . -18.29 -44.02 -17.61
O3 NAG SA . -19.70 -46.46 -18.08
O4 NAG SA . -22.29 -46.21 -19.33
O5 NAG SA . -21.85 -42.95 -17.70
O6 NAG SA . -24.48 -45.05 -19.01
O7 NAG SA . -18.24 -43.37 -19.77
C1 NAG TA . 3.89 -48.24 -20.51
C2 NAG TA . 4.79 -49.48 -20.67
C3 NAG TA . 4.10 -50.53 -21.53
C4 NAG TA . 2.75 -50.89 -20.90
C5 NAG TA . 1.90 -49.64 -20.76
C6 NAG TA . 0.60 -49.89 -20.02
C7 NAG TA . 7.23 -49.60 -20.75
C8 NAG TA . 8.47 -49.13 -21.45
N2 NAG TA . 6.07 -49.12 -21.23
O3 NAG TA . 4.92 -51.68 -21.63
O4 NAG TA . 2.09 -51.86 -21.70
O5 NAG TA . 2.59 -48.64 -20.01
O6 NAG TA . 0.80 -49.91 -18.62
O7 NAG TA . 7.26 -50.37 -19.80
C1 NAG UA . 28.84 -36.09 9.54
C2 NAG UA . 30.21 -35.55 9.16
C3 NAG UA . 31.31 -36.38 9.80
C4 NAG UA . 31.11 -36.47 11.30
C5 NAG UA . 29.72 -37.01 11.60
C6 NAG UA . 29.39 -37.03 13.07
C7 NAG UA . 30.50 -34.37 7.02
C8 NAG UA . 30.68 -34.52 5.54
N2 NAG UA . 30.39 -35.51 7.71
O3 NAG UA . 32.58 -35.79 9.51
O4 NAG UA . 32.08 -37.32 11.88
O5 NAG UA . 28.73 -36.18 10.97
O6 NAG UA . 30.28 -37.87 13.80
O7 NAG UA . 30.45 -33.27 7.56
C1 NAG VA . 58.98 -44.35 -36.86
C2 NAG VA . 60.13 -43.97 -37.80
C3 NAG VA . 61.10 -45.12 -37.93
C4 NAG VA . 61.58 -45.58 -36.56
C5 NAG VA . 60.38 -45.88 -35.67
C6 NAG VA . 60.76 -46.22 -34.25
C7 NAG VA . 59.16 -42.34 -39.36
C8 NAG VA . 58.69 -42.10 -40.77
N2 NAG VA . 59.63 -43.57 -39.10
O3 NAG VA . 62.21 -44.72 -38.72
O4 NAG VA . 62.38 -46.75 -36.67
O5 NAG VA . 59.51 -44.74 -35.61
O6 NAG VA . 62.15 -46.56 -34.18
O7 NAG VA . 59.12 -41.47 -38.50
#